data_7VRJ
#
_entry.id   7VRJ
#
_cell.length_a   1.00
_cell.length_b   1.00
_cell.length_c   1.00
_cell.angle_alpha   90.00
_cell.angle_beta   90.00
_cell.angle_gamma   90.00
#
_symmetry.space_group_name_H-M   'P 1'
#
loop_
_entity.id
_entity.type
_entity.pdbx_description
1 polymer 'Photosynthetic reaction center cytochrome c subunit'
2 polymer 'Photosynthetic reaction center L subunit'
3 polymer 'Photosynthetic reaction center M subunit'
4 polymer 'Photosynthetic reaction center H subunit'
5 polymer 'Light-harvesting protein LH1 alpha2'
6 polymer 'Light-harvesting protein LH1 beta1'
7 polymer 'Light-harvesting protein LH1 alpha1'
8 polymer 'Light-harvesting protein LH1 beta3'
9 polymer 'Light-harvesting protein LH1 alpha3'
10 non-polymer 'HEME C'
11 non-polymer 'MAGNESIUM ION'
12 non-polymer 'DIACYL GLYCEROL'
13 non-polymer 'PALMITIC ACID'
14 non-polymer '(1R)-2-{[{[(2S)-2,3-DIHYDROXYPROPYL]OXY}(HYDROXY)PHOSPHORYL]OXY}-1-[(PALMITOYLOXY)METHYL]ETHYL (11E)-OCTADEC-11-ENOATE'
15 non-polymer 'BACTERIOCHLOROPHYLL A'
16 non-polymer 'BACTERIOPHEOPHYTIN A'
17 non-polymer Ubiquinone-8
18 non-polymer CARDIOLIPIN
19 non-polymer 'FE (III) ION'
20 non-polymer 'MENAQUINONE 8'
21 non-polymer SPIRILLOXANTHIN
22 non-polymer DODECYL-BETA-D-MALTOSIDE
23 non-polymer 'CALCIUM ION'
24 non-polymer 'LAURYL DIMETHYLAMINE-N-OXIDE'
25 water water
#
loop_
_entity_poly.entity_id
_entity_poly.type
_entity_poly.pdbx_seq_one_letter_code
_entity_poly.pdbx_strand_id
1 'polypeptide(L)'
;MNLGKQLTLPAVAVVASVVLLGCERPPPEVVQKGYRGVAMEQNYNPRLLEASLKQNLPVESLPAAAPGGPKVSDVYQNVQ
VLKDLSVAEFTRTMVAVTTWVSPKEGCNYCHVPGNWASDDIYTKVVSRRMFEMVRAANSDWKQHVAVNGTGVTCYTCHRG
NPVPKYVWVTDPGPNQPSGVKPTGQNYASSTVAYAALPFDPYTPFLDQTNEIRVIGQTALPAGNTTSLKQAEWTYGLMMQ
ISDSLGVNCTFCHNSRAFYDWKQSTPQRTTAWYAIRHVRDINQNYIWPLNDVLPASRKGPYGDPFKVGCMTCHQGAYRPL
YGAQMAKDYPALYASAPAEAEVAAPAEAAPVEDVAAAPVEEAAPAEAASAEEAPAAEEVAPAPVEEAPAAEAAPVEDAAP
APQQL
;
C
2 'polypeptide(L)'
;AMLSFERKYRVRGGTLIGGDLFDFWVGPFYVGFFGVTGFFFALLGVLLIVWGATIGPNAELQTYNIWQISIAPPDLSYGL
GMAPLTEGGLWQIITICAIGAFVSWALREVEICRKLGIGFHIPFAFAFAIGAYLVLVVVRPILMGAWGHGFPYGILSHLD
WVSNVGYQFLHFHYNPAHMLAITFFFTNCLALSMHGSLILSVTNPQKGEEVKTSEHENTFFRDIVGYSIGALAIHRLGLF
LALSAVFWSAVCIVISGPFWTRGWPEWWNWWLELPLW
;
L
3 'polypeptide(L)'
;PEYQNIFTAVQVRAPAYPGVPLPKGHLPRIGRPIFSYWLGKIGDAQIGPIYLGFTGTLSIIFGFIAIFIIGFNMLASVDW
NIIQFVKHFFWLGLEPPAPQYGLSIPPLSEGGWWLMAGFFLTMSIILWWVRTYKRAEALGMSQHLSWAFAAAIFFYLSLG
FIRPVMMGSWAEAVPFGIFPHLDWTAAFSIRYGNLYYNPFHMLSIAFLYGSALLFAMHGATILAVSRFGGDREIDQITDR
GTAAERAAIFWRWTMGFNASMESIHRWAWWCAVLTVITAGIGILLTGTVVENWYLWAIKHGVAPAYPEVVTAVDPYATAT
GVTQ
;
M
4 'polypeptide(L)'
;MSAAITEYMDVAQLTIWAFWFFFAGLIIYLRREDKREGYPLDSDRTERSGGRVKVVGFPDLADPKTFVLPHNAGTVMAPR
VEAPTSINATPVAPFPGAPFEPNGDPMLSGFGPAASPDRAKHCDLTFEGLPKIVPMRVATDFSIADKDPDPRGMTVVGLD
GEVAGTISDIWVDRSEPQIRYLEVDVSATKKKVLLPIGFSRFDKKAGKVKVAAIKAAHFANVPALSKPDQITLYEEDKVC
AYYAGGKLYATAERAGPLL
;
H
5 'polypeptide(L)' (FME)HKIWQIFDPRRTLVALFGFLFVLGLLIHFILLSSPAFNWLSGS A,I,K,O,Q,1,5,7,9
6 'polypeptide(L)' MANSSMTGLTEQEAQEFHGIFVQSMTAFFGIVVIAHILAWLWRPWL B,J,N,P,R,2,4,6,8,0
7 'polypeptide(L)' (FME)SPDLWKIWLLIDPRRVLIAVFAFLTILGLAIHMILLSTTEFNWLEDGIPAAKVQQVTPVVPQR D,F,S,U,W,Y
8 'polypeptide(L)' MADQKSMTGLTEDEAKEFHGIFTQSMTMFFGIVIIAHILAWLWRPWL E,G,T,V,X,Z
9 'polypeptide(L)' MMPQQLYKIWLAFDPRMALIGLGAFLFALALFIHYMLLSSPGFDWLLGPDHAPVALSAGMSALPAGR 3
#
loop_
_chem_comp.id
_chem_comp.type
_chem_comp.name
_chem_comp.formula
BCL non-polymer 'BACTERIOCHLOROPHYLL A' 'C55 H74 Mg N4 O6'
BPH non-polymer 'BACTERIOPHEOPHYTIN A' 'C55 H76 N4 O6'
CA non-polymer 'CALCIUM ION' 'Ca 2'
CDL non-polymer CARDIOLIPIN 'C81 H156 O17 P2 -2'
CRT non-polymer SPIRILLOXANTHIN 'C42 H60 O2'
DGA non-polymer 'DIACYL GLYCEROL' 'C39 H76 O5'
FE non-polymer 'FE (III) ION' 'Fe 3'
HEC non-polymer 'HEME C' 'C34 H34 Fe N4 O4'
LDA non-polymer 'LAURYL DIMETHYLAMINE-N-OXIDE' 'C14 H31 N O'
LMT D-saccharide DODECYL-BETA-D-MALTOSIDE 'C24 H46 O11'
MG non-polymer 'MAGNESIUM ION' 'Mg 2'
MQ8 non-polymer 'MENAQUINONE 8' 'C51 H72 O2'
PGV non-polymer '(1R)-2-{[{[(2S)-2,3-DIHYDROXYPROPYL]OXY}(HYDROXY)PHOSPHORYL]OXY}-1-[(PALMITOYLOXY)METHYL]ETHYL (11E)-OCTADEC-11-ENOATE' 'C40 H77 O10 P'
PLM non-polymer 'PALMITIC ACID' 'C16 H32 O2'
UQ8 non-polymer Ubiquinone-8 'C49 H74 O4'
#
# COMPACT_ATOMS: atom_id res chain seq x y z
N CYS A 23 22.43 -8.02 -5.53
CA CYS A 23 22.62 -6.60 -5.79
C CYS A 23 23.55 -6.39 -6.98
N GLU A 24 23.25 -5.40 -7.81
CA GLU A 24 24.04 -5.07 -8.99
C GLU A 24 24.16 -3.56 -9.07
N ARG A 25 25.07 -3.09 -9.93
CA ARG A 25 25.22 -1.65 -10.03
C ARG A 25 24.91 -1.16 -11.44
N PRO A 26 24.32 0.02 -11.56
CA PRO A 26 23.89 0.53 -12.86
C PRO A 26 25.08 1.00 -13.69
N PRO A 27 24.88 1.33 -14.97
CA PRO A 27 23.67 1.18 -15.80
C PRO A 27 23.67 -0.11 -16.62
N PRO A 28 22.49 -0.55 -17.06
CA PRO A 28 22.41 -1.72 -17.92
C PRO A 28 22.43 -1.35 -19.40
N GLU A 29 22.50 -2.39 -20.24
CA GLU A 29 22.35 -2.25 -21.68
C GLU A 29 20.91 -2.59 -22.03
N VAL A 30 20.25 -1.68 -22.75
CA VAL A 30 18.81 -1.75 -22.97
C VAL A 30 18.54 -1.83 -24.46
N VAL A 31 17.65 -2.75 -24.84
CA VAL A 31 17.18 -2.90 -26.21
C VAL A 31 15.68 -2.62 -26.23
N GLN A 32 15.27 -1.66 -27.04
CA GLN A 32 13.87 -1.29 -27.15
C GLN A 32 13.20 -2.08 -28.26
N LYS A 33 12.01 -2.63 -27.96
CA LYS A 33 11.31 -3.50 -28.87
C LYS A 33 9.97 -2.97 -29.37
N GLY A 34 9.33 -2.07 -28.64
CA GLY A 34 7.99 -1.63 -29.01
C GLY A 34 7.85 -0.14 -29.26
N TYR A 35 6.62 0.37 -29.11
CA TYR A 35 6.36 1.79 -29.24
C TYR A 35 6.83 2.53 -27.97
N ARG A 36 7.21 3.79 -28.14
CA ARG A 36 7.73 4.56 -27.02
C ARG A 36 6.64 4.80 -25.98
N GLY A 37 6.96 4.56 -24.72
CA GLY A 37 6.01 4.67 -23.63
C GLY A 37 5.28 3.38 -23.30
N VAL A 38 5.44 2.34 -24.11
CA VAL A 38 4.78 1.06 -23.84
C VAL A 38 5.65 0.14 -22.96
N ALA A 39 6.96 0.39 -22.90
CA ALA A 39 7.89 -0.28 -21.97
C ALA A 39 8.05 -1.76 -22.30
N MET A 40 8.34 -2.06 -23.56
CA MET A 40 8.71 -3.40 -24.00
C MET A 40 10.21 -3.36 -24.30
N GLU A 41 11.02 -3.72 -23.30
CA GLU A 41 12.45 -3.54 -23.37
C GLU A 41 13.17 -4.73 -22.74
N GLN A 42 14.42 -4.92 -23.14
CA GLN A 42 15.31 -5.92 -22.58
C GLN A 42 16.48 -5.24 -21.89
N ASN A 43 16.76 -5.66 -20.65
CA ASN A 43 17.85 -5.10 -19.85
C ASN A 43 18.88 -6.18 -19.56
N TYR A 44 20.16 -5.84 -19.79
CA TYR A 44 21.26 -6.76 -19.55
C TYR A 44 22.31 -6.10 -18.66
N ASN A 45 22.86 -6.87 -17.73
CA ASN A 45 24.01 -6.43 -16.97
C ASN A 45 25.27 -6.67 -17.78
N PRO A 46 26.07 -5.65 -18.08
CA PRO A 46 27.25 -5.87 -18.93
C PRO A 46 28.26 -6.88 -18.38
N ARG A 47 28.49 -6.90 -17.05
CA ARG A 47 29.40 -7.88 -16.49
C ARG A 47 28.85 -9.30 -16.64
N LEU A 48 27.56 -9.49 -16.32
CA LEU A 48 26.93 -10.79 -16.50
C LEU A 48 26.92 -11.18 -17.97
N LEU A 49 26.70 -10.22 -18.86
CA LEU A 49 26.71 -10.51 -20.29
C LEU A 49 28.09 -10.98 -20.76
N GLU A 50 29.16 -10.32 -20.29
CA GLU A 50 30.49 -10.76 -20.67
C GLU A 50 30.82 -12.14 -20.12
N ALA A 51 30.43 -12.40 -18.87
CA ALA A 51 30.65 -13.73 -18.31
C ALA A 51 29.86 -14.80 -19.07
N SER A 52 28.61 -14.51 -19.44
CA SER A 52 27.82 -15.45 -20.23
C SER A 52 28.39 -15.65 -21.62
N LEU A 53 28.93 -14.59 -22.23
CA LEU A 53 29.57 -14.73 -23.54
C LEU A 53 30.79 -15.64 -23.46
N LYS A 54 31.55 -15.55 -22.37
CA LYS A 54 32.73 -16.39 -22.24
C LYS A 54 32.40 -17.89 -22.24
N GLN A 55 31.15 -18.26 -21.97
CA GLN A 55 30.74 -19.65 -21.89
C GLN A 55 30.14 -20.19 -23.19
N ASN A 56 30.06 -19.38 -24.24
CA ASN A 56 29.39 -19.78 -25.48
C ASN A 56 30.24 -19.43 -26.69
N LEU A 57 31.52 -19.83 -26.66
CA LEU A 57 32.26 -19.53 -27.87
C LEU A 57 32.17 -20.68 -28.88
N PRO A 58 32.27 -20.37 -30.17
CA PRO A 58 32.25 -21.42 -31.19
C PRO A 58 33.64 -22.00 -31.41
N VAL A 59 33.72 -22.94 -32.35
CA VAL A 59 34.94 -23.67 -32.65
C VAL A 59 35.31 -23.44 -34.11
N GLU A 60 36.58 -23.13 -34.35
CA GLU A 60 37.03 -22.81 -35.71
C GLU A 60 36.98 -24.04 -36.60
N SER A 61 36.39 -23.90 -37.78
CA SER A 61 36.09 -25.01 -38.66
C SER A 61 37.36 -25.56 -39.31
N LEU A 62 37.25 -26.78 -39.81
CA LEU A 62 38.33 -27.45 -40.52
C LEU A 62 38.47 -26.90 -41.93
N PRO A 63 39.66 -27.01 -42.52
CA PRO A 63 39.84 -26.60 -43.92
C PRO A 63 39.02 -27.44 -44.87
N ALA A 64 38.64 -26.81 -45.99
CA ALA A 64 37.82 -27.49 -46.98
C ALA A 64 38.57 -28.64 -47.63
N ALA A 65 37.82 -29.68 -47.98
CA ALA A 65 38.40 -30.86 -48.58
C ALA A 65 38.67 -30.65 -50.06
N ALA A 66 39.60 -31.45 -50.59
CA ALA A 66 39.88 -31.43 -52.02
C ALA A 66 38.70 -32.01 -52.78
N PRO A 67 38.14 -31.29 -53.76
CA PRO A 67 36.89 -31.74 -54.40
C PRO A 67 37.18 -32.70 -55.55
N GLY A 68 36.75 -33.95 -55.37
CA GLY A 68 36.89 -34.97 -56.39
C GLY A 68 37.61 -36.20 -55.89
N GLY A 69 37.55 -37.24 -56.71
CA GLY A 69 38.23 -38.49 -56.42
C GLY A 69 37.28 -39.65 -56.26
N PRO A 70 37.66 -40.63 -55.45
CA PRO A 70 36.79 -41.79 -55.24
C PRO A 70 35.52 -41.41 -54.50
N LYS A 71 34.47 -42.19 -54.73
CA LYS A 71 33.16 -41.97 -54.16
C LYS A 71 32.95 -42.83 -52.92
N VAL A 72 31.99 -42.40 -52.10
CA VAL A 72 31.71 -43.12 -50.85
C VAL A 72 31.09 -44.47 -51.13
N SER A 73 30.10 -44.53 -52.03
CA SER A 73 29.36 -45.77 -52.29
C SER A 73 30.20 -46.83 -52.99
N ASP A 74 31.49 -46.58 -53.22
CA ASP A 74 32.35 -47.54 -53.90
C ASP A 74 33.52 -48.00 -53.06
N VAL A 75 33.68 -47.50 -51.83
CA VAL A 75 34.83 -47.83 -51.01
C VAL A 75 34.38 -48.23 -49.61
N TYR A 76 33.10 -47.98 -49.29
CA TYR A 76 32.55 -48.29 -47.98
C TYR A 76 31.30 -49.16 -48.15
N GLN A 77 31.04 -49.99 -47.14
CA GLN A 77 29.93 -50.95 -47.21
C GLN A 77 28.69 -50.48 -46.46
N ASN A 78 28.82 -50.21 -45.15
CA ASN A 78 27.67 -49.96 -44.30
C ASN A 78 27.35 -48.48 -44.15
N VAL A 79 27.56 -47.69 -45.20
CA VAL A 79 27.13 -46.30 -45.20
C VAL A 79 25.67 -46.24 -45.60
N GLN A 80 24.84 -45.63 -44.76
CA GLN A 80 23.40 -45.55 -44.99
C GLN A 80 22.88 -44.13 -45.06
N VAL A 81 23.34 -43.24 -44.20
CA VAL A 81 22.84 -41.87 -44.16
C VAL A 81 23.62 -40.97 -45.12
N LEU A 82 24.94 -41.01 -45.05
CA LEU A 82 25.80 -40.13 -45.86
C LEU A 82 26.20 -40.78 -47.17
N LYS A 83 25.22 -41.25 -47.94
CA LYS A 83 25.51 -42.03 -49.13
C LYS A 83 25.98 -41.19 -50.31
N ASP A 84 25.78 -39.87 -50.27
CA ASP A 84 25.98 -39.03 -51.43
C ASP A 84 27.10 -38.01 -51.21
N LEU A 85 28.22 -38.46 -50.68
CA LEU A 85 29.36 -37.59 -50.41
C LEU A 85 30.60 -38.12 -51.12
N SER A 86 31.71 -37.41 -50.94
CA SER A 86 33.02 -37.84 -51.39
C SER A 86 33.84 -38.33 -50.20
N VAL A 87 34.85 -39.14 -50.48
CA VAL A 87 35.63 -39.74 -49.41
C VAL A 87 36.34 -38.67 -48.58
N ALA A 88 36.88 -37.64 -49.24
CA ALA A 88 37.53 -36.56 -48.52
C ALA A 88 36.55 -35.83 -47.61
N GLU A 89 35.36 -35.52 -48.12
CA GLU A 89 34.33 -34.91 -47.29
C GLU A 89 33.87 -35.83 -46.17
N PHE A 90 33.79 -37.14 -46.45
CA PHE A 90 33.39 -38.10 -45.43
C PHE A 90 34.38 -38.13 -44.27
N THR A 91 35.68 -38.23 -44.58
CA THR A 91 36.67 -38.28 -43.52
C THR A 91 36.77 -36.95 -42.79
N ARG A 92 36.58 -35.83 -43.49
CA ARG A 92 36.57 -34.54 -42.81
C ARG A 92 35.40 -34.46 -41.83
N THR A 93 34.22 -34.95 -42.25
CA THR A 93 33.07 -34.96 -41.36
C THR A 93 33.32 -35.83 -40.14
N MET A 94 33.94 -37.00 -40.34
CA MET A 94 34.26 -37.85 -39.19
C MET A 94 35.22 -37.14 -38.23
N VAL A 95 36.24 -36.48 -38.78
CA VAL A 95 37.21 -35.77 -37.93
C VAL A 95 36.52 -34.69 -37.13
N ALA A 96 35.60 -33.96 -37.76
CA ALA A 96 34.90 -32.88 -37.06
C ALA A 96 33.99 -33.42 -35.97
N VAL A 97 33.21 -34.47 -36.26
CA VAL A 97 32.32 -34.99 -35.23
C VAL A 97 33.09 -35.66 -34.10
N THR A 98 34.32 -36.08 -34.35
CA THR A 98 35.16 -36.53 -33.24
C THR A 98 35.42 -35.38 -32.27
N THR A 99 35.63 -34.18 -32.79
CA THR A 99 35.88 -33.02 -31.93
C THR A 99 34.59 -32.55 -31.26
N TRP A 100 33.46 -32.63 -31.96
CA TRP A 100 32.23 -32.07 -31.43
C TRP A 100 31.64 -32.89 -30.28
N VAL A 101 31.86 -34.21 -30.27
CA VAL A 101 31.12 -35.07 -29.34
C VAL A 101 32.05 -35.72 -28.33
N SER A 102 33.02 -36.50 -28.79
CA SER A 102 33.88 -37.30 -27.91
C SER A 102 35.35 -37.04 -28.20
N PRO A 103 35.87 -35.90 -27.74
CA PRO A 103 37.29 -35.60 -27.98
C PRO A 103 38.23 -36.37 -27.06
N LYS A 104 37.80 -36.62 -25.83
CA LYS A 104 38.65 -37.32 -24.87
C LYS A 104 38.88 -38.78 -25.28
N GLU A 105 37.80 -39.48 -25.60
CA GLU A 105 37.90 -40.91 -25.92
C GLU A 105 38.43 -41.16 -27.32
N GLY A 106 38.23 -40.22 -28.25
CA GLY A 106 38.71 -40.41 -29.61
C GLY A 106 37.69 -41.09 -30.50
N CYS A 107 38.15 -41.98 -31.36
CA CYS A 107 37.28 -42.66 -32.32
C CYS A 107 36.79 -44.01 -31.83
N ASN A 108 37.45 -44.60 -30.82
CA ASN A 108 37.00 -45.87 -30.29
C ASN A 108 35.70 -45.75 -29.50
N TYR A 109 35.24 -44.52 -29.24
CA TYR A 109 33.98 -44.33 -28.54
C TYR A 109 32.81 -44.87 -29.34
N CYS A 110 32.81 -44.66 -30.66
CA CYS A 110 31.73 -45.10 -31.53
C CYS A 110 32.05 -46.36 -32.31
N HIS A 111 33.29 -46.52 -32.77
CA HIS A 111 33.69 -47.65 -33.60
C HIS A 111 34.31 -48.73 -32.74
N VAL A 112 33.87 -49.96 -32.94
CA VAL A 112 34.52 -51.08 -32.24
C VAL A 112 35.94 -51.23 -32.77
N PRO A 113 36.93 -51.46 -31.91
CA PRO A 113 38.31 -51.61 -32.40
C PRO A 113 38.45 -52.83 -33.30
N GLY A 114 39.35 -52.72 -34.27
CA GLY A 114 39.59 -53.80 -35.21
C GLY A 114 39.14 -53.49 -36.62
N ASN A 115 37.96 -52.90 -36.79
CA ASN A 115 37.46 -52.54 -38.10
C ASN A 115 36.53 -51.35 -37.95
N TRP A 116 35.79 -51.05 -39.02
CA TRP A 116 34.87 -49.92 -39.02
C TRP A 116 33.46 -50.24 -39.53
N ALA A 117 33.26 -51.39 -40.19
CA ALA A 117 31.95 -51.73 -40.74
C ALA A 117 31.03 -52.39 -39.73
N SER A 118 31.53 -52.79 -38.56
CA SER A 118 30.70 -53.48 -37.58
C SER A 118 29.77 -52.50 -36.88
N ASP A 119 28.63 -53.04 -36.41
CA ASP A 119 27.61 -52.26 -35.72
C ASP A 119 27.29 -52.82 -34.34
N ASP A 120 28.26 -53.47 -33.71
CA ASP A 120 28.01 -54.17 -32.44
C ASP A 120 28.27 -53.27 -31.24
N ILE A 121 27.69 -52.08 -31.25
CA ILE A 121 27.79 -51.14 -30.13
C ILE A 121 26.70 -50.10 -30.30
N TYR A 122 26.13 -49.66 -29.17
CA TYR A 122 24.94 -48.81 -29.24
C TYR A 122 25.26 -47.39 -29.67
N THR A 123 26.48 -46.92 -29.40
CA THR A 123 26.84 -45.54 -29.71
C THR A 123 26.75 -45.26 -31.20
N LYS A 124 27.18 -46.22 -32.03
CA LYS A 124 27.13 -46.02 -33.47
C LYS A 124 25.70 -45.90 -33.97
N VAL A 125 24.80 -46.74 -33.45
CA VAL A 125 23.39 -46.66 -33.84
C VAL A 125 22.78 -45.34 -33.40
N VAL A 126 23.05 -44.91 -32.17
CA VAL A 126 22.51 -43.66 -31.68
C VAL A 126 23.01 -42.50 -32.54
N SER A 127 24.30 -42.50 -32.88
CA SER A 127 24.84 -41.43 -33.73
C SER A 127 24.25 -41.47 -35.13
N ARG A 128 23.99 -42.67 -35.67
CA ARG A 128 23.35 -42.75 -36.97
C ARG A 128 21.98 -42.11 -36.95
N ARG A 129 21.22 -42.33 -35.88
CA ARG A 129 19.93 -41.64 -35.74
C ARG A 129 20.11 -40.13 -35.54
N MET A 130 21.13 -39.72 -34.78
CA MET A 130 21.37 -38.31 -34.54
C MET A 130 21.70 -37.56 -35.83
N PHE A 131 22.43 -38.21 -36.74
CA PHE A 131 22.73 -37.60 -38.03
C PHE A 131 21.45 -37.25 -38.78
N GLU A 132 20.51 -38.20 -38.84
CA GLU A 132 19.24 -37.95 -39.48
C GLU A 132 18.47 -36.85 -38.78
N MET A 133 18.51 -36.81 -37.45
CA MET A 133 17.84 -35.73 -36.72
C MET A 133 18.41 -34.37 -37.10
N VAL A 134 19.73 -34.25 -37.20
CA VAL A 134 20.35 -32.97 -37.53
C VAL A 134 20.02 -32.57 -38.96
N ARG A 135 20.12 -33.52 -39.90
CA ARG A 135 19.83 -33.20 -41.29
C ARG A 135 18.35 -32.86 -41.49
N ALA A 136 17.46 -33.44 -40.70
CA ALA A 136 16.06 -33.05 -40.74
C ALA A 136 15.86 -31.67 -40.16
N ALA A 137 16.58 -31.34 -39.09
CA ALA A 137 16.48 -30.02 -38.49
C ALA A 137 16.92 -28.94 -39.47
N ASN A 138 17.96 -29.22 -40.25
CA ASN A 138 18.50 -28.21 -41.15
C ASN A 138 17.75 -28.08 -42.47
N SER A 139 16.73 -28.90 -42.72
CA SER A 139 16.03 -28.83 -44.00
C SER A 139 14.52 -28.69 -43.86
N ASP A 140 13.95 -29.24 -42.78
CA ASP A 140 12.50 -29.29 -42.63
C ASP A 140 11.93 -28.23 -41.69
N TRP A 141 12.77 -27.55 -40.92
CA TRP A 141 12.31 -26.58 -39.93
C TRP A 141 13.05 -25.26 -40.10
N LYS A 142 13.13 -24.79 -41.35
CA LYS A 142 13.85 -23.55 -41.63
C LYS A 142 13.11 -22.31 -41.13
N GLN A 143 11.84 -22.42 -40.80
CA GLN A 143 11.15 -21.29 -40.17
C GLN A 143 11.50 -21.14 -38.70
N HIS A 144 12.38 -21.99 -38.18
CA HIS A 144 12.89 -21.88 -36.82
C HIS A 144 14.40 -21.68 -36.77
N VAL A 145 15.18 -22.53 -37.44
CA VAL A 145 16.62 -22.57 -37.26
C VAL A 145 17.38 -22.00 -38.45
N ALA A 146 16.69 -21.34 -39.38
CA ALA A 146 17.38 -20.79 -40.54
C ALA A 146 16.88 -19.40 -40.90
N VAL A 147 16.42 -18.63 -39.92
CA VAL A 147 16.01 -17.26 -40.21
C VAL A 147 17.19 -16.41 -40.63
N ASN A 148 18.30 -16.52 -39.89
CA ASN A 148 19.54 -15.81 -40.22
C ASN A 148 20.64 -16.73 -40.70
N GLY A 149 20.34 -17.99 -40.98
CA GLY A 149 21.35 -18.92 -41.45
C GLY A 149 22.30 -19.43 -40.39
N THR A 150 21.84 -19.55 -39.14
CA THR A 150 22.71 -20.03 -38.07
C THR A 150 23.01 -21.51 -38.22
N GLY A 151 22.00 -22.33 -38.44
CA GLY A 151 22.17 -23.75 -38.61
C GLY A 151 22.30 -24.50 -37.29
N VAL A 152 22.28 -25.82 -37.40
CA VAL A 152 22.39 -26.72 -36.26
C VAL A 152 23.47 -27.75 -36.55
N THR A 153 24.40 -27.91 -35.61
CA THR A 153 25.47 -28.90 -35.70
C THR A 153 25.47 -29.75 -34.44
N CYS A 154 26.26 -30.82 -34.46
CA CYS A 154 26.35 -31.70 -33.29
C CYS A 154 26.86 -30.94 -32.07
N TYR A 155 27.70 -29.94 -32.29
CA TYR A 155 28.27 -29.14 -31.21
C TYR A 155 27.25 -28.23 -30.53
N THR A 156 26.09 -28.02 -31.15
CA THR A 156 25.09 -27.13 -30.56
C THR A 156 24.59 -27.65 -29.22
N CYS A 157 24.44 -28.97 -29.09
CA CYS A 157 23.93 -29.58 -27.86
C CYS A 157 25.05 -30.13 -26.99
N HIS A 158 25.96 -30.92 -27.57
CA HIS A 158 26.95 -31.63 -26.77
C HIS A 158 28.01 -30.69 -26.21
N ARG A 159 28.47 -29.72 -27.01
CA ARG A 159 29.52 -28.79 -26.61
C ARG A 159 30.78 -29.51 -26.17
N GLY A 160 31.12 -30.59 -26.86
CA GLY A 160 32.30 -31.36 -26.54
C GLY A 160 32.09 -32.49 -25.54
N ASN A 161 30.89 -32.66 -25.01
CA ASN A 161 30.60 -33.71 -24.04
C ASN A 161 29.83 -34.86 -24.67
N PRO A 162 30.13 -36.11 -24.30
CA PRO A 162 29.32 -37.22 -24.81
C PRO A 162 27.86 -37.15 -24.40
N VAL A 163 27.56 -36.58 -23.24
CA VAL A 163 26.20 -36.45 -22.74
C VAL A 163 25.90 -34.96 -22.62
N PRO A 164 24.81 -34.47 -23.21
CA PRO A 164 24.52 -33.03 -23.13
C PRO A 164 24.25 -32.60 -21.69
N LYS A 165 24.51 -31.33 -21.42
CA LYS A 165 24.49 -30.78 -20.08
C LYS A 165 23.10 -30.33 -19.62
N TYR A 166 22.12 -30.25 -20.51
CA TYR A 166 20.85 -29.61 -20.22
C TYR A 166 19.67 -30.44 -20.71
N VAL A 167 19.60 -31.70 -20.29
CA VAL A 167 18.52 -32.59 -20.64
C VAL A 167 17.52 -32.64 -19.49
N TRP A 168 16.33 -33.19 -19.76
CA TRP A 168 15.28 -33.29 -18.75
C TRP A 168 14.63 -34.67 -18.80
N VAL A 169 14.02 -35.06 -17.67
CA VAL A 169 13.21 -36.27 -17.56
C VAL A 169 11.94 -35.90 -16.81
N THR A 170 11.01 -36.86 -16.74
CA THR A 170 9.77 -36.65 -16.00
C THR A 170 10.06 -36.60 -14.51
N ASP A 171 9.86 -35.43 -13.91
CA ASP A 171 10.27 -35.17 -12.54
C ASP A 171 9.26 -35.78 -11.56
N PRO A 172 9.70 -36.61 -10.61
CA PRO A 172 8.77 -37.10 -9.58
C PRO A 172 8.49 -36.10 -8.47
N GLY A 173 9.36 -35.13 -8.24
CA GLY A 173 9.15 -34.16 -7.19
C GLY A 173 9.65 -34.65 -5.84
N PRO A 174 9.43 -33.84 -4.80
CA PRO A 174 9.84 -34.25 -3.46
C PRO A 174 9.06 -35.46 -2.98
N ASN A 175 9.68 -36.22 -2.08
CA ASN A 175 9.04 -37.41 -1.53
C ASN A 175 7.80 -37.02 -0.73
N GLN A 176 6.81 -37.90 -0.73
CA GLN A 176 5.54 -37.70 -0.05
C GLN A 176 5.25 -38.91 0.81
N PRO A 177 4.38 -38.77 1.81
CA PRO A 177 3.90 -39.95 2.53
C PRO A 177 3.15 -40.89 1.60
N SER A 178 2.99 -42.14 2.06
CA SER A 178 2.44 -43.18 1.20
C SER A 178 1.00 -42.89 0.79
N GLY A 179 0.22 -42.29 1.68
CA GLY A 179 -1.17 -42.03 1.39
C GLY A 179 -1.50 -40.62 0.93
N VAL A 180 -0.50 -39.82 0.56
CA VAL A 180 -0.70 -38.42 0.19
C VAL A 180 -0.58 -38.31 -1.32
N LYS A 181 -1.50 -37.57 -1.93
CA LYS A 181 -1.50 -37.41 -3.38
C LYS A 181 -0.70 -36.17 -3.77
N PRO A 182 0.32 -36.30 -4.60
CA PRO A 182 1.17 -35.15 -4.93
C PRO A 182 0.41 -34.09 -5.73
N THR A 183 0.84 -32.84 -5.57
CA THR A 183 0.28 -31.72 -6.30
C THR A 183 1.16 -31.21 -7.43
N GLY A 184 2.46 -31.47 -7.36
CA GLY A 184 3.38 -30.99 -8.36
C GLY A 184 3.72 -29.52 -8.28
N GLN A 185 3.43 -28.86 -7.17
CA GLN A 185 3.71 -27.44 -7.02
C GLN A 185 3.94 -27.13 -5.54
N ASN A 186 3.91 -25.85 -5.19
CA ASN A 186 4.13 -25.38 -3.82
C ASN A 186 5.47 -25.87 -3.28
N TYR A 187 6.52 -25.71 -4.09
CA TYR A 187 7.84 -26.19 -3.76
C TYR A 187 8.83 -25.39 -4.59
N ALA A 188 9.84 -24.82 -3.95
CA ALA A 188 10.81 -24.00 -4.67
C ALA A 188 11.61 -24.84 -5.65
N SER A 189 11.69 -24.37 -6.89
CA SER A 189 12.35 -25.14 -7.94
C SER A 189 12.92 -24.21 -9.00
N SER A 190 14.13 -24.53 -9.46
CA SER A 190 14.79 -23.73 -10.48
C SER A 190 14.22 -23.95 -11.88
N THR A 191 13.42 -25.00 -12.08
CA THR A 191 12.83 -25.25 -13.39
C THR A 191 11.75 -24.25 -13.74
N VAL A 192 11.24 -23.51 -12.76
CA VAL A 192 10.29 -22.43 -13.01
C VAL A 192 10.87 -21.14 -12.47
N ALA A 193 12.20 -21.07 -12.40
CA ALA A 193 12.93 -19.89 -11.95
C ALA A 193 12.54 -19.49 -10.53
N TYR A 194 12.47 -20.49 -9.65
CA TYR A 194 12.36 -20.29 -8.20
C TYR A 194 11.02 -19.68 -7.79
N ALA A 195 9.95 -20.04 -8.49
CA ALA A 195 8.60 -19.65 -8.12
C ALA A 195 7.84 -20.86 -7.59
N ALA A 196 6.69 -20.59 -6.97
CA ALA A 196 5.84 -21.66 -6.43
C ALA A 196 4.78 -22.09 -7.45
N LEU A 197 5.22 -22.31 -8.67
CA LEU A 197 4.41 -22.76 -9.77
C LEU A 197 4.69 -24.23 -10.05
N PRO A 198 3.81 -24.92 -10.79
CA PRO A 198 4.09 -26.32 -11.17
C PRO A 198 5.47 -26.49 -11.78
N PHE A 199 6.30 -27.34 -11.18
CA PHE A 199 7.72 -27.39 -11.50
C PHE A 199 8.05 -28.37 -12.62
N ASP A 200 7.07 -29.03 -13.23
CA ASP A 200 7.30 -29.96 -14.33
C ASP A 200 6.41 -29.58 -15.51
N PRO A 201 6.75 -28.50 -16.22
CA PRO A 201 6.00 -28.15 -17.44
C PRO A 201 6.46 -28.89 -18.68
N TYR A 202 7.50 -29.72 -18.59
CA TYR A 202 8.00 -30.40 -19.77
C TYR A 202 7.03 -31.46 -20.27
N THR A 203 6.54 -32.30 -19.35
CA THR A 203 5.76 -33.47 -19.76
C THR A 203 4.47 -33.13 -20.49
N PRO A 204 3.61 -32.24 -19.98
CA PRO A 204 2.34 -31.99 -20.70
C PRO A 204 2.50 -31.20 -21.98
N PHE A 205 3.60 -30.48 -22.18
CA PHE A 205 3.71 -29.56 -23.30
C PHE A 205 4.80 -29.93 -24.29
N LEU A 206 6.02 -30.16 -23.82
CA LEU A 206 7.14 -30.41 -24.72
C LEU A 206 7.26 -31.86 -25.15
N ASP A 207 6.53 -32.77 -24.52
CA ASP A 207 6.49 -34.17 -24.93
C ASP A 207 5.11 -34.59 -25.41
N GLN A 208 4.07 -34.32 -24.61
CA GLN A 208 2.70 -34.53 -25.03
C GLN A 208 2.20 -33.27 -25.74
N THR A 209 0.92 -33.26 -26.11
CA THR A 209 0.34 -32.18 -26.89
C THR A 209 -0.93 -31.69 -26.20
N ASN A 210 -0.77 -30.79 -25.24
CA ASN A 210 -1.89 -30.18 -24.54
C ASN A 210 -2.04 -28.73 -24.96
N GLU A 211 -3.24 -28.20 -24.75
CA GLU A 211 -3.52 -26.83 -25.13
C GLU A 211 -2.78 -25.86 -24.21
N ILE A 212 -2.09 -24.90 -24.82
CA ILE A 212 -1.39 -23.87 -24.06
C ILE A 212 -2.27 -22.64 -23.86
N ARG A 213 -3.25 -22.42 -24.75
CA ARG A 213 -4.10 -21.24 -24.68
C ARG A 213 -5.18 -21.41 -23.61
N VAL A 214 -5.31 -20.40 -22.76
CA VAL A 214 -6.32 -20.41 -21.71
C VAL A 214 -7.25 -19.21 -21.75
N ILE A 215 -6.94 -18.15 -22.48
CA ILE A 215 -7.70 -16.91 -22.45
C ILE A 215 -8.79 -16.93 -23.50
N GLY A 216 -9.99 -16.46 -23.12
CA GLY A 216 -11.09 -16.36 -24.06
C GLY A 216 -10.94 -15.16 -24.99
N GLN A 217 -11.64 -15.23 -26.12
CA GLN A 217 -11.51 -14.24 -27.18
C GLN A 217 -12.83 -13.52 -27.47
N THR A 218 -13.71 -13.41 -26.47
CA THR A 218 -14.90 -12.58 -26.56
C THR A 218 -15.04 -11.78 -25.27
N ALA A 219 -15.75 -10.65 -25.37
CA ALA A 219 -15.94 -9.81 -24.19
C ALA A 219 -16.90 -10.44 -23.19
N LEU A 220 -17.83 -11.27 -23.67
CA LEU A 220 -18.85 -11.86 -22.83
C LEU A 220 -18.77 -13.39 -22.89
N PRO A 221 -19.20 -14.08 -21.85
CA PRO A 221 -18.96 -15.54 -21.77
C PRO A 221 -19.62 -16.30 -22.91
N ALA A 222 -18.85 -17.21 -23.50
CA ALA A 222 -19.41 -18.13 -24.50
C ALA A 222 -18.57 -19.43 -24.46
N GLY A 223 -18.98 -20.34 -23.59
CA GLY A 223 -18.48 -21.71 -23.61
C GLY A 223 -16.98 -21.89 -23.54
N ASN A 224 -16.31 -21.14 -22.65
CA ASN A 224 -14.87 -21.30 -22.41
C ASN A 224 -14.72 -21.70 -20.94
N THR A 225 -14.63 -23.00 -20.67
CA THR A 225 -14.60 -23.52 -19.31
C THR A 225 -13.20 -23.94 -18.89
N THR A 226 -12.16 -23.22 -19.31
CA THR A 226 -10.83 -23.48 -18.81
C THR A 226 -10.73 -23.05 -17.35
N SER A 227 -10.13 -23.90 -16.53
CA SER A 227 -10.03 -23.61 -15.11
C SER A 227 -8.91 -22.61 -14.84
N LEU A 228 -8.87 -22.12 -13.60
CA LEU A 228 -7.82 -21.19 -13.22
C LEU A 228 -6.51 -21.92 -12.94
N LYS A 229 -6.57 -23.23 -12.69
CA LYS A 229 -5.35 -23.99 -12.41
C LYS A 229 -4.56 -24.32 -13.66
N GLN A 230 -5.15 -24.19 -14.84
CA GLN A 230 -4.43 -24.42 -16.09
C GLN A 230 -3.59 -23.22 -16.50
N ALA A 231 -4.04 -22.01 -16.15
CA ALA A 231 -3.23 -20.82 -16.36
C ALA A 231 -1.91 -20.87 -15.60
N GLU A 232 -1.88 -21.52 -14.43
CA GLU A 232 -0.62 -21.68 -13.71
C GLU A 232 0.34 -22.60 -14.45
N TRP A 233 -0.17 -23.66 -15.07
CA TRP A 233 0.69 -24.53 -15.87
C TRP A 233 1.27 -23.77 -17.06
N THR A 234 0.43 -22.96 -17.72
CA THR A 234 0.93 -22.13 -18.80
C THR A 234 1.99 -21.15 -18.31
N TYR A 235 1.76 -20.55 -17.14
CA TYR A 235 2.72 -19.63 -16.55
C TYR A 235 4.05 -20.31 -16.25
N GLY A 236 3.99 -21.54 -15.76
CA GLY A 236 5.23 -22.28 -15.50
C GLY A 236 6.00 -22.57 -16.77
N LEU A 237 5.30 -22.98 -17.83
CA LEU A 237 5.96 -23.21 -19.10
C LEU A 237 6.59 -21.92 -19.63
N MET A 238 5.90 -20.78 -19.48
CA MET A 238 6.46 -19.51 -19.96
C MET A 238 7.66 -19.07 -19.14
N MET A 239 7.65 -19.30 -17.82
CA MET A 239 8.83 -19.05 -17.01
C MET A 239 10.01 -19.89 -17.46
N GLN A 240 9.77 -21.17 -17.75
CA GLN A 240 10.85 -22.02 -18.25
C GLN A 240 11.37 -21.53 -19.59
N ILE A 241 10.47 -21.11 -20.49
CA ILE A 241 10.89 -20.65 -21.81
C ILE A 241 11.76 -19.40 -21.70
N SER A 242 11.31 -18.41 -20.91
CA SER A 242 12.07 -17.18 -20.77
C SER A 242 13.38 -17.39 -20.01
N ASP A 243 13.44 -18.37 -19.11
CA ASP A 243 14.72 -18.71 -18.50
C ASP A 243 15.66 -19.36 -19.50
N SER A 244 15.14 -20.23 -20.37
CA SER A 244 15.98 -20.88 -21.37
C SER A 244 16.56 -19.88 -22.35
N LEU A 245 15.77 -18.90 -22.77
CA LEU A 245 16.27 -17.91 -23.72
C LEU A 245 16.93 -16.71 -23.07
N GLY A 246 16.85 -16.57 -21.75
CA GLY A 246 17.44 -15.43 -21.07
C GLY A 246 16.79 -14.09 -21.38
N VAL A 247 15.47 -14.09 -21.59
CA VAL A 247 14.72 -12.87 -21.91
C VAL A 247 13.60 -12.71 -20.90
N ASN A 248 12.77 -11.68 -21.05
CA ASN A 248 11.58 -11.54 -20.24
C ASN A 248 10.33 -11.69 -21.11
N CYS A 249 9.16 -11.46 -20.50
CA CYS A 249 7.90 -11.72 -21.18
C CYS A 249 7.72 -10.83 -22.40
N THR A 250 8.10 -9.55 -22.28
CA THR A 250 7.89 -8.58 -23.35
C THR A 250 8.82 -8.78 -24.53
N PHE A 251 9.62 -9.85 -24.53
CA PHE A 251 10.38 -10.21 -25.72
C PHE A 251 9.47 -10.72 -26.83
N CYS A 252 8.33 -11.31 -26.46
CA CYS A 252 7.38 -11.85 -27.42
C CYS A 252 5.97 -11.30 -27.28
N HIS A 253 5.64 -10.69 -26.14
CA HIS A 253 4.27 -10.29 -25.84
C HIS A 253 4.17 -8.78 -25.62
N ASN A 254 2.94 -8.30 -25.66
CA ASN A 254 2.52 -7.06 -25.01
C ASN A 254 1.59 -7.48 -23.88
N SER A 255 1.98 -7.14 -22.65
CA SER A 255 1.35 -7.75 -21.48
C SER A 255 -0.11 -7.33 -21.28
N ARG A 256 -0.57 -6.28 -21.95
CA ARG A 256 -1.98 -5.93 -21.83
C ARG A 256 -2.89 -6.82 -22.65
N ALA A 257 -2.33 -7.58 -23.60
CA ALA A 257 -3.09 -8.60 -24.32
C ALA A 257 -2.12 -9.73 -24.69
N PHE A 258 -2.07 -10.75 -23.84
CA PHE A 258 -1.21 -11.90 -24.12
C PHE A 258 -1.75 -12.72 -25.29
N TYR A 259 -3.05 -12.69 -25.52
CA TYR A 259 -3.66 -13.51 -26.56
C TYR A 259 -3.54 -12.88 -27.95
N ASP A 260 -3.20 -11.60 -28.04
CA ASP A 260 -3.35 -10.82 -29.27
C ASP A 260 -2.11 -10.96 -30.13
N TRP A 261 -2.24 -11.62 -31.29
CA TRP A 261 -1.11 -11.77 -32.20
C TRP A 261 -0.80 -10.48 -32.93
N LYS A 262 -1.78 -9.59 -33.07
CA LYS A 262 -1.57 -8.33 -33.78
C LYS A 262 -0.65 -7.40 -33.01
N GLN A 263 -0.59 -7.53 -31.69
CA GLN A 263 0.25 -6.68 -30.85
C GLN A 263 1.51 -7.36 -30.37
N SER A 264 1.79 -8.58 -30.83
CA SER A 264 2.98 -9.31 -30.41
C SER A 264 4.16 -8.98 -31.31
N THR A 265 5.28 -9.67 -31.09
CA THR A 265 6.50 -9.47 -31.86
C THR A 265 6.74 -10.64 -32.81
N PRO A 266 7.58 -10.46 -33.83
CA PRO A 266 7.86 -11.57 -34.76
C PRO A 266 8.50 -12.79 -34.12
N GLN A 267 9.16 -12.66 -32.97
CA GLN A 267 9.74 -13.83 -32.32
C GLN A 267 8.71 -14.78 -31.76
N ARG A 268 7.47 -14.32 -31.57
CA ARG A 268 6.42 -15.21 -31.07
C ARG A 268 6.09 -16.30 -32.08
N THR A 269 6.08 -15.96 -33.37
CA THR A 269 5.84 -16.97 -34.41
C THR A 269 6.97 -18.00 -34.44
N THR A 270 8.22 -17.54 -34.30
CA THR A 270 9.34 -18.46 -34.23
C THR A 270 9.22 -19.40 -33.05
N ALA A 271 8.83 -18.87 -31.88
CA ALA A 271 8.63 -19.73 -30.71
C ALA A 271 7.50 -20.74 -30.94
N TRP A 272 6.41 -20.30 -31.58
CA TRP A 272 5.32 -21.21 -31.91
C TRP A 272 5.82 -22.38 -32.73
N TYR A 273 6.65 -22.12 -33.75
CA TYR A 273 7.18 -23.22 -34.55
C TYR A 273 8.21 -24.05 -33.77
N ALA A 274 8.98 -23.42 -32.88
CA ALA A 274 9.99 -24.13 -32.13
C ALA A 274 9.38 -25.17 -31.20
N ILE A 275 8.21 -24.86 -30.63
CA ILE A 275 7.55 -25.82 -29.76
C ILE A 275 7.21 -27.10 -30.53
N ARG A 276 6.66 -26.95 -31.73
CA ARG A 276 6.34 -28.11 -32.56
C ARG A 276 7.62 -28.84 -32.99
N HIS A 277 8.69 -28.11 -33.28
CA HIS A 277 9.95 -28.74 -33.64
C HIS A 277 10.47 -29.61 -32.50
N VAL A 278 10.39 -29.11 -31.26
CA VAL A 278 10.88 -29.88 -30.12
C VAL A 278 9.98 -31.10 -29.87
N ARG A 279 8.67 -30.94 -30.02
CA ARG A 279 7.78 -32.09 -29.91
C ARG A 279 8.13 -33.16 -30.93
N ASP A 280 8.40 -32.76 -32.18
CA ASP A 280 8.80 -33.72 -33.20
C ASP A 280 10.08 -34.43 -32.82
N ILE A 281 11.08 -33.68 -32.34
CA ILE A 281 12.35 -34.29 -31.96
C ILE A 281 12.14 -35.33 -30.87
N ASN A 282 11.39 -34.98 -29.82
CA ASN A 282 11.20 -35.90 -28.71
C ASN A 282 10.42 -37.14 -29.12
N GLN A 283 9.32 -36.95 -29.87
CA GLN A 283 8.45 -38.07 -30.17
C GLN A 283 9.00 -39.00 -31.25
N ASN A 284 9.81 -38.47 -32.18
CA ASN A 284 10.21 -39.25 -33.33
C ASN A 284 11.69 -39.60 -33.40
N TYR A 285 12.52 -39.09 -32.49
CA TYR A 285 13.95 -39.37 -32.57
C TYR A 285 14.54 -39.89 -31.26
N ILE A 286 13.97 -39.48 -30.14
CA ILE A 286 14.52 -39.82 -28.83
C ILE A 286 13.84 -41.04 -28.22
N TRP A 287 12.50 -41.05 -28.24
CA TRP A 287 11.78 -42.18 -27.66
C TRP A 287 12.08 -43.52 -28.33
N PRO A 288 12.10 -43.66 -29.67
CA PRO A 288 12.42 -44.97 -30.26
C PRO A 288 13.78 -45.51 -29.86
N LEU A 289 14.67 -44.68 -29.35
CA LEU A 289 16.00 -45.13 -28.93
C LEU A 289 16.01 -45.68 -27.52
N ASN A 290 14.88 -45.68 -26.82
CA ASN A 290 14.86 -46.06 -25.41
C ASN A 290 15.23 -47.51 -25.19
N ASP A 291 15.17 -48.35 -26.23
CA ASP A 291 15.53 -49.75 -26.05
C ASP A 291 17.04 -49.94 -25.95
N VAL A 292 17.82 -49.24 -26.78
CA VAL A 292 19.25 -49.51 -26.90
C VAL A 292 20.11 -48.66 -25.98
N LEU A 293 19.57 -47.63 -25.36
CA LEU A 293 20.35 -46.80 -24.46
C LEU A 293 20.56 -47.53 -23.13
N PRO A 294 21.72 -47.34 -22.50
CA PRO A 294 21.96 -47.96 -21.18
C PRO A 294 21.09 -47.34 -20.09
N ALA A 295 20.91 -48.06 -18.99
CA ALA A 295 20.02 -47.63 -17.92
C ALA A 295 20.50 -46.36 -17.22
N SER A 296 21.75 -45.95 -17.42
CA SER A 296 22.26 -44.74 -16.79
C SER A 296 21.80 -43.47 -17.48
N ARG A 297 21.05 -43.59 -18.59
CA ARG A 297 20.56 -42.45 -19.34
C ARG A 297 19.05 -42.27 -19.18
N LYS A 298 18.46 -42.90 -18.17
CA LYS A 298 17.01 -42.90 -18.01
C LYS A 298 16.64 -42.35 -16.64
N GLY A 299 15.44 -41.79 -16.55
CA GLY A 299 14.94 -41.23 -15.32
C GLY A 299 14.28 -42.26 -14.44
N PRO A 300 13.77 -41.82 -13.29
CA PRO A 300 13.12 -42.77 -12.36
C PRO A 300 11.88 -43.43 -12.94
N TYR A 301 11.25 -42.83 -13.95
CA TYR A 301 10.09 -43.45 -14.59
C TYR A 301 10.46 -44.38 -15.74
N GLY A 302 11.73 -44.41 -16.14
CA GLY A 302 12.15 -45.28 -17.21
C GLY A 302 12.16 -44.66 -18.59
N ASP A 303 12.06 -43.35 -18.70
CA ASP A 303 12.16 -42.67 -19.98
C ASP A 303 13.54 -42.04 -20.14
N PRO A 304 14.04 -41.93 -21.38
CA PRO A 304 15.40 -41.41 -21.58
C PRO A 304 15.50 -39.91 -21.36
N PHE A 305 16.72 -39.37 -21.50
CA PHE A 305 16.90 -37.93 -21.45
C PHE A 305 16.33 -37.28 -22.70
N LYS A 306 15.61 -36.17 -22.52
CA LYS A 306 14.89 -35.55 -23.61
C LYS A 306 15.35 -34.11 -23.81
N VAL A 307 15.00 -33.57 -24.99
CA VAL A 307 15.45 -32.26 -25.45
C VAL A 307 14.45 -31.20 -25.03
N GLY A 308 14.96 -30.04 -24.63
CA GLY A 308 14.13 -28.90 -24.31
C GLY A 308 14.67 -27.62 -24.92
N CYS A 309 14.13 -26.47 -24.51
CA CYS A 309 14.63 -25.20 -25.01
C CYS A 309 16.02 -24.90 -24.49
N MET A 310 16.35 -25.38 -23.29
CA MET A 310 17.65 -25.12 -22.69
C MET A 310 18.76 -25.94 -23.31
N THR A 311 18.43 -27.05 -23.97
CA THR A 311 19.46 -27.95 -24.50
C THR A 311 20.27 -27.29 -25.61
N CYS A 312 19.69 -26.35 -26.35
CA CYS A 312 20.39 -25.66 -27.42
C CYS A 312 20.72 -24.21 -27.08
N HIS A 313 19.78 -23.46 -26.53
CA HIS A 313 20.01 -22.03 -26.28
C HIS A 313 20.94 -21.83 -25.10
N GLN A 314 20.71 -22.55 -24.00
CA GLN A 314 21.57 -22.52 -22.82
C GLN A 314 21.73 -21.11 -22.26
N GLY A 315 20.63 -20.35 -22.25
CA GLY A 315 20.61 -19.03 -21.64
C GLY A 315 20.80 -17.87 -22.59
N ALA A 316 20.88 -18.12 -23.90
CA ALA A 316 21.07 -17.07 -24.89
C ALA A 316 19.90 -17.07 -25.87
N TYR A 317 19.60 -15.89 -26.42
CA TYR A 317 18.47 -15.77 -27.34
C TYR A 317 18.73 -16.51 -28.65
N ARG A 318 19.98 -16.77 -28.98
CA ARG A 318 20.37 -17.68 -30.04
C ARG A 318 21.45 -18.62 -29.53
N PRO A 319 21.50 -19.85 -30.01
CA PRO A 319 22.61 -20.74 -29.64
C PRO A 319 23.94 -20.14 -30.04
N LEU A 320 24.86 -20.09 -29.07
CA LEU A 320 26.19 -19.51 -29.25
C LEU A 320 26.11 -18.06 -29.71
N TYR A 321 25.00 -17.40 -29.37
CA TYR A 321 24.74 -16.02 -29.78
C TYR A 321 24.74 -15.86 -31.30
N GLY A 322 24.38 -16.92 -32.01
CA GLY A 322 24.25 -16.83 -33.45
C GLY A 322 25.50 -17.10 -34.25
N ALA A 323 26.52 -17.72 -33.65
CA ALA A 323 27.70 -18.10 -34.41
C ALA A 323 27.33 -19.12 -35.48
N GLN A 324 27.85 -18.90 -36.69
CA GLN A 324 27.48 -19.70 -37.85
C GLN A 324 28.63 -20.66 -38.18
N MET A 325 28.48 -21.93 -37.81
CA MET A 325 29.45 -22.94 -38.15
C MET A 325 28.86 -24.13 -38.90
N ALA A 326 27.55 -24.13 -39.16
CA ALA A 326 26.93 -25.23 -39.89
C ALA A 326 27.12 -25.12 -41.40
N LYS A 327 27.36 -23.92 -41.93
CA LYS A 327 27.46 -23.74 -43.37
C LYS A 327 28.75 -24.30 -43.95
N ASP A 328 29.75 -24.59 -43.10
CA ASP A 328 31.02 -25.12 -43.57
C ASP A 328 31.02 -26.63 -43.75
N TYR A 329 30.00 -27.33 -43.29
CA TYR A 329 29.94 -28.78 -43.35
C TYR A 329 28.71 -29.23 -44.13
N PRO A 330 28.87 -29.64 -45.39
CA PRO A 330 27.70 -30.03 -46.20
C PRO A 330 27.14 -31.41 -45.90
N ALA A 331 27.68 -32.13 -44.92
CA ALA A 331 27.12 -33.41 -44.51
C ALA A 331 25.96 -33.26 -43.53
N LEU A 332 25.63 -32.04 -43.12
CA LEU A 332 24.55 -31.78 -42.18
C LEU A 332 23.30 -31.24 -42.86
N TYR A 333 23.17 -31.43 -44.18
CA TYR A 333 22.02 -31.00 -44.94
C TYR A 333 21.46 -32.17 -45.73
N ALA A 334 20.12 -32.22 -45.83
CA ALA A 334 19.47 -33.36 -46.48
C ALA A 334 19.85 -33.45 -47.96
N SER A 335 20.21 -32.33 -48.57
CA SER A 335 20.63 -32.33 -49.97
C SER A 335 21.59 -31.16 -50.25
N ALA B 1 -15.86 32.34 0.55
CA ALA B 1 -15.21 33.46 1.21
C ALA B 1 -14.70 33.07 2.60
N MET B 2 -15.17 33.77 3.62
CA MET B 2 -14.69 33.57 4.98
C MET B 2 -15.71 32.81 5.82
N LEU B 3 -15.22 31.86 6.60
CA LEU B 3 -16.03 31.27 7.64
C LEU B 3 -16.40 32.32 8.68
N SER B 4 -17.43 32.02 9.47
CA SER B 4 -17.92 33.00 10.43
C SER B 4 -16.92 33.31 11.54
N PHE B 5 -15.87 32.50 11.69
CA PHE B 5 -14.83 32.72 12.69
C PHE B 5 -13.44 32.87 12.08
N GLU B 6 -13.34 33.29 10.82
CA GLU B 6 -12.06 33.33 10.13
C GLU B 6 -11.41 34.70 10.14
N ARG B 7 -12.19 35.78 10.26
CA ARG B 7 -11.65 37.12 10.11
C ARG B 7 -10.58 37.45 11.15
N LYS B 8 -10.58 36.75 12.28
CA LYS B 8 -9.55 37.00 13.30
C LYS B 8 -8.17 36.55 12.86
N TYR B 9 -8.06 35.70 11.84
CA TYR B 9 -6.81 35.05 11.49
C TYR B 9 -6.19 35.56 10.20
N ARG B 10 -6.79 36.56 9.54
CA ARG B 10 -6.22 37.09 8.29
C ARG B 10 -5.28 38.23 8.65
N VAL B 11 -4.04 37.87 8.97
CA VAL B 11 -3.04 38.83 9.39
C VAL B 11 -2.00 38.96 8.28
N ARG B 12 -1.28 40.08 8.32
CA ARG B 12 -0.25 40.37 7.33
C ARG B 12 1.10 39.85 7.81
N GLY B 13 1.88 39.31 6.87
CA GLY B 13 3.23 38.85 7.15
C GLY B 13 3.33 37.34 7.14
N GLY B 14 4.54 36.87 7.43
CA GLY B 14 4.84 35.46 7.38
C GLY B 14 5.20 34.92 6.01
N THR B 15 5.41 35.79 5.03
CA THR B 15 5.76 35.35 3.70
C THR B 15 7.22 34.90 3.64
N LEU B 16 7.50 34.03 2.67
CA LEU B 16 8.87 33.59 2.38
C LEU B 16 9.52 34.47 1.33
N ILE B 17 8.83 34.70 0.21
CA ILE B 17 9.31 35.59 -0.83
C ILE B 17 8.14 36.50 -1.24
N GLY B 18 8.42 37.80 -1.38
CA GLY B 18 7.45 38.70 -1.94
C GLY B 18 7.03 39.84 -1.05
N GLY B 19 6.93 39.60 0.26
CA GLY B 19 6.49 40.62 1.18
C GLY B 19 5.05 41.03 0.94
N ASP B 20 4.83 42.33 0.73
CA ASP B 20 3.49 42.86 0.53
C ASP B 20 3.06 42.90 -0.93
N LEU B 21 3.89 42.39 -1.84
CA LEU B 21 3.56 42.46 -3.26
C LEU B 21 2.39 41.56 -3.61
N PHE B 22 2.43 40.30 -3.17
CA PHE B 22 1.39 39.32 -3.49
C PHE B 22 0.65 38.84 -2.26
N ASP B 23 0.57 39.65 -1.21
CA ASP B 23 -0.01 39.23 0.06
C ASP B 23 -1.50 39.58 0.06
N PHE B 24 -2.31 38.71 -0.52
CA PHE B 24 -3.75 38.93 -0.55
C PHE B 24 -4.45 37.59 -0.75
N TRP B 25 -5.77 37.62 -0.61
CA TRP B 25 -6.62 36.46 -0.79
C TRP B 25 -7.46 36.63 -2.05
N VAL B 26 -7.71 35.53 -2.74
CA VAL B 26 -8.57 35.50 -3.93
C VAL B 26 -9.68 34.52 -3.62
N GLY B 27 -10.86 35.04 -3.25
CA GLY B 27 -11.94 34.21 -2.78
C GLY B 27 -11.58 33.54 -1.48
N PRO B 28 -11.68 32.21 -1.43
CA PRO B 28 -11.26 31.50 -0.22
C PRO B 28 -9.78 31.19 -0.19
N PHE B 29 -9.12 31.27 -1.34
CA PHE B 29 -7.71 30.88 -1.45
C PHE B 29 -6.80 32.01 -0.98
N TYR B 30 -5.65 31.62 -0.42
CA TYR B 30 -4.52 32.51 -0.24
C TYR B 30 -3.53 32.22 -1.36
N VAL B 31 -3.03 33.27 -2.00
CA VAL B 31 -2.18 33.06 -3.17
C VAL B 31 -0.71 33.27 -2.85
N GLY B 32 -0.33 34.49 -2.52
CA GLY B 32 1.09 34.76 -2.35
C GLY B 32 1.86 34.65 -3.67
N PHE B 33 3.18 34.70 -3.53
CA PHE B 33 4.08 34.63 -4.69
C PHE B 33 4.08 33.23 -5.29
N PHE B 34 4.19 32.21 -4.44
CA PHE B 34 4.15 30.84 -4.91
C PHE B 34 2.79 30.44 -5.45
N GLY B 35 1.72 31.07 -4.96
CA GLY B 35 0.42 30.87 -5.60
C GLY B 35 0.39 31.30 -7.04
N VAL B 36 0.93 32.48 -7.36
CA VAL B 36 1.03 32.94 -8.73
C VAL B 36 1.86 31.98 -9.57
N THR B 37 3.06 31.64 -9.08
CA THR B 37 3.93 30.78 -9.88
C THR B 37 3.30 29.42 -10.11
N GLY B 38 2.73 28.81 -9.07
CA GLY B 38 2.12 27.51 -9.21
C GLY B 38 0.90 27.51 -10.11
N PHE B 39 0.05 28.53 -9.98
CA PHE B 39 -1.13 28.61 -10.82
C PHE B 39 -0.75 28.69 -12.29
N PHE B 40 0.24 29.52 -12.63
CA PHE B 40 0.58 29.65 -14.03
C PHE B 40 1.38 28.47 -14.58
N PHE B 41 2.21 27.82 -13.75
CA PHE B 41 2.79 26.54 -14.16
C PHE B 41 1.69 25.53 -14.49
N ALA B 42 0.69 25.41 -13.61
CA ALA B 42 -0.39 24.47 -13.85
C ALA B 42 -1.18 24.82 -15.11
N LEU B 43 -1.43 26.10 -15.33
CA LEU B 43 -2.17 26.52 -16.51
C LEU B 43 -1.44 26.16 -17.80
N LEU B 44 -0.14 26.45 -17.86
CA LEU B 44 0.62 26.09 -19.06
C LEU B 44 0.68 24.58 -19.24
N GLY B 45 0.83 23.81 -18.14
CA GLY B 45 0.83 22.36 -18.27
C GLY B 45 -0.48 21.83 -18.83
N VAL B 46 -1.60 22.36 -18.34
CA VAL B 46 -2.91 21.94 -18.84
C VAL B 46 -3.06 22.28 -20.32
N LEU B 47 -2.66 23.50 -20.70
CA LEU B 47 -2.81 23.89 -22.10
C LEU B 47 -1.94 23.04 -23.02
N LEU B 48 -0.73 22.70 -22.60
CA LEU B 48 0.11 21.83 -23.40
C LEU B 48 -0.41 20.40 -23.47
N ILE B 49 -1.03 19.89 -22.40
CA ILE B 49 -1.68 18.59 -22.47
C ILE B 49 -2.82 18.61 -23.50
N VAL B 50 -3.61 19.69 -23.50
CA VAL B 50 -4.71 19.81 -24.45
C VAL B 50 -4.19 19.90 -25.87
N TRP B 51 -3.10 20.64 -26.10
CA TRP B 51 -2.53 20.72 -27.45
C TRP B 51 -1.97 19.36 -27.89
N GLY B 52 -1.32 18.63 -26.97
CA GLY B 52 -0.85 17.30 -27.30
C GLY B 52 -1.97 16.35 -27.64
N ALA B 53 -3.11 16.49 -26.98
CA ALA B 53 -4.30 15.73 -27.38
C ALA B 53 -4.80 16.16 -28.76
N THR B 54 -4.75 17.46 -29.05
CA THR B 54 -5.19 17.96 -30.35
C THR B 54 -4.35 17.42 -31.49
N ILE B 55 -3.03 17.34 -31.30
CA ILE B 55 -2.16 16.81 -32.34
C ILE B 55 -2.35 15.30 -32.46
N GLY B 56 -2.39 14.59 -31.34
CA GLY B 56 -2.57 13.16 -31.34
C GLY B 56 -1.31 12.43 -31.73
N PRO B 57 -1.29 11.11 -31.56
CA PRO B 57 -0.14 10.33 -32.03
C PRO B 57 0.06 10.42 -33.53
N ASN B 58 -1.03 10.51 -34.29
CA ASN B 58 -1.00 10.68 -35.74
C ASN B 58 -2.13 11.61 -36.13
N ALA B 59 -2.43 11.66 -37.42
CA ALA B 59 -3.62 12.34 -37.91
C ALA B 59 -4.83 11.41 -37.98
N GLU B 60 -4.63 10.11 -37.78
CA GLU B 60 -5.71 9.13 -37.85
C GLU B 60 -6.12 8.60 -36.49
N LEU B 61 -5.20 8.46 -35.55
CA LEU B 61 -5.49 7.97 -34.22
C LEU B 61 -5.79 9.10 -33.23
N GLN B 62 -5.83 10.35 -33.68
CA GLN B 62 -6.14 11.46 -32.80
C GLN B 62 -7.60 11.40 -32.37
N THR B 63 -7.84 11.57 -31.07
CA THR B 63 -9.17 11.48 -30.51
C THR B 63 -9.25 12.29 -29.23
N TYR B 64 -10.44 12.81 -28.94
CA TYR B 64 -10.68 13.59 -27.74
C TYR B 64 -11.33 12.78 -26.63
N ASN B 65 -11.43 11.46 -26.79
CA ASN B 65 -11.90 10.59 -25.72
C ASN B 65 -10.94 10.69 -24.54
N ILE B 66 -11.49 10.95 -23.35
CA ILE B 66 -10.64 11.24 -22.19
C ILE B 66 -9.86 10.01 -21.75
N TRP B 67 -10.42 8.80 -21.92
CA TRP B 67 -9.69 7.61 -21.53
C TRP B 67 -8.52 7.31 -22.45
N GLN B 68 -8.55 7.82 -23.68
CA GLN B 68 -7.58 7.44 -24.70
C GLN B 68 -6.54 8.50 -25.01
N ILE B 69 -6.58 9.65 -24.34
CA ILE B 69 -5.61 10.70 -24.59
C ILE B 69 -4.31 10.36 -23.88
N SER B 70 -3.20 10.37 -24.63
CA SER B 70 -1.90 10.00 -24.09
C SER B 70 -0.79 10.83 -24.70
N ILE B 71 0.09 11.36 -23.87
CA ILE B 71 1.29 12.09 -24.29
C ILE B 71 2.49 11.26 -23.86
N ALA B 72 3.35 10.88 -24.83
CA ALA B 72 4.35 9.85 -24.62
C ALA B 72 5.77 10.42 -24.54
N PRO B 73 6.66 9.76 -23.79
CA PRO B 73 8.05 10.24 -23.68
C PRO B 73 8.84 9.93 -24.94
N PRO B 74 10.10 10.43 -25.04
CA PRO B 74 10.89 10.19 -26.26
C PRO B 74 11.31 8.74 -26.44
N ASP B 75 12.10 8.49 -27.49
CA ASP B 75 12.69 7.18 -27.72
C ASP B 75 13.95 7.01 -26.87
N LEU B 76 14.35 5.76 -26.70
CA LEU B 76 15.57 5.46 -25.95
C LEU B 76 16.83 5.79 -26.72
N SER B 77 16.73 6.12 -28.00
CA SER B 77 17.90 6.49 -28.80
C SER B 77 18.32 7.94 -28.60
N TYR B 78 17.47 8.78 -28.01
CA TYR B 78 17.84 10.15 -27.70
C TYR B 78 18.64 10.27 -26.42
N GLY B 79 18.70 9.23 -25.59
CA GLY B 79 19.46 9.29 -24.36
C GLY B 79 18.87 10.29 -23.38
N LEU B 80 19.73 11.12 -22.81
CA LEU B 80 19.32 12.16 -21.89
C LEU B 80 19.29 13.54 -22.53
N GLY B 81 19.34 13.60 -23.87
CA GLY B 81 19.26 14.86 -24.57
C GLY B 81 17.83 15.33 -24.76
N MET B 82 17.69 16.45 -25.46
CA MET B 82 16.41 17.10 -25.67
C MET B 82 15.85 16.70 -27.02
N ALA B 83 14.62 16.16 -27.01
CA ALA B 83 13.95 15.62 -28.18
C ALA B 83 13.18 16.71 -28.91
N PRO B 84 12.88 16.50 -30.20
CA PRO B 84 12.02 17.45 -30.92
C PRO B 84 10.62 17.51 -30.30
N LEU B 85 9.95 18.64 -30.52
CA LEU B 85 8.69 18.90 -29.82
C LEU B 85 7.63 17.84 -30.17
N THR B 86 7.53 17.47 -31.43
CA THR B 86 6.51 16.51 -31.84
C THR B 86 6.88 15.06 -31.54
N GLU B 87 8.14 14.79 -31.20
CA GLU B 87 8.63 13.43 -31.02
C GLU B 87 8.94 13.11 -29.56
N GLY B 88 8.48 13.93 -28.63
CA GLY B 88 8.64 13.65 -27.22
C GLY B 88 9.14 14.80 -26.36
N GLY B 89 9.39 15.98 -26.93
CA GLY B 89 9.79 17.11 -26.14
C GLY B 89 8.67 17.76 -25.37
N LEU B 90 7.44 17.64 -25.86
CA LEU B 90 6.28 18.13 -25.14
C LEU B 90 6.14 17.44 -23.79
N TRP B 91 6.43 16.14 -23.74
CA TRP B 91 6.43 15.40 -22.48
C TRP B 91 7.43 16.01 -21.49
N GLN B 92 8.62 16.35 -21.96
CA GLN B 92 9.63 16.93 -21.09
C GLN B 92 9.23 18.30 -20.57
N ILE B 93 8.66 19.14 -21.44
CA ILE B 93 8.19 20.45 -20.98
C ILE B 93 7.09 20.29 -19.95
N ILE B 94 6.16 19.37 -20.18
CA ILE B 94 5.07 19.17 -19.22
C ILE B 94 5.60 18.62 -17.90
N THR B 95 6.61 17.77 -17.95
CA THR B 95 7.22 17.28 -16.72
C THR B 95 7.84 18.41 -15.92
N ILE B 96 8.55 19.32 -16.59
CA ILE B 96 9.14 20.47 -15.90
C ILE B 96 8.04 21.33 -15.27
N CYS B 97 6.97 21.59 -16.02
CA CYS B 97 5.87 22.39 -15.48
C CYS B 97 5.22 21.73 -14.27
N ALA B 98 5.05 20.40 -14.31
CA ALA B 98 4.46 19.70 -13.18
C ALA B 98 5.34 19.78 -11.94
N ILE B 99 6.65 19.62 -12.11
CA ILE B 99 7.55 19.74 -10.95
C ILE B 99 7.48 21.14 -10.36
N GLY B 100 7.49 22.17 -11.22
CA GLY B 100 7.37 23.53 -10.73
C GLY B 100 6.09 23.75 -9.94
N ALA B 101 4.97 23.26 -10.48
CA ALA B 101 3.69 23.43 -9.79
C ALA B 101 3.67 22.74 -8.44
N PHE B 102 4.20 21.51 -8.35
CA PHE B 102 4.19 20.80 -7.08
C PHE B 102 5.03 21.52 -6.03
N VAL B 103 6.23 21.97 -6.42
CA VAL B 103 7.09 22.67 -5.46
C VAL B 103 6.44 23.98 -5.02
N SER B 104 5.79 24.69 -5.95
CA SER B 104 5.10 25.92 -5.58
C SER B 104 3.98 25.64 -4.58
N TRP B 105 3.24 24.56 -4.78
CA TRP B 105 2.17 24.20 -3.84
C TRP B 105 2.73 23.94 -2.45
N ALA B 106 3.83 23.19 -2.36
CA ALA B 106 4.41 22.91 -1.04
C ALA B 106 4.90 24.19 -0.36
N LEU B 107 5.54 25.08 -1.11
CA LEU B 107 6.01 26.32 -0.52
C LEU B 107 4.86 27.23 -0.08
N ARG B 108 3.76 27.25 -0.83
CA ARG B 108 2.59 28.01 -0.39
C ARG B 108 2.02 27.44 0.91
N GLU B 109 2.01 26.11 1.05
CA GLU B 109 1.60 25.53 2.33
C GLU B 109 2.51 25.96 3.46
N VAL B 110 3.83 26.00 3.22
CA VAL B 110 4.76 26.47 4.25
C VAL B 110 4.42 27.90 4.68
N GLU B 111 4.14 28.78 3.70
CA GLU B 111 3.76 30.15 4.03
C GLU B 111 2.47 30.19 4.86
N ILE B 112 1.48 29.39 4.48
CA ILE B 112 0.20 29.40 5.20
C ILE B 112 0.41 28.98 6.64
N CYS B 113 1.18 27.92 6.88
CA CYS B 113 1.36 27.47 8.26
C CYS B 113 2.28 28.39 9.05
N ARG B 114 3.19 29.12 8.40
CA ARG B 114 3.89 30.19 9.10
C ARG B 114 2.92 31.28 9.53
N LYS B 115 1.94 31.61 8.68
CA LYS B 115 0.98 32.65 9.03
C LYS B 115 0.08 32.20 10.20
N LEU B 116 -0.39 30.96 10.18
CA LEU B 116 -1.31 30.49 11.22
C LEU B 116 -0.62 30.13 12.54
N GLY B 117 0.70 30.01 12.56
CA GLY B 117 1.39 29.69 13.80
C GLY B 117 1.37 28.23 14.20
N ILE B 118 1.27 27.31 13.23
CA ILE B 118 1.16 25.90 13.52
C ILE B 118 2.42 25.18 13.05
N GLY B 119 2.49 23.88 13.29
CA GLY B 119 3.65 23.09 12.90
C GLY B 119 3.73 22.90 11.39
N PHE B 120 4.81 22.22 10.98
CA PHE B 120 5.13 22.03 9.57
C PHE B 120 4.99 20.56 9.13
N HIS B 121 4.08 19.82 9.75
CA HIS B 121 3.94 18.40 9.42
C HIS B 121 3.37 18.19 8.02
N ILE B 122 2.47 19.08 7.58
CA ILE B 122 1.75 18.84 6.33
C ILE B 122 2.63 18.99 5.10
N PRO B 123 3.37 20.10 4.90
CA PRO B 123 4.29 20.14 3.76
C PRO B 123 5.36 19.08 3.83
N PHE B 124 5.80 18.72 5.04
CA PHE B 124 6.77 17.66 5.21
C PHE B 124 6.24 16.32 4.69
N ALA B 125 4.97 16.03 4.99
CA ALA B 125 4.36 14.80 4.49
C ALA B 125 4.14 14.85 2.97
N PHE B 126 3.76 16.02 2.44
CA PHE B 126 3.59 16.16 1.00
C PHE B 126 4.90 15.95 0.25
N ALA B 127 6.02 16.34 0.85
CA ALA B 127 7.32 16.15 0.22
C ALA B 127 7.62 14.67 -0.10
N PHE B 128 7.05 13.73 0.66
CA PHE B 128 7.23 12.32 0.36
C PHE B 128 6.59 11.93 -0.97
N ALA B 129 5.35 12.37 -1.20
CA ALA B 129 4.70 12.08 -2.48
C ALA B 129 5.43 12.77 -3.62
N ILE B 130 5.89 14.00 -3.40
CA ILE B 130 6.68 14.69 -4.42
C ILE B 130 7.94 13.89 -4.74
N GLY B 131 8.61 13.37 -3.71
CA GLY B 131 9.81 12.57 -3.93
C GLY B 131 9.54 11.28 -4.66
N ALA B 132 8.40 10.65 -4.40
CA ALA B 132 8.05 9.44 -5.14
C ALA B 132 7.84 9.76 -6.62
N TYR B 133 7.15 10.85 -6.93
CA TYR B 133 7.01 11.26 -8.33
C TYR B 133 8.37 11.54 -8.97
N LEU B 134 9.25 12.23 -8.24
CA LEU B 134 10.58 12.54 -8.77
C LEU B 134 11.41 11.29 -9.01
N VAL B 135 11.30 10.30 -8.13
CA VAL B 135 11.96 9.02 -8.40
C VAL B 135 11.38 8.38 -9.65
N LEU B 136 10.07 8.49 -9.85
CA LEU B 136 9.45 7.87 -11.01
C LEU B 136 9.94 8.50 -12.32
N VAL B 137 10.07 9.82 -12.38
CA VAL B 137 10.37 10.48 -13.64
C VAL B 137 11.75 11.10 -13.73
N VAL B 138 12.54 11.13 -12.66
CA VAL B 138 13.86 11.77 -12.75
C VAL B 138 15.00 10.84 -12.36
N VAL B 139 14.92 10.24 -11.16
CA VAL B 139 16.05 9.46 -10.66
C VAL B 139 16.22 8.17 -11.47
N ARG B 140 15.14 7.42 -11.65
CA ARG B 140 15.23 6.17 -12.39
C ARG B 140 15.61 6.37 -13.85
N PRO B 141 15.04 7.33 -14.60
CA PRO B 141 15.54 7.56 -15.96
C PRO B 141 17.01 7.92 -16.05
N ILE B 142 17.55 8.69 -15.09
CA ILE B 142 18.97 9.04 -15.14
C ILE B 142 19.83 7.83 -14.83
N LEU B 143 19.46 7.05 -13.81
CA LEU B 143 20.22 5.85 -13.50
C LEU B 143 20.18 4.84 -14.64
N MET B 144 19.01 4.70 -15.29
CA MET B 144 18.89 3.78 -16.42
C MET B 144 19.63 4.30 -17.65
N GLY B 145 19.49 5.60 -17.95
CA GLY B 145 20.24 6.20 -19.02
C GLY B 145 19.44 6.96 -20.07
N ALA B 146 18.12 7.10 -19.96
CA ALA B 146 17.36 7.81 -20.97
C ALA B 146 16.03 8.27 -20.40
N TRP B 147 15.53 9.39 -20.94
CA TRP B 147 14.24 9.91 -20.54
C TRP B 147 13.07 9.01 -20.96
N GLY B 148 13.31 8.11 -21.90
CA GLY B 148 12.26 7.22 -22.37
C GLY B 148 11.75 6.23 -21.34
N HIS B 149 12.41 6.13 -20.19
CA HIS B 149 11.97 5.22 -19.14
C HIS B 149 10.87 5.80 -18.27
N GLY B 150 10.51 7.07 -18.45
CA GLY B 150 9.40 7.64 -17.71
C GLY B 150 8.06 7.13 -18.19
N PHE B 151 7.00 7.40 -17.38
CA PHE B 151 5.73 6.85 -17.84
C PHE B 151 4.96 7.89 -18.66
N PRO B 152 4.11 7.42 -19.58
CA PRO B 152 3.34 8.37 -20.40
C PRO B 152 2.22 9.03 -19.62
N TYR B 153 1.84 10.21 -20.07
CA TYR B 153 0.79 11.00 -19.41
C TYR B 153 -0.54 10.69 -20.08
N GLY B 154 -1.29 9.78 -19.49
CA GLY B 154 -2.60 9.40 -19.98
C GLY B 154 -3.33 8.60 -18.93
N ILE B 155 -4.66 8.64 -18.94
CA ILE B 155 -5.43 8.01 -17.87
C ILE B 155 -5.34 6.48 -17.97
N LEU B 156 -5.36 5.94 -19.18
CA LEU B 156 -5.30 4.50 -19.38
C LEU B 156 -3.94 4.01 -19.87
N SER B 157 -3.11 4.88 -20.46
CA SER B 157 -1.84 4.42 -21.02
C SER B 157 -0.79 4.19 -19.93
N HIS B 158 -0.80 4.97 -18.86
CA HIS B 158 0.17 4.73 -17.81
C HIS B 158 -0.11 3.43 -17.06
N LEU B 159 -1.33 2.91 -17.13
CA LEU B 159 -1.58 1.55 -16.66
C LEU B 159 -0.89 0.51 -17.54
N ASP B 160 -0.89 0.71 -18.86
CA ASP B 160 -0.12 -0.16 -19.74
C ASP B 160 1.36 -0.10 -19.42
N TRP B 161 1.88 1.09 -19.15
CA TRP B 161 3.27 1.22 -18.75
C TRP B 161 3.57 0.45 -17.47
N VAL B 162 2.70 0.56 -16.46
CA VAL B 162 2.91 -0.17 -15.22
C VAL B 162 2.90 -1.67 -15.46
N SER B 163 1.96 -2.16 -16.26
CA SER B 163 1.87 -3.59 -16.53
C SER B 163 3.12 -4.12 -17.24
N ASN B 164 3.58 -3.42 -18.28
CA ASN B 164 4.75 -3.92 -19.00
C ASN B 164 6.02 -3.82 -18.17
N VAL B 165 6.18 -2.76 -17.38
CA VAL B 165 7.32 -2.70 -16.48
C VAL B 165 7.28 -3.84 -15.46
N GLY B 166 6.08 -4.15 -14.95
CA GLY B 166 5.97 -5.24 -14.01
C GLY B 166 6.34 -6.58 -14.61
N TYR B 167 5.92 -6.83 -15.84
CA TYR B 167 6.24 -8.10 -16.48
C TYR B 167 7.63 -8.17 -17.06
N GLN B 168 8.38 -7.06 -17.07
CA GLN B 168 9.79 -7.16 -17.42
C GLN B 168 10.61 -7.99 -16.43
N PHE B 169 10.09 -8.28 -15.23
CA PHE B 169 10.80 -9.07 -14.25
C PHE B 169 10.10 -10.40 -13.95
N LEU B 170 9.14 -10.77 -14.79
CA LEU B 170 8.50 -12.08 -14.92
C LEU B 170 7.56 -12.43 -13.76
N HIS B 171 7.77 -11.81 -12.59
CA HIS B 171 6.88 -12.04 -11.45
C HIS B 171 7.19 -10.92 -10.45
N PHE B 172 6.37 -9.87 -10.45
CA PHE B 172 6.71 -8.71 -9.63
C PHE B 172 6.29 -8.87 -8.19
N HIS B 173 5.44 -9.85 -7.86
CA HIS B 173 5.03 -10.07 -6.49
C HIS B 173 6.18 -10.50 -5.58
N TYR B 174 7.24 -11.07 -6.14
CA TYR B 174 8.37 -11.58 -5.36
C TYR B 174 9.40 -10.51 -5.04
N ASN B 175 9.17 -9.27 -5.43
CA ASN B 175 9.99 -8.14 -5.01
C ASN B 175 9.79 -7.90 -3.51
N PRO B 176 10.85 -7.92 -2.68
CA PRO B 176 10.63 -7.83 -1.23
C PRO B 176 10.17 -6.46 -0.74
N ALA B 177 10.78 -5.39 -1.25
CA ALA B 177 10.32 -4.05 -0.89
C ALA B 177 8.87 -3.81 -1.32
N HIS B 178 8.46 -4.45 -2.42
CA HIS B 178 7.07 -4.42 -2.84
C HIS B 178 6.16 -5.04 -1.78
N MET B 179 6.57 -6.17 -1.21
CA MET B 179 5.79 -6.80 -0.15
C MET B 179 5.70 -5.90 1.08
N LEU B 180 6.81 -5.27 1.47
CA LEU B 180 6.77 -4.36 2.61
C LEU B 180 5.82 -3.20 2.37
N ALA B 181 5.88 -2.59 1.19
CA ALA B 181 5.00 -1.45 0.90
C ALA B 181 3.54 -1.86 0.90
N ILE B 182 3.23 -3.05 0.36
CA ILE B 182 1.84 -3.51 0.34
C ILE B 182 1.34 -3.77 1.74
N THR B 183 2.17 -4.38 2.59
CA THR B 183 1.80 -4.59 3.98
C THR B 183 1.47 -3.27 4.67
N PHE B 184 2.31 -2.25 4.46
CA PHE B 184 2.03 -0.94 5.04
C PHE B 184 0.73 -0.34 4.54
N PHE B 185 0.44 -0.45 3.23
CA PHE B 185 -0.80 0.10 2.68
C PHE B 185 -2.02 -0.56 3.31
N PHE B 186 -2.03 -1.89 3.36
CA PHE B 186 -3.18 -2.59 3.93
C PHE B 186 -3.36 -2.25 5.41
N THR B 187 -2.26 -2.20 6.17
CA THR B 187 -2.36 -1.85 7.58
C THR B 187 -2.87 -0.43 7.78
N ASN B 188 -2.46 0.50 6.92
CA ASN B 188 -2.94 1.87 7.01
C ASN B 188 -4.46 1.92 6.78
N CYS B 189 -4.95 1.20 5.78
CA CYS B 189 -6.40 1.17 5.55
C CYS B 189 -7.17 0.62 6.74
N LEU B 190 -6.66 -0.47 7.34
CA LEU B 190 -7.30 -1.03 8.53
C LEU B 190 -7.34 -0.02 9.68
N ALA B 191 -6.21 0.63 9.95
CA ALA B 191 -6.13 1.58 11.05
C ALA B 191 -7.05 2.78 10.83
N LEU B 192 -7.14 3.28 9.60
CA LEU B 192 -8.05 4.38 9.32
C LEU B 192 -9.51 3.99 9.56
N SER B 193 -9.89 2.79 9.11
CA SER B 193 -11.26 2.35 9.36
C SER B 193 -11.57 2.29 10.85
N MET B 194 -10.63 1.75 11.64
CA MET B 194 -10.88 1.65 13.08
C MET B 194 -10.94 3.02 13.76
N HIS B 195 -10.06 3.95 13.38
CA HIS B 195 -10.10 5.27 14.00
C HIS B 195 -11.42 5.98 13.71
N GLY B 196 -11.86 5.97 12.45
CA GLY B 196 -13.13 6.59 12.12
C GLY B 196 -14.30 5.94 12.84
N SER B 197 -14.32 4.60 12.87
CA SER B 197 -15.42 3.90 13.54
C SER B 197 -15.49 4.25 15.02
N LEU B 198 -14.34 4.27 15.71
CA LEU B 198 -14.38 4.55 17.14
C LEU B 198 -14.81 5.98 17.42
N ILE B 199 -14.29 6.96 16.67
CA ILE B 199 -14.69 8.34 16.95
C ILE B 199 -16.18 8.53 16.71
N LEU B 200 -16.70 7.98 15.61
CA LEU B 200 -18.13 8.13 15.34
C LEU B 200 -18.98 7.41 16.37
N SER B 201 -18.56 6.23 16.83
CA SER B 201 -19.33 5.50 17.83
C SER B 201 -19.39 6.27 19.15
N VAL B 202 -18.28 6.86 19.56
CA VAL B 202 -18.29 7.61 20.81
C VAL B 202 -19.12 8.88 20.67
N THR B 203 -19.01 9.58 19.54
CA THR B 203 -19.71 10.84 19.36
C THR B 203 -21.21 10.69 19.12
N ASN B 204 -21.65 9.53 18.64
CA ASN B 204 -23.06 9.28 18.31
C ASN B 204 -23.51 8.03 19.05
N PRO B 205 -23.83 8.16 20.34
CA PRO B 205 -24.14 6.97 21.15
C PRO B 205 -25.51 6.41 20.84
N GLN B 206 -25.92 5.39 21.61
CA GLN B 206 -27.26 4.87 21.49
C GLN B 206 -28.29 5.95 21.86
N LYS B 207 -29.53 5.73 21.43
CA LYS B 207 -30.56 6.74 21.65
C LYS B 207 -30.85 6.89 23.13
N GLY B 208 -31.09 8.13 23.55
CA GLY B 208 -31.28 8.43 24.96
C GLY B 208 -30.05 8.24 25.80
N GLU B 209 -28.87 8.54 25.25
CA GLU B 209 -27.63 8.41 25.98
C GLU B 209 -26.76 9.64 25.77
N GLU B 210 -25.88 9.88 26.72
CA GLU B 210 -24.98 11.02 26.69
C GLU B 210 -23.69 10.68 25.97
N VAL B 211 -22.94 11.71 25.61
CA VAL B 211 -21.69 11.54 24.89
C VAL B 211 -20.68 10.82 25.78
N LYS B 212 -20.00 9.83 25.21
CA LYS B 212 -19.03 9.04 25.95
C LYS B 212 -17.75 9.82 26.18
N THR B 213 -16.99 9.37 27.18
CA THR B 213 -15.80 10.06 27.64
C THR B 213 -14.54 9.43 27.04
N SER B 214 -13.38 9.86 27.51
CA SER B 214 -12.12 9.32 27.02
C SER B 214 -11.83 7.93 27.55
N GLU B 215 -12.38 7.57 28.71
CA GLU B 215 -12.14 6.24 29.26
C GLU B 215 -12.78 5.14 28.42
N HIS B 216 -13.95 5.41 27.85
CA HIS B 216 -14.62 4.42 27.02
C HIS B 216 -13.80 4.05 25.80
N GLU B 217 -13.12 5.03 25.18
CA GLU B 217 -12.31 4.76 24.01
C GLU B 217 -11.21 3.75 24.32
N ASN B 218 -10.53 3.92 25.45
CA ASN B 218 -9.46 3.00 25.82
C ASN B 218 -10.02 1.66 26.26
N THR B 219 -11.12 1.67 27.00
CA THR B 219 -11.71 0.42 27.48
C THR B 219 -12.17 -0.47 26.33
N PHE B 220 -12.73 0.14 25.28
CA PHE B 220 -13.25 -0.65 24.17
C PHE B 220 -12.16 -1.51 23.53
N PHE B 221 -11.05 -0.87 23.16
CA PHE B 221 -9.98 -1.62 22.50
C PHE B 221 -9.14 -2.43 23.47
N ARG B 222 -9.18 -2.13 24.76
CA ARG B 222 -8.55 -3.06 25.70
C ARG B 222 -9.40 -4.30 25.89
N ASP B 223 -10.73 -4.19 25.74
CA ASP B 223 -11.59 -5.36 25.87
C ASP B 223 -11.69 -6.16 24.57
N ILE B 224 -11.36 -5.57 23.42
CA ILE B 224 -11.34 -6.31 22.16
C ILE B 224 -10.01 -7.02 21.94
N VAL B 225 -8.89 -6.29 21.98
CA VAL B 225 -7.59 -6.85 21.65
C VAL B 225 -6.59 -6.75 22.80
N GLY B 226 -6.98 -6.21 23.94
CA GLY B 226 -6.08 -6.19 25.09
C GLY B 226 -5.07 -5.07 25.13
N TYR B 227 -5.19 -4.09 24.24
CA TYR B 227 -4.27 -2.95 24.25
C TYR B 227 -4.93 -1.77 23.56
N SER B 228 -4.65 -0.58 24.07
CA SER B 228 -5.12 0.67 23.48
C SER B 228 -3.94 1.62 23.35
N ILE B 229 -3.88 2.33 22.22
CA ILE B 229 -2.71 3.13 21.92
C ILE B 229 -2.84 4.61 22.31
N GLY B 230 -4.05 5.14 22.35
CA GLY B 230 -4.27 6.51 22.79
C GLY B 230 -4.72 7.42 21.66
N ALA B 231 -5.11 8.63 22.06
CA ALA B 231 -5.68 9.59 21.12
C ALA B 231 -4.61 10.22 20.22
N LEU B 232 -3.48 10.61 20.80
CA LEU B 232 -2.41 11.23 20.00
C LEU B 232 -1.62 10.17 19.23
N ALA B 233 -1.42 9.00 19.85
CA ALA B 233 -0.63 7.96 19.23
C ALA B 233 -1.30 7.35 18.01
N ILE B 234 -2.63 7.36 17.92
CA ILE B 234 -3.26 6.82 16.72
C ILE B 234 -2.96 7.70 15.50
N HIS B 235 -2.93 9.02 15.68
CA HIS B 235 -2.52 9.92 14.61
C HIS B 235 -1.04 9.80 14.28
N ARG B 236 -0.18 9.65 15.31
CA ARG B 236 1.22 9.34 15.06
C ARG B 236 1.36 8.11 14.17
N LEU B 237 0.69 7.02 14.54
CA LEU B 237 0.81 5.76 13.82
C LEU B 237 0.25 5.87 12.40
N GLY B 238 -0.87 6.58 12.23
CA GLY B 238 -1.40 6.76 10.89
C GLY B 238 -0.43 7.47 9.97
N LEU B 239 0.16 8.57 10.44
CA LEU B 239 1.17 9.26 9.64
C LEU B 239 2.36 8.36 9.34
N PHE B 240 2.83 7.60 10.34
CA PHE B 240 3.99 6.73 10.14
C PHE B 240 3.72 5.67 9.09
N LEU B 241 2.57 5.00 9.17
CA LEU B 241 2.25 3.97 8.18
C LEU B 241 2.09 4.55 6.78
N ALA B 242 1.39 5.69 6.67
CA ALA B 242 1.16 6.27 5.36
C ALA B 242 2.47 6.74 4.70
N LEU B 243 3.44 7.19 5.49
CA LEU B 243 4.71 7.60 4.89
C LEU B 243 5.63 6.41 4.62
N SER B 244 5.60 5.38 5.48
CA SER B 244 6.42 4.20 5.23
C SER B 244 5.99 3.47 3.96
N ALA B 245 4.68 3.41 3.69
CA ALA B 245 4.22 2.79 2.46
C ALA B 245 4.86 3.45 1.23
N VAL B 246 4.86 4.78 1.19
CA VAL B 246 5.40 5.49 0.04
C VAL B 246 6.92 5.36 -0.03
N PHE B 247 7.59 5.43 1.12
CA PHE B 247 9.05 5.27 1.11
C PHE B 247 9.46 3.90 0.56
N TRP B 248 8.80 2.83 1.00
CA TRP B 248 9.18 1.52 0.53
C TRP B 248 8.74 1.28 -0.92
N SER B 249 7.65 1.91 -1.37
CA SER B 249 7.32 1.82 -2.79
C SER B 249 8.38 2.50 -3.65
N ALA B 250 8.87 3.67 -3.24
CA ALA B 250 9.95 4.31 -3.97
C ALA B 250 11.20 3.45 -4.01
N VAL B 251 11.55 2.83 -2.87
CA VAL B 251 12.69 1.90 -2.86
C VAL B 251 12.45 0.74 -3.83
N CYS B 252 11.24 0.17 -3.82
CA CYS B 252 10.95 -0.99 -4.66
C CYS B 252 11.06 -0.67 -6.14
N ILE B 253 10.61 0.52 -6.55
CA ILE B 253 10.68 0.86 -7.97
C ILE B 253 12.08 1.31 -8.38
N VAL B 254 12.87 1.88 -7.47
CA VAL B 254 14.21 2.34 -7.88
C VAL B 254 15.22 1.20 -7.94
N ILE B 255 14.92 0.02 -7.40
CA ILE B 255 15.85 -1.09 -7.50
C ILE B 255 15.54 -2.02 -8.67
N SER B 256 14.40 -1.83 -9.34
CA SER B 256 14.01 -2.69 -10.45
C SER B 256 14.61 -2.13 -11.73
N GLY B 257 15.60 -2.84 -12.28
CA GLY B 257 16.38 -2.38 -13.40
C GLY B 257 17.74 -1.78 -13.08
N PRO B 258 17.79 -0.64 -12.37
CA PRO B 258 19.11 -0.12 -11.98
C PRO B 258 19.94 -1.06 -11.13
N PHE B 259 19.32 -1.77 -10.19
CA PHE B 259 20.08 -2.61 -9.26
C PHE B 259 19.75 -4.09 -9.37
N TRP B 260 18.83 -4.48 -10.24
CA TRP B 260 18.50 -5.90 -10.41
C TRP B 260 17.90 -6.06 -11.80
N THR B 261 18.50 -6.93 -12.62
CA THR B 261 18.08 -7.09 -14.01
C THR B 261 17.60 -8.50 -14.32
N ARG B 262 17.26 -9.29 -13.32
CA ARG B 262 16.76 -10.64 -13.54
C ARG B 262 15.34 -10.75 -13.00
N GLY B 263 14.82 -11.97 -13.01
CA GLY B 263 13.53 -12.21 -12.41
C GLY B 263 13.58 -12.02 -10.91
N TRP B 264 12.46 -11.59 -10.35
CA TRP B 264 12.44 -11.30 -8.92
C TRP B 264 12.43 -12.56 -8.04
N PRO B 265 11.79 -13.66 -8.43
CA PRO B 265 11.91 -14.88 -7.61
C PRO B 265 13.36 -15.33 -7.41
N GLU B 266 14.20 -15.24 -8.44
CA GLU B 266 15.58 -15.67 -8.35
C GLU B 266 16.35 -14.92 -7.26
N TRP B 267 15.94 -13.71 -6.92
CA TRP B 267 16.61 -12.96 -5.87
C TRP B 267 16.62 -13.72 -4.56
N TRP B 268 15.66 -14.61 -4.34
CA TRP B 268 15.58 -15.33 -3.07
C TRP B 268 16.55 -16.49 -2.98
N ASN B 269 17.34 -16.74 -4.04
CA ASN B 269 18.26 -17.87 -4.02
C ASN B 269 19.27 -17.82 -2.87
N TRP B 270 19.64 -16.63 -2.40
CA TRP B 270 20.55 -16.53 -1.27
C TRP B 270 20.01 -17.26 -0.05
N TRP B 271 18.69 -17.28 0.13
CA TRP B 271 18.11 -18.01 1.24
C TRP B 271 18.14 -19.51 0.99
N LEU B 272 17.93 -19.92 -0.27
CA LEU B 272 17.84 -21.34 -0.58
C LEU B 272 19.19 -22.00 -0.70
N GLU B 273 20.26 -21.22 -0.83
CA GLU B 273 21.62 -21.74 -1.00
C GLU B 273 22.44 -21.67 0.27
N LEU B 274 21.81 -21.40 1.42
CA LEU B 274 22.54 -21.40 2.68
C LEU B 274 23.01 -22.81 3.00
N PRO B 275 24.13 -22.94 3.72
CA PRO B 275 24.63 -24.28 4.06
C PRO B 275 23.84 -24.98 5.16
N LEU B 276 22.88 -24.30 5.79
CA LEU B 276 22.08 -24.95 6.83
C LEU B 276 21.23 -26.07 6.26
N TRP B 277 20.80 -25.94 5.01
CA TRP B 277 19.89 -26.91 4.41
C TRP B 277 20.29 -27.18 2.97
N PRO C 1 14.66 20.37 16.18
CA PRO C 1 14.56 21.72 16.75
C PRO C 1 13.39 21.86 17.70
N GLU C 2 12.31 22.47 17.21
CA GLU C 2 11.08 22.57 18.00
C GLU C 2 10.51 21.18 18.25
N TYR C 3 9.83 21.03 19.38
CA TYR C 3 9.27 19.74 19.76
C TYR C 3 8.18 19.34 18.77
N GLN C 4 8.40 18.24 18.05
CA GLN C 4 7.47 17.76 17.03
C GLN C 4 6.43 16.79 17.56
N ASN C 5 6.51 16.41 18.84
CA ASN C 5 5.56 15.51 19.47
C ASN C 5 5.53 14.14 18.80
N ILE C 6 6.67 13.69 18.29
CA ILE C 6 6.75 12.35 17.72
C ILE C 6 7.05 11.29 18.78
N PHE C 7 7.79 11.65 19.82
CA PHE C 7 8.11 10.75 20.91
C PHE C 7 7.86 11.45 22.24
N THR C 8 7.59 10.66 23.27
CA THR C 8 7.31 11.19 24.61
C THR C 8 8.61 11.37 25.36
N ALA C 9 8.95 12.62 25.68
CA ALA C 9 10.23 12.90 26.32
C ALA C 9 10.25 12.44 27.77
N VAL C 10 9.22 12.76 28.53
CA VAL C 10 9.13 12.40 29.95
C VAL C 10 7.82 11.66 30.19
N GLN C 11 7.90 10.51 30.84
CA GLN C 11 6.74 9.68 31.09
C GLN C 11 6.29 9.79 32.54
N VAL C 12 5.00 9.56 32.76
CA VAL C 12 4.40 9.62 34.09
C VAL C 12 3.64 8.34 34.33
N ARG C 13 3.83 7.74 35.50
CA ARG C 13 3.22 6.47 35.85
C ARG C 13 2.14 6.69 36.92
N ALA C 14 0.94 6.22 36.62
CA ALA C 14 -0.18 6.15 37.54
C ALA C 14 -0.59 4.70 37.70
N PRO C 15 -1.33 4.35 38.75
CA PRO C 15 -1.79 2.97 38.91
C PRO C 15 -2.62 2.51 37.72
N ALA C 16 -2.71 1.19 37.58
CA ALA C 16 -3.40 0.59 36.45
C ALA C 16 -4.89 0.92 36.50
N TYR C 17 -5.50 0.97 35.31
CA TYR C 17 -6.92 1.28 35.18
C TYR C 17 -7.68 0.03 34.77
N PRO C 18 -8.49 -0.55 35.64
CA PRO C 18 -9.22 -1.79 35.29
C PRO C 18 -10.17 -1.62 34.11
N GLY C 19 -10.79 -0.45 33.97
CA GLY C 19 -11.77 -0.21 32.94
C GLY C 19 -13.13 0.18 33.50
N VAL C 20 -13.96 0.70 32.62
CA VAL C 20 -15.33 1.08 33.00
C VAL C 20 -16.07 -0.16 33.47
N PRO C 21 -16.81 -0.11 34.57
CA PRO C 21 -17.50 -1.31 35.06
C PRO C 21 -18.49 -1.86 34.03
N LEU C 22 -18.54 -3.17 33.94
CA LEU C 22 -19.50 -3.81 33.06
C LEU C 22 -20.82 -4.05 33.81
N PRO C 23 -21.94 -4.15 33.09
CA PRO C 23 -23.22 -4.44 33.76
C PRO C 23 -23.26 -5.85 34.36
N LYS C 24 -24.37 -6.19 35.00
CA LYS C 24 -24.51 -7.49 35.64
C LYS C 24 -24.61 -8.59 34.60
N GLY C 25 -24.14 -9.78 34.99
CA GLY C 25 -24.13 -10.91 34.09
C GLY C 25 -22.93 -10.99 33.17
N HIS C 26 -21.82 -10.33 33.52
CA HIS C 26 -20.60 -10.37 32.74
C HIS C 26 -19.48 -11.00 33.55
N LEU C 27 -18.60 -11.71 32.87
CA LEU C 27 -17.43 -12.29 33.52
C LEU C 27 -16.41 -11.19 33.84
N PRO C 28 -15.60 -11.38 34.88
CA PRO C 28 -14.52 -10.43 35.15
C PRO C 28 -13.43 -10.50 34.10
N ARG C 29 -12.75 -9.38 33.91
CA ARG C 29 -11.63 -9.32 32.97
C ARG C 29 -10.45 -10.12 33.52
N ILE C 30 -9.70 -10.75 32.61
CA ILE C 30 -8.60 -11.62 32.99
C ILE C 30 -7.28 -10.89 32.78
N GLY C 31 -6.29 -11.23 33.61
CA GLY C 31 -4.96 -10.66 33.51
C GLY C 31 -4.78 -9.43 34.36
N ARG C 32 -3.53 -9.23 34.82
CA ARG C 32 -3.15 -8.03 35.55
C ARG C 32 -2.28 -7.15 34.66
N PRO C 33 -2.63 -5.87 34.49
CA PRO C 33 -1.88 -5.03 33.54
C PRO C 33 -0.46 -4.75 34.01
N ILE C 34 0.43 -4.59 33.04
CA ILE C 34 1.83 -4.26 33.28
C ILE C 34 2.23 -3.13 32.33
N PHE C 35 3.35 -2.48 32.65
CA PHE C 35 3.80 -1.30 31.95
C PHE C 35 5.12 -1.58 31.22
N SER C 36 5.24 -1.05 30.01
CA SER C 36 6.43 -1.21 29.17
C SER C 36 7.02 0.17 28.91
N TYR C 37 8.29 0.36 29.24
CA TYR C 37 8.90 1.69 29.12
C TYR C 37 9.10 2.08 27.66
N TRP C 38 9.66 1.17 26.85
CA TRP C 38 9.92 1.51 25.46
C TRP C 38 8.62 1.65 24.67
N LEU C 39 7.60 0.87 25.01
CA LEU C 39 6.30 1.02 24.38
C LEU C 39 5.64 2.34 24.73
N GLY C 40 6.02 2.95 25.85
CA GLY C 40 5.45 4.22 26.26
C GLY C 40 6.02 5.44 25.59
N LYS C 41 7.08 5.29 24.80
CA LYS C 41 7.63 6.41 24.06
C LYS C 41 6.82 6.75 22.83
N ILE C 42 5.99 5.84 22.34
CA ILE C 42 5.17 6.09 21.17
C ILE C 42 3.68 6.09 21.48
N GLY C 43 3.23 5.44 22.54
CA GLY C 43 1.83 5.39 22.86
C GLY C 43 1.61 5.16 24.33
N ASP C 44 0.51 4.49 24.65
CA ASP C 44 0.19 4.16 26.03
C ASP C 44 1.02 2.98 26.49
N ALA C 45 1.62 3.10 27.68
CA ALA C 45 2.48 2.05 28.23
C ALA C 45 1.72 1.12 29.17
N GLN C 46 0.57 0.61 28.75
CA GLN C 46 -0.17 -0.35 29.59
C GLN C 46 -0.76 -1.43 28.71
N ILE C 47 -0.52 -2.68 29.08
CA ILE C 47 -0.97 -3.84 28.32
C ILE C 47 -1.88 -4.68 29.21
N GLY C 48 -3.07 -4.97 28.70
CA GLY C 48 -4.06 -5.69 29.48
C GLY C 48 -4.89 -4.77 30.34
N PRO C 49 -5.99 -5.29 30.91
CA PRO C 49 -6.46 -6.67 30.76
C PRO C 49 -7.27 -6.88 29.48
N ILE C 50 -7.87 -8.06 29.34
CA ILE C 50 -8.71 -8.38 28.19
C ILE C 50 -9.99 -9.04 28.72
N TYR C 51 -11.05 -8.93 27.92
CA TYR C 51 -12.32 -9.59 28.22
C TYR C 51 -12.47 -10.80 27.31
N LEU C 52 -12.82 -11.94 27.89
CA LEU C 52 -13.00 -13.18 27.14
C LEU C 52 -14.31 -13.83 27.58
N GLY C 53 -15.32 -13.77 26.73
CA GLY C 53 -16.60 -14.40 26.97
C GLY C 53 -16.69 -15.78 26.36
N PHE C 54 -17.90 -16.14 25.96
CA PHE C 54 -18.13 -17.43 25.33
C PHE C 54 -17.89 -17.38 23.82
N THR C 55 -18.34 -16.31 23.16
CA THR C 55 -18.07 -16.14 21.75
C THR C 55 -16.58 -16.06 21.48
N GLY C 56 -15.84 -15.35 22.34
CA GLY C 56 -14.40 -15.27 22.21
C GLY C 56 -13.68 -16.59 22.39
N THR C 57 -14.20 -17.47 23.25
CA THR C 57 -13.60 -18.79 23.41
C THR C 57 -13.87 -19.67 22.20
N LEU C 58 -15.11 -19.64 21.70
CA LEU C 58 -15.43 -20.43 20.51
C LEU C 58 -14.62 -19.97 19.29
N SER C 59 -14.44 -18.67 19.11
CA SER C 59 -13.62 -18.19 18.00
C SER C 59 -12.20 -18.73 18.10
N ILE C 60 -11.63 -18.71 19.31
CA ILE C 60 -10.27 -19.20 19.49
C ILE C 60 -10.17 -20.67 19.12
N ILE C 61 -11.12 -21.48 19.58
CA ILE C 61 -11.06 -22.91 19.31
C ILE C 61 -11.15 -23.18 17.81
N PHE C 62 -12.14 -22.56 17.14
CA PHE C 62 -12.30 -22.79 15.70
C PHE C 62 -11.07 -22.36 14.92
N GLY C 63 -10.55 -21.16 15.22
CA GLY C 63 -9.40 -20.66 14.49
C GLY C 63 -8.15 -21.50 14.70
N PHE C 64 -7.92 -21.95 15.94
CA PHE C 64 -6.75 -22.79 16.17
C PHE C 64 -6.86 -24.12 15.45
N ILE C 65 -8.06 -24.71 15.39
CA ILE C 65 -8.21 -25.95 14.63
C ILE C 65 -7.88 -25.71 13.16
N ALA C 66 -8.40 -24.62 12.59
CA ALA C 66 -8.13 -24.35 11.17
C ALA C 66 -6.63 -24.18 10.92
N ILE C 67 -5.96 -23.39 11.77
CA ILE C 67 -4.54 -23.13 11.55
C ILE C 67 -3.72 -24.40 11.75
N PHE C 68 -4.11 -25.25 12.70
CA PHE C 68 -3.41 -26.52 12.89
C PHE C 68 -3.54 -27.41 11.66
N ILE C 69 -4.73 -27.46 11.04
CA ILE C 69 -4.88 -28.25 9.83
C ILE C 69 -3.97 -27.73 8.72
N ILE C 70 -3.95 -26.40 8.54
CA ILE C 70 -3.11 -25.82 7.50
C ILE C 70 -1.64 -26.18 7.72
N GLY C 71 -1.17 -26.02 8.96
CA GLY C 71 0.23 -26.31 9.24
C GLY C 71 0.57 -27.78 9.10
N PHE C 72 -0.34 -28.65 9.51
CA PHE C 72 -0.10 -30.09 9.36
C PHE C 72 0.03 -30.47 7.89
N ASN C 73 -0.81 -29.92 7.03
CA ASN C 73 -0.69 -30.23 5.61
C ASN C 73 0.59 -29.66 5.01
N MET C 74 0.99 -28.46 5.44
CA MET C 74 2.27 -27.93 4.98
C MET C 74 3.43 -28.82 5.39
N LEU C 75 3.40 -29.36 6.61
CA LEU C 75 4.44 -30.28 7.04
C LEU C 75 4.40 -31.60 6.27
N ALA C 76 3.21 -32.12 5.99
CA ALA C 76 3.11 -33.37 5.25
C ALA C 76 3.60 -33.22 3.82
N SER C 77 3.48 -32.03 3.24
CA SER C 77 3.92 -31.84 1.86
C SER C 77 5.43 -31.98 1.67
N VAL C 78 6.22 -31.97 2.73
CA VAL C 78 7.67 -32.15 2.63
C VAL C 78 8.12 -33.46 3.30
N ASP C 79 7.19 -34.38 3.55
CA ASP C 79 7.48 -35.71 4.08
C ASP C 79 8.11 -35.65 5.47
N TRP C 80 7.51 -34.83 6.34
CA TRP C 80 7.85 -34.75 7.76
C TRP C 80 9.28 -34.29 8.03
N ASN C 81 9.92 -33.61 7.09
CA ASN C 81 11.27 -33.09 7.32
C ASN C 81 11.16 -31.66 7.83
N ILE C 82 11.43 -31.48 9.12
CA ILE C 82 11.23 -30.17 9.76
C ILE C 82 12.24 -29.14 9.24
N ILE C 83 13.47 -29.57 8.96
CA ILE C 83 14.47 -28.66 8.41
C ILE C 83 14.05 -28.19 7.02
N GLN C 84 13.66 -29.13 6.16
CA GLN C 84 13.12 -28.76 4.86
C GLN C 84 11.84 -27.95 4.99
N PHE C 85 11.08 -28.14 6.07
CA PHE C 85 9.92 -27.30 6.31
C PHE C 85 10.33 -25.85 6.54
N VAL C 86 11.39 -25.64 7.32
CA VAL C 86 11.87 -24.28 7.55
C VAL C 86 12.44 -23.69 6.26
N LYS C 87 13.15 -24.50 5.47
CA LYS C 87 13.74 -23.98 4.24
C LYS C 87 12.70 -23.50 3.24
N HIS C 88 11.62 -24.26 3.06
CA HIS C 88 10.65 -24.00 2.01
C HIS C 88 9.38 -23.32 2.52
N PHE C 89 9.42 -22.73 3.72
CA PHE C 89 8.20 -22.35 4.40
C PHE C 89 7.35 -21.38 3.60
N PHE C 90 7.99 -20.39 2.95
CA PHE C 90 7.24 -19.39 2.19
C PHE C 90 6.64 -19.95 0.93
N TRP C 91 7.16 -21.07 0.42
CA TRP C 91 6.68 -21.65 -0.83
C TRP C 91 5.62 -22.72 -0.62
N LEU C 92 5.46 -23.24 0.59
CA LEU C 92 4.51 -24.30 0.87
C LEU C 92 3.08 -23.75 0.95
N GLY C 93 2.12 -24.64 0.76
CA GLY C 93 0.72 -24.23 0.85
C GLY C 93 -0.21 -25.43 0.87
N LEU C 94 -1.45 -25.15 1.27
CA LEU C 94 -2.56 -26.09 1.18
C LEU C 94 -3.53 -25.55 0.13
N GLU C 95 -3.91 -26.40 -0.82
CA GLU C 95 -4.53 -25.92 -2.04
C GLU C 95 -5.89 -26.57 -2.30
N PRO C 96 -6.74 -25.91 -3.08
CA PRO C 96 -8.14 -26.35 -3.21
C PRO C 96 -8.26 -27.65 -3.99
N PRO C 97 -9.46 -28.24 -4.04
CA PRO C 97 -9.64 -29.47 -4.82
C PRO C 97 -9.44 -29.23 -6.31
N ALA C 98 -9.27 -30.34 -7.02
CA ALA C 98 -9.03 -30.30 -8.45
C ALA C 98 -10.30 -29.90 -9.21
N PRO C 99 -10.16 -29.32 -10.40
CA PRO C 99 -11.35 -28.86 -11.14
C PRO C 99 -12.28 -29.97 -11.59
N GLN C 100 -11.87 -31.22 -11.52
CA GLN C 100 -12.70 -32.33 -11.99
C GLN C 100 -13.69 -32.82 -10.93
N TYR C 101 -13.82 -32.12 -9.80
CA TYR C 101 -14.76 -32.49 -8.77
C TYR C 101 -15.97 -31.57 -8.66
N GLY C 102 -15.92 -30.38 -9.26
CA GLY C 102 -17.02 -29.45 -9.11
C GLY C 102 -17.15 -29.00 -7.66
N LEU C 103 -18.36 -29.12 -7.12
CA LEU C 103 -18.66 -28.73 -5.74
C LEU C 103 -18.86 -29.95 -4.84
N SER C 104 -18.21 -31.06 -5.16
CA SER C 104 -18.31 -32.26 -4.35
C SER C 104 -17.16 -32.31 -3.34
N ILE C 105 -17.15 -33.36 -2.51
CA ILE C 105 -16.15 -33.52 -1.46
C ILE C 105 -15.12 -34.53 -1.96
N PRO C 106 -13.87 -34.11 -2.19
CA PRO C 106 -12.85 -35.06 -2.61
C PRO C 106 -12.21 -35.76 -1.43
N PRO C 107 -11.30 -36.71 -1.66
CA PRO C 107 -10.55 -37.29 -0.54
C PRO C 107 -9.74 -36.25 0.20
N LEU C 108 -9.17 -36.67 1.34
CA LEU C 108 -8.44 -35.75 2.20
C LEU C 108 -7.22 -35.17 1.50
N SER C 109 -6.40 -36.02 0.89
CA SER C 109 -5.20 -35.55 0.24
C SER C 109 -5.47 -34.76 -1.02
N GLU C 110 -6.71 -34.76 -1.51
CA GLU C 110 -7.06 -34.10 -2.77
C GLU C 110 -8.05 -32.96 -2.57
N GLY C 111 -8.10 -32.37 -1.39
CA GLY C 111 -8.88 -31.17 -1.17
C GLY C 111 -9.90 -31.23 -0.05
N GLY C 112 -10.03 -32.34 0.67
CA GLY C 112 -10.91 -32.36 1.83
C GLY C 112 -10.41 -31.51 2.97
N TRP C 113 -9.10 -31.56 3.23
CA TRP C 113 -8.52 -30.74 4.30
C TRP C 113 -8.72 -29.26 4.01
N TRP C 114 -8.60 -28.85 2.75
CA TRP C 114 -8.83 -27.45 2.40
C TRP C 114 -10.25 -27.02 2.73
N LEU C 115 -11.24 -27.86 2.40
CA LEU C 115 -12.62 -27.54 2.70
C LEU C 115 -12.87 -27.42 4.20
N MET C 116 -12.32 -28.36 4.98
CA MET C 116 -12.50 -28.31 6.43
C MET C 116 -11.83 -27.08 7.04
N ALA C 117 -10.63 -26.75 6.59
CA ALA C 117 -9.94 -25.56 7.10
C ALA C 117 -10.71 -24.31 6.75
N GLY C 118 -11.22 -24.20 5.52
CA GLY C 118 -12.01 -23.04 5.15
C GLY C 118 -13.27 -22.90 5.97
N PHE C 119 -13.99 -24.00 6.20
CA PHE C 119 -15.19 -23.95 7.02
C PHE C 119 -14.89 -23.46 8.43
N PHE C 120 -13.86 -24.03 9.06
CA PHE C 120 -13.55 -23.65 10.44
C PHE C 120 -13.07 -22.21 10.53
N LEU C 121 -12.25 -21.76 9.57
CA LEU C 121 -11.81 -20.37 9.58
C LEU C 121 -12.98 -19.41 9.41
N THR C 122 -13.91 -19.74 8.52
CA THR C 122 -15.09 -18.89 8.34
C THR C 122 -15.92 -18.82 9.63
N MET C 123 -16.09 -19.96 10.30
CA MET C 123 -16.81 -19.96 11.57
C MET C 123 -16.14 -19.06 12.60
N SER C 124 -14.81 -19.14 12.71
CA SER C 124 -14.11 -18.29 13.67
C SER C 124 -14.26 -16.81 13.34
N ILE C 125 -14.20 -16.46 12.06
CA ILE C 125 -14.35 -15.05 11.68
C ILE C 125 -15.75 -14.54 12.02
N ILE C 126 -16.77 -15.34 11.75
CA ILE C 126 -18.14 -14.92 12.08
C ILE C 126 -18.30 -14.74 13.59
N LEU C 127 -17.76 -15.67 14.37
CA LEU C 127 -17.86 -15.55 15.82
C LEU C 127 -17.12 -14.31 16.33
N TRP C 128 -15.97 -13.98 15.75
CA TRP C 128 -15.28 -12.76 16.14
C TRP C 128 -16.09 -11.51 15.79
N TRP C 129 -16.80 -11.52 14.66
CA TRP C 129 -17.68 -10.40 14.36
C TRP C 129 -18.77 -10.24 15.42
N VAL C 130 -19.37 -11.36 15.83
CA VAL C 130 -20.38 -11.29 16.89
C VAL C 130 -19.77 -10.75 18.18
N ARG C 131 -18.54 -11.13 18.48
CA ARG C 131 -17.86 -10.63 19.67
C ARG C 131 -17.69 -9.11 19.62
N THR C 132 -17.26 -8.58 18.46
CA THR C 132 -17.11 -7.13 18.34
C THR C 132 -18.44 -6.41 18.50
N TYR C 133 -19.52 -6.95 17.92
CA TYR C 133 -20.83 -6.34 18.10
C TYR C 133 -21.23 -6.32 19.58
N LYS C 134 -21.06 -7.44 20.28
CA LYS C 134 -21.45 -7.51 21.69
C LYS C 134 -20.65 -6.55 22.55
N ARG C 135 -19.34 -6.45 22.31
CA ARG C 135 -18.54 -5.53 23.10
C ARG C 135 -18.87 -4.08 22.80
N ALA C 136 -19.21 -3.75 21.55
CA ALA C 136 -19.67 -2.39 21.27
C ALA C 136 -20.96 -2.08 22.03
N GLU C 137 -21.90 -3.03 22.05
CA GLU C 137 -23.17 -2.75 22.71
C GLU C 137 -23.11 -2.80 24.22
N ALA C 138 -22.09 -3.46 24.80
CA ALA C 138 -22.04 -3.56 26.26
C ALA C 138 -21.71 -2.22 26.91
N LEU C 139 -20.97 -1.35 26.22
CA LEU C 139 -20.57 -0.06 26.76
C LEU C 139 -21.49 1.09 26.36
N GLY C 140 -22.58 0.81 25.64
CA GLY C 140 -23.49 1.85 25.22
C GLY C 140 -23.11 2.58 23.95
N MET C 141 -22.10 2.11 23.23
CA MET C 141 -21.65 2.75 22.00
C MET C 141 -22.46 2.27 20.80
N SER C 142 -22.22 2.90 19.65
CA SER C 142 -22.86 2.51 18.41
C SER C 142 -22.06 1.41 17.72
N GLN C 143 -22.48 1.05 16.51
CA GLN C 143 -22.04 -0.17 15.85
C GLN C 143 -21.35 0.09 14.51
N HIS C 144 -20.59 1.19 14.40
CA HIS C 144 -19.89 1.48 13.16
C HIS C 144 -18.81 0.43 12.86
N LEU C 145 -18.08 0.01 13.91
CA LEU C 145 -16.99 -0.93 13.73
C LEU C 145 -17.49 -2.28 13.21
N SER C 146 -18.64 -2.75 13.72
CA SER C 146 -19.16 -4.02 13.24
C SER C 146 -19.63 -3.92 11.79
N TRP C 147 -20.14 -2.77 11.37
CA TRP C 147 -20.50 -2.59 9.96
C TRP C 147 -19.28 -2.62 9.05
N ALA C 148 -18.20 -1.95 9.46
CA ALA C 148 -16.97 -2.00 8.66
C ALA C 148 -16.40 -3.41 8.61
N PHE C 149 -16.42 -4.14 9.72
CA PHE C 149 -16.00 -5.52 9.72
C PHE C 149 -16.90 -6.38 8.85
N ALA C 150 -18.20 -6.08 8.81
CA ALA C 150 -19.11 -6.81 7.94
C ALA C 150 -18.76 -6.61 6.47
N ALA C 151 -18.37 -5.40 6.09
CA ALA C 151 -17.91 -5.17 4.72
C ALA C 151 -16.65 -5.97 4.40
N ALA C 152 -15.69 -5.99 5.34
CA ALA C 152 -14.49 -6.81 5.12
C ALA C 152 -14.85 -8.29 4.96
N ILE C 153 -15.75 -8.79 5.81
CA ILE C 153 -16.17 -10.19 5.73
C ILE C 153 -16.89 -10.46 4.41
N PHE C 154 -17.66 -9.50 3.91
CA PHE C 154 -18.32 -9.66 2.62
C PHE C 154 -17.30 -9.87 1.51
N PHE C 155 -16.26 -9.04 1.49
CA PHE C 155 -15.22 -9.24 0.48
C PHE C 155 -14.52 -10.59 0.65
N TYR C 156 -14.24 -10.98 1.89
CA TYR C 156 -13.58 -12.26 2.13
C TYR C 156 -14.43 -13.44 1.64
N LEU C 157 -15.74 -13.40 1.90
CA LEU C 157 -16.61 -14.48 1.47
C LEU C 157 -16.81 -14.48 -0.04
N SER C 158 -16.84 -13.31 -0.68
CA SER C 158 -16.87 -13.27 -2.14
C SER C 158 -15.62 -13.91 -2.71
N LEU C 159 -14.46 -13.63 -2.11
CA LEU C 159 -13.21 -14.18 -2.60
C LEU C 159 -13.17 -15.69 -2.46
N GLY C 160 -13.66 -16.22 -1.34
CA GLY C 160 -13.46 -17.63 -1.08
C GLY C 160 -14.64 -18.57 -1.26
N PHE C 161 -15.87 -18.09 -1.13
CA PHE C 161 -17.03 -18.96 -1.13
C PHE C 161 -18.04 -18.67 -2.22
N ILE C 162 -18.51 -17.42 -2.34
CA ILE C 162 -19.65 -17.12 -3.20
C ILE C 162 -19.30 -17.34 -4.67
N ARG C 163 -18.16 -16.80 -5.10
CA ARG C 163 -17.76 -16.92 -6.51
C ARG C 163 -17.51 -18.37 -6.92
N PRO C 164 -16.81 -19.21 -6.15
CA PRO C 164 -16.69 -20.62 -6.55
C PRO C 164 -18.03 -21.33 -6.69
N VAL C 165 -19.00 -21.04 -5.82
CA VAL C 165 -20.31 -21.66 -5.93
C VAL C 165 -21.02 -21.18 -7.19
N MET C 166 -20.89 -19.89 -7.51
CA MET C 166 -21.48 -19.38 -8.75
C MET C 166 -20.84 -20.01 -9.98
N MET C 167 -19.52 -20.18 -9.97
CA MET C 167 -18.83 -20.81 -11.08
C MET C 167 -19.00 -22.32 -11.11
N GLY C 168 -19.38 -22.92 -9.98
CA GLY C 168 -19.65 -24.35 -9.96
C GLY C 168 -18.44 -25.25 -9.74
N SER C 169 -17.39 -24.75 -9.11
CA SER C 169 -16.21 -25.57 -8.87
C SER C 169 -15.39 -24.96 -7.74
N TRP C 170 -14.75 -25.83 -6.95
CA TRP C 170 -13.89 -25.37 -5.86
C TRP C 170 -12.51 -24.96 -6.32
N ALA C 171 -12.11 -25.33 -7.55
CA ALA C 171 -10.77 -25.01 -8.03
C ALA C 171 -10.57 -23.52 -8.29
N GLU C 172 -11.63 -22.73 -8.24
CA GLU C 172 -11.54 -21.29 -8.43
C GLU C 172 -11.15 -20.54 -7.17
N ALA C 173 -10.99 -21.23 -6.05
CA ALA C 173 -10.71 -20.59 -4.77
C ALA C 173 -9.21 -20.47 -4.54
N VAL C 174 -8.86 -19.66 -3.55
CA VAL C 174 -7.47 -19.28 -3.28
C VAL C 174 -6.82 -20.25 -2.31
N PRO C 175 -5.54 -20.61 -2.50
CA PRO C 175 -4.87 -21.54 -1.59
C PRO C 175 -4.45 -20.86 -0.29
N PHE C 176 -4.04 -21.69 0.66
CA PHE C 176 -3.52 -21.22 1.95
C PHE C 176 -1.99 -21.25 1.89
N GLY C 177 -1.38 -20.12 1.56
CA GLY C 177 0.07 -20.05 1.49
C GLY C 177 0.52 -18.64 1.21
N ILE C 178 1.80 -18.40 1.43
CA ILE C 178 2.36 -17.07 1.22
C ILE C 178 2.59 -16.80 -0.27
N PHE C 179 3.48 -17.56 -0.88
CA PHE C 179 3.74 -17.44 -2.31
C PHE C 179 2.64 -18.09 -3.16
N PRO C 180 2.05 -19.22 -2.71
CA PRO C 180 0.90 -19.75 -3.46
C PRO C 180 -0.25 -18.77 -3.68
N HIS C 181 -0.60 -17.94 -2.69
CA HIS C 181 -1.74 -17.07 -2.90
C HIS C 181 -1.40 -15.84 -3.74
N LEU C 182 -0.13 -15.42 -3.75
CA LEU C 182 0.33 -14.47 -4.75
C LEU C 182 0.30 -15.05 -6.16
N ASP C 183 0.67 -16.33 -6.31
CA ASP C 183 0.54 -16.98 -7.61
C ASP C 183 -0.91 -17.03 -8.06
N TRP C 184 -1.82 -17.31 -7.13
CA TRP C 184 -3.25 -17.27 -7.47
C TRP C 184 -3.66 -15.88 -7.94
N THR C 185 -3.19 -14.84 -7.25
CA THR C 185 -3.54 -13.47 -7.62
C THR C 185 -3.06 -13.14 -9.03
N ALA C 186 -1.84 -13.57 -9.38
CA ALA C 186 -1.32 -13.32 -10.72
C ALA C 186 -2.09 -14.10 -11.78
N ALA C 187 -2.36 -15.38 -11.51
CA ALA C 187 -3.04 -16.22 -12.49
C ALA C 187 -4.48 -15.77 -12.73
N PHE C 188 -5.14 -15.24 -11.69
CA PHE C 188 -6.50 -14.72 -11.86
C PHE C 188 -6.52 -13.57 -12.86
N SER C 189 -5.57 -12.65 -12.75
CA SER C 189 -5.49 -11.56 -13.71
C SER C 189 -5.16 -12.06 -15.10
N ILE C 190 -4.22 -12.99 -15.22
CA ILE C 190 -3.83 -13.47 -16.54
C ILE C 190 -4.99 -14.16 -17.24
N ARG C 191 -5.73 -15.00 -16.51
CA ARG C 191 -6.78 -15.81 -17.12
C ARG C 191 -7.94 -14.97 -17.64
N TYR C 192 -8.27 -13.86 -16.97
CA TYR C 192 -9.45 -13.08 -17.32
C TYR C 192 -9.09 -11.79 -18.05
N GLY C 193 -7.94 -11.74 -18.70
CA GLY C 193 -7.60 -10.63 -19.57
C GLY C 193 -7.33 -9.30 -18.91
N ASN C 194 -6.23 -9.19 -18.15
CA ASN C 194 -5.73 -7.89 -17.70
C ASN C 194 -6.70 -7.12 -16.82
N LEU C 195 -6.84 -7.53 -15.56
CA LEU C 195 -7.74 -6.91 -14.59
C LEU C 195 -7.55 -5.40 -14.41
N TYR C 196 -6.50 -4.81 -15.00
CA TYR C 196 -6.37 -3.36 -14.98
C TYR C 196 -7.56 -2.67 -15.63
N TYR C 197 -8.25 -3.36 -16.54
CA TYR C 197 -9.36 -2.79 -17.28
C TYR C 197 -10.71 -3.08 -16.65
N ASN C 198 -10.73 -3.64 -15.45
CA ASN C 198 -11.96 -3.78 -14.67
C ASN C 198 -12.26 -2.45 -13.98
N PRO C 199 -13.38 -1.79 -14.28
CA PRO C 199 -13.65 -0.47 -13.68
C PRO C 199 -13.83 -0.50 -12.16
N PHE C 200 -14.34 -1.57 -11.59
CA PHE C 200 -14.41 -1.67 -10.14
C PHE C 200 -13.04 -1.88 -9.50
N HIS C 201 -12.12 -2.54 -10.20
CA HIS C 201 -10.73 -2.56 -9.77
C HIS C 201 -10.15 -1.15 -9.75
N MET C 202 -10.46 -0.34 -10.76
CA MET C 202 -10.01 1.05 -10.78
C MET C 202 -10.57 1.83 -9.61
N LEU C 203 -11.87 1.68 -9.32
CA LEU C 203 -12.47 2.37 -8.18
C LEU C 203 -11.84 1.93 -6.87
N SER C 204 -11.60 0.64 -6.71
CA SER C 204 -11.01 0.13 -5.48
C SER C 204 -9.59 0.69 -5.28
N ILE C 205 -8.80 0.75 -6.35
CA ILE C 205 -7.46 1.31 -6.25
C ILE C 205 -7.52 2.79 -5.90
N ALA C 206 -8.48 3.51 -6.49
CA ALA C 206 -8.67 4.92 -6.16
C ALA C 206 -8.96 5.09 -4.68
N PHE C 207 -9.82 4.23 -4.12
CA PHE C 207 -10.17 4.35 -2.70
C PHE C 207 -9.03 3.95 -1.79
N LEU C 208 -8.18 3.00 -2.20
CA LEU C 208 -7.01 2.68 -1.39
C LEU C 208 -6.01 3.84 -1.36
N TYR C 209 -5.71 4.41 -2.53
CA TYR C 209 -4.84 5.59 -2.55
C TYR C 209 -5.45 6.72 -1.75
N GLY C 210 -6.78 6.89 -1.82
CA GLY C 210 -7.46 7.90 -1.05
C GLY C 210 -7.42 7.67 0.44
N SER C 211 -7.47 6.42 0.89
CA SER C 211 -7.31 6.13 2.31
C SER C 211 -5.92 6.50 2.79
N ALA C 212 -4.89 6.17 2.00
CA ALA C 212 -3.54 6.57 2.39
C ALA C 212 -3.40 8.08 2.45
N LEU C 213 -3.93 8.78 1.44
CA LEU C 213 -3.87 10.24 1.42
C LEU C 213 -4.62 10.86 2.60
N LEU C 214 -5.81 10.35 2.90
CA LEU C 214 -6.62 10.90 3.99
C LEU C 214 -5.96 10.67 5.34
N PHE C 215 -5.43 9.47 5.57
CA PHE C 215 -4.74 9.25 6.84
C PHE C 215 -3.48 10.10 6.99
N ALA C 216 -2.69 10.26 5.92
CA ALA C 216 -1.57 11.18 6.01
C ALA C 216 -1.99 12.61 6.32
N MET C 217 -3.02 13.12 5.63
CA MET C 217 -3.48 14.48 5.88
C MET C 217 -4.00 14.65 7.30
N HIS C 218 -4.83 13.71 7.77
CA HIS C 218 -5.42 13.84 9.10
C HIS C 218 -4.37 13.73 10.20
N GLY C 219 -3.44 12.77 10.07
CA GLY C 219 -2.39 12.64 11.05
C GLY C 219 -1.51 13.87 11.13
N ALA C 220 -1.07 14.38 9.97
CA ALA C 220 -0.25 15.59 9.97
C ALA C 220 -1.02 16.78 10.53
N THR C 221 -2.31 16.89 10.21
CA THR C 221 -3.10 18.02 10.71
C THR C 221 -3.23 17.98 12.23
N ILE C 222 -3.54 16.80 12.79
CA ILE C 222 -3.70 16.71 14.24
C ILE C 222 -2.37 16.91 14.95
N LEU C 223 -1.28 16.40 14.37
CA LEU C 223 0.02 16.62 14.99
C LEU C 223 0.46 18.07 14.90
N ALA C 224 0.02 18.80 13.87
CA ALA C 224 0.43 20.19 13.74
C ALA C 224 -0.25 21.10 14.75
N VAL C 225 -1.50 20.80 15.13
CA VAL C 225 -2.25 21.65 16.05
C VAL C 225 -2.33 21.04 17.44
N SER C 226 -1.51 20.04 17.75
CA SER C 226 -1.55 19.42 19.06
C SER C 226 -0.95 20.31 20.15
N ARG C 227 -0.25 21.38 19.79
CA ARG C 227 0.21 22.35 20.78
C ARG C 227 -0.94 23.17 21.35
N PHE C 228 -2.12 23.12 20.73
CA PHE C 228 -3.32 23.80 21.23
C PHE C 228 -4.28 22.83 21.90
N GLY C 229 -3.88 21.59 22.13
CA GLY C 229 -4.77 20.59 22.67
C GLY C 229 -5.64 19.91 21.63
N GLY C 230 -5.16 19.78 20.40
CA GLY C 230 -5.98 19.26 19.32
C GLY C 230 -6.17 17.76 19.34
N ASP C 231 -5.33 17.03 20.07
CA ASP C 231 -5.45 15.57 20.09
C ASP C 231 -6.69 15.13 20.85
N ARG C 232 -7.23 15.97 21.75
CA ARG C 232 -8.46 15.66 22.47
C ARG C 232 -9.64 16.03 21.57
N GLU C 233 -9.94 15.11 20.64
CA GLU C 233 -10.88 15.40 19.58
C GLU C 233 -12.32 15.50 20.08
N ILE C 234 -12.68 14.75 21.12
CA ILE C 234 -14.05 14.77 21.62
C ILE C 234 -14.41 16.15 22.17
N ASP C 235 -13.51 16.74 22.95
CA ASP C 235 -13.74 18.08 23.48
C ASP C 235 -13.88 19.10 22.36
N GLN C 236 -13.02 19.02 21.35
CA GLN C 236 -13.12 19.91 20.20
C GLN C 236 -14.44 19.72 19.45
N ILE C 237 -14.95 18.49 19.41
CA ILE C 237 -16.23 18.25 18.74
C ILE C 237 -17.38 18.87 19.52
N THR C 238 -17.37 18.70 20.84
CA THR C 238 -18.44 19.27 21.66
C THR C 238 -18.20 20.72 22.05
N ASP C 239 -16.98 21.24 21.88
CA ASP C 239 -16.69 22.63 22.24
C ASP C 239 -15.50 23.06 21.41
N ARG C 240 -15.75 23.79 20.33
CA ARG C 240 -14.74 24.08 19.32
C ARG C 240 -13.75 25.11 19.84
N GLY C 241 -12.47 24.72 19.93
CA GLY C 241 -11.40 25.61 20.31
C GLY C 241 -10.55 26.04 19.13
N THR C 242 -9.37 26.57 19.46
CA THR C 242 -8.49 27.08 18.41
C THR C 242 -7.92 25.97 17.54
N ALA C 243 -7.76 24.76 18.08
CA ALA C 243 -7.22 23.67 17.28
C ALA C 243 -8.11 23.37 16.07
N ALA C 244 -9.41 23.17 16.30
CA ALA C 244 -10.33 22.88 15.21
C ALA C 244 -10.44 24.05 14.24
N GLU C 245 -10.50 25.27 14.75
CA GLU C 245 -10.59 26.44 13.87
C GLU C 245 -9.38 26.58 12.97
N ARG C 246 -8.17 26.45 13.55
CA ARG C 246 -6.97 26.56 12.74
C ARG C 246 -6.86 25.41 11.75
N ALA C 247 -7.23 24.19 12.16
CA ALA C 247 -7.19 23.07 11.23
C ALA C 247 -8.13 23.27 10.05
N ALA C 248 -9.33 23.79 10.30
CA ALA C 248 -10.25 24.07 9.20
C ALA C 248 -9.72 25.19 8.31
N ILE C 249 -9.18 26.26 8.91
CA ILE C 249 -8.77 27.43 8.15
C ILE C 249 -7.56 27.11 7.28
N PHE C 250 -6.65 26.28 7.77
CA PHE C 250 -5.49 25.89 6.95
C PHE C 250 -5.95 25.28 5.64
N TRP C 251 -6.83 24.30 5.69
CA TRP C 251 -7.27 23.62 4.49
C TRP C 251 -8.17 24.50 3.63
N ARG C 252 -8.96 25.38 4.24
CA ARG C 252 -9.76 26.31 3.45
C ARG C 252 -8.88 27.26 2.65
N TRP C 253 -7.80 27.77 3.26
CA TRP C 253 -6.88 28.61 2.52
C TRP C 253 -6.08 27.83 1.49
N THR C 254 -5.80 26.56 1.74
CA THR C 254 -5.00 25.76 0.82
C THR C 254 -5.78 25.33 -0.42
N MET C 255 -6.96 24.74 -0.25
CA MET C 255 -7.67 24.16 -1.39
C MET C 255 -9.10 24.66 -1.56
N GLY C 256 -9.52 25.67 -0.81
CA GLY C 256 -10.78 26.32 -1.06
C GLY C 256 -11.98 25.79 -0.29
N PHE C 257 -11.87 24.59 0.29
CA PHE C 257 -12.96 24.04 1.08
C PHE C 257 -12.37 23.19 2.19
N ASN C 258 -13.20 22.88 3.19
CA ASN C 258 -12.71 22.26 4.40
C ASN C 258 -13.78 21.32 4.95
N ALA C 259 -13.40 20.58 5.98
CA ALA C 259 -14.29 19.70 6.72
C ALA C 259 -14.39 20.20 8.16
N SER C 260 -15.02 19.41 9.01
CA SER C 260 -15.12 19.71 10.43
C SER C 260 -14.33 18.66 11.21
N MET C 261 -14.10 18.96 12.49
CA MET C 261 -13.45 17.98 13.36
C MET C 261 -14.30 16.72 13.50
N GLU C 262 -15.62 16.88 13.54
CA GLU C 262 -16.50 15.71 13.55
C GLU C 262 -16.64 15.11 12.15
N SER C 263 -16.71 15.95 11.12
CA SER C 263 -17.06 15.46 9.79
C SER C 263 -15.92 14.71 9.13
N ILE C 264 -14.67 15.08 9.41
CA ILE C 264 -13.54 14.44 8.75
C ILE C 264 -13.50 12.94 9.04
N HIS C 265 -13.85 12.55 10.26
CA HIS C 265 -13.89 11.14 10.62
C HIS C 265 -14.95 10.36 9.86
N ARG C 266 -15.93 11.03 9.25
CA ARG C 266 -16.82 10.37 8.31
C ARG C 266 -16.15 10.13 6.96
N TRP C 267 -15.41 11.12 6.46
CA TRP C 267 -14.64 10.93 5.24
C TRP C 267 -13.69 9.76 5.38
N ALA C 268 -13.12 9.58 6.57
CA ALA C 268 -12.24 8.46 6.83
C ALA C 268 -13.01 7.13 6.79
N TRP C 269 -14.22 7.11 7.34
CA TRP C 269 -14.95 5.85 7.47
C TRP C 269 -15.40 5.34 6.10
N TRP C 270 -15.98 6.22 5.28
CA TRP C 270 -16.52 5.80 4.01
C TRP C 270 -15.42 5.46 3.00
N CYS C 271 -14.27 6.12 3.08
CA CYS C 271 -13.22 5.87 2.11
C CYS C 271 -12.66 4.46 2.24
N ALA C 272 -12.50 3.98 3.47
CA ALA C 272 -11.96 2.64 3.68
C ALA C 272 -12.97 1.55 3.35
N VAL C 273 -14.22 1.70 3.79
CA VAL C 273 -15.25 0.70 3.52
C VAL C 273 -15.44 0.52 2.01
N LEU C 274 -15.53 1.62 1.27
CA LEU C 274 -15.71 1.54 -0.17
C LEU C 274 -14.54 0.84 -0.85
N THR C 275 -13.39 0.74 -0.19
CA THR C 275 -12.28 -0.02 -0.76
C THR C 275 -12.65 -1.49 -0.92
N VAL C 276 -13.33 -2.07 0.06
CA VAL C 276 -13.63 -3.50 -0.01
C VAL C 276 -14.96 -3.79 -0.69
N ILE C 277 -15.97 -2.93 -0.50
CA ILE C 277 -17.24 -3.11 -1.19
C ILE C 277 -17.03 -3.22 -2.69
N THR C 278 -16.47 -2.19 -3.31
CA THR C 278 -16.20 -2.22 -4.74
C THR C 278 -15.28 -3.38 -5.12
N ALA C 279 -14.47 -3.86 -4.18
CA ALA C 279 -13.66 -5.04 -4.45
C ALA C 279 -14.53 -6.27 -4.59
N GLY C 280 -15.46 -6.48 -3.66
CA GLY C 280 -16.27 -7.69 -3.69
C GLY C 280 -17.13 -7.79 -4.93
N ILE C 281 -17.67 -6.67 -5.40
CA ILE C 281 -18.40 -6.66 -6.65
C ILE C 281 -17.46 -6.98 -7.82
N GLY C 282 -16.26 -6.43 -7.79
CA GLY C 282 -15.38 -6.51 -8.95
C GLY C 282 -15.03 -7.92 -9.36
N ILE C 283 -14.93 -8.84 -8.40
CA ILE C 283 -14.66 -10.23 -8.71
C ILE C 283 -15.93 -11.06 -8.90
N LEU C 284 -17.08 -10.58 -8.42
CA LEU C 284 -18.32 -11.29 -8.69
C LEU C 284 -18.78 -11.09 -10.13
N LEU C 285 -18.36 -10.00 -10.77
CA LEU C 285 -18.64 -9.77 -12.18
C LEU C 285 -17.65 -10.48 -13.10
N THR C 286 -16.53 -10.99 -12.56
CA THR C 286 -15.47 -11.57 -13.37
C THR C 286 -15.73 -13.06 -13.55
N GLY C 287 -15.81 -13.49 -14.81
CA GLY C 287 -16.12 -14.86 -15.13
C GLY C 287 -17.60 -15.20 -15.16
N THR C 288 -18.45 -14.33 -14.64
CA THR C 288 -19.89 -14.56 -14.63
C THR C 288 -20.63 -13.78 -15.71
N VAL C 289 -20.31 -12.49 -15.88
CA VAL C 289 -20.90 -11.69 -16.94
C VAL C 289 -19.86 -11.08 -17.88
N VAL C 290 -18.57 -11.11 -17.53
CA VAL C 290 -17.51 -10.61 -18.39
C VAL C 290 -16.45 -11.70 -18.51
N GLU C 291 -16.04 -11.99 -19.75
CA GLU C 291 -15.06 -13.02 -20.04
C GLU C 291 -13.65 -12.48 -20.22
N ASN C 292 -13.50 -11.30 -20.83
CA ASN C 292 -12.21 -10.70 -21.12
C ASN C 292 -12.35 -9.20 -20.92
N TRP C 293 -11.68 -8.66 -19.91
CA TRP C 293 -11.86 -7.24 -19.58
C TRP C 293 -11.23 -6.33 -20.62
N TYR C 294 -10.14 -6.75 -21.26
CA TYR C 294 -9.56 -5.93 -22.31
C TYR C 294 -10.50 -5.79 -23.49
N LEU C 295 -11.13 -6.89 -23.91
CA LEU C 295 -12.09 -6.82 -25.00
C LEU C 295 -13.34 -6.07 -24.61
N TRP C 296 -13.76 -6.17 -23.35
CA TRP C 296 -14.87 -5.36 -22.86
C TRP C 296 -14.54 -3.88 -22.94
N ALA C 297 -13.32 -3.50 -22.56
CA ALA C 297 -12.94 -2.09 -22.62
C ALA C 297 -12.85 -1.60 -24.06
N ILE C 298 -12.35 -2.45 -24.96
CA ILE C 298 -12.35 -2.08 -26.38
C ILE C 298 -13.76 -1.89 -26.90
N LYS C 299 -14.68 -2.76 -26.48
CA LYS C 299 -16.08 -2.63 -26.89
C LYS C 299 -16.69 -1.30 -26.45
N HIS C 300 -16.31 -0.81 -25.28
CA HIS C 300 -16.87 0.43 -24.74
C HIS C 300 -15.96 1.63 -24.94
N GLY C 301 -14.96 1.52 -25.80
CA GLY C 301 -14.10 2.65 -26.14
C GLY C 301 -13.25 3.19 -25.00
N VAL C 302 -12.61 2.31 -24.23
CA VAL C 302 -11.79 2.72 -23.10
C VAL C 302 -10.31 2.48 -23.37
N ALA C 303 -9.97 1.36 -23.98
CA ALA C 303 -8.57 1.03 -24.23
C ALA C 303 -7.98 1.97 -25.26
N PRO C 304 -6.80 2.53 -25.03
CA PRO C 304 -6.15 3.37 -26.04
C PRO C 304 -5.59 2.54 -27.18
N ALA C 305 -5.21 3.23 -28.25
CA ALA C 305 -4.67 2.61 -29.44
C ALA C 305 -3.29 3.17 -29.75
N TYR C 306 -2.39 2.32 -30.23
CA TYR C 306 -1.04 2.73 -30.51
C TYR C 306 -0.70 2.54 -31.97
N PRO C 307 0.25 3.32 -32.50
CA PRO C 307 0.75 3.06 -33.85
C PRO C 307 1.33 1.67 -33.97
N GLU C 308 1.14 1.05 -35.14
CA GLU C 308 1.57 -0.32 -35.38
C GLU C 308 3.03 -0.30 -35.83
N VAL C 309 3.94 -0.55 -34.88
CA VAL C 309 5.36 -0.58 -35.18
C VAL C 309 5.95 -1.97 -35.02
N VAL C 310 5.29 -2.88 -34.32
CA VAL C 310 5.72 -4.27 -34.19
C VAL C 310 4.47 -5.15 -34.29
N THR C 311 4.58 -6.27 -35.01
CA THR C 311 3.44 -7.14 -35.22
C THR C 311 3.92 -8.54 -35.55
N ALA C 312 3.01 -9.50 -35.42
CA ALA C 312 3.31 -10.92 -35.62
C ALA C 312 2.28 -11.55 -36.53
N VAL C 313 2.71 -12.59 -37.25
CA VAL C 313 1.83 -13.37 -38.12
C VAL C 313 1.18 -14.46 -37.28
N ASP C 314 -0.13 -14.64 -37.46
CA ASP C 314 -0.88 -15.62 -36.68
C ASP C 314 -0.78 -16.99 -37.35
N PRO C 315 -0.19 -17.99 -36.69
CA PRO C 315 -0.09 -19.32 -37.31
C PRO C 315 -1.37 -20.13 -37.28
N TYR C 316 -2.39 -19.67 -36.55
CA TYR C 316 -3.72 -20.27 -36.59
C TYR C 316 -4.61 -19.65 -37.66
N ALA C 317 -4.12 -18.63 -38.37
CA ALA C 317 -4.90 -17.89 -39.36
C ALA C 317 -4.17 -17.86 -40.69
N THR C 318 -3.71 -19.03 -41.13
CA THR C 318 -3.01 -19.13 -42.40
C THR C 318 -3.84 -19.97 -43.37
N MET D 1 -32.57 -14.19 -18.83
CA MET D 1 -31.53 -14.07 -17.82
C MET D 1 -30.15 -14.33 -18.42
N SER D 2 -29.52 -13.29 -18.96
CA SER D 2 -28.20 -13.40 -19.57
C SER D 2 -27.42 -12.13 -19.24
N ALA D 3 -26.25 -11.99 -19.87
CA ALA D 3 -25.33 -10.88 -19.58
C ALA D 3 -25.46 -9.73 -20.56
N ALA D 4 -26.25 -9.87 -21.64
CA ALA D 4 -26.38 -8.84 -22.65
C ALA D 4 -27.80 -8.30 -22.63
N ILE D 5 -27.95 -7.07 -22.15
CA ILE D 5 -29.28 -6.44 -22.15
C ILE D 5 -29.71 -6.05 -23.55
N THR D 6 -28.81 -5.41 -24.31
CA THR D 6 -29.07 -5.02 -25.69
C THR D 6 -27.83 -5.32 -26.51
N GLU D 7 -27.79 -4.80 -27.74
CA GLU D 7 -26.63 -5.03 -28.58
C GLU D 7 -25.38 -4.33 -28.04
N TYR D 8 -25.56 -3.26 -27.26
CA TYR D 8 -24.45 -2.51 -26.72
C TYR D 8 -24.35 -2.58 -25.20
N MET D 9 -25.47 -2.49 -24.49
CA MET D 9 -25.43 -2.50 -23.04
C MET D 9 -25.22 -3.91 -22.51
N ASP D 10 -24.52 -4.00 -21.37
CA ASP D 10 -24.38 -5.25 -20.63
C ASP D 10 -24.53 -4.93 -19.14
N VAL D 11 -24.36 -5.97 -18.31
CA VAL D 11 -24.60 -5.82 -16.88
C VAL D 11 -23.51 -4.96 -16.23
N ALA D 12 -22.25 -5.19 -16.60
CA ALA D 12 -21.13 -4.50 -15.96
C ALA D 12 -21.11 -3.00 -16.26
N GLN D 13 -21.92 -2.54 -17.23
CA GLN D 13 -22.04 -1.11 -17.48
C GLN D 13 -23.14 -0.48 -16.62
N LEU D 14 -24.28 -1.16 -16.51
CA LEU D 14 -25.33 -0.68 -15.63
C LEU D 14 -24.86 -0.64 -14.19
N THR D 15 -24.04 -1.61 -13.77
CA THR D 15 -23.54 -1.63 -12.41
C THR D 15 -22.67 -0.41 -12.12
N ILE D 16 -21.81 -0.03 -13.07
CA ILE D 16 -20.97 1.14 -12.86
C ILE D 16 -21.80 2.42 -12.85
N TRP D 17 -22.86 2.49 -13.67
CA TRP D 17 -23.70 3.69 -13.61
C TRP D 17 -24.47 3.79 -12.29
N ALA D 18 -24.94 2.66 -11.77
CA ALA D 18 -25.58 2.68 -10.46
C ALA D 18 -24.59 3.11 -9.38
N PHE D 19 -23.34 2.65 -9.45
CA PHE D 19 -22.35 3.12 -8.49
C PHE D 19 -22.14 4.62 -8.60
N TRP D 20 -22.12 5.17 -9.81
CA TRP D 20 -21.93 6.61 -9.94
C TRP D 20 -23.07 7.39 -9.30
N PHE D 21 -24.31 6.91 -9.49
CA PHE D 21 -25.44 7.58 -8.84
C PHE D 21 -25.30 7.55 -7.32
N PHE D 22 -24.97 6.38 -6.77
CA PHE D 22 -24.80 6.28 -5.32
C PHE D 22 -23.67 7.18 -4.83
N PHE D 23 -22.58 7.27 -5.60
CA PHE D 23 -21.45 8.10 -5.20
C PHE D 23 -21.80 9.57 -5.20
N ALA D 24 -22.59 10.02 -6.18
CA ALA D 24 -23.06 11.40 -6.16
C ALA D 24 -23.89 11.69 -4.92
N GLY D 25 -24.81 10.77 -4.57
CA GLY D 25 -25.56 10.93 -3.34
C GLY D 25 -24.68 10.99 -2.09
N LEU D 26 -23.69 10.11 -1.99
CA LEU D 26 -22.78 10.10 -0.85
C LEU D 26 -21.98 11.39 -0.74
N ILE D 27 -21.53 11.93 -1.88
CA ILE D 27 -20.76 13.17 -1.84
C ILE D 27 -21.64 14.33 -1.39
N ILE D 28 -22.89 14.37 -1.84
CA ILE D 28 -23.79 15.41 -1.34
C ILE D 28 -23.97 15.29 0.16
N TYR D 29 -24.16 14.06 0.66
CA TYR D 29 -24.32 13.86 2.10
C TYR D 29 -23.09 14.33 2.88
N LEU D 30 -21.90 13.96 2.42
CA LEU D 30 -20.68 14.34 3.13
C LEU D 30 -20.46 15.86 3.11
N ARG D 31 -20.73 16.51 1.98
CA ARG D 31 -20.59 17.96 1.95
C ARG D 31 -21.63 18.65 2.81
N ARG D 32 -22.83 18.09 2.95
CA ARG D 32 -23.79 18.64 3.89
C ARG D 32 -23.37 18.47 5.34
N GLU D 33 -22.74 17.34 5.67
CA GLU D 33 -22.19 17.17 7.01
C GLU D 33 -21.03 18.12 7.29
N ASP D 34 -20.24 18.44 6.27
CA ASP D 34 -19.10 19.35 6.45
C ASP D 34 -19.52 20.75 6.89
N LYS D 35 -20.78 21.14 6.66
CA LYS D 35 -21.21 22.52 6.81
C LYS D 35 -21.95 22.77 8.13
N ARG D 36 -21.57 22.07 9.20
CA ARG D 36 -22.18 22.31 10.50
C ARG D 36 -21.41 23.30 11.36
N GLU D 37 -20.22 23.72 10.95
CA GLU D 37 -19.43 24.70 11.68
C GLU D 37 -18.97 25.79 10.73
N GLY D 38 -19.33 27.03 11.04
CA GLY D 38 -18.83 28.17 10.30
C GLY D 38 -19.71 28.67 9.17
N TYR D 39 -20.92 28.14 9.03
CA TYR D 39 -21.84 28.61 8.00
C TYR D 39 -23.11 29.16 8.66
N PRO D 40 -23.79 30.13 8.01
CA PRO D 40 -23.49 30.76 6.73
C PRO D 40 -22.26 31.67 6.76
N LEU D 41 -21.62 31.82 5.60
CA LEU D 41 -20.34 32.49 5.51
C LEU D 41 -20.48 33.99 5.73
N ASP D 42 -19.36 34.62 6.08
CA ASP D 42 -19.28 36.06 6.27
C ASP D 42 -18.51 36.67 5.10
N SER D 43 -19.22 37.39 4.24
CA SER D 43 -18.64 37.94 3.02
C SER D 43 -19.20 39.33 2.77
N ASP D 44 -18.68 39.98 1.73
CA ASP D 44 -19.18 41.29 1.34
C ASP D 44 -20.57 41.19 0.72
N ARG D 45 -20.89 40.05 0.10
CA ARG D 45 -22.18 39.87 -0.54
C ARG D 45 -23.32 40.00 0.47
N THR D 46 -23.11 39.49 1.68
CA THR D 46 -24.15 39.57 2.71
C THR D 46 -24.33 41.01 3.20
N GLU D 47 -23.23 41.69 3.51
CA GLU D 47 -23.34 43.01 4.12
C GLU D 47 -23.76 44.08 3.12
N ARG D 48 -23.35 43.96 1.86
CA ARG D 48 -23.86 44.87 0.84
C ARG D 48 -25.37 44.72 0.68
N SER D 49 -25.86 43.49 0.72
CA SER D 49 -27.30 43.22 0.60
C SER D 49 -28.07 43.57 1.86
N GLY D 50 -27.44 44.20 2.85
CA GLY D 50 -28.12 44.56 4.08
C GLY D 50 -28.57 43.38 4.89
N GLY D 51 -27.77 42.33 4.95
CA GLY D 51 -28.15 41.12 5.67
C GLY D 51 -29.38 40.46 5.09
N ARG D 52 -29.41 40.30 3.76
CA ARG D 52 -30.53 39.70 3.08
C ARG D 52 -30.14 38.42 2.35
N VAL D 53 -29.05 38.45 1.58
CA VAL D 53 -28.56 37.26 0.88
C VAL D 53 -27.57 36.56 1.80
N LYS D 54 -27.82 35.28 2.08
CA LYS D 54 -26.96 34.49 2.95
C LYS D 54 -26.15 33.52 2.11
N VAL D 55 -24.84 33.54 2.28
CA VAL D 55 -23.92 32.76 1.46
C VAL D 55 -23.72 31.41 2.13
N VAL D 56 -24.30 30.36 1.56
CA VAL D 56 -24.09 28.99 2.02
C VAL D 56 -23.55 28.07 0.95
N GLY D 57 -23.61 28.47 -0.33
CA GLY D 57 -23.17 27.58 -1.37
C GLY D 57 -24.15 26.44 -1.60
N PHE D 58 -23.63 25.37 -2.20
CA PHE D 58 -24.42 24.18 -2.48
C PHE D 58 -23.64 22.97 -1.99
N PRO D 59 -24.28 22.05 -1.24
CA PRO D 59 -25.67 22.12 -0.81
C PRO D 59 -25.89 23.04 0.38
N ASP D 60 -27.15 23.31 0.71
CA ASP D 60 -27.46 24.17 1.86
C ASP D 60 -27.29 23.37 3.15
N LEU D 61 -27.62 23.99 4.28
CA LEU D 61 -27.30 23.43 5.58
C LEU D 61 -28.34 22.40 6.00
N ALA D 62 -27.98 21.63 7.03
CA ALA D 62 -28.84 20.57 7.57
C ALA D 62 -29.59 21.07 8.79
N ASP D 63 -30.55 20.24 9.23
CA ASP D 63 -31.29 20.55 10.44
C ASP D 63 -30.40 20.32 11.67
N PRO D 64 -30.61 21.10 12.73
CA PRO D 64 -29.68 21.06 13.87
C PRO D 64 -29.63 19.69 14.54
N LYS D 65 -28.44 19.31 14.96
CA LYS D 65 -28.16 18.04 15.61
C LYS D 65 -27.77 18.28 17.06
N THR D 66 -28.28 17.44 17.96
CA THR D 66 -28.16 17.66 19.40
C THR D 66 -27.09 16.76 20.01
N PHE D 67 -26.17 17.35 20.76
CA PHE D 67 -25.26 16.63 21.63
C PHE D 67 -25.65 16.91 23.08
N VAL D 68 -25.68 15.86 23.90
CA VAL D 68 -26.00 15.96 25.31
C VAL D 68 -24.72 15.67 26.10
N LEU D 69 -24.36 16.58 27.01
CA LEU D 69 -23.07 16.44 27.66
C LEU D 69 -23.22 15.73 28.99
N PRO D 70 -22.23 14.93 29.39
CA PRO D 70 -22.35 14.15 30.63
C PRO D 70 -22.27 15.02 31.87
N HIS D 71 -22.74 14.44 32.98
CA HIS D 71 -22.77 15.11 34.28
C HIS D 71 -23.62 16.37 34.26
N ASN D 72 -24.65 16.39 33.40
CA ASN D 72 -25.59 17.51 33.31
C ASN D 72 -24.89 18.81 32.93
N ALA D 73 -23.94 18.73 32.01
CA ALA D 73 -23.26 19.94 31.55
C ALA D 73 -24.07 20.73 30.53
N GLY D 74 -25.07 20.12 29.90
CA GLY D 74 -25.97 20.85 29.04
C GLY D 74 -26.15 20.18 27.70
N THR D 75 -26.56 20.97 26.72
CA THR D 75 -26.88 20.49 25.38
C THR D 75 -26.38 21.49 24.35
N VAL D 76 -25.77 20.99 23.28
CA VAL D 76 -25.16 21.82 22.27
C VAL D 76 -25.65 21.39 20.89
N MET D 77 -26.03 22.36 20.06
CA MET D 77 -26.49 22.11 18.71
C MET D 77 -25.32 22.18 17.73
N ALA D 78 -25.20 21.17 16.86
CA ALA D 78 -24.06 21.15 15.93
C ALA D 78 -24.10 22.32 14.96
N PRO D 79 -25.21 22.62 14.25
CA PRO D 79 -25.32 23.92 13.59
C PRO D 79 -26.01 24.95 14.48
N ARG D 80 -25.28 25.99 14.88
CA ARG D 80 -25.80 26.97 15.82
C ARG D 80 -25.51 28.37 15.31
N VAL D 81 -26.04 29.36 16.02
CA VAL D 81 -25.76 30.77 15.77
C VAL D 81 -24.72 31.23 16.78
N GLU D 82 -23.84 32.12 16.34
CA GLU D 82 -22.86 32.73 17.23
C GLU D 82 -22.80 34.23 16.96
N ALA D 83 -22.45 34.98 18.00
CA ALA D 83 -22.53 36.42 17.92
C ALA D 83 -21.37 36.99 17.10
N PRO D 84 -21.65 37.77 16.04
CA PRO D 84 -20.58 38.43 15.30
C PRO D 84 -19.75 39.33 16.21
N THR D 85 -18.44 39.34 15.99
CA THR D 85 -17.50 40.05 16.84
C THR D 85 -16.82 41.17 16.07
N SER D 86 -16.22 42.08 16.83
CA SER D 86 -15.46 43.20 16.28
C SER D 86 -13.98 42.92 16.52
N ILE D 87 -13.23 42.70 15.44
CA ILE D 87 -11.84 42.31 15.56
C ILE D 87 -11.00 43.50 16.04
N ASN D 88 -9.81 43.19 16.56
CA ASN D 88 -8.90 44.18 17.11
C ASN D 88 -7.87 44.67 16.08
N ALA D 89 -8.19 44.64 14.80
CA ALA D 89 -7.27 45.00 13.73
C ALA D 89 -7.90 46.06 12.83
N THR D 90 -7.21 46.38 11.74
CA THR D 90 -7.59 47.42 10.78
C THR D 90 -7.05 47.02 9.42
N PRO D 91 -7.87 47.08 8.36
CA PRO D 91 -7.42 46.60 7.05
C PRO D 91 -6.23 47.39 6.52
N VAL D 92 -5.31 46.68 5.87
CA VAL D 92 -4.15 47.33 5.27
C VAL D 92 -4.56 48.13 4.03
N ALA D 93 -5.43 47.57 3.20
CA ALA D 93 -5.88 48.23 1.99
C ALA D 93 -7.38 47.99 1.82
N PRO D 94 -8.08 48.89 1.13
CA PRO D 94 -9.54 48.78 1.05
C PRO D 94 -10.06 47.78 0.03
N PHE D 95 -9.20 47.18 -0.80
CA PHE D 95 -9.72 46.22 -1.76
C PHE D 95 -10.03 44.89 -1.07
N PRO D 96 -11.01 44.13 -1.57
CA PRO D 96 -11.35 42.86 -0.93
C PRO D 96 -10.23 41.85 -1.02
N GLY D 97 -10.13 41.02 0.00
CA GLY D 97 -9.05 40.05 0.07
C GLY D 97 -7.73 40.60 0.60
N ALA D 98 -7.73 41.82 1.13
CA ALA D 98 -6.53 42.41 1.68
CA ALA D 98 -6.53 42.41 1.68
C ALA D 98 -6.30 41.93 3.11
N PRO D 99 -5.06 41.92 3.58
CA PRO D 99 -4.77 41.51 4.95
C PRO D 99 -5.11 42.61 5.94
N PHE D 100 -5.05 42.25 7.22
CA PHE D 100 -5.29 43.18 8.32
C PHE D 100 -3.99 43.41 9.08
N GLU D 101 -3.92 44.54 9.76
CA GLU D 101 -2.76 44.86 10.58
C GLU D 101 -3.11 44.75 12.05
N PRO D 102 -2.31 44.04 12.85
CA PRO D 102 -2.67 43.81 14.25
C PRO D 102 -2.50 45.06 15.11
N ASN D 103 -3.54 45.89 15.16
CA ASN D 103 -3.48 47.18 15.82
C ASN D 103 -3.06 47.04 17.28
N GLY D 104 -2.19 47.96 17.73
CA GLY D 104 -1.72 47.96 19.09
C GLY D 104 -0.38 47.28 19.27
N ASP D 105 -0.19 46.61 20.39
CA ASP D 105 1.00 45.78 20.60
C ASP D 105 0.69 44.36 20.17
N PRO D 106 1.41 43.80 19.18
CA PRO D 106 0.97 42.53 18.59
C PRO D 106 0.81 41.37 19.57
N MET D 107 1.68 41.25 20.56
CA MET D 107 1.55 40.16 21.53
C MET D 107 0.25 40.30 22.32
N LEU D 108 -0.03 41.50 22.81
CA LEU D 108 -1.24 41.77 23.59
C LEU D 108 -2.37 42.32 22.72
N SER D 109 -2.67 41.64 21.61
CA SER D 109 -3.64 42.13 20.64
C SER D 109 -4.81 41.19 20.40
N GLY D 110 -4.66 39.89 20.64
CA GLY D 110 -5.76 38.98 20.42
C GLY D 110 -6.14 38.78 18.97
N PHE D 111 -5.22 39.07 18.05
CA PHE D 111 -5.47 38.98 16.62
C PHE D 111 -4.32 38.23 15.96
N GLY D 112 -4.64 37.51 14.88
CA GLY D 112 -3.64 36.76 14.15
C GLY D 112 -3.37 35.42 14.79
N PRO D 113 -2.10 35.02 14.83
CA PRO D 113 -1.75 33.77 15.52
C PRO D 113 -2.03 33.80 17.01
N ALA D 114 -2.11 34.99 17.61
CA ALA D 114 -2.46 35.14 19.02
C ALA D 114 -3.96 35.38 19.21
N ALA D 115 -4.79 34.54 18.61
CA ALA D 115 -6.24 34.70 18.68
C ALA D 115 -6.87 33.39 19.13
N SER D 116 -8.06 33.50 19.73
CA SER D 116 -8.78 32.34 20.24
C SER D 116 -10.23 32.71 20.42
N PRO D 117 -11.14 31.74 20.33
CA PRO D 117 -12.54 32.00 20.68
C PRO D 117 -12.76 32.00 22.19
N ASP D 118 -14.01 32.09 22.62
CA ASP D 118 -14.36 32.05 24.04
C ASP D 118 -15.10 30.75 24.31
N ARG D 119 -14.39 29.76 24.83
CA ARG D 119 -14.97 28.47 25.14
C ARG D 119 -15.75 28.54 26.45
N ALA D 120 -16.37 27.42 26.82
CA ALA D 120 -17.15 27.34 28.04
C ALA D 120 -16.27 27.50 29.26
N LYS D 121 -16.79 28.17 30.28
CA LYS D 121 -16.02 28.47 31.49
C LYS D 121 -16.21 27.41 32.56
N HIS D 122 -16.01 26.14 32.20
CA HIS D 122 -16.07 25.07 33.18
C HIS D 122 -14.97 24.06 32.89
N CYS D 123 -14.49 23.40 33.94
CA CYS D 123 -13.41 22.44 33.80
C CYS D 123 -13.91 21.15 33.16
N ASP D 124 -13.05 20.54 32.36
CA ASP D 124 -13.34 19.23 31.81
C ASP D 124 -13.30 18.19 32.93
N LEU D 125 -14.18 17.19 32.84
CA LEU D 125 -14.40 16.26 33.94
C LEU D 125 -14.05 14.84 33.53
N THR D 126 -13.83 14.01 34.54
CA THR D 126 -13.54 12.60 34.35
C THR D 126 -14.84 11.80 34.33
N PHE D 127 -14.74 10.47 34.38
CA PHE D 127 -15.93 9.63 34.41
C PHE D 127 -16.63 9.66 35.76
N GLU D 128 -15.95 10.14 36.81
CA GLU D 128 -16.55 10.25 38.13
C GLU D 128 -16.87 11.68 38.52
N GLY D 129 -16.59 12.66 37.67
CA GLY D 129 -16.91 14.04 37.96
C GLY D 129 -15.80 14.89 38.55
N LEU D 130 -14.57 14.40 38.55
CA LEU D 130 -13.44 15.16 39.03
C LEU D 130 -12.85 16.03 37.92
N PRO D 131 -12.15 17.10 38.26
CA PRO D 131 -11.42 17.86 37.24
C PRO D 131 -10.37 16.98 36.57
N LYS D 132 -10.14 17.23 35.29
CA LYS D 132 -9.36 16.31 34.47
C LYS D 132 -7.87 16.62 34.52
N ILE D 133 -7.48 17.89 34.43
CA ILE D 133 -6.09 18.30 34.39
C ILE D 133 -5.77 18.99 35.72
N VAL D 134 -4.92 18.36 36.53
CA VAL D 134 -4.64 18.88 37.87
C VAL D 134 -3.14 18.79 38.15
N PRO D 135 -2.60 19.63 39.03
CA PRO D 135 -1.18 19.52 39.36
C PRO D 135 -0.88 18.25 40.15
N MET D 136 0.39 17.85 40.12
CA MET D 136 0.83 16.68 40.86
C MET D 136 0.78 16.87 42.36
N ARG D 137 0.57 18.10 42.85
CA ARG D 137 0.43 18.32 44.28
C ARG D 137 -0.89 17.80 44.82
N VAL D 138 -1.86 17.49 43.95
CA VAL D 138 -3.12 16.88 44.36
C VAL D 138 -3.30 15.49 43.78
N ALA D 139 -2.59 15.14 42.70
CA ALA D 139 -2.60 13.78 42.18
C ALA D 139 -1.38 13.04 42.72
N THR D 140 -1.44 12.75 44.02
CA THR D 140 -0.28 12.21 44.72
C THR D 140 0.03 10.78 44.29
N ASP D 141 -0.98 10.03 43.85
CA ASP D 141 -0.75 8.65 43.42
C ASP D 141 0.05 8.55 42.14
N PHE D 142 0.24 9.66 41.42
CA PHE D 142 1.07 9.66 40.22
C PHE D 142 2.55 9.64 40.58
N SER D 143 3.39 9.36 39.59
CA SER D 143 4.82 9.34 39.78
C SER D 143 5.50 9.52 38.44
N ILE D 144 6.78 9.86 38.49
CA ILE D 144 7.61 9.98 37.29
C ILE D 144 8.19 8.61 36.98
N ALA D 145 8.23 8.26 35.70
CA ALA D 145 8.77 6.98 35.29
C ALA D 145 10.23 6.88 35.70
N ASP D 146 10.68 5.64 35.92
CA ASP D 146 12.06 5.42 36.30
C ASP D 146 13.00 5.81 35.16
N LYS D 147 14.29 5.90 35.49
CA LYS D 147 15.35 6.31 34.58
C LYS D 147 14.96 7.49 33.69
N ASP D 148 14.26 8.48 34.27
CA ASP D 148 13.84 9.66 33.55
C ASP D 148 14.22 10.91 34.34
N PRO D 149 14.40 12.05 33.67
CA PRO D 149 14.98 13.22 34.33
C PRO D 149 14.19 13.77 35.51
N ASP D 150 12.85 13.69 35.49
CA ASP D 150 12.02 14.35 36.52
C ASP D 150 12.23 15.86 36.49
N PRO D 151 11.61 16.57 35.54
CA PRO D 151 11.95 17.98 35.34
C PRO D 151 11.43 18.93 36.41
N ARG D 152 11.78 18.69 37.67
CA ARG D 152 11.54 19.63 38.75
C ARG D 152 12.86 20.27 39.14
N GLY D 153 12.87 21.60 39.21
CA GLY D 153 14.10 22.33 39.47
C GLY D 153 14.90 22.67 38.23
N MET D 154 14.49 22.20 37.05
CA MET D 154 15.17 22.58 35.83
C MET D 154 14.95 24.07 35.54
N THR D 155 16.00 24.72 35.05
CA THR D 155 15.90 26.12 34.65
C THR D 155 15.29 26.22 33.27
N VAL D 156 14.38 27.18 33.09
CA VAL D 156 13.77 27.46 31.80
C VAL D 156 14.46 28.68 31.21
N VAL D 157 14.89 28.57 29.96
CA VAL D 157 15.55 29.66 29.25
C VAL D 157 14.63 30.16 28.15
N GLY D 158 14.75 31.45 27.85
CA GLY D 158 13.92 32.07 26.84
C GLY D 158 14.43 31.81 25.44
N LEU D 159 13.85 32.55 24.49
CA LEU D 159 14.20 32.39 23.08
C LEU D 159 15.68 32.65 22.85
N ASP D 160 16.22 33.67 23.52
CA ASP D 160 17.61 34.08 23.35
C ASP D 160 18.55 33.40 24.34
N GLY D 161 18.12 32.29 24.94
CA GLY D 161 18.96 31.58 25.88
C GLY D 161 19.24 32.32 27.17
N GLU D 162 18.27 33.07 27.68
CA GLU D 162 18.38 33.75 28.96
C GLU D 162 17.37 33.17 29.92
N VAL D 163 17.80 32.90 31.16
CA VAL D 163 16.96 32.20 32.11
C VAL D 163 15.78 33.07 32.52
N ALA D 164 14.59 32.49 32.52
CA ALA D 164 13.37 33.19 32.89
C ALA D 164 12.64 32.58 34.08
N GLY D 165 13.17 31.54 34.69
CA GLY D 165 12.56 30.96 35.85
C GLY D 165 12.90 29.49 35.99
N THR D 166 12.21 28.83 36.92
CA THR D 166 12.42 27.43 37.23
C THR D 166 11.06 26.73 37.35
N ILE D 167 11.09 25.42 37.16
CA ILE D 167 9.86 24.63 37.22
C ILE D 167 9.53 24.35 38.68
N SER D 168 8.25 24.50 39.02
CA SER D 168 7.76 24.37 40.38
C SER D 168 6.82 23.19 40.57
N ASP D 169 6.01 22.87 39.57
CA ASP D 169 5.07 21.78 39.66
C ASP D 169 4.72 21.30 38.25
N ILE D 170 4.16 20.12 38.16
CA ILE D 170 3.81 19.48 36.89
C ILE D 170 2.32 19.17 36.89
N TRP D 171 1.62 19.62 35.86
CA TRP D 171 0.18 19.41 35.71
C TRP D 171 -0.05 18.19 34.83
N VAL D 172 -0.75 17.19 35.37
CA VAL D 172 -0.97 15.94 34.64
C VAL D 172 -2.46 15.73 34.42
N ASP D 173 -2.77 14.64 33.72
CA ASP D 173 -4.13 14.31 33.31
C ASP D 173 -4.55 13.00 33.98
N ARG D 174 -5.65 13.05 34.73
CA ARG D 174 -6.06 11.89 35.53
C ARG D 174 -6.55 10.74 34.64
N SER D 175 -7.30 11.06 33.59
CA SER D 175 -7.87 10.00 32.75
C SER D 175 -6.79 9.33 31.91
N GLU D 176 -5.90 10.11 31.30
CA GLU D 176 -4.77 9.55 30.54
C GLU D 176 -3.47 10.05 31.14
N PRO D 177 -2.67 9.18 31.74
CA PRO D 177 -1.48 9.67 32.44
C PRO D 177 -0.43 10.22 31.47
N GLN D 178 -0.37 11.54 31.36
CA GLN D 178 0.66 12.22 30.60
C GLN D 178 0.72 13.67 31.06
N ILE D 179 1.81 14.33 30.74
CA ILE D 179 2.04 15.70 31.18
C ILE D 179 1.41 16.66 30.17
N ARG D 180 0.63 17.61 30.66
CA ARG D 180 0.00 18.61 29.82
C ARG D 180 0.58 20.01 30.00
N TYR D 181 1.17 20.30 31.15
CA TYR D 181 1.65 21.65 31.45
C TYR D 181 2.85 21.59 32.38
N LEU D 182 3.63 22.66 32.35
CA LEU D 182 4.69 22.91 33.31
C LEU D 182 4.41 24.23 34.01
N GLU D 183 4.76 24.32 35.29
CA GLU D 183 4.55 25.54 36.06
C GLU D 183 5.90 26.22 36.24
N VAL D 184 6.00 27.48 35.81
CA VAL D 184 7.25 28.23 35.87
C VAL D 184 7.08 29.35 36.88
N ASP D 185 8.02 29.43 37.83
CA ASP D 185 8.00 30.46 38.86
C ASP D 185 8.90 31.61 38.39
N VAL D 186 8.27 32.61 37.78
CA VAL D 186 9.02 33.66 37.10
C VAL D 186 9.76 34.51 38.12
N SER D 187 11.06 34.69 37.90
CA SER D 187 11.87 35.53 38.78
C SER D 187 11.96 36.96 38.27
N ALA D 188 10.80 37.52 37.94
CA ALA D 188 10.69 38.94 37.61
C ALA D 188 9.46 39.60 38.20
N THR D 189 8.42 38.85 38.55
CA THR D 189 7.23 39.40 39.18
C THR D 189 6.79 38.60 40.40
N LYS D 190 7.49 37.53 40.77
CA LYS D 190 7.11 36.66 41.89
C LYS D 190 5.77 35.98 41.63
N LYS D 191 5.54 35.57 40.38
CA LYS D 191 4.31 34.95 39.94
C LYS D 191 4.60 33.57 39.36
N LYS D 192 3.54 32.82 39.09
CA LYS D 192 3.65 31.49 38.50
C LYS D 192 2.79 31.43 37.25
N VAL D 193 3.36 30.93 36.16
CA VAL D 193 2.66 30.86 34.89
C VAL D 193 2.71 29.43 34.36
N LEU D 194 1.74 29.09 33.52
CA LEU D 194 1.69 27.79 32.89
C LEU D 194 2.37 27.81 31.53
N LEU D 195 2.92 26.67 31.14
CA LEU D 195 3.65 26.51 29.89
C LEU D 195 3.27 25.18 29.25
N PRO D 196 2.64 25.18 28.08
CA PRO D 196 2.29 23.92 27.42
C PRO D 196 3.53 23.14 27.02
N ILE D 197 3.40 21.82 27.03
CA ILE D 197 4.52 20.96 26.65
C ILE D 197 4.87 21.14 25.18
N GLY D 198 3.87 21.39 24.32
CA GLY D 198 4.12 21.56 22.90
C GLY D 198 5.01 22.73 22.55
N PHE D 199 5.27 23.63 23.50
CA PHE D 199 6.13 24.78 23.27
C PHE D 199 7.45 24.72 24.03
N SER D 200 7.84 23.54 24.53
CA SER D 200 9.05 23.40 25.32
C SER D 200 9.85 22.19 24.87
N ARG D 201 11.17 22.36 24.82
CA ARG D 201 12.10 21.32 24.43
C ARG D 201 12.97 20.92 25.61
N PHE D 202 13.03 19.61 25.89
CA PHE D 202 13.76 19.10 27.05
C PHE D 202 15.21 18.83 26.66
N ASP D 203 16.13 19.63 27.19
CA ASP D 203 17.56 19.39 27.04
C ASP D 203 17.99 18.54 28.24
N LYS D 204 17.88 17.22 28.07
CA LYS D 204 18.09 16.29 29.18
C LYS D 204 19.56 16.15 29.55
N LYS D 205 20.48 16.55 28.67
CA LYS D 205 21.90 16.48 29.00
C LYS D 205 22.23 17.44 30.14
N ALA D 206 22.02 18.73 29.92
CA ALA D 206 22.32 19.76 30.90
C ALA D 206 21.11 20.13 31.75
N GLY D 207 19.99 19.43 31.60
CA GLY D 207 18.81 19.71 32.40
C GLY D 207 18.26 21.10 32.18
N LYS D 208 17.72 21.37 30.99
CA LYS D 208 17.16 22.67 30.67
C LYS D 208 15.85 22.50 29.93
N VAL D 209 15.07 23.57 29.92
CA VAL D 209 13.85 23.66 29.12
C VAL D 209 14.01 24.84 28.17
N LYS D 210 13.82 24.59 26.87
CA LYS D 210 13.96 25.62 25.85
C LYS D 210 12.58 26.05 25.37
N VAL D 211 12.33 27.35 25.40
CA VAL D 211 11.08 27.94 24.92
C VAL D 211 11.45 28.84 23.75
N ALA D 212 11.19 28.37 22.53
CA ALA D 212 11.53 29.12 21.33
C ALA D 212 10.40 30.02 20.85
N ALA D 213 9.30 30.10 21.58
CA ALA D 213 8.16 30.91 21.15
C ALA D 213 8.33 32.36 21.57
N ILE D 214 8.48 32.61 22.87
CA ILE D 214 8.61 33.96 23.39
C ILE D 214 9.97 34.09 24.05
N LYS D 215 10.39 35.34 24.25
CA LYS D 215 11.66 35.62 24.88
C LYS D 215 11.54 35.52 26.40
N ALA D 216 12.65 35.78 27.09
CA ALA D 216 12.65 35.65 28.55
C ALA D 216 11.82 36.75 29.21
N ALA D 217 11.83 37.95 28.64
CA ALA D 217 11.10 39.07 29.21
C ALA D 217 9.60 39.00 28.95
N HIS D 218 9.14 38.07 28.13
CA HIS D 218 7.72 37.94 27.80
C HIS D 218 6.96 37.04 28.76
N PHE D 219 7.64 36.32 29.64
CA PHE D 219 6.96 35.46 30.61
C PHE D 219 6.18 36.25 31.66
N ALA D 220 6.15 37.57 31.57
CA ALA D 220 5.47 38.40 32.56
C ALA D 220 4.06 38.80 32.15
N ASN D 221 3.57 38.32 31.01
CA ASN D 221 2.23 38.67 30.54
C ASN D 221 1.36 37.46 30.24
N VAL D 222 1.77 36.27 30.67
CA VAL D 222 0.97 35.06 30.42
C VAL D 222 -0.34 35.15 31.20
N PRO D 223 -1.49 34.85 30.58
CA PRO D 223 -2.75 34.91 31.32
C PRO D 223 -2.77 33.92 32.49
N ALA D 224 -3.35 34.36 33.60
CA ALA D 224 -3.33 33.61 34.85
C ALA D 224 -4.63 32.84 35.06
N LEU D 225 -4.59 31.93 36.02
CA LEU D 225 -5.71 31.08 36.37
C LEU D 225 -6.65 31.79 37.35
N SER D 226 -7.81 31.19 37.57
CA SER D 226 -8.73 31.71 38.58
C SER D 226 -8.45 31.08 39.95
N LYS D 227 -8.17 29.78 39.98
CA LYS D 227 -7.87 29.06 41.20
C LYS D 227 -6.67 28.15 40.99
N PRO D 228 -5.82 27.99 42.01
CA PRO D 228 -4.52 27.32 41.82
C PRO D 228 -4.57 25.80 41.74
N ASP D 229 -5.75 25.19 41.58
CA ASP D 229 -5.82 23.73 41.55
C ASP D 229 -6.52 23.17 40.32
N GLN D 230 -7.14 24.01 39.50
CA GLN D 230 -7.86 23.51 38.33
C GLN D 230 -7.88 24.59 37.26
N ILE D 231 -8.14 24.16 36.02
CA ILE D 231 -8.18 25.06 34.87
C ILE D 231 -9.46 24.78 34.08
N THR D 232 -9.91 25.79 33.35
CA THR D 232 -11.12 25.69 32.53
C THR D 232 -10.74 25.72 31.06
N LEU D 233 -11.72 25.37 30.22
CA LEU D 233 -11.47 25.32 28.78
C LEU D 233 -11.16 26.70 28.21
N TYR D 234 -11.69 27.75 28.84
CA TYR D 234 -11.41 29.11 28.40
C TYR D 234 -9.94 29.48 28.65
N GLU D 235 -9.46 29.26 29.87
CA GLU D 235 -8.13 29.68 30.25
C GLU D 235 -7.05 28.89 29.53
N GLU D 236 -7.28 27.60 29.29
CA GLU D 236 -6.32 26.80 28.54
C GLU D 236 -6.13 27.35 27.13
N ASP D 237 -7.24 27.70 26.47
CA ASP D 237 -7.15 28.28 25.13
C ASP D 237 -6.42 29.61 25.15
N LYS D 238 -6.72 30.47 26.13
CA LYS D 238 -6.03 31.75 26.21
C LYS D 238 -4.53 31.57 26.40
N VAL D 239 -4.14 30.65 27.30
CA VAL D 239 -2.73 30.43 27.57
C VAL D 239 -2.01 29.91 26.34
N CYS D 240 -2.62 28.95 25.63
CA CYS D 240 -1.97 28.42 24.43
C CYS D 240 -1.84 29.48 23.34
N ALA D 241 -2.90 30.29 23.14
CA ALA D 241 -2.85 31.32 22.11
C ALA D 241 -1.80 32.39 22.39
N TYR D 242 -1.59 32.75 23.66
CA TYR D 242 -0.56 33.75 23.95
C TYR D 242 0.82 33.27 23.50
N TYR D 243 1.15 32.01 23.76
CA TYR D 243 2.44 31.49 23.30
C TYR D 243 2.47 31.36 21.80
N ALA D 244 1.35 30.98 21.18
CA ALA D 244 1.34 30.83 19.73
C ALA D 244 1.59 32.16 19.01
N GLY D 245 1.15 33.27 19.61
CA GLY D 245 1.41 34.57 19.01
C GLY D 245 2.88 34.91 18.89
N GLY D 246 3.71 34.39 19.80
CA GLY D 246 5.14 34.64 19.74
C GLY D 246 5.85 34.03 18.55
N LYS D 247 5.23 33.07 17.87
CA LYS D 247 5.82 32.48 16.68
C LYS D 247 5.88 33.46 15.52
N LEU D 248 5.20 34.59 15.63
CA LEU D 248 5.22 35.61 14.58
C LEU D 248 5.65 36.96 15.15
N TYR D 249 5.26 37.24 16.39
CA TYR D 249 5.47 38.58 16.94
C TYR D 249 6.69 38.71 17.85
N ALA D 250 7.49 37.65 18.01
CA ALA D 250 8.56 37.70 19.00
C ALA D 250 9.65 38.70 18.60
N THR D 251 10.15 38.59 17.37
CA THR D 251 11.26 39.41 16.92
C THR D 251 10.90 40.12 15.62
N ALA D 252 11.75 41.08 15.24
CA ALA D 252 11.51 41.86 14.03
C ALA D 252 11.78 41.08 12.77
N GLU D 253 12.53 39.98 12.84
CA GLU D 253 12.89 39.20 11.66
C GLU D 253 11.93 38.05 11.39
N ARG D 254 10.92 37.83 12.23
CA ARG D 254 10.02 36.70 12.07
C ARG D 254 8.82 36.99 11.18
N ALA D 255 8.63 38.24 10.76
CA ALA D 255 7.53 38.55 9.85
C ALA D 255 7.87 38.27 8.39
N GLY D 256 9.14 38.08 8.06
CA GLY D 256 9.55 37.80 6.71
C GLY D 256 9.83 39.06 5.92
N PRO D 257 10.30 38.90 4.67
CA PRO D 257 10.57 37.63 4.02
C PRO D 257 12.03 37.23 4.10
N LEU D 258 12.40 36.12 3.44
CA LEU D 258 13.80 35.78 3.30
C LEU D 258 14.49 36.63 2.24
N LEU D 259 13.76 37.03 1.20
CA LEU D 259 14.33 37.87 0.14
C LEU D 259 13.27 38.82 -0.43
N FME E 1 -36.10 45.32 -18.02
CN FME E 1 -37.06 45.27 -17.11
O1 FME E 1 -37.13 44.45 -16.20
CA FME E 1 -35.03 44.33 -18.04
CB FME E 1 -34.88 43.70 -19.43
CG FME E 1 -34.68 42.19 -19.37
SD FME E 1 -33.30 41.71 -18.30
CE FME E 1 -33.55 39.93 -18.25
C FME E 1 -33.70 44.97 -17.60
O FME E 1 -32.70 44.77 -18.29
N HIS E 2 -33.73 45.74 -16.52
CA HIS E 2 -32.54 46.34 -15.96
C HIS E 2 -32.52 46.04 -14.47
N LYS E 3 -33.59 45.41 -14.00
CA LYS E 3 -33.73 44.99 -12.62
C LYS E 3 -33.11 43.64 -12.36
N ILE E 4 -32.51 43.02 -13.38
CA ILE E 4 -31.77 41.78 -13.16
C ILE E 4 -30.54 42.04 -12.30
N TRP E 5 -29.98 43.25 -12.38
CA TRP E 5 -28.80 43.59 -11.59
C TRP E 5 -29.15 43.84 -10.12
N GLN E 6 -30.43 43.85 -9.78
CA GLN E 6 -30.85 43.87 -8.38
C GLN E 6 -31.03 42.47 -7.81
N ILE E 7 -30.71 41.43 -8.58
CA ILE E 7 -30.71 40.06 -8.10
C ILE E 7 -29.31 39.47 -8.07
N PHE E 8 -28.49 39.79 -9.07
CA PHE E 8 -27.14 39.25 -9.18
C PHE E 8 -26.11 40.36 -8.98
N ASP E 9 -25.01 40.00 -8.32
CA ASP E 9 -23.93 40.95 -8.08
C ASP E 9 -23.12 41.12 -9.36
N PRO E 10 -22.95 42.34 -9.87
CA PRO E 10 -22.26 42.51 -11.16
C PRO E 10 -20.83 41.99 -11.19
N ARG E 11 -20.08 42.08 -10.09
CA ARG E 11 -18.67 41.70 -10.12
C ARG E 11 -18.49 40.20 -10.36
N ARG E 12 -19.20 39.37 -9.58
CA ARG E 12 -19.12 37.93 -9.76
C ARG E 12 -19.67 37.48 -11.10
N THR E 13 -20.79 38.08 -11.53
CA THR E 13 -21.34 37.76 -12.85
C THR E 13 -20.31 38.07 -13.94
N LEU E 14 -19.65 39.23 -13.85
CA LEU E 14 -18.68 39.60 -14.88
C LEU E 14 -17.49 38.65 -14.89
N VAL E 15 -16.95 38.30 -13.73
CA VAL E 15 -15.79 37.41 -13.75
C VAL E 15 -16.16 36.04 -14.29
N ALA E 16 -17.33 35.50 -13.90
CA ALA E 16 -17.75 34.20 -14.41
C ALA E 16 -17.99 34.24 -15.92
N LEU E 17 -18.63 35.30 -16.41
CA LEU E 17 -18.88 35.42 -17.84
C LEU E 17 -17.59 35.50 -18.64
N PHE E 18 -16.63 36.32 -18.16
CA PHE E 18 -15.37 36.43 -18.89
C PHE E 18 -14.60 35.11 -18.91
N GLY E 19 -14.57 34.40 -17.78
CA GLY E 19 -13.93 33.09 -17.78
C GLY E 19 -14.58 32.12 -18.74
N PHE E 20 -15.92 32.06 -18.74
CA PHE E 20 -16.61 31.15 -19.65
C PHE E 20 -16.32 31.50 -21.10
N LEU E 21 -16.34 32.79 -21.46
CA LEU E 21 -16.08 33.17 -22.84
C LEU E 21 -14.66 32.85 -23.27
N PHE E 22 -13.67 33.10 -22.41
CA PHE E 22 -12.30 32.77 -22.76
C PHE E 22 -12.12 31.27 -22.98
N VAL E 23 -12.68 30.45 -22.10
CA VAL E 23 -12.57 29.00 -22.25
C VAL E 23 -13.27 28.56 -23.54
N LEU E 24 -14.44 29.14 -23.84
CA LEU E 24 -15.17 28.75 -25.04
C LEU E 24 -14.38 29.06 -26.30
N GLY E 25 -13.75 30.24 -26.35
CA GLY E 25 -12.94 30.58 -27.51
C GLY E 25 -11.78 29.62 -27.71
N LEU E 26 -11.06 29.30 -26.62
CA LEU E 26 -9.97 28.35 -26.74
C LEU E 26 -10.48 26.98 -27.21
N LEU E 27 -11.62 26.54 -26.67
CA LEU E 27 -12.16 25.24 -27.02
C LEU E 27 -12.51 25.18 -28.51
N ILE E 28 -13.14 26.23 -29.04
CA ILE E 28 -13.54 26.19 -30.45
C ILE E 28 -12.30 26.21 -31.34
N HIS E 29 -11.29 27.01 -30.99
CA HIS E 29 -10.07 27.01 -31.79
C HIS E 29 -9.40 25.64 -31.79
N PHE E 30 -9.35 24.98 -30.63
CA PHE E 30 -8.74 23.66 -30.57
C PHE E 30 -9.55 22.63 -31.36
N ILE E 31 -10.88 22.75 -31.34
CA ILE E 31 -11.71 21.83 -32.12
C ILE E 31 -11.45 22.02 -33.60
N LEU E 32 -11.29 23.26 -34.05
CA LEU E 32 -11.00 23.51 -35.46
C LEU E 32 -9.62 23.04 -35.85
N LEU E 33 -8.64 23.11 -34.94
CA LEU E 33 -7.29 22.70 -35.30
C LEU E 33 -7.09 21.19 -35.35
N SER E 34 -8.05 20.41 -34.86
CA SER E 34 -7.91 18.96 -34.82
C SER E 34 -8.43 18.27 -36.08
N SER E 35 -8.90 19.03 -37.07
CA SER E 35 -9.43 18.46 -38.29
C SER E 35 -8.65 18.99 -39.49
N PRO E 36 -8.19 18.13 -40.40
CA PRO E 36 -7.44 18.62 -41.56
C PRO E 36 -8.25 19.51 -42.49
N ALA E 37 -9.57 19.46 -42.42
CA ALA E 37 -10.39 20.30 -43.28
C ALA E 37 -10.20 21.78 -42.95
N PHE E 38 -10.13 22.12 -41.66
CA PHE E 38 -10.13 23.52 -41.23
C PHE E 38 -8.85 23.93 -40.52
N ASN E 39 -7.81 23.11 -40.53
CA ASN E 39 -6.53 23.47 -39.94
C ASN E 39 -5.85 24.47 -40.86
N TRP E 40 -5.66 25.70 -40.39
CA TRP E 40 -5.10 26.76 -41.22
C TRP E 40 -3.60 26.90 -41.09
N LEU E 41 -2.95 26.10 -40.24
CA LEU E 41 -1.51 26.15 -40.10
C LEU E 41 -0.79 25.19 -41.04
N SER E 42 -1.46 24.14 -41.50
CA SER E 42 -0.86 23.21 -42.45
C SER E 42 -1.79 23.02 -43.65
N GLY E 43 -3.10 23.15 -43.42
CA GLY E 43 -4.05 23.12 -44.52
C GLY E 43 -4.17 24.45 -45.24
N SER E 44 -3.77 25.53 -44.59
CA SER E 44 -3.70 26.83 -45.23
C SER E 44 -2.47 27.61 -44.76
N ASN F 3 -36.51 46.49 3.06
CA ASN F 3 -35.18 47.09 3.08
C ASN F 3 -34.76 47.53 1.67
N SER F 4 -33.47 47.45 1.40
CA SER F 4 -32.94 47.80 0.09
C SER F 4 -33.13 46.63 -0.88
N SER F 5 -32.54 46.73 -2.06
CA SER F 5 -32.65 45.66 -3.03
C SER F 5 -31.87 44.43 -2.57
N MET F 6 -32.20 43.29 -3.18
CA MET F 6 -31.59 42.02 -2.79
C MET F 6 -30.08 42.04 -2.96
N THR F 7 -29.55 42.89 -3.84
CA THR F 7 -28.11 43.00 -4.03
C THR F 7 -27.52 44.29 -3.48
N GLY F 8 -28.35 45.31 -3.20
CA GLY F 8 -27.88 46.56 -2.66
C GLY F 8 -27.73 47.69 -3.65
N LEU F 9 -28.09 47.47 -4.91
CA LEU F 9 -28.01 48.49 -5.95
C LEU F 9 -29.35 49.19 -6.09
N THR F 10 -29.32 50.51 -6.20
CA THR F 10 -30.54 51.27 -6.46
C THR F 10 -30.93 51.14 -7.94
N GLU F 11 -32.06 51.76 -8.29
CA GLU F 11 -32.55 51.66 -9.65
C GLU F 11 -31.61 52.36 -10.64
N GLN F 12 -31.24 53.61 -10.34
CA GLN F 12 -30.36 54.35 -11.24
C GLN F 12 -28.99 53.71 -11.34
N GLU F 13 -28.46 53.23 -10.22
CA GLU F 13 -27.16 52.57 -10.21
C GLU F 13 -27.19 51.23 -10.94
N ALA F 14 -28.36 50.65 -11.13
CA ALA F 14 -28.52 49.42 -11.91
C ALA F 14 -28.95 49.69 -13.34
N GLN F 15 -29.30 50.93 -13.67
CA GLN F 15 -29.57 51.31 -15.05
C GLN F 15 -28.32 51.81 -15.76
N GLU F 16 -27.45 52.54 -15.05
CA GLU F 16 -26.17 52.92 -15.65
C GLU F 16 -25.36 51.67 -16.02
N PHE F 17 -25.32 50.69 -15.12
CA PHE F 17 -24.61 49.45 -15.42
C PHE F 17 -25.25 48.72 -16.59
N HIS F 18 -26.58 48.71 -16.67
CA HIS F 18 -27.22 48.05 -17.80
C HIS F 18 -26.86 48.72 -19.12
N GLY F 19 -26.86 50.06 -19.15
CA GLY F 19 -26.48 50.74 -20.38
C GLY F 19 -25.07 50.42 -20.82
N ILE F 20 -24.11 50.49 -19.88
CA ILE F 20 -22.74 50.19 -20.27
C ILE F 20 -22.58 48.74 -20.68
N PHE F 21 -23.27 47.83 -19.98
CA PHE F 21 -23.22 46.41 -20.30
C PHE F 21 -23.71 46.14 -21.72
N VAL F 22 -24.86 46.73 -22.08
CA VAL F 22 -25.43 46.46 -23.40
C VAL F 22 -24.57 47.10 -24.48
N GLN F 23 -23.97 48.27 -24.23
CA GLN F 23 -23.07 48.84 -25.23
C GLN F 23 -21.86 47.94 -25.48
N SER F 24 -21.25 47.44 -24.41
CA SER F 24 -20.12 46.53 -24.56
C SER F 24 -20.52 45.26 -25.31
N MET F 25 -21.68 44.69 -24.98
CA MET F 25 -22.16 43.49 -25.64
C MET F 25 -22.42 43.72 -27.12
N THR F 26 -22.98 44.88 -27.46
CA THR F 26 -23.23 45.19 -28.87
C THR F 26 -21.93 45.31 -29.66
N ALA F 27 -20.92 45.98 -29.09
CA ALA F 27 -19.63 46.03 -29.78
C ALA F 27 -19.05 44.63 -29.99
N PHE F 28 -19.11 43.80 -28.95
CA PHE F 28 -18.61 42.43 -29.06
C PHE F 28 -19.33 41.66 -30.16
N PHE F 29 -20.66 41.76 -30.21
CA PHE F 29 -21.42 41.02 -31.20
C PHE F 29 -21.16 41.52 -32.62
N GLY F 30 -20.97 42.84 -32.79
CA GLY F 30 -20.62 43.34 -34.11
C GLY F 30 -19.29 42.80 -34.60
N ILE F 31 -18.28 42.78 -33.73
CA ILE F 31 -16.99 42.21 -34.13
C ILE F 31 -17.15 40.74 -34.49
N VAL F 32 -17.93 40.00 -33.70
CA VAL F 32 -18.12 38.57 -33.97
C VAL F 32 -18.81 38.36 -35.32
N VAL F 33 -19.82 39.18 -35.63
CA VAL F 33 -20.52 39.04 -36.89
C VAL F 33 -19.58 39.29 -38.07
N ILE F 34 -18.76 40.34 -37.98
CA ILE F 34 -17.82 40.60 -39.07
C ILE F 34 -16.84 39.44 -39.23
N ALA F 35 -16.33 38.92 -38.11
CA ALA F 35 -15.37 37.81 -38.20
C ALA F 35 -16.00 36.58 -38.83
N HIS F 36 -17.25 36.27 -38.48
CA HIS F 36 -17.92 35.12 -39.06
C HIS F 36 -18.21 35.31 -40.55
N ILE F 37 -18.56 36.53 -40.96
CA ILE F 37 -18.76 36.77 -42.38
C ILE F 37 -17.46 36.55 -43.16
N LEU F 38 -16.34 37.05 -42.63
CA LEU F 38 -15.06 36.83 -43.29
C LEU F 38 -14.72 35.35 -43.35
N ALA F 39 -14.96 34.63 -42.25
CA ALA F 39 -14.65 33.19 -42.22
C ALA F 39 -15.48 32.43 -43.24
N TRP F 40 -16.76 32.78 -43.40
CA TRP F 40 -17.57 32.15 -44.44
C TRP F 40 -17.05 32.48 -45.82
N LEU F 41 -16.63 33.73 -46.04
CA LEU F 41 -16.03 34.08 -47.33
C LEU F 41 -14.73 33.32 -47.58
N TRP F 42 -14.06 32.86 -46.53
CA TRP F 42 -12.82 32.12 -46.69
C TRP F 42 -13.08 30.70 -47.20
N ARG F 43 -13.83 29.88 -46.43
CA ARG F 43 -14.34 28.63 -46.97
C ARG F 43 -15.55 28.12 -46.18
N PRO F 44 -16.68 27.90 -46.85
CA PRO F 44 -17.92 27.57 -46.15
C PRO F 44 -17.88 26.20 -45.49
N TRP F 45 -18.73 26.03 -44.49
CA TRP F 45 -18.79 24.78 -43.73
C TRP F 45 -20.12 24.04 -43.87
N LEU F 46 -21.13 24.64 -44.48
CA LEU F 46 -22.40 23.95 -44.66
C LEU F 46 -22.77 23.85 -46.13
N FME G 1 -54.19 26.70 -16.74
CN FME G 1 -55.42 26.80 -16.23
O1 FME G 1 -56.35 27.45 -16.72
CA FME G 1 -53.15 25.92 -16.11
CB FME G 1 -51.97 25.70 -17.06
CG FME G 1 -51.48 26.96 -17.74
SD FME G 1 -49.95 26.68 -18.66
CE FME G 1 -48.92 25.97 -17.36
C FME G 1 -52.66 26.59 -14.81
O FME G 1 -51.48 27.00 -14.76
N SER G 2 -53.53 26.70 -13.80
CA SER G 2 -53.17 27.26 -12.50
C SER G 2 -52.68 28.70 -12.63
N PRO G 3 -53.62 29.64 -12.63
CA PRO G 3 -53.23 31.07 -12.71
C PRO G 3 -52.38 31.53 -11.55
N ASP G 4 -52.55 30.96 -10.36
CA ASP G 4 -51.80 31.36 -9.18
C ASP G 4 -50.41 30.72 -9.11
N LEU G 5 -49.90 30.20 -10.24
CA LEU G 5 -48.58 29.58 -10.27
C LEU G 5 -47.48 30.54 -9.83
N TRP G 6 -47.71 31.85 -9.90
CA TRP G 6 -46.71 32.81 -9.45
C TRP G 6 -46.40 32.67 -7.96
N LYS G 7 -47.25 31.97 -7.20
CA LYS G 7 -46.90 31.72 -5.80
C LYS G 7 -45.73 30.77 -5.65
N ILE G 8 -45.31 30.08 -6.72
CA ILE G 8 -44.21 29.14 -6.61
C ILE G 8 -42.91 29.82 -6.22
N TRP G 9 -42.81 31.14 -6.44
CA TRP G 9 -41.61 31.86 -6.07
C TRP G 9 -41.57 32.24 -4.61
N LEU G 10 -42.64 31.94 -3.86
CA LEU G 10 -42.59 32.07 -2.40
C LEU G 10 -42.04 30.84 -1.71
N LEU G 11 -41.90 29.72 -2.43
CA LEU G 11 -41.36 28.49 -1.88
C LEU G 11 -39.88 28.34 -2.13
N ILE G 12 -39.44 28.49 -3.38
CA ILE G 12 -38.04 28.38 -3.77
C ILE G 12 -37.57 29.78 -4.17
N ASP G 13 -36.35 30.13 -3.78
CA ASP G 13 -35.84 31.46 -4.06
C ASP G 13 -35.44 31.58 -5.53
N PRO G 14 -35.79 32.67 -6.21
CA PRO G 14 -35.50 32.79 -7.64
C PRO G 14 -34.03 32.73 -8.02
N ARG G 15 -33.13 33.28 -7.19
CA ARG G 15 -31.74 33.45 -7.61
C ARG G 15 -31.04 32.11 -7.81
N ARG G 16 -31.21 31.18 -6.87
CA ARG G 16 -30.57 29.89 -6.99
C ARG G 16 -31.14 29.05 -8.12
N VAL G 17 -32.46 29.12 -8.37
CA VAL G 17 -33.01 28.41 -9.51
C VAL G 17 -32.53 29.00 -10.83
N LEU G 18 -32.35 30.33 -10.90
CA LEU G 18 -31.77 30.92 -12.11
C LEU G 18 -30.36 30.42 -12.35
N ILE G 19 -29.53 30.39 -11.30
CA ILE G 19 -28.17 29.89 -11.45
C ILE G 19 -28.20 28.43 -11.92
N ALA G 20 -29.05 27.63 -11.30
CA ALA G 20 -29.14 26.21 -11.64
C ALA G 20 -29.55 26.00 -13.10
N VAL G 21 -30.56 26.74 -13.56
CA VAL G 21 -31.04 26.53 -14.92
C VAL G 21 -30.02 27.01 -15.94
N PHE G 22 -29.32 28.12 -15.65
CA PHE G 22 -28.29 28.56 -16.58
C PHE G 22 -27.18 27.53 -16.71
N ALA G 23 -26.70 27.01 -15.59
CA ALA G 23 -25.68 25.97 -15.64
C ALA G 23 -26.17 24.74 -16.39
N PHE G 24 -27.42 24.32 -16.12
CA PHE G 24 -27.95 23.12 -16.74
C PHE G 24 -28.08 23.29 -18.25
N LEU G 25 -28.59 24.44 -18.70
CA LEU G 25 -28.75 24.66 -20.13
C LEU G 25 -27.41 24.70 -20.84
N THR G 26 -26.40 25.35 -20.25
CA THR G 26 -25.09 25.34 -20.86
C THR G 26 -24.52 23.92 -20.98
N ILE G 27 -24.66 23.13 -19.91
CA ILE G 27 -24.17 21.75 -19.94
C ILE G 27 -24.89 20.93 -21.00
N LEU G 28 -26.22 21.08 -21.08
CA LEU G 28 -26.99 20.32 -22.05
C LEU G 28 -26.62 20.70 -23.48
N GLY G 29 -26.43 21.99 -23.75
CA GLY G 29 -26.04 22.40 -25.09
C GLY G 29 -24.69 21.84 -25.48
N LEU G 30 -23.69 21.92 -24.59
CA LEU G 30 -22.40 21.33 -24.90
C LEU G 30 -22.51 19.83 -25.13
N ALA G 31 -23.29 19.13 -24.29
CA ALA G 31 -23.41 17.68 -24.45
C ALA G 31 -24.05 17.32 -25.77
N ILE G 32 -25.11 18.02 -26.18
CA ILE G 32 -25.79 17.69 -27.42
C ILE G 32 -24.88 17.96 -28.62
N HIS G 33 -24.16 19.08 -28.59
CA HIS G 33 -23.23 19.36 -29.69
C HIS G 33 -22.14 18.29 -29.77
N MET G 34 -21.58 17.87 -28.64
CA MET G 34 -20.53 16.86 -28.67
C MET G 34 -21.07 15.52 -29.17
N ILE G 35 -22.28 15.15 -28.74
CA ILE G 35 -22.87 13.91 -29.21
C ILE G 35 -23.07 13.94 -30.72
N LEU G 36 -23.56 15.07 -31.25
CA LEU G 36 -23.70 15.17 -32.71
C LEU G 36 -22.35 15.11 -33.40
N LEU G 37 -21.34 15.79 -32.87
CA LEU G 37 -20.00 15.75 -33.46
C LEU G 37 -19.36 14.38 -33.37
N SER G 38 -19.87 13.48 -32.52
CA SER G 38 -19.33 12.15 -32.37
C SER G 38 -19.94 11.13 -33.32
N THR G 39 -20.82 11.55 -34.24
CA THR G 39 -21.47 10.64 -35.17
C THR G 39 -21.05 10.96 -36.60
N THR G 40 -21.00 9.91 -37.43
CA THR G 40 -20.57 10.06 -38.81
C THR G 40 -21.56 10.90 -39.62
N GLU G 41 -22.86 10.71 -39.39
CA GLU G 41 -23.85 11.33 -40.27
C GLU G 41 -23.95 12.84 -40.03
N PHE G 42 -23.95 13.28 -38.77
CA PHE G 42 -24.28 14.66 -38.45
C PHE G 42 -23.05 15.52 -38.15
N ASN G 43 -21.85 15.00 -38.35
CA ASN G 43 -20.63 15.77 -38.11
C ASN G 43 -20.46 16.77 -39.24
N TRP G 44 -20.85 18.03 -39.00
CA TRP G 44 -20.87 19.05 -40.03
C TRP G 44 -19.50 19.55 -40.43
N LEU G 45 -18.45 19.19 -39.69
CA LEU G 45 -17.10 19.65 -40.01
C LEU G 45 -16.35 18.68 -40.92
N GLU G 46 -16.54 17.38 -40.72
CA GLU G 46 -15.83 16.36 -41.48
C GLU G 46 -16.69 15.70 -42.54
N ASP G 47 -17.89 16.24 -42.79
CA ASP G 47 -18.74 15.69 -43.84
C ASP G 47 -18.12 15.85 -45.21
N GLY G 48 -17.27 16.86 -45.39
CA GLY G 48 -16.69 17.17 -46.68
C GLY G 48 -17.55 18.08 -47.54
N ILE G 49 -18.73 18.44 -47.09
CA ILE G 49 -19.65 19.29 -47.85
C ILE G 49 -19.59 20.70 -47.30
N PRO G 50 -19.38 21.72 -48.14
CA PRO G 50 -19.22 21.56 -49.59
C PRO G 50 -17.77 21.29 -50.01
N LYS H 5 -44.45 37.28 5.01
CA LYS H 5 -43.11 36.77 5.30
C LYS H 5 -43.04 35.27 5.01
N SER H 6 -42.85 34.93 3.74
CA SER H 6 -42.73 33.54 3.34
C SER H 6 -41.27 33.08 3.47
N MET H 7 -41.02 31.84 3.05
CA MET H 7 -39.71 31.22 3.21
C MET H 7 -38.70 31.69 2.16
N THR H 8 -39.01 32.75 1.41
CA THR H 8 -38.04 33.40 0.54
C THR H 8 -37.86 34.87 0.84
N GLY H 9 -38.77 35.49 1.58
CA GLY H 9 -38.68 36.91 1.87
C GLY H 9 -39.17 37.81 0.77
N LEU H 10 -39.82 37.25 -0.26
CA LEU H 10 -40.33 38.02 -1.37
C LEU H 10 -41.78 38.41 -1.11
N THR H 11 -42.09 39.69 -1.29
CA THR H 11 -43.43 40.18 -1.05
C THR H 11 -44.38 39.72 -2.14
N GLU H 12 -45.68 39.91 -1.89
CA GLU H 12 -46.70 39.43 -2.82
C GLU H 12 -46.63 40.14 -4.17
N ASP H 13 -46.17 41.40 -4.18
CA ASP H 13 -46.05 42.17 -5.41
C ASP H 13 -44.68 42.03 -6.05
N GLU H 14 -43.81 41.19 -5.51
CA GLU H 14 -42.49 40.94 -6.06
C GLU H 14 -42.39 39.61 -6.79
N ALA H 15 -42.99 38.55 -6.25
CA ALA H 15 -43.09 37.29 -6.97
C ALA H 15 -43.92 37.45 -8.24
N LYS H 16 -44.97 38.27 -8.20
CA LYS H 16 -45.75 38.53 -9.40
C LYS H 16 -44.90 39.15 -10.49
N GLU H 17 -44.10 40.17 -10.13
CA GLU H 17 -43.25 40.82 -11.12
C GLU H 17 -42.18 39.87 -11.65
N PHE H 18 -41.58 39.07 -10.76
CA PHE H 18 -40.58 38.11 -11.23
C PHE H 18 -41.20 37.11 -12.20
N HIS H 19 -42.41 36.63 -11.90
CA HIS H 19 -43.07 35.69 -12.80
C HIS H 19 -43.40 36.35 -14.14
N GLY H 20 -43.87 37.61 -14.10
CA GLY H 20 -44.18 38.31 -15.34
C GLY H 20 -42.98 38.48 -16.23
N ILE H 21 -41.81 38.76 -15.65
CA ILE H 21 -40.58 38.80 -16.44
C ILE H 21 -40.14 37.41 -16.89
N PHE H 22 -40.28 36.41 -16.01
CA PHE H 22 -39.78 35.06 -16.27
C PHE H 22 -40.50 34.43 -17.47
N THR H 23 -41.82 34.58 -17.54
CA THR H 23 -42.57 33.97 -18.62
C THR H 23 -42.14 34.50 -19.98
N GLN H 24 -41.97 35.82 -20.10
CA GLN H 24 -41.57 36.41 -21.38
C GLN H 24 -40.12 36.05 -21.73
N SER H 25 -39.22 36.12 -20.74
CA SER H 25 -37.83 35.78 -20.97
C SER H 25 -37.65 34.31 -21.34
N MET H 26 -38.58 33.44 -20.98
CA MET H 26 -38.55 32.05 -21.43
C MET H 26 -39.23 31.85 -22.78
N THR H 27 -40.32 32.59 -23.06
CA THR H 27 -41.00 32.45 -24.33
C THR H 27 -40.11 32.87 -25.49
N MET H 28 -39.36 33.96 -25.33
CA MET H 28 -38.47 34.38 -26.41
C MET H 28 -37.36 33.36 -26.67
N PHE H 29 -36.79 32.79 -25.62
CA PHE H 29 -35.78 31.75 -25.78
C PHE H 29 -36.35 30.54 -26.52
N PHE H 30 -37.58 30.14 -26.17
CA PHE H 30 -38.20 29.03 -26.88
C PHE H 30 -38.47 29.37 -28.34
N GLY H 31 -38.85 30.61 -28.64
CA GLY H 31 -39.03 31.00 -30.03
C GLY H 31 -37.75 30.91 -30.84
N ILE H 32 -36.64 31.36 -30.25
CA ILE H 32 -35.35 31.24 -30.93
C ILE H 32 -35.01 29.78 -31.17
N VAL H 33 -35.27 28.92 -30.17
CA VAL H 33 -35.02 27.49 -30.34
C VAL H 33 -35.86 26.92 -31.48
N ILE H 34 -37.14 27.32 -31.55
CA ILE H 34 -38.02 26.83 -32.60
C ILE H 34 -37.48 27.22 -33.97
N ILE H 35 -37.04 28.47 -34.11
CA ILE H 35 -36.51 28.91 -35.40
C ILE H 35 -35.25 28.13 -35.77
N ALA H 36 -34.36 27.90 -34.79
CA ALA H 36 -33.15 27.15 -35.06
C ALA H 36 -33.47 25.72 -35.52
N HIS H 37 -34.44 25.08 -34.88
CA HIS H 37 -34.80 23.72 -35.30
C HIS H 37 -35.50 23.68 -36.64
N ILE H 38 -36.32 24.69 -36.97
CA ILE H 38 -36.92 24.75 -38.30
C ILE H 38 -35.83 24.88 -39.35
N LEU H 39 -34.80 25.68 -39.07
CA LEU H 39 -33.68 25.79 -40.02
C LEU H 39 -32.88 24.50 -40.10
N ALA H 40 -32.73 23.78 -38.97
CA ALA H 40 -31.94 22.56 -38.99
C ALA H 40 -32.67 21.40 -39.67
N TRP H 41 -34.01 21.42 -39.67
CA TRP H 41 -34.75 20.37 -40.36
C TRP H 41 -34.54 20.45 -41.87
N LEU H 42 -34.48 21.66 -42.42
CA LEU H 42 -34.28 21.84 -43.85
C LEU H 42 -32.86 21.52 -44.30
N TRP H 43 -31.94 21.32 -43.37
CA TRP H 43 -30.55 21.03 -43.71
C TRP H 43 -30.31 19.53 -43.83
N ARG H 44 -30.61 18.78 -42.78
CA ARG H 44 -30.39 17.34 -42.76
C ARG H 44 -31.43 16.71 -41.85
N PRO H 45 -32.61 16.39 -42.38
CA PRO H 45 -33.66 15.83 -41.53
C PRO H 45 -33.25 14.49 -40.93
N TRP H 46 -33.72 14.23 -39.71
CA TRP H 46 -33.29 13.06 -38.96
C TRP H 46 -34.38 12.03 -38.74
N LEU H 47 -35.63 12.33 -39.08
CA LEU H 47 -36.71 11.36 -38.94
C LEU H 47 -37.37 11.08 -40.29
N SER I 2 -58.22 7.95 -2.10
CA SER I 2 -58.24 8.70 -0.85
C SER I 2 -58.67 10.14 -1.08
N PRO I 3 -59.80 10.54 -0.49
CA PRO I 3 -60.30 11.90 -0.70
C PRO I 3 -59.72 12.93 0.25
N ASP I 4 -58.94 12.52 1.24
CA ASP I 4 -58.29 13.43 2.19
C ASP I 4 -56.78 13.27 2.11
N LEU I 5 -56.25 13.10 0.90
CA LEU I 5 -54.84 12.85 0.70
C LEU I 5 -53.99 14.12 0.83
N TRP I 6 -54.58 15.30 0.69
CA TRP I 6 -53.84 16.55 0.77
C TRP I 6 -53.13 16.74 2.11
N LYS I 7 -53.59 16.08 3.17
CA LYS I 7 -52.89 16.17 4.45
C LYS I 7 -51.49 15.60 4.39
N ILE I 8 -51.11 14.94 3.30
CA ILE I 8 -49.72 14.53 3.12
C ILE I 8 -48.80 15.74 3.06
N TRP I 9 -49.34 16.90 2.73
CA TRP I 9 -48.53 18.12 2.75
C TRP I 9 -48.35 18.68 4.16
N LEU I 10 -49.09 18.16 5.14
CA LEU I 10 -48.91 18.57 6.52
C LEU I 10 -47.72 17.90 7.19
N LEU I 11 -47.17 16.83 6.60
CA LEU I 11 -46.04 16.13 7.18
C LEU I 11 -44.75 16.27 6.38
N ILE I 12 -44.82 16.42 5.06
CA ILE I 12 -43.63 16.56 4.21
C ILE I 12 -43.58 17.98 3.68
N ASP I 13 -42.43 18.62 3.82
CA ASP I 13 -42.30 20.01 3.41
C ASP I 13 -42.44 20.14 1.89
N PRO I 14 -43.34 21.00 1.41
CA PRO I 14 -43.62 21.06 -0.03
C PRO I 14 -42.53 21.69 -0.87
N ARG I 15 -41.50 22.27 -0.27
CA ARG I 15 -40.44 22.92 -1.04
C ARG I 15 -39.27 21.98 -1.32
N ARG I 16 -39.34 20.73 -0.89
CA ARG I 16 -38.33 19.74 -1.21
C ARG I 16 -38.79 18.69 -2.20
N VAL I 17 -40.07 18.33 -2.17
CA VAL I 17 -40.60 17.40 -3.16
C VAL I 17 -40.47 17.98 -4.56
N LEU I 18 -40.65 19.31 -4.69
CA LEU I 18 -40.51 19.93 -6.00
C LEU I 18 -39.12 19.70 -6.58
N ILE I 19 -38.07 19.99 -5.80
CA ILE I 19 -36.71 19.79 -6.27
C ILE I 19 -36.47 18.32 -6.57
N ALA I 20 -36.93 17.44 -5.67
CA ALA I 20 -36.71 16.01 -5.84
C ALA I 20 -37.34 15.51 -7.12
N VAL I 21 -38.59 15.90 -7.40
CA VAL I 21 -39.26 15.40 -8.59
C VAL I 21 -38.64 16.00 -9.85
N PHE I 22 -38.22 17.26 -9.79
CA PHE I 22 -37.57 17.84 -10.97
C PHE I 22 -36.30 17.08 -11.33
N ALA I 23 -35.42 16.86 -10.34
CA ALA I 23 -34.19 16.12 -10.59
C ALA I 23 -34.49 14.69 -11.02
N PHE I 24 -35.45 14.04 -10.37
CA PHE I 24 -35.79 12.65 -10.69
C PHE I 24 -36.30 12.51 -12.12
N LEU I 25 -37.22 13.41 -12.53
CA LEU I 25 -37.75 13.35 -13.89
C LEU I 25 -36.67 13.63 -14.91
N THR I 26 -35.79 14.60 -14.65
CA THR I 26 -34.72 14.89 -15.59
C THR I 26 -33.80 13.68 -15.77
N ILE I 27 -33.39 13.06 -14.66
CA ILE I 27 -32.48 11.93 -14.74
C ILE I 27 -33.14 10.74 -15.41
N LEU I 28 -34.42 10.48 -15.08
CA LEU I 28 -35.14 9.38 -15.72
C LEU I 28 -35.26 9.59 -17.22
N GLY I 29 -35.57 10.82 -17.65
CA GLY I 29 -35.66 11.09 -19.07
C GLY I 29 -34.33 10.88 -19.79
N LEU I 30 -33.25 11.36 -19.18
CA LEU I 30 -31.93 11.13 -19.77
C LEU I 30 -31.63 9.64 -19.88
N ALA I 31 -31.93 8.88 -18.83
CA ALA I 31 -31.64 7.45 -18.84
C ALA I 31 -32.42 6.72 -19.93
N ILE I 32 -33.70 7.07 -20.10
CA ILE I 32 -34.51 6.39 -21.11
C ILE I 32 -34.04 6.77 -22.52
N HIS I 33 -33.72 8.04 -22.74
CA HIS I 33 -33.18 8.42 -24.05
C HIS I 33 -31.87 7.69 -24.34
N MET I 34 -31.00 7.53 -23.35
CA MET I 34 -29.75 6.81 -23.57
C MET I 34 -29.96 5.32 -23.81
N ILE I 35 -30.89 4.69 -23.10
CA ILE I 35 -31.18 3.28 -23.33
C ILE I 35 -31.72 3.07 -24.74
N LEU I 36 -32.60 3.96 -25.20
CA LEU I 36 -33.08 3.86 -26.57
C LEU I 36 -31.96 4.07 -27.57
N LEU I 37 -31.04 5.01 -27.31
CA LEU I 37 -29.92 5.20 -28.21
C LEU I 37 -29.00 3.99 -28.25
N SER I 38 -28.92 3.23 -27.16
CA SER I 38 -28.04 2.06 -27.14
C SER I 38 -28.52 0.96 -28.07
N THR I 39 -29.81 0.89 -28.36
CA THR I 39 -30.33 -0.17 -29.21
C THR I 39 -30.08 0.15 -30.67
N THR I 40 -30.15 -0.88 -31.52
CA THR I 40 -29.98 -0.73 -32.95
C THR I 40 -31.29 -0.59 -33.71
N GLU I 41 -32.42 -0.74 -33.03
CA GLU I 41 -33.73 -0.60 -33.66
C GLU I 41 -34.34 0.78 -33.48
N PHE I 42 -34.11 1.42 -32.33
CA PHE I 42 -34.68 2.73 -32.05
C PHE I 42 -33.67 3.86 -32.09
N ASN I 43 -32.41 3.57 -32.42
CA ASN I 43 -31.42 4.64 -32.58
C ASN I 43 -31.82 5.51 -33.76
N TRP I 44 -32.21 6.75 -33.49
CA TRP I 44 -32.67 7.66 -34.54
C TRP I 44 -31.52 8.40 -35.21
N LEU I 45 -30.30 8.30 -34.68
CA LEU I 45 -29.16 9.02 -35.22
C LEU I 45 -28.35 8.20 -36.21
N GLU I 46 -28.49 6.88 -36.19
CA GLU I 46 -27.77 6.02 -37.13
C GLU I 46 -28.69 4.97 -37.78
N ASP I 47 -29.99 5.24 -37.83
CA ASP I 47 -30.93 4.27 -38.39
C ASP I 47 -30.80 4.13 -39.90
N GLY I 48 -30.24 5.14 -40.58
CA GLY I 48 -30.19 5.13 -42.02
C GLY I 48 -31.45 5.64 -42.69
N ILE I 49 -32.36 6.25 -41.95
CA ILE I 49 -33.56 6.88 -42.49
C ILE I 49 -33.56 8.33 -42.01
N PRO I 50 -33.66 9.32 -42.91
CA PRO I 50 -33.79 9.11 -44.36
C PRO I 50 -32.45 9.16 -45.08
N SER J 6 -48.35 21.44 9.46
CA SER J 6 -48.27 21.35 10.91
C SER J 6 -46.82 21.17 11.37
N MET J 7 -46.29 19.96 11.18
CA MET J 7 -44.89 19.71 11.51
C MET J 7 -43.97 20.56 10.63
N THR J 8 -44.27 20.66 9.34
CA THR J 8 -43.46 21.40 8.40
C THR J 8 -43.87 22.87 8.28
N GLY J 9 -44.55 23.40 9.29
CA GLY J 9 -44.89 24.81 9.30
C GLY J 9 -45.85 25.21 8.20
N LEU J 10 -46.79 24.36 7.84
CA LEU J 10 -47.78 24.64 6.83
C LEU J 10 -49.16 24.43 7.42
N THR J 11 -50.05 25.41 7.24
CA THR J 11 -51.40 25.30 7.76
C THR J 11 -52.24 24.39 6.86
N GLU J 12 -53.49 24.18 7.26
CA GLU J 12 -54.38 23.32 6.48
C GLU J 12 -54.86 24.02 5.22
N ASP J 13 -55.23 25.30 5.34
CA ASP J 13 -55.76 26.04 4.20
C ASP J 13 -54.72 26.27 3.11
N GLU J 14 -53.44 26.36 3.46
CA GLU J 14 -52.42 26.43 2.44
C GLU J 14 -52.15 25.07 1.81
N ALA J 15 -52.23 24.00 2.61
CA ALA J 15 -52.03 22.66 2.10
C ALA J 15 -53.08 22.28 1.06
N LYS J 16 -54.33 22.68 1.30
CA LYS J 16 -55.40 22.36 0.36
C LYS J 16 -55.12 22.94 -1.03
N GLU J 17 -54.78 24.24 -1.09
CA GLU J 17 -54.54 24.85 -2.40
C GLU J 17 -53.21 24.41 -3.00
N PHE J 18 -52.20 24.09 -2.19
CA PHE J 18 -51.01 23.47 -2.75
C PHE J 18 -51.34 22.15 -3.44
N HIS J 19 -52.19 21.33 -2.80
CA HIS J 19 -52.60 20.08 -3.41
C HIS J 19 -53.36 20.32 -4.72
N GLY J 20 -54.24 21.32 -4.72
CA GLY J 20 -54.97 21.63 -5.95
C GLY J 20 -54.06 22.02 -7.09
N ILE J 21 -53.11 22.93 -6.82
CA ILE J 21 -52.18 23.36 -7.87
C ILE J 21 -51.30 22.21 -8.32
N PHE J 22 -50.86 21.36 -7.38
CA PHE J 22 -50.05 20.20 -7.73
C PHE J 22 -50.80 19.27 -8.68
N THR J 23 -52.08 19.00 -8.38
CA THR J 23 -52.87 18.14 -9.24
C THR J 23 -53.04 18.77 -10.63
N GLN J 24 -53.31 20.07 -10.68
CA GLN J 24 -53.46 20.72 -11.97
C GLN J 24 -52.17 20.76 -12.79
N SER J 25 -51.00 20.77 -12.15
CA SER J 25 -49.76 20.66 -12.90
C SER J 25 -49.48 19.25 -13.38
N MET J 26 -49.74 18.25 -12.53
CA MET J 26 -49.61 16.86 -12.95
C MET J 26 -50.52 16.52 -14.12
N THR J 27 -51.70 17.12 -14.17
CA THR J 27 -52.61 16.85 -15.29
C THR J 27 -51.97 17.25 -16.62
N MET J 28 -51.44 18.46 -16.72
CA MET J 28 -50.80 18.90 -17.96
C MET J 28 -49.55 18.07 -18.25
N PHE J 29 -48.77 17.74 -17.22
CA PHE J 29 -47.55 16.98 -17.48
C PHE J 29 -47.85 15.58 -17.99
N PHE J 30 -48.91 14.95 -17.48
CA PHE J 30 -49.33 13.63 -17.96
C PHE J 30 -50.25 13.73 -19.16
N GLY J 31 -50.55 14.93 -19.63
CA GLY J 31 -51.26 15.08 -20.88
C GLY J 31 -50.32 15.25 -22.07
N ILE J 32 -49.24 15.99 -21.87
CA ILE J 32 -48.26 16.17 -22.94
C ILE J 32 -47.50 14.87 -23.24
N VAL J 33 -47.19 14.09 -22.21
CA VAL J 33 -46.49 12.81 -22.38
C VAL J 33 -47.31 11.86 -23.24
N ILE J 34 -48.64 11.89 -23.09
CA ILE J 34 -49.50 11.01 -23.88
C ILE J 34 -49.38 11.34 -25.36
N ILE J 35 -49.37 12.64 -25.69
CA ILE J 35 -49.18 13.05 -27.09
C ILE J 35 -47.81 12.59 -27.58
N ALA J 36 -46.78 12.77 -26.77
CA ALA J 36 -45.45 12.32 -27.17
C ALA J 36 -45.42 10.83 -27.46
N HIS J 37 -46.04 10.02 -26.60
CA HIS J 37 -46.03 8.58 -26.76
C HIS J 37 -46.93 8.08 -27.89
N ILE J 38 -48.03 8.78 -28.19
CA ILE J 38 -48.81 8.37 -29.35
C ILE J 38 -48.07 8.72 -30.64
N LEU J 39 -47.36 9.85 -30.67
CA LEU J 39 -46.53 10.14 -31.84
C LEU J 39 -45.43 9.11 -32.01
N ALA J 40 -44.78 8.72 -30.91
CA ALA J 40 -43.72 7.72 -31.00
C ALA J 40 -44.26 6.39 -31.51
N TRP J 41 -45.45 5.98 -31.04
CA TRP J 41 -46.05 4.75 -31.54
C TRP J 41 -46.39 4.85 -33.02
N LEU J 42 -46.88 6.01 -33.46
CA LEU J 42 -47.10 6.20 -34.89
C LEU J 42 -45.79 6.08 -35.67
N TRP J 43 -44.68 6.50 -35.06
CA TRP J 43 -43.39 6.48 -35.75
C TRP J 43 -42.82 5.06 -35.83
N ARG J 44 -42.74 4.36 -34.70
CA ARG J 44 -42.13 3.04 -34.71
C ARG J 44 -42.66 2.19 -33.55
N PRO J 45 -43.65 1.34 -33.77
CA PRO J 45 -44.22 0.57 -32.67
C PRO J 45 -43.21 -0.42 -32.08
N TRP J 46 -43.29 -0.62 -30.77
CA TRP J 46 -42.36 -1.49 -30.05
C TRP J 46 -42.96 -2.80 -29.60
N LEU J 47 -44.24 -2.83 -29.26
CA LEU J 47 -44.89 -4.07 -28.83
C LEU J 47 -45.22 -4.96 -30.02
N FME K 1 -54.63 -3.29 13.65
CN FME K 1 -55.23 -3.19 14.83
O1 FME K 1 -54.68 -2.88 15.88
CA FME K 1 -53.21 -3.04 13.47
CB FME K 1 -52.70 -3.69 12.17
CG FME K 1 -52.78 -5.19 12.18
SD FME K 1 -52.05 -5.92 10.69
CE FME K 1 -50.41 -5.21 10.76
C FME K 1 -52.88 -1.54 13.46
O FME K 1 -51.68 -1.22 13.33
N HIS K 2 -53.87 -0.67 13.59
CA HIS K 2 -53.63 0.76 13.43
C HIS K 2 -52.81 1.36 14.57
N LYS K 3 -52.10 0.51 15.32
CA LYS K 3 -51.14 0.95 16.32
C LYS K 3 -49.71 0.69 15.89
N ILE K 4 -49.51 0.21 14.67
CA ILE K 4 -48.15 -0.02 14.17
C ILE K 4 -47.40 1.29 14.01
N TRP K 5 -48.10 2.38 13.72
CA TRP K 5 -47.46 3.68 13.52
C TRP K 5 -46.96 4.31 14.81
N GLN K 6 -47.30 3.73 15.96
CA GLN K 6 -46.72 4.15 17.23
C GLN K 6 -45.27 3.70 17.39
N ILE K 7 -44.79 2.80 16.53
CA ILE K 7 -43.42 2.30 16.61
C ILE K 7 -42.58 2.84 15.46
N PHE K 8 -43.08 2.76 14.24
CA PHE K 8 -42.38 3.22 13.05
C PHE K 8 -42.75 4.67 12.75
N ASP K 9 -41.76 5.45 12.32
CA ASP K 9 -41.99 6.82 11.92
C ASP K 9 -42.70 6.85 10.57
N PRO K 10 -43.88 7.46 10.47
CA PRO K 10 -44.59 7.47 9.17
C PRO K 10 -43.78 8.09 8.03
N ARG K 11 -43.09 9.19 8.28
CA ARG K 11 -42.33 9.86 7.23
C ARG K 11 -41.16 8.99 6.76
N ARG K 12 -40.39 8.46 7.72
CA ARG K 12 -39.28 7.57 7.38
C ARG K 12 -39.76 6.34 6.63
N THR K 13 -40.87 5.76 7.08
CA THR K 13 -41.42 4.58 6.42
C THR K 13 -41.84 4.88 5.00
N LEU K 14 -42.51 6.02 4.78
CA LEU K 14 -42.94 6.36 3.43
C LEU K 14 -41.75 6.60 2.50
N VAL K 15 -40.72 7.31 2.98
CA VAL K 15 -39.56 7.57 2.15
C VAL K 15 -38.86 6.26 1.77
N ALA K 16 -38.62 5.41 2.77
CA ALA K 16 -37.96 4.14 2.49
C ALA K 16 -38.79 3.26 1.57
N LEU K 17 -40.11 3.25 1.75
CA LEU K 17 -40.97 2.44 0.91
C LEU K 17 -40.93 2.91 -0.54
N PHE K 18 -40.97 4.23 -0.76
CA PHE K 18 -40.93 4.72 -2.13
C PHE K 18 -39.60 4.37 -2.80
N GLY K 19 -38.49 4.57 -2.09
CA GLY K 19 -37.19 4.20 -2.66
C GLY K 19 -37.10 2.72 -2.97
N PHE K 20 -37.55 1.88 -2.04
CA PHE K 20 -37.50 0.43 -2.24
C PHE K 20 -38.34 -0.01 -3.43
N LEU K 21 -39.56 0.53 -3.55
CA LEU K 21 -40.41 0.15 -4.68
C LEU K 21 -39.81 0.60 -6.00
N PHE K 22 -39.23 1.79 -6.05
CA PHE K 22 -38.62 2.26 -7.29
C PHE K 22 -37.46 1.34 -7.70
N VAL K 23 -36.60 0.99 -6.74
CA VAL K 23 -35.46 0.13 -7.07
C VAL K 23 -35.93 -1.26 -7.51
N LEU K 24 -36.96 -1.79 -6.85
CA LEU K 24 -37.47 -3.10 -7.23
C LEU K 24 -38.04 -3.09 -8.64
N GLY K 25 -38.81 -2.05 -8.99
CA GLY K 25 -39.32 -1.95 -10.34
C GLY K 25 -38.22 -1.86 -11.38
N LEU K 26 -37.18 -1.07 -11.10
CA LEU K 26 -36.05 -0.98 -12.01
C LEU K 26 -35.38 -2.34 -12.20
N LEU K 27 -35.17 -3.07 -11.11
CA LEU K 27 -34.53 -4.37 -11.20
C LEU K 27 -35.37 -5.35 -12.02
N ILE K 28 -36.68 -5.36 -11.82
CA ILE K 28 -37.51 -6.30 -12.56
C ILE K 28 -37.52 -5.97 -14.04
N HIS K 29 -37.61 -4.68 -14.39
CA HIS K 29 -37.56 -4.30 -15.79
C HIS K 29 -36.24 -4.73 -16.43
N PHE K 30 -35.11 -4.53 -15.73
CA PHE K 30 -33.83 -4.94 -16.30
C PHE K 30 -33.73 -6.46 -16.44
N ILE K 31 -34.23 -7.22 -15.47
CA ILE K 31 -34.20 -8.68 -15.60
C ILE K 31 -35.02 -9.13 -16.79
N LEU K 32 -36.18 -8.51 -17.00
CA LEU K 32 -36.96 -8.83 -18.20
C LEU K 32 -36.20 -8.48 -19.47
N LEU K 33 -35.45 -7.38 -19.46
CA LEU K 33 -34.65 -7.02 -20.62
C LEU K 33 -33.59 -8.07 -20.92
N SER K 34 -32.94 -8.60 -19.88
CA SER K 34 -31.83 -9.54 -20.11
C SER K 34 -32.29 -10.88 -20.69
N SER K 35 -33.59 -11.18 -20.66
CA SER K 35 -34.09 -12.44 -21.18
C SER K 35 -34.47 -12.28 -22.64
N PRO K 36 -33.87 -13.03 -23.56
CA PRO K 36 -34.16 -12.84 -24.98
C PRO K 36 -35.60 -13.13 -25.37
N ALA K 37 -36.35 -13.87 -24.55
CA ALA K 37 -37.75 -14.14 -24.83
C ALA K 37 -38.68 -13.02 -24.38
N PHE K 38 -38.19 -12.07 -23.60
CA PHE K 38 -39.01 -10.97 -23.12
C PHE K 38 -38.44 -9.59 -23.45
N ASN K 39 -37.29 -9.51 -24.10
CA ASN K 39 -36.74 -8.23 -24.54
C ASN K 39 -37.66 -7.61 -25.58
N TRP K 40 -38.33 -6.52 -25.23
CA TRP K 40 -39.27 -5.87 -26.13
C TRP K 40 -38.63 -4.79 -26.99
N LEU K 41 -37.35 -4.50 -26.78
CA LEU K 41 -36.65 -3.46 -27.55
C LEU K 41 -35.91 -4.02 -28.76
N SER K 42 -35.92 -5.32 -28.96
CA SER K 42 -35.34 -5.96 -30.13
C SER K 42 -36.44 -6.26 -31.14
N GLY K 43 -36.11 -7.02 -32.18
CA GLY K 43 -37.11 -7.47 -33.13
C GLY K 43 -38.11 -8.42 -32.51
N SER K 44 -39.39 -8.04 -32.57
CA SER K 44 -40.48 -8.75 -31.89
C SER K 44 -40.18 -8.93 -30.41
N THR L 7 -43.30 7.04 19.69
CA THR L 7 -42.86 7.91 18.61
C THR L 7 -43.52 9.29 18.71
N GLY L 8 -44.13 9.56 19.85
CA GLY L 8 -44.83 10.82 20.04
C GLY L 8 -46.05 11.00 19.17
N LEU L 9 -46.84 9.94 19.00
CA LEU L 9 -48.09 9.99 18.26
C LEU L 9 -49.23 9.53 19.16
N THR L 10 -50.35 10.25 19.11
CA THR L 10 -51.53 9.85 19.83
C THR L 10 -52.26 8.73 19.08
N GLU L 11 -53.19 8.09 19.78
CA GLU L 11 -53.94 6.98 19.18
C GLU L 11 -54.80 7.48 18.02
N GLN L 12 -55.43 8.65 18.18
CA GLN L 12 -56.28 9.17 17.12
C GLN L 12 -55.46 9.71 15.96
N GLU L 13 -54.23 10.15 16.21
CA GLU L 13 -53.35 10.54 15.11
C GLU L 13 -52.96 9.34 14.26
N ALA L 14 -52.84 8.16 14.88
CA ALA L 14 -52.50 6.93 14.18
C ALA L 14 -53.72 6.24 13.59
N GLN L 15 -54.82 6.96 13.39
CA GLN L 15 -56.03 6.39 12.81
C GLN L 15 -56.19 6.79 11.35
N GLU L 16 -56.29 8.09 11.08
CA GLU L 16 -56.52 8.54 9.72
C GLU L 16 -55.30 8.28 8.84
N PHE L 17 -54.10 8.22 9.41
CA PHE L 17 -52.94 7.87 8.62
C PHE L 17 -53.06 6.46 8.07
N HIS L 18 -53.44 5.49 8.91
CA HIS L 18 -53.67 4.14 8.43
C HIS L 18 -54.83 4.10 7.45
N GLY L 19 -55.88 4.87 7.72
CA GLY L 19 -57.04 4.88 6.83
C GLY L 19 -56.69 5.34 5.42
N ILE L 20 -55.86 6.38 5.32
CA ILE L 20 -55.39 6.84 4.01
C ILE L 20 -54.41 5.84 3.41
N PHE L 21 -53.55 5.27 4.24
CA PHE L 21 -52.49 4.38 3.76
C PHE L 21 -53.06 3.16 3.07
N VAL L 22 -54.09 2.55 3.66
CA VAL L 22 -54.65 1.33 3.08
C VAL L 22 -55.30 1.63 1.73
N GLN L 23 -56.03 2.74 1.63
CA GLN L 23 -56.69 3.08 0.37
C GLN L 23 -55.67 3.37 -0.73
N SER L 24 -54.61 4.11 -0.40
CA SER L 24 -53.59 4.35 -1.41
C SER L 24 -52.92 3.06 -1.85
N MET L 25 -52.60 2.18 -0.91
CA MET L 25 -52.00 0.89 -1.27
C MET L 25 -52.91 0.08 -2.17
N THR L 26 -54.22 0.07 -1.88
CA THR L 26 -55.13 -0.72 -2.71
C THR L 26 -55.31 -0.13 -4.10
N ALA L 27 -55.26 1.21 -4.24
CA ALA L 27 -55.29 1.79 -5.58
C ALA L 27 -54.05 1.38 -6.37
N PHE L 28 -52.88 1.43 -5.72
CA PHE L 28 -51.66 0.98 -6.39
C PHE L 28 -51.76 -0.49 -6.80
N PHE L 29 -52.31 -1.32 -5.92
CA PHE L 29 -52.47 -2.75 -6.24
C PHE L 29 -53.43 -2.95 -7.41
N GLY L 30 -54.51 -2.17 -7.49
CA GLY L 30 -55.40 -2.28 -8.64
C GLY L 30 -54.70 -1.95 -9.93
N ILE L 31 -53.89 -0.88 -9.94
CA ILE L 31 -53.13 -0.56 -11.14
C ILE L 31 -52.18 -1.70 -11.51
N VAL L 32 -51.51 -2.28 -10.51
CA VAL L 32 -50.59 -3.38 -10.76
C VAL L 32 -51.33 -4.56 -11.37
N VAL L 33 -52.52 -4.88 -10.86
CA VAL L 33 -53.28 -6.01 -11.37
C VAL L 33 -53.70 -5.77 -12.81
N ILE L 34 -54.12 -4.55 -13.14
CA ILE L 34 -54.48 -4.26 -14.53
C ILE L 34 -53.28 -4.45 -15.44
N ALA L 35 -52.13 -3.91 -15.04
CA ALA L 35 -50.93 -4.04 -15.85
C ALA L 35 -50.55 -5.50 -16.07
N HIS L 36 -50.64 -6.32 -15.01
CA HIS L 36 -50.27 -7.72 -15.14
C HIS L 36 -51.24 -8.50 -16.02
N ILE L 37 -52.54 -8.21 -15.93
CA ILE L 37 -53.50 -8.87 -16.81
C ILE L 37 -53.19 -8.54 -18.26
N LEU L 38 -52.90 -7.27 -18.54
CA LEU L 38 -52.54 -6.90 -19.92
C LEU L 38 -51.25 -7.59 -20.36
N ALA L 39 -50.26 -7.69 -19.49
CA ALA L 39 -49.01 -8.36 -19.84
C ALA L 39 -49.24 -9.83 -20.17
N TRP L 40 -50.08 -10.51 -19.38
CA TRP L 40 -50.40 -11.90 -19.70
C TRP L 40 -51.15 -11.99 -21.02
N LEU L 41 -52.02 -11.02 -21.31
CA LEU L 41 -52.67 -10.99 -22.62
C LEU L 41 -51.67 -10.76 -23.75
N TRP L 42 -50.52 -10.17 -23.46
CA TRP L 42 -49.48 -9.97 -24.46
C TRP L 42 -48.66 -11.24 -24.70
N ARG L 43 -48.00 -11.74 -23.67
CA ARG L 43 -47.10 -12.88 -23.82
C ARG L 43 -47.04 -13.67 -22.52
N PRO L 44 -47.74 -14.79 -22.42
CA PRO L 44 -47.78 -15.54 -21.16
C PRO L 44 -46.43 -16.16 -20.83
N TRP L 45 -46.21 -16.36 -19.52
CA TRP L 45 -44.94 -16.87 -19.02
C TRP L 45 -45.08 -18.21 -18.29
N LEU L 46 -46.20 -18.91 -18.49
CA LEU L 46 -46.39 -20.20 -17.84
C LEU L 46 -46.90 -21.24 -18.83
N FME M 1 -46.11 -18.43 27.43
CN FME M 1 -47.33 -18.16 27.88
O1 FME M 1 -48.25 -17.69 27.21
CA FME M 1 -45.68 -18.33 26.05
CB FME M 1 -46.58 -19.14 25.12
CG FME M 1 -46.08 -19.17 23.69
SD FME M 1 -44.40 -19.83 23.59
CE FME M 1 -44.10 -19.71 21.82
C FME M 1 -45.61 -16.87 25.57
O FME M 1 -44.58 -16.50 24.96
N HIS M 2 -46.63 -16.06 25.84
CA HIS M 2 -46.65 -14.66 25.46
C HIS M 2 -45.54 -13.85 26.13
N LYS M 3 -44.88 -14.46 27.11
CA LYS M 3 -43.88 -13.78 27.94
C LYS M 3 -42.60 -13.46 27.18
N ILE M 4 -42.43 -13.98 25.96
CA ILE M 4 -41.19 -13.77 25.23
C ILE M 4 -40.97 -12.29 24.94
N TRP M 5 -42.05 -11.53 24.82
CA TRP M 5 -41.92 -10.10 24.54
C TRP M 5 -41.45 -9.32 25.75
N GLN M 6 -41.37 -9.94 26.92
CA GLN M 6 -40.68 -9.36 28.06
C GLN M 6 -39.17 -9.59 28.00
N ILE M 7 -38.65 -9.96 26.83
CA ILE M 7 -37.23 -10.24 26.63
C ILE M 7 -36.66 -9.40 25.49
N PHE M 8 -37.29 -9.45 24.32
CA PHE M 8 -36.83 -8.72 23.15
C PHE M 8 -37.71 -7.50 22.90
N ASP M 9 -37.10 -6.43 22.42
CA ASP M 9 -37.88 -5.28 22.00
C ASP M 9 -38.62 -5.59 20.71
N PRO M 10 -39.91 -5.25 20.61
CA PRO M 10 -40.66 -5.57 19.38
C PRO M 10 -40.08 -4.95 18.12
N ARG M 11 -39.58 -3.71 18.20
CA ARG M 11 -39.12 -3.02 17.00
C ARG M 11 -37.84 -3.63 16.45
N ARG M 12 -36.85 -3.89 17.32
CA ARG M 12 -35.60 -4.48 16.87
C ARG M 12 -35.83 -5.87 16.30
N THR M 13 -36.81 -6.60 16.82
CA THR M 13 -37.14 -7.91 16.26
C THR M 13 -37.83 -7.78 14.91
N LEU M 14 -38.79 -6.86 14.79
CA LEU M 14 -39.55 -6.73 13.54
C LEU M 14 -38.65 -6.29 12.39
N VAL M 15 -37.76 -5.32 12.62
CA VAL M 15 -36.91 -4.85 11.53
C VAL M 15 -36.02 -5.98 11.02
N ALA M 16 -35.38 -6.71 11.94
CA ALA M 16 -34.51 -7.81 11.55
C ALA M 16 -35.30 -8.91 10.85
N LEU M 17 -36.50 -9.21 11.35
CA LEU M 17 -37.32 -10.24 10.72
C LEU M 17 -37.69 -9.87 9.29
N PHE M 18 -38.08 -8.60 9.07
CA PHE M 18 -38.43 -8.16 7.73
C PHE M 18 -37.24 -8.24 6.78
N GLY M 19 -36.08 -7.77 7.24
CA GLY M 19 -34.89 -7.85 6.40
C GLY M 19 -34.52 -9.29 6.06
N PHE M 20 -34.59 -10.17 7.05
CA PHE M 20 -34.25 -11.58 6.83
C PHE M 20 -35.21 -12.23 5.83
N LEU M 21 -36.51 -11.99 5.99
CA LEU M 21 -37.47 -12.58 5.05
C LEU M 21 -37.29 -12.04 3.64
N PHE M 22 -37.02 -10.74 3.50
CA PHE M 22 -36.79 -10.18 2.17
C PHE M 22 -35.56 -10.80 1.51
N VAL M 23 -34.46 -10.94 2.27
CA VAL M 23 -33.26 -11.52 1.70
C VAL M 23 -33.48 -12.97 1.31
N LEU M 24 -34.18 -13.73 2.16
CA LEU M 24 -34.44 -15.14 1.84
C LEU M 24 -35.29 -15.27 0.58
N GLY M 25 -36.33 -14.43 0.44
CA GLY M 25 -37.13 -14.48 -0.77
C GLY M 25 -36.33 -14.19 -2.02
N LEU M 26 -35.49 -13.14 -1.97
CA LEU M 26 -34.63 -12.84 -3.12
C LEU M 26 -33.71 -14.01 -3.43
N LEU M 27 -33.08 -14.59 -2.41
CA LEU M 27 -32.13 -15.67 -2.62
C LEU M 27 -32.80 -16.88 -3.26
N ILE M 28 -33.99 -17.25 -2.78
CA ILE M 28 -34.66 -18.43 -3.33
C ILE M 28 -35.10 -18.17 -4.77
N HIS M 29 -35.63 -16.98 -5.06
CA HIS M 29 -36.03 -16.68 -6.43
C HIS M 29 -34.82 -16.73 -7.37
N PHE M 30 -33.68 -16.18 -6.93
CA PHE M 30 -32.48 -16.22 -7.76
C PHE M 30 -31.97 -17.64 -7.97
N ILE M 31 -32.01 -18.46 -6.92
CA ILE M 31 -31.57 -19.86 -7.06
C ILE M 31 -32.45 -20.59 -8.06
N LEU M 32 -33.77 -20.35 -8.00
CA LEU M 32 -34.65 -20.97 -8.98
C LEU M 32 -34.37 -20.47 -10.39
N LEU M 33 -34.07 -19.19 -10.55
CA LEU M 33 -33.71 -18.66 -11.86
C LEU M 33 -32.41 -19.25 -12.40
N SER M 34 -31.49 -19.64 -11.53
CA SER M 34 -30.22 -20.20 -12.01
C SER M 34 -30.37 -21.63 -12.53
N SER M 35 -31.26 -22.42 -11.94
CA SER M 35 -31.39 -23.81 -12.37
C SER M 35 -32.22 -23.89 -13.65
N PRO M 36 -31.72 -24.56 -14.69
CA PRO M 36 -32.51 -24.64 -15.94
C PRO M 36 -33.82 -25.38 -15.81
N ALA M 37 -34.01 -26.19 -14.76
CA ALA M 37 -35.26 -26.92 -14.61
C ALA M 37 -36.41 -26.01 -14.19
N PHE M 38 -36.14 -24.98 -13.38
CA PHE M 38 -37.18 -24.11 -12.85
C PHE M 38 -37.05 -22.68 -13.35
N ASN M 39 -36.38 -22.46 -14.48
CA ASN M 39 -36.29 -21.14 -15.08
C ASN M 39 -37.55 -20.90 -15.90
N TRP M 40 -38.37 -19.92 -15.48
CA TRP M 40 -39.61 -19.66 -16.16
C TRP M 40 -39.51 -18.55 -17.21
N LEU M 41 -38.43 -17.78 -17.19
CA LEU M 41 -38.24 -16.69 -18.15
C LEU M 41 -37.46 -17.14 -19.38
N SER M 42 -37.88 -18.25 -19.98
CA SER M 42 -37.24 -18.73 -21.20
C SER M 42 -38.27 -19.23 -22.20
N GLY M 43 -39.47 -18.65 -22.20
CA GLY M 43 -40.54 -19.12 -23.06
C GLY M 43 -40.87 -20.57 -22.80
N SER M 44 -41.38 -20.85 -21.60
CA SER M 44 -41.58 -22.21 -21.11
C SER M 44 -40.26 -22.96 -21.07
N LEU N 9 -42.66 -4.69 27.07
CA LEU N 9 -42.25 -4.21 28.38
C LEU N 9 -43.14 -4.79 29.48
N THR N 10 -44.23 -4.08 29.77
CA THR N 10 -45.14 -4.54 30.81
C THR N 10 -45.95 -5.74 30.32
N GLU N 11 -46.59 -6.43 31.27
CA GLU N 11 -47.33 -7.64 30.96
C GLU N 11 -48.51 -7.35 30.03
N GLN N 12 -49.27 -6.28 30.32
CA GLN N 12 -50.45 -5.99 29.53
C GLN N 12 -50.08 -5.61 28.09
N GLU N 13 -49.05 -4.79 27.91
CA GLU N 13 -48.64 -4.44 26.56
C GLU N 13 -48.03 -5.65 25.84
N ALA N 14 -47.28 -6.47 26.56
CA ALA N 14 -46.66 -7.65 25.95
C ALA N 14 -47.66 -8.73 25.59
N GLN N 15 -48.84 -8.73 26.21
CA GLN N 15 -49.86 -9.69 25.81
C GLN N 15 -50.50 -9.32 24.47
N GLU N 16 -50.83 -8.04 24.28
CA GLU N 16 -51.55 -7.65 23.07
C GLU N 16 -50.65 -7.61 21.85
N PHE N 17 -49.33 -7.55 22.04
CA PHE N 17 -48.42 -7.74 20.90
C PHE N 17 -48.52 -9.16 20.37
N HIS N 18 -48.42 -10.14 21.26
CA HIS N 18 -48.61 -11.54 20.90
C HIS N 18 -50.02 -11.80 20.37
N GLY N 19 -50.98 -10.98 20.79
CA GLY N 19 -52.35 -11.15 20.31
C GLY N 19 -52.47 -11.05 18.79
N ILE N 20 -51.83 -10.05 18.19
CA ILE N 20 -51.95 -9.84 16.75
C ILE N 20 -50.73 -10.31 15.97
N PHE N 21 -49.59 -10.54 16.62
CA PHE N 21 -48.45 -11.12 15.92
C PHE N 21 -48.80 -12.50 15.39
N VAL N 22 -49.49 -13.31 16.19
CA VAL N 22 -49.86 -14.64 15.76
C VAL N 22 -50.83 -14.60 14.60
N GLN N 23 -51.80 -13.67 14.64
CA GLN N 23 -52.74 -13.54 13.54
C GLN N 23 -52.05 -13.14 12.24
N SER N 24 -51.15 -12.16 12.32
CA SER N 24 -50.41 -11.75 11.12
C SER N 24 -49.56 -12.89 10.58
N MET N 25 -48.88 -13.63 11.46
CA MET N 25 -48.09 -14.77 11.02
C MET N 25 -48.97 -15.84 10.40
N THR N 26 -50.18 -16.04 10.93
CA THR N 26 -51.09 -17.02 10.34
C THR N 26 -51.48 -16.63 8.92
N ALA N 27 -51.80 -15.35 8.71
CA ALA N 27 -52.15 -14.90 7.36
C ALA N 27 -50.97 -15.06 6.42
N PHE N 28 -49.77 -14.70 6.88
CA PHE N 28 -48.56 -14.85 6.06
C PHE N 28 -48.34 -16.32 5.68
N PHE N 29 -48.47 -17.23 6.63
CA PHE N 29 -48.28 -18.65 6.36
C PHE N 29 -49.36 -19.21 5.44
N GLY N 30 -50.60 -18.75 5.56
CA GLY N 30 -51.63 -19.18 4.65
C GLY N 30 -51.35 -18.76 3.22
N ILE N 31 -50.94 -17.51 3.02
CA ILE N 31 -50.60 -17.06 1.68
C ILE N 31 -49.43 -17.86 1.13
N VAL N 32 -48.44 -18.15 1.97
CA VAL N 32 -47.29 -18.95 1.54
C VAL N 32 -47.75 -20.35 1.10
N VAL N 33 -48.63 -20.96 1.89
CA VAL N 33 -49.04 -22.33 1.56
C VAL N 33 -49.86 -22.37 0.29
N ILE N 34 -50.66 -21.32 0.01
CA ILE N 34 -51.37 -21.27 -1.26
C ILE N 34 -50.39 -21.10 -2.42
N ALA N 35 -49.41 -20.21 -2.25
CA ALA N 35 -48.40 -20.03 -3.29
C ALA N 35 -47.60 -21.29 -3.56
N HIS N 36 -47.43 -22.16 -2.55
CA HIS N 36 -46.74 -23.43 -2.76
C HIS N 36 -47.63 -24.50 -3.37
N ILE N 37 -48.90 -24.55 -2.99
CA ILE N 37 -49.78 -25.56 -3.59
C ILE N 37 -50.07 -25.23 -5.05
N LEU N 38 -49.98 -23.95 -5.45
CA LEU N 38 -50.08 -23.65 -6.88
C LEU N 38 -48.81 -24.04 -7.62
N ALA N 39 -47.65 -23.74 -7.04
CA ALA N 39 -46.38 -24.10 -7.67
C ALA N 39 -46.21 -25.61 -7.79
N TRP N 40 -46.82 -26.38 -6.90
CA TRP N 40 -46.79 -27.84 -7.07
C TRP N 40 -47.61 -28.28 -8.26
N LEU N 41 -48.75 -27.64 -8.53
CA LEU N 41 -49.53 -27.98 -9.71
C LEU N 41 -48.82 -27.55 -10.99
N TRP N 42 -48.08 -26.44 -10.94
CA TRP N 42 -47.35 -26.01 -12.13
C TRP N 42 -46.29 -27.02 -12.53
N ARG N 43 -45.42 -27.40 -11.60
CA ARG N 43 -44.31 -28.29 -11.90
C ARG N 43 -43.80 -28.97 -10.64
N PRO N 44 -44.27 -30.17 -10.31
CA PRO N 44 -43.84 -30.84 -9.07
C PRO N 44 -42.34 -31.06 -9.05
N TRP N 45 -41.74 -30.88 -7.87
CA TRP N 45 -40.30 -30.94 -7.71
C TRP N 45 -39.82 -32.18 -6.98
N LEU N 46 -40.71 -32.98 -6.42
CA LEU N 46 -40.32 -34.20 -5.72
C LEU N 46 -40.89 -35.44 -6.39
N FME O 1 -32.44 -30.27 37.25
CN FME O 1 -32.06 -29.80 38.44
O1 FME O 1 -31.20 -28.95 38.63
CA FME O 1 -31.87 -29.82 36.00
CB FME O 1 -32.38 -30.68 34.84
CG FME O 1 -31.82 -30.30 33.48
SD FME O 1 -30.03 -30.49 33.38
CE FME O 1 -29.87 -32.26 33.60
C FME O 1 -32.20 -28.33 35.74
O FME O 1 -31.46 -27.69 34.97
N HIS O 2 -33.26 -27.82 36.36
CA HIS O 2 -33.75 -26.47 36.07
C HIS O 2 -32.79 -25.37 36.49
N LYS O 3 -31.89 -25.65 37.43
CA LYS O 3 -31.02 -24.57 37.89
C LYS O 3 -29.89 -24.25 36.91
N ILE O 4 -29.86 -24.89 35.75
CA ILE O 4 -28.91 -24.53 34.69
C ILE O 4 -29.08 -23.08 34.29
N TRP O 5 -30.23 -22.49 34.55
CA TRP O 5 -30.50 -21.10 34.22
C TRP O 5 -29.99 -20.14 35.29
N GLN O 6 -29.40 -20.65 36.37
CA GLN O 6 -28.62 -19.83 37.27
C GLN O 6 -27.15 -19.74 36.84
N ILE O 7 -26.77 -20.43 35.76
CA ILE O 7 -25.41 -20.43 35.27
C ILE O 7 -25.34 -19.60 34.00
N PHE O 8 -26.40 -19.64 33.19
CA PHE O 8 -26.42 -18.97 31.90
C PHE O 8 -27.64 -18.08 31.77
N ASP O 9 -27.45 -16.93 31.14
CA ASP O 9 -28.52 -15.96 30.92
C ASP O 9 -29.50 -16.49 29.88
N PRO O 10 -30.81 -16.56 30.19
CA PRO O 10 -31.75 -17.12 29.21
C PRO O 10 -31.79 -16.39 27.87
N ARG O 11 -31.72 -15.06 27.86
CA ARG O 11 -31.86 -14.32 26.61
C ARG O 11 -30.70 -14.60 25.65
N ARG O 12 -29.46 -14.47 26.15
CA ARG O 12 -28.30 -14.76 25.33
C ARG O 12 -28.26 -16.21 24.89
N THR O 13 -28.67 -17.14 25.76
CA THR O 13 -28.72 -18.54 25.39
C THR O 13 -29.71 -18.78 24.27
N LEU O 14 -30.90 -18.17 24.33
CA LEU O 14 -31.88 -18.31 23.26
C LEU O 14 -31.34 -17.76 21.95
N VAL O 15 -30.72 -16.57 21.98
CA VAL O 15 -30.20 -15.99 20.75
C VAL O 15 -29.11 -16.86 20.14
N ALA O 16 -28.18 -17.34 20.97
CA ALA O 16 -27.10 -18.19 20.48
C ALA O 16 -27.65 -19.50 19.91
N LEU O 17 -28.63 -20.09 20.59
CA LEU O 17 -29.21 -21.34 20.10
C LEU O 17 -29.88 -21.13 18.75
N PHE O 18 -30.61 -20.03 18.58
CA PHE O 18 -31.26 -19.76 17.30
C PHE O 18 -30.23 -19.58 16.19
N GLY O 19 -29.16 -18.83 16.46
CA GLY O 19 -28.13 -18.65 15.45
C GLY O 19 -27.46 -19.95 15.05
N PHE O 20 -27.13 -20.79 16.05
CA PHE O 20 -26.54 -22.09 15.75
C PHE O 20 -27.48 -22.96 14.95
N LEU O 21 -28.77 -22.98 15.30
CA LEU O 21 -29.72 -23.80 14.56
C LEU O 21 -29.83 -23.35 13.10
N PHE O 22 -29.89 -22.03 12.87
CA PHE O 22 -30.00 -21.54 11.49
C PHE O 22 -28.74 -21.88 10.68
N VAL O 23 -27.56 -21.72 11.28
CA VAL O 23 -26.33 -22.04 10.56
C VAL O 23 -26.27 -23.54 10.24
N LEU O 24 -26.66 -24.38 11.19
CA LEU O 24 -26.65 -25.83 10.95
C LEU O 24 -27.63 -26.23 9.85
N GLY O 25 -28.82 -25.62 9.84
CA GLY O 25 -29.77 -25.91 8.77
C GLY O 25 -29.25 -25.51 7.40
N LEU O 26 -28.66 -24.32 7.30
CA LEU O 26 -28.05 -23.92 6.03
C LEU O 26 -26.96 -24.89 5.61
N LEU O 27 -26.11 -25.31 6.56
CA LEU O 27 -25.02 -26.22 6.22
C LEU O 27 -25.53 -27.55 5.69
N ILE O 28 -26.55 -28.12 6.35
CA ILE O 28 -27.04 -29.42 5.91
C ILE O 28 -27.73 -29.31 4.56
N HIS O 29 -28.52 -28.26 4.35
CA HIS O 29 -29.15 -28.10 3.04
C HIS O 29 -28.13 -27.94 1.93
N PHE O 30 -27.07 -27.16 2.17
CA PHE O 30 -26.04 -27.00 1.15
C PHE O 30 -25.31 -28.31 0.88
N ILE O 31 -24.99 -29.08 1.92
CA ILE O 31 -24.32 -30.36 1.71
C ILE O 31 -25.19 -31.28 0.88
N LEU O 32 -26.49 -31.33 1.17
CA LEU O 32 -27.38 -32.17 0.39
C LEU O 32 -27.45 -31.72 -1.07
N LEU O 33 -27.51 -30.40 -1.30
CA LEU O 33 -27.58 -29.90 -2.67
C LEU O 33 -26.30 -30.22 -3.44
N SER O 34 -25.15 -30.14 -2.79
CA SER O 34 -23.88 -30.36 -3.50
C SER O 34 -23.78 -31.79 -4.00
N SER O 35 -24.22 -32.76 -3.21
CA SER O 35 -24.15 -34.16 -3.63
C SER O 35 -25.13 -34.39 -4.78
N PRO O 36 -24.79 -35.26 -5.73
CA PRO O 36 -25.68 -35.46 -6.88
C PRO O 36 -26.89 -36.34 -6.57
N ALA O 37 -26.71 -37.35 -5.73
CA ALA O 37 -27.77 -38.34 -5.51
C ALA O 37 -28.98 -37.76 -4.78
N PHE O 38 -28.81 -36.66 -4.04
CA PHE O 38 -29.90 -36.09 -3.26
C PHE O 38 -30.31 -34.70 -3.70
N ASN O 39 -29.74 -34.16 -4.78
CA ASN O 39 -30.14 -32.86 -5.27
C ASN O 39 -31.58 -32.92 -5.80
N TRP O 40 -32.44 -32.06 -5.28
CA TRP O 40 -33.83 -32.00 -5.69
C TRP O 40 -34.11 -30.87 -6.68
N LEU O 41 -33.11 -30.07 -7.02
CA LEU O 41 -33.28 -28.96 -7.95
C LEU O 41 -32.94 -29.40 -9.38
N SER O 42 -33.66 -30.42 -9.82
CA SER O 42 -33.61 -30.84 -11.21
C SER O 42 -34.98 -31.23 -11.75
N GLY O 43 -36.04 -31.08 -10.97
CA GLY O 43 -37.38 -31.42 -11.41
C GLY O 43 -37.81 -32.82 -11.02
N SER O 44 -38.36 -33.57 -11.98
CA SER O 44 -38.87 -34.91 -11.77
C SER O 44 -40.05 -34.94 -10.80
N SER P 5 -28.40 -16.71 41.16
CA SER P 5 -27.25 -16.13 41.86
C SER P 5 -26.29 -15.45 40.90
N MET P 6 -25.60 -16.24 40.09
CA MET P 6 -24.60 -15.67 39.17
C MET P 6 -25.28 -14.74 38.16
N THR P 7 -26.42 -15.15 37.61
CA THR P 7 -27.23 -14.28 36.76
C THR P 7 -28.35 -13.61 37.53
N GLY P 8 -28.43 -13.81 38.84
CA GLY P 8 -29.46 -13.17 39.65
C GLY P 8 -30.87 -13.59 39.30
N LEU P 9 -31.07 -14.87 39.03
CA LEU P 9 -32.37 -15.41 38.64
C LEU P 9 -32.86 -16.36 39.71
N THR P 10 -34.01 -16.04 40.32
CA THR P 10 -34.54 -16.86 41.39
C THR P 10 -35.03 -18.20 40.85
N GLU P 11 -34.99 -19.22 41.72
CA GLU P 11 -35.37 -20.57 41.31
C GLU P 11 -36.83 -20.64 40.89
N GLN P 12 -37.71 -19.85 41.53
CA GLN P 12 -39.11 -19.87 41.15
C GLN P 12 -39.32 -19.30 39.75
N GLU P 13 -38.53 -18.30 39.38
CA GLU P 13 -38.54 -17.80 38.01
C GLU P 13 -37.76 -18.70 37.06
N ALA P 14 -36.97 -19.62 37.59
CA ALA P 14 -36.28 -20.61 36.77
C ALA P 14 -37.15 -21.80 36.41
N GLN P 15 -38.01 -22.23 37.34
CA GLN P 15 -38.92 -23.34 37.04
C GLN P 15 -39.87 -22.98 35.91
N GLU P 16 -40.43 -21.77 35.93
CA GLU P 16 -41.32 -21.34 34.86
C GLU P 16 -40.61 -21.23 33.51
N PHE P 17 -39.36 -20.76 33.49
CA PHE P 17 -38.64 -20.71 32.23
C PHE P 17 -38.31 -22.11 31.73
N HIS P 18 -37.92 -23.00 32.63
CA HIS P 18 -37.55 -24.36 32.23
C HIS P 18 -38.75 -25.10 31.66
N GLY P 19 -39.93 -24.93 32.26
CA GLY P 19 -41.10 -25.60 31.73
C GLY P 19 -41.45 -25.18 30.32
N ILE P 20 -41.45 -23.87 30.06
CA ILE P 20 -41.75 -23.38 28.73
C ILE P 20 -40.68 -23.82 27.74
N PHE P 21 -39.42 -23.80 28.17
CA PHE P 21 -38.32 -24.22 27.30
C PHE P 21 -38.47 -25.68 26.89
N VAL P 22 -38.75 -26.56 27.86
CA VAL P 22 -38.85 -27.98 27.53
C VAL P 22 -40.10 -28.24 26.68
N GLN P 23 -41.20 -27.52 26.93
CA GLN P 23 -42.37 -27.68 26.08
C GLN P 23 -42.06 -27.28 24.64
N SER P 24 -41.34 -26.17 24.43
CA SER P 24 -40.93 -25.78 23.10
C SER P 24 -39.99 -26.80 22.46
N MET P 25 -39.07 -27.38 23.24
CA MET P 25 -38.19 -28.41 22.70
C MET P 25 -38.99 -29.61 22.20
N THR P 26 -39.97 -30.05 23.00
CA THR P 26 -40.80 -31.19 22.57
C THR P 26 -41.55 -30.85 21.29
N ALA P 27 -42.13 -29.65 21.22
CA ALA P 27 -42.88 -29.26 20.02
C ALA P 27 -41.97 -29.23 18.80
N PHE P 28 -40.76 -28.70 18.95
CA PHE P 28 -39.81 -28.64 17.84
C PHE P 28 -39.42 -30.05 17.38
N PHE P 29 -39.14 -30.94 18.33
CA PHE P 29 -38.67 -32.27 17.97
C PHE P 29 -39.77 -33.09 17.30
N GLY P 30 -41.03 -32.86 17.65
CA GLY P 30 -42.11 -33.54 16.96
C GLY P 30 -42.13 -33.24 15.46
N ILE P 31 -42.02 -31.96 15.12
CA ILE P 31 -42.01 -31.57 13.71
C ILE P 31 -40.77 -32.11 13.02
N VAL P 32 -39.62 -32.06 13.69
CA VAL P 32 -38.39 -32.59 13.09
C VAL P 32 -38.54 -34.08 12.78
N VAL P 33 -39.10 -34.84 13.72
CA VAL P 33 -39.27 -36.27 13.52
C VAL P 33 -40.22 -36.54 12.35
N ILE P 34 -41.32 -35.80 12.29
CA ILE P 34 -42.27 -36.01 11.19
C ILE P 34 -41.62 -35.71 9.83
N ALA P 35 -40.86 -34.61 9.77
CA ALA P 35 -40.18 -34.26 8.53
C ALA P 35 -39.20 -35.34 8.12
N HIS P 36 -38.46 -35.90 9.08
CA HIS P 36 -37.52 -36.96 8.74
C HIS P 36 -38.23 -38.23 8.29
N ILE P 37 -39.38 -38.55 8.88
CA ILE P 37 -40.14 -39.71 8.44
C ILE P 37 -40.56 -39.55 6.99
N LEU P 38 -41.08 -38.36 6.65
CA LEU P 38 -41.46 -38.10 5.26
C LEU P 38 -40.25 -38.16 4.33
N ALA P 39 -39.12 -37.60 4.76
CA ALA P 39 -37.93 -37.62 3.92
C ALA P 39 -37.45 -39.04 3.66
N TRP P 40 -37.50 -39.91 4.67
CA TRP P 40 -37.18 -41.31 4.45
C TRP P 40 -38.15 -41.96 3.47
N LEU P 41 -39.45 -41.66 3.63
CA LEU P 41 -40.44 -42.21 2.70
C LEU P 41 -40.19 -41.76 1.27
N TRP P 42 -39.56 -40.61 1.07
CA TRP P 42 -39.24 -40.16 -0.29
C TRP P 42 -38.03 -40.90 -0.87
N ARG P 43 -36.89 -40.87 -0.19
CA ARG P 43 -35.69 -41.53 -0.67
C ARG P 43 -34.81 -41.96 0.49
N PRO P 44 -34.80 -43.25 0.83
CA PRO P 44 -33.99 -43.70 1.97
C PRO P 44 -32.50 -43.56 1.71
N TRP P 45 -31.76 -43.28 2.79
CA TRP P 45 -30.34 -42.96 2.69
C TRP P 45 -29.46 -43.99 3.38
N LEU P 46 -29.99 -45.17 3.68
CA LEU P 46 -29.20 -46.23 4.28
C LEU P 46 -29.55 -47.59 3.67
N FME Q 1 -12.69 -36.22 43.76
CN FME Q 1 -13.71 -36.93 44.23
O1 FME Q 1 -14.90 -36.74 43.96
CA FME Q 1 -12.85 -35.10 42.84
CB FME Q 1 -13.36 -35.59 41.47
CG FME Q 1 -12.41 -36.54 40.78
SD FME Q 1 -10.86 -35.75 40.27
CE FME Q 1 -11.48 -34.56 39.08
C FME Q 1 -13.80 -34.05 43.42
O FME Q 1 -13.59 -33.64 44.57
N HIS Q 2 -14.79 -33.63 42.64
CA HIS Q 2 -15.80 -32.63 43.03
C HIS Q 2 -15.22 -31.32 43.55
N LYS Q 3 -14.10 -31.38 44.27
CA LYS Q 3 -13.38 -30.17 44.66
C LYS Q 3 -12.66 -29.52 43.48
N ILE Q 4 -12.58 -30.20 42.34
CA ILE Q 4 -11.99 -29.62 41.14
C ILE Q 4 -12.77 -28.38 40.71
N TRP Q 5 -14.06 -28.33 41.01
CA TRP Q 5 -14.84 -27.14 40.66
C TRP Q 5 -14.48 -25.94 41.51
N GLN Q 6 -13.80 -26.15 42.64
CA GLN Q 6 -13.24 -25.03 43.38
C GLN Q 6 -12.02 -24.44 42.70
N ILE Q 7 -11.44 -25.16 41.75
CA ILE Q 7 -10.33 -24.66 40.95
C ILE Q 7 -10.81 -24.03 39.64
N PHE Q 8 -11.77 -24.65 38.99
CA PHE Q 8 -12.23 -24.27 37.67
C PHE Q 8 -13.57 -23.56 37.76
N ASP Q 9 -13.67 -22.41 37.12
CA ASP Q 9 -14.94 -21.70 37.06
C ASP Q 9 -15.90 -22.49 36.18
N PRO Q 10 -17.06 -22.91 36.68
CA PRO Q 10 -17.92 -23.81 35.90
C PRO Q 10 -18.33 -23.27 34.54
N ARG Q 11 -18.61 -21.97 34.42
CA ARG Q 11 -19.12 -21.45 33.16
C ARG Q 11 -18.10 -21.60 32.03
N ARG Q 12 -16.87 -21.15 32.25
CA ARG Q 12 -15.85 -21.21 31.21
C ARG Q 12 -15.53 -22.66 30.82
N THR Q 13 -15.41 -23.55 31.79
CA THR Q 13 -15.13 -24.95 31.49
C THR Q 13 -16.28 -25.58 30.71
N LEU Q 14 -17.52 -25.30 31.10
CA LEU Q 14 -18.66 -25.87 30.37
C LEU Q 14 -18.69 -25.38 28.94
N VAL Q 15 -18.45 -24.08 28.73
CA VAL Q 15 -18.49 -23.53 27.37
C VAL Q 15 -17.36 -24.12 26.54
N ALA Q 16 -16.15 -24.22 27.09
CA ALA Q 16 -15.04 -24.79 26.35
C ALA Q 16 -15.28 -26.26 26.01
N LEU Q 17 -15.82 -27.02 26.95
CA LEU Q 17 -16.09 -28.44 26.70
C LEU Q 17 -17.15 -28.61 25.62
N PHE Q 18 -18.22 -27.82 25.66
CA PHE Q 18 -19.25 -27.93 24.65
C PHE Q 18 -18.74 -27.53 23.28
N GLY Q 19 -17.95 -26.46 23.21
CA GLY Q 19 -17.35 -26.09 21.94
C GLY Q 19 -16.44 -27.17 21.39
N PHE Q 20 -15.62 -27.78 22.25
CA PHE Q 20 -14.73 -28.84 21.79
C PHE Q 20 -15.52 -30.03 21.27
N LEU Q 21 -16.60 -30.42 21.97
CA LEU Q 21 -17.40 -31.54 21.50
C LEU Q 21 -18.05 -31.25 20.16
N PHE Q 22 -18.57 -30.04 19.98
CA PHE Q 22 -19.19 -29.69 18.70
C PHE Q 22 -18.16 -29.73 17.57
N VAL Q 23 -16.98 -29.18 17.81
CA VAL Q 23 -15.94 -29.18 16.79
C VAL Q 23 -15.52 -30.60 16.44
N LEU Q 24 -15.35 -31.46 17.45
CA LEU Q 24 -14.96 -32.84 17.20
C LEU Q 24 -16.01 -33.59 16.41
N GLY Q 25 -17.30 -33.39 16.74
CA GLY Q 25 -18.35 -34.04 15.99
C GLY Q 25 -18.36 -33.61 14.53
N LEU Q 26 -18.26 -32.30 14.28
CA LEU Q 26 -18.21 -31.83 12.90
C LEU Q 26 -17.03 -32.41 12.15
N LEU Q 27 -15.86 -32.44 12.79
CA LEU Q 27 -14.65 -32.93 12.13
C LEU Q 27 -14.77 -34.41 11.78
N ILE Q 28 -15.31 -35.22 12.69
CA ILE Q 28 -15.45 -36.64 12.42
C ILE Q 28 -16.44 -36.87 11.29
N HIS Q 29 -17.58 -36.17 11.29
CA HIS Q 29 -18.53 -36.33 10.20
C HIS Q 29 -17.92 -35.91 8.86
N PHE Q 30 -17.13 -34.82 8.84
CA PHE Q 30 -16.47 -34.42 7.60
C PHE Q 30 -15.50 -35.48 7.10
N ILE Q 31 -14.69 -36.04 8.00
CA ILE Q 31 -13.72 -37.06 7.62
C ILE Q 31 -14.42 -38.28 7.05
N LEU Q 32 -15.53 -38.69 7.67
CA LEU Q 32 -16.30 -39.81 7.13
C LEU Q 32 -16.89 -39.48 5.76
N LEU Q 33 -17.37 -38.25 5.57
CA LEU Q 33 -17.91 -37.86 4.26
C LEU Q 33 -16.86 -37.85 3.18
N SER Q 34 -15.60 -37.59 3.51
CA SER Q 34 -14.54 -37.56 2.51
C SER Q 34 -14.10 -38.95 2.06
N SER Q 35 -14.39 -40.00 2.82
CA SER Q 35 -13.93 -41.34 2.48
C SER Q 35 -15.00 -42.06 1.67
N PRO Q 36 -14.69 -42.55 0.46
CA PRO Q 36 -15.72 -43.17 -0.38
C PRO Q 36 -16.34 -44.42 0.22
N ALA Q 37 -15.62 -45.12 1.10
CA ALA Q 37 -16.16 -46.34 1.67
C ALA Q 37 -17.24 -46.09 2.71
N PHE Q 38 -17.33 -44.87 3.24
CA PHE Q 38 -18.30 -44.55 4.28
C PHE Q 38 -19.18 -43.36 3.97
N ASN Q 39 -19.10 -42.79 2.77
CA ASN Q 39 -20.03 -41.74 2.38
C ASN Q 39 -21.43 -42.33 2.22
N TRP Q 40 -22.37 -41.85 3.02
CA TRP Q 40 -23.74 -42.33 2.99
C TRP Q 40 -24.65 -41.50 2.09
N LEU Q 41 -24.13 -40.42 1.51
CA LEU Q 41 -24.89 -39.59 0.57
C LEU Q 41 -24.54 -39.97 -0.87
N SER Q 42 -24.77 -41.24 -1.19
CA SER Q 42 -24.58 -41.74 -2.56
C SER Q 42 -25.70 -42.72 -2.86
N GLY Q 43 -25.63 -43.37 -4.01
CA GLY Q 43 -26.56 -44.42 -4.34
C GLY Q 43 -26.06 -45.76 -3.88
N SER Q 44 -26.54 -46.22 -2.73
CA SER Q 44 -26.11 -47.49 -2.14
C SER Q 44 -27.15 -48.00 -1.16
N MET R 6 -11.44 -20.67 45.31
CA MET R 6 -10.72 -20.03 44.23
C MET R 6 -11.64 -19.71 43.05
N THR R 7 -12.90 -20.14 43.14
CA THR R 7 -13.88 -19.85 42.10
C THR R 7 -15.22 -19.39 42.68
N GLY R 8 -15.23 -18.87 43.91
CA GLY R 8 -16.47 -18.44 44.53
C GLY R 8 -17.49 -19.54 44.71
N LEU R 9 -17.05 -20.70 45.16
CA LEU R 9 -17.92 -21.88 45.28
C LEU R 9 -17.57 -22.64 46.55
N THR R 10 -18.57 -22.88 47.39
CA THR R 10 -18.37 -23.64 48.62
C THR R 10 -18.42 -25.14 48.33
N GLU R 11 -18.40 -25.94 49.41
CA GLU R 11 -18.37 -27.39 49.26
C GLU R 11 -19.64 -27.91 48.62
N GLN R 12 -20.80 -27.54 49.15
CA GLN R 12 -22.06 -28.09 48.66
C GLN R 12 -22.37 -27.58 47.25
N GLU R 13 -22.03 -26.31 46.97
CA GLU R 13 -22.25 -25.73 45.66
C GLU R 13 -21.32 -26.32 44.61
N ALA R 14 -20.32 -27.12 45.01
CA ALA R 14 -19.55 -27.92 44.08
C ALA R 14 -20.02 -29.36 44.03
N GLN R 15 -20.48 -29.93 45.14
CA GLN R 15 -20.99 -31.30 45.13
C GLN R 15 -22.26 -31.43 44.29
N GLU R 16 -23.18 -30.47 44.38
CA GLU R 16 -24.36 -30.52 43.53
C GLU R 16 -23.98 -30.47 42.05
N PHE R 17 -23.07 -29.57 41.70
CA PHE R 17 -22.61 -29.46 40.33
C PHE R 17 -21.97 -30.75 39.86
N HIS R 18 -21.15 -31.38 40.71
CA HIS R 18 -20.49 -32.62 40.32
C HIS R 18 -21.49 -33.75 40.11
N GLY R 19 -22.51 -33.85 40.97
CA GLY R 19 -23.52 -34.88 40.77
C GLY R 19 -24.28 -34.71 39.46
N ILE R 20 -24.72 -33.49 39.18
CA ILE R 20 -25.43 -33.24 37.92
C ILE R 20 -24.52 -33.50 36.73
N PHE R 21 -23.25 -33.08 36.83
CA PHE R 21 -22.30 -33.27 35.75
C PHE R 21 -22.09 -34.75 35.47
N VAL R 22 -21.93 -35.56 36.50
CA VAL R 22 -21.72 -36.99 36.31
C VAL R 22 -22.94 -37.64 35.67
N GLN R 23 -24.14 -37.29 36.15
CA GLN R 23 -25.35 -37.90 35.58
C GLN R 23 -25.50 -37.55 34.10
N SER R 24 -25.29 -36.29 33.75
CA SER R 24 -25.39 -35.90 32.34
C SER R 24 -24.34 -36.59 31.49
N MET R 25 -23.11 -36.70 32.00
CA MET R 25 -22.06 -37.38 31.26
C MET R 25 -22.43 -38.84 31.02
N THR R 26 -22.99 -39.50 32.02
CA THR R 26 -23.39 -40.90 31.85
C THR R 26 -24.46 -41.04 30.78
N ALA R 27 -25.46 -40.15 30.78
CA ALA R 27 -26.50 -40.24 29.75
C ALA R 27 -25.92 -40.04 28.36
N PHE R 28 -25.05 -39.04 28.20
CA PHE R 28 -24.44 -38.76 26.91
C PHE R 28 -23.61 -39.96 26.43
N PHE R 29 -22.82 -40.55 27.33
CA PHE R 29 -22.01 -41.69 26.94
C PHE R 29 -22.87 -42.91 26.59
N GLY R 30 -23.98 -43.10 27.28
CA GLY R 30 -24.86 -44.21 26.94
C GLY R 30 -25.45 -44.09 25.55
N ILE R 31 -25.96 -42.90 25.20
CA ILE R 31 -26.48 -42.75 23.84
C ILE R 31 -25.37 -42.84 22.80
N VAL R 32 -24.16 -42.35 23.10
CA VAL R 32 -23.05 -42.52 22.18
C VAL R 32 -22.76 -44.00 21.94
N VAL R 33 -22.77 -44.80 23.00
CA VAL R 33 -22.50 -46.23 22.86
C VAL R 33 -23.56 -46.89 21.98
N ILE R 34 -24.83 -46.55 22.21
CA ILE R 34 -25.88 -47.20 21.42
C ILE R 34 -25.76 -46.79 19.94
N ALA R 35 -25.40 -45.53 19.68
CA ALA R 35 -25.20 -45.10 18.30
C ALA R 35 -24.06 -45.86 17.64
N HIS R 36 -22.96 -46.07 18.36
CA HIS R 36 -21.85 -46.82 17.77
C HIS R 36 -22.21 -48.28 17.54
N ILE R 37 -23.02 -48.87 18.41
CA ILE R 37 -23.47 -50.24 18.17
C ILE R 37 -24.29 -50.32 16.89
N LEU R 38 -25.24 -49.40 16.72
CA LEU R 38 -26.03 -49.39 15.49
C LEU R 38 -25.14 -49.20 14.26
N ALA R 39 -24.17 -48.29 14.34
CA ALA R 39 -23.30 -48.03 13.20
C ALA R 39 -22.45 -49.26 12.86
N TRP R 40 -21.91 -49.93 13.86
CA TRP R 40 -21.14 -51.14 13.60
C TRP R 40 -22.01 -52.23 12.99
N LEU R 41 -23.27 -52.34 13.42
CA LEU R 41 -24.16 -53.29 12.76
C LEU R 41 -24.42 -52.90 11.32
N TRP R 42 -24.48 -51.61 11.01
CA TRP R 42 -24.73 -51.19 9.64
C TRP R 42 -23.55 -51.46 8.73
N ARG R 43 -22.34 -51.07 9.12
CA ARG R 43 -21.18 -51.17 8.24
C ARG R 43 -19.87 -51.20 9.04
N PRO R 44 -19.34 -52.39 9.35
CA PRO R 44 -18.14 -52.47 10.21
C PRO R 44 -16.91 -51.90 9.53
N TRP R 45 -16.02 -51.34 10.35
CA TRP R 45 -14.83 -50.66 9.84
C TRP R 45 -13.52 -51.38 10.15
N LEU R 46 -13.52 -52.32 11.10
CA LEU R 46 -12.29 -53.06 11.39
C LEU R 46 -12.37 -54.50 10.89
N FME S 1 9.45 -39.89 41.41
CN FME S 1 9.87 -38.63 41.42
O1 FME S 1 9.54 -37.76 40.62
CA FME S 1 9.89 -40.89 42.36
CB FME S 1 10.60 -42.04 41.64
CG FME S 1 11.51 -41.58 40.52
SD FME S 1 12.20 -42.96 39.59
CE FME S 1 10.70 -43.81 39.08
C FME S 1 10.79 -40.28 43.45
O FME S 1 11.99 -40.59 43.48
N SER S 2 10.20 -39.47 44.34
CA SER S 2 10.92 -38.86 45.44
C SER S 2 9.92 -38.43 46.51
N PRO S 3 10.26 -38.70 47.78
CA PRO S 3 9.27 -38.52 48.85
C PRO S 3 8.70 -37.11 48.96
N ASP S 4 9.50 -36.10 48.61
CA ASP S 4 9.06 -34.71 48.71
C ASP S 4 8.78 -34.09 47.35
N LEU S 5 8.26 -34.88 46.40
CA LEU S 5 7.97 -34.36 45.08
C LEU S 5 6.80 -33.38 45.08
N TRP S 6 5.86 -33.53 46.01
CA TRP S 6 4.67 -32.68 46.03
C TRP S 6 5.00 -31.20 46.17
N LYS S 7 6.18 -30.86 46.69
CA LYS S 7 6.60 -29.47 46.80
C LYS S 7 6.70 -28.79 45.43
N ILE S 8 6.71 -29.56 44.35
CA ILE S 8 6.66 -28.96 43.01
C ILE S 8 5.41 -28.12 42.83
N TRP S 9 4.34 -28.42 43.58
CA TRP S 9 3.14 -27.61 43.47
C TRP S 9 3.23 -26.31 44.25
N LEU S 10 4.27 -26.12 45.06
CA LEU S 10 4.53 -24.84 45.69
C LEU S 10 5.23 -23.86 44.75
N LEU S 11 5.70 -24.33 43.60
CA LEU S 11 6.40 -23.49 42.63
C LEU S 11 5.52 -23.10 41.44
N ILE S 12 4.83 -24.08 40.84
CA ILE S 12 4.03 -23.85 39.65
C ILE S 12 2.56 -23.94 40.01
N ASP S 13 1.77 -23.02 39.50
CA ASP S 13 0.34 -23.00 39.79
C ASP S 13 -0.35 -24.17 39.11
N PRO S 14 -1.08 -25.01 39.86
CA PRO S 14 -1.74 -26.16 39.24
C PRO S 14 -2.75 -25.79 38.16
N ARG S 15 -3.46 -24.68 38.33
CA ARG S 15 -4.53 -24.33 37.41
C ARG S 15 -3.99 -23.98 36.03
N ARG S 16 -2.77 -23.47 35.95
CA ARG S 16 -2.17 -23.14 34.67
C ARG S 16 -1.30 -24.25 34.11
N VAL S 17 -1.16 -25.37 34.81
CA VAL S 17 -0.52 -26.54 34.21
C VAL S 17 -1.55 -27.56 33.75
N LEU S 18 -2.72 -27.62 34.41
CA LEU S 18 -3.75 -28.53 33.93
C LEU S 18 -4.23 -28.16 32.54
N ILE S 19 -4.45 -26.86 32.29
CA ILE S 19 -4.87 -26.40 30.97
C ILE S 19 -3.80 -26.76 29.93
N ALA S 20 -2.54 -26.49 30.25
CA ALA S 20 -1.46 -26.75 29.30
C ALA S 20 -1.37 -28.23 28.96
N VAL S 21 -1.40 -29.09 29.98
CA VAL S 21 -1.30 -30.52 29.70
C VAL S 21 -2.51 -31.05 28.97
N PHE S 22 -3.72 -30.58 29.29
CA PHE S 22 -4.90 -31.00 28.55
C PHE S 22 -4.80 -30.62 27.07
N ALA S 23 -4.42 -29.37 26.78
CA ALA S 23 -4.30 -28.94 25.40
C ALA S 23 -3.23 -29.72 24.66
N PHE S 24 -2.08 -29.93 25.31
CA PHE S 24 -1.00 -30.68 24.66
C PHE S 24 -1.43 -32.10 24.36
N LEU S 25 -2.10 -32.77 25.30
CA LEU S 25 -2.54 -34.14 25.06
C LEU S 25 -3.56 -34.21 23.92
N THR S 26 -4.51 -33.27 23.89
CA THR S 26 -5.50 -33.30 22.82
C THR S 26 -4.85 -33.09 21.45
N ILE S 27 -3.95 -32.12 21.34
CA ILE S 27 -3.31 -31.88 20.05
C ILE S 27 -2.42 -33.05 19.66
N LEU S 28 -1.74 -33.66 20.63
CA LEU S 28 -0.90 -34.82 20.34
C LEU S 28 -1.75 -35.97 19.81
N GLY S 29 -2.90 -36.23 20.43
CA GLY S 29 -3.77 -37.29 19.94
C GLY S 29 -4.26 -37.03 18.53
N LEU S 30 -4.69 -35.79 18.25
CA LEU S 30 -5.11 -35.45 16.89
C LEU S 30 -3.99 -35.67 15.89
N ALA S 31 -2.77 -35.22 16.22
CA ALA S 31 -1.66 -35.34 15.28
C ALA S 31 -1.30 -36.79 15.01
N ILE S 32 -1.29 -37.63 16.04
CA ILE S 32 -0.99 -39.04 15.80
C ILE S 32 -2.07 -39.68 14.94
N HIS S 33 -3.35 -39.37 15.18
CA HIS S 33 -4.39 -39.94 14.33
C HIS S 33 -4.25 -39.50 12.89
N MET S 34 -3.94 -38.22 12.66
CA MET S 34 -3.79 -37.74 11.28
C MET S 34 -2.57 -38.35 10.60
N ILE S 35 -1.47 -38.53 11.34
CA ILE S 35 -0.29 -39.18 10.77
C ILE S 35 -0.62 -40.61 10.36
N LEU S 36 -1.36 -41.32 11.20
CA LEU S 36 -1.79 -42.67 10.81
C LEU S 36 -2.71 -42.65 9.60
N LEU S 37 -3.59 -41.64 9.50
CA LEU S 37 -4.47 -41.52 8.33
C LEU S 37 -3.73 -41.12 7.06
N SER S 38 -2.51 -40.60 7.17
CA SER S 38 -1.76 -40.18 5.99
C SER S 38 -0.90 -41.28 5.38
N THR S 39 -0.95 -42.50 5.90
CA THR S 39 -0.16 -43.61 5.39
C THR S 39 -1.09 -44.72 4.93
N THR S 40 -0.76 -45.35 3.79
CA THR S 40 -1.60 -46.41 3.26
C THR S 40 -1.56 -47.67 4.11
N GLU S 41 -0.51 -47.86 4.92
CA GLU S 41 -0.38 -49.06 5.72
C GLU S 41 -1.19 -49.03 7.00
N PHE S 42 -1.67 -47.87 7.43
CA PHE S 42 -2.37 -47.77 8.70
C PHE S 42 -3.67 -46.97 8.62
N ASN S 43 -4.17 -46.67 7.41
CA ASN S 43 -5.46 -46.03 7.26
C ASN S 43 -6.53 -47.10 7.42
N TRP S 44 -7.20 -47.12 8.57
CA TRP S 44 -8.19 -48.14 8.86
C TRP S 44 -9.49 -47.94 8.09
N LEU S 45 -9.68 -46.79 7.45
CA LEU S 45 -10.91 -46.52 6.71
C LEU S 45 -10.81 -46.91 5.24
N GLU S 46 -9.68 -46.64 4.59
CA GLU S 46 -9.50 -46.93 3.18
C GLU S 46 -8.84 -48.28 2.92
N ASP S 47 -8.58 -49.07 3.96
CA ASP S 47 -7.89 -50.35 3.78
C ASP S 47 -8.71 -51.36 3.01
N GLY S 48 -10.03 -51.19 2.93
CA GLY S 48 -10.92 -52.16 2.32
C GLY S 48 -11.28 -53.30 3.24
N ILE S 49 -10.31 -53.75 4.05
CA ILE S 49 -10.57 -54.77 5.07
C ILE S 49 -11.53 -54.20 6.10
N PRO S 50 -12.59 -54.93 6.48
CA PRO S 50 -12.90 -56.28 6.01
C PRO S 50 -13.80 -56.33 4.77
N ALA S 51 -13.75 -57.48 4.09
CA ALA S 51 -14.76 -57.88 3.11
C ALA S 51 -14.90 -56.95 1.91
N ALA S 52 -14.06 -55.93 1.84
CA ALA S 52 -14.09 -54.94 0.75
C ALA S 52 -15.50 -54.38 0.49
N SER T 6 5.85 -20.97 48.82
CA SER T 6 4.41 -20.85 48.68
C SER T 6 4.04 -19.70 47.75
N MET T 7 4.82 -19.55 46.68
CA MET T 7 4.61 -18.43 45.76
C MET T 7 3.24 -18.51 45.10
N THR T 8 2.81 -19.71 44.68
CA THR T 8 1.50 -19.87 44.07
C THR T 8 0.36 -19.63 45.05
N GLY T 9 0.64 -19.57 46.35
CA GLY T 9 -0.37 -19.30 47.35
C GLY T 9 -0.92 -20.52 48.04
N LEU T 10 -0.57 -21.72 47.58
CA LEU T 10 -1.05 -22.93 48.23
C LEU T 10 -0.34 -23.13 49.56
N THR T 11 -0.98 -23.89 50.44
CA THR T 11 -0.40 -24.30 51.70
C THR T 11 0.14 -25.72 51.56
N GLU T 12 0.77 -26.22 52.63
CA GLU T 12 1.34 -27.56 52.57
C GLU T 12 0.25 -28.62 52.41
N ASP T 13 -0.85 -28.48 53.16
CA ASP T 13 -1.93 -29.46 53.06
C ASP T 13 -2.60 -29.41 51.70
N GLU T 14 -2.75 -28.22 51.12
CA GLU T 14 -3.37 -28.11 49.80
C GLU T 14 -2.54 -28.83 48.74
N ALA T 15 -1.22 -28.63 48.76
CA ALA T 15 -0.35 -29.32 47.82
C ALA T 15 -0.35 -30.82 48.05
N LYS T 16 -0.33 -31.24 49.33
CA LYS T 16 -0.36 -32.66 49.65
C LYS T 16 -1.62 -33.32 49.11
N GLU T 17 -2.78 -32.65 49.25
CA GLU T 17 -4.03 -33.20 48.76
C GLU T 17 -4.14 -33.13 47.25
N PHE T 18 -3.51 -32.13 46.61
CA PHE T 18 -3.54 -32.06 45.15
C PHE T 18 -2.71 -33.19 44.53
N HIS T 19 -1.55 -33.47 45.10
CA HIS T 19 -0.62 -34.41 44.47
C HIS T 19 -1.21 -35.81 44.39
N GLY T 20 -1.89 -36.25 45.45
CA GLY T 20 -2.45 -37.60 45.44
C GLY T 20 -3.49 -37.80 44.37
N ILE T 21 -4.42 -36.84 44.24
CA ILE T 21 -5.43 -36.92 43.20
C ILE T 21 -4.79 -36.87 41.82
N PHE T 22 -3.79 -35.99 41.64
CA PHE T 22 -3.14 -35.87 40.34
C PHE T 22 -2.47 -37.18 39.93
N THR T 23 -1.71 -37.79 40.85
CA THR T 23 -1.06 -39.06 40.54
C THR T 23 -2.07 -40.16 40.30
N GLN T 24 -3.16 -40.20 41.07
CA GLN T 24 -4.18 -41.22 40.85
C GLN T 24 -4.78 -41.12 39.45
N SER T 25 -5.16 -39.91 39.05
CA SER T 25 -5.77 -39.72 37.73
C SER T 25 -4.78 -40.02 36.61
N MET T 26 -3.52 -39.61 36.76
CA MET T 26 -2.52 -39.91 35.74
C MET T 26 -2.29 -41.40 35.62
N THR T 27 -2.29 -42.13 36.74
CA THR T 27 -2.17 -43.58 36.71
C THR T 27 -3.34 -44.22 35.98
N MET T 28 -4.56 -43.74 36.23
CA MET T 28 -5.73 -44.28 35.53
C MET T 28 -5.63 -44.03 34.01
N PHE T 29 -5.23 -42.83 33.62
CA PHE T 29 -5.10 -42.51 32.21
C PHE T 29 -4.05 -43.39 31.52
N PHE T 30 -2.90 -43.58 32.16
CA PHE T 30 -1.89 -44.46 31.59
C PHE T 30 -2.39 -45.90 31.54
N GLY T 31 -3.17 -46.32 32.54
CA GLY T 31 -3.68 -47.68 32.53
C GLY T 31 -4.61 -47.94 31.36
N ILE T 32 -5.50 -47.00 31.06
CA ILE T 32 -6.36 -47.23 29.90
C ILE T 32 -5.58 -47.11 28.59
N VAL T 33 -4.57 -46.23 28.53
CA VAL T 33 -3.74 -46.13 27.34
C VAL T 33 -3.04 -47.45 27.06
N ILE T 34 -2.57 -48.14 28.10
CA ILE T 34 -1.89 -49.42 27.92
C ILE T 34 -2.81 -50.43 27.24
N ILE T 35 -4.07 -50.51 27.69
CA ILE T 35 -5.01 -51.45 27.10
C ILE T 35 -5.29 -51.10 25.64
N ALA T 36 -5.47 -49.81 25.36
CA ALA T 36 -5.67 -49.41 23.97
C ALA T 36 -4.50 -49.83 23.09
N HIS T 37 -3.26 -49.66 23.58
CA HIS T 37 -2.10 -50.07 22.79
C HIS T 37 -1.97 -51.58 22.64
N ILE T 38 -2.33 -52.35 23.67
CA ILE T 38 -2.31 -53.80 23.51
C ILE T 38 -3.30 -54.24 22.44
N LEU T 39 -4.50 -53.65 22.45
CA LEU T 39 -5.48 -53.97 21.42
C LEU T 39 -4.96 -53.59 20.04
N ALA T 40 -4.32 -52.42 19.92
CA ALA T 40 -3.80 -52.00 18.63
C ALA T 40 -2.71 -52.93 18.14
N TRP T 41 -1.83 -53.38 19.04
CA TRP T 41 -0.79 -54.32 18.63
C TRP T 41 -1.38 -55.64 18.19
N LEU T 42 -2.40 -56.13 18.90
CA LEU T 42 -3.04 -57.36 18.48
C LEU T 42 -3.72 -57.22 17.13
N TRP T 43 -4.27 -56.04 16.85
CA TRP T 43 -4.92 -55.80 15.56
C TRP T 43 -3.91 -55.80 14.41
N ARG T 44 -2.83 -55.03 14.55
CA ARG T 44 -1.86 -54.89 13.47
C ARG T 44 -0.50 -54.46 14.02
N PRO T 45 0.40 -55.40 14.30
CA PRO T 45 1.71 -55.04 14.86
C PRO T 45 2.52 -54.18 13.91
N TRP T 46 3.30 -53.27 14.48
CA TRP T 46 4.09 -52.33 13.70
C TRP T 46 5.59 -52.51 13.85
N LEU T 47 6.03 -53.44 14.68
CA LEU T 47 7.46 -53.68 14.89
C LEU T 47 7.78 -55.18 14.81
N FME U 1 33.46 -32.25 39.47
CN FME U 1 34.76 -32.27 39.71
O1 FME U 1 35.41 -31.33 40.15
CA FME U 1 32.64 -31.09 39.74
CB FME U 1 31.21 -31.28 39.20
CG FME U 1 30.28 -30.14 39.58
SD FME U 1 30.96 -28.53 39.11
CE FME U 1 31.11 -28.75 37.34
C FME U 1 32.59 -30.77 41.24
O FME U 1 32.30 -31.68 42.03
N SER U 2 32.84 -29.51 41.61
CA SER U 2 32.77 -29.09 43.00
C SER U 2 31.39 -29.31 43.60
N PRO U 3 31.34 -29.71 44.87
CA PRO U 3 30.05 -29.96 45.52
C PRO U 3 29.18 -28.72 45.66
N ASP U 4 29.77 -27.52 45.59
CA ASP U 4 29.07 -26.27 45.86
C ASP U 4 28.25 -25.77 44.68
N LEU U 5 27.97 -26.61 43.69
CA LEU U 5 27.19 -26.18 42.53
C LEU U 5 25.77 -25.78 42.90
N TRP U 6 25.28 -26.22 44.05
CA TRP U 6 23.89 -25.98 44.45
C TRP U 6 23.60 -24.50 44.65
N LYS U 7 24.62 -23.65 44.57
CA LYS U 7 24.44 -22.21 44.64
C LYS U 7 23.94 -21.62 43.34
N ILE U 8 23.83 -22.43 42.27
CA ILE U 8 23.26 -21.95 41.03
C ILE U 8 21.81 -21.50 41.24
N TRP U 9 21.10 -22.21 42.11
CA TRP U 9 19.65 -22.02 42.25
C TRP U 9 19.27 -20.74 42.98
N LEU U 10 20.21 -20.07 43.62
CA LEU U 10 19.95 -18.73 44.14
C LEU U 10 20.37 -17.64 43.16
N LEU U 11 20.80 -18.02 41.96
CA LEU U 11 21.15 -17.06 40.91
C LEU U 11 20.13 -17.01 39.78
N ILE U 12 19.41 -18.10 39.52
CA ILE U 12 18.38 -18.15 38.49
C ILE U 12 17.09 -18.66 39.11
N ASP U 13 15.97 -18.15 38.62
CA ASP U 13 14.65 -18.49 39.16
C ASP U 13 14.28 -19.93 38.82
N PRO U 14 14.02 -20.79 39.81
CA PRO U 14 13.72 -22.20 39.50
C PRO U 14 12.50 -22.41 38.62
N ARG U 15 11.44 -21.62 38.77
CA ARG U 15 10.22 -21.86 38.00
C ARG U 15 10.47 -21.65 36.50
N ARG U 16 11.14 -20.56 36.13
CA ARG U 16 11.44 -20.30 34.74
C ARG U 16 12.33 -21.39 34.15
N VAL U 17 13.33 -21.85 34.91
CA VAL U 17 14.20 -22.92 34.45
C VAL U 17 13.39 -24.20 34.21
N LEU U 18 12.50 -24.55 35.15
CA LEU U 18 11.68 -25.74 34.99
C LEU U 18 10.86 -25.68 33.72
N ILE U 19 10.14 -24.56 33.51
CA ILE U 19 9.27 -24.52 32.34
C ILE U 19 10.07 -24.47 31.05
N ALA U 20 11.22 -23.77 31.04
CA ALA U 20 12.04 -23.70 29.84
C ALA U 20 12.60 -25.06 29.47
N VAL U 21 13.10 -25.82 30.44
CA VAL U 21 13.63 -27.13 30.11
C VAL U 21 12.52 -28.09 29.70
N PHE U 22 11.33 -28.00 30.31
CA PHE U 22 10.23 -28.86 29.87
C PHE U 22 9.87 -28.59 28.41
N ALA U 23 9.72 -27.31 28.05
CA ALA U 23 9.37 -26.97 26.68
C ALA U 23 10.47 -27.39 25.71
N PHE U 24 11.73 -27.15 26.06
CA PHE U 24 12.82 -27.52 25.17
C PHE U 24 12.87 -29.02 24.95
N LEU U 25 12.71 -29.81 26.02
CA LEU U 25 12.74 -31.25 25.86
C LEU U 25 11.59 -31.78 25.02
N THR U 26 10.38 -31.24 25.21
CA THR U 26 9.27 -31.69 24.36
C THR U 26 9.49 -31.34 22.89
N ILE U 27 9.94 -30.12 22.61
CA ILE U 27 10.18 -29.72 21.22
C ILE U 27 11.29 -30.57 20.61
N LEU U 28 12.34 -30.85 21.38
CA LEU U 28 13.44 -31.68 20.87
C LEU U 28 12.97 -33.09 20.53
N GLY U 29 12.15 -33.68 21.41
CA GLY U 29 11.63 -35.00 21.12
C GLY U 29 10.77 -35.05 19.87
N LEU U 30 9.89 -34.06 19.71
CA LEU U 30 9.09 -33.99 18.49
C LEU U 30 9.97 -33.85 17.25
N ALA U 31 10.98 -32.98 17.31
CA ALA U 31 11.84 -32.76 16.15
C ALA U 31 12.60 -34.02 15.78
N ILE U 32 13.14 -34.74 16.76
CA ILE U 32 13.90 -35.94 16.46
C ILE U 32 13.00 -37.01 15.86
N HIS U 33 11.80 -37.20 16.44
CA HIS U 33 10.89 -38.20 15.87
C HIS U 33 10.54 -37.86 14.42
N MET U 34 10.27 -36.59 14.13
CA MET U 34 9.93 -36.22 12.76
C MET U 34 11.11 -36.41 11.79
N ILE U 35 12.32 -36.03 12.22
CA ILE U 35 13.47 -36.21 11.34
C ILE U 35 13.68 -37.68 11.04
N LEU U 36 13.48 -38.56 12.03
CA LEU U 36 13.55 -39.99 11.76
C LEU U 36 12.46 -40.41 10.79
N LEU U 37 11.25 -39.87 10.94
CA LEU U 37 10.16 -40.23 10.03
C LEU U 37 10.44 -39.83 8.60
N SER U 38 11.20 -38.76 8.39
CA SER U 38 11.46 -38.29 7.03
C SER U 38 12.39 -39.21 6.24
N THR U 39 13.07 -40.15 6.89
CA THR U 39 14.03 -40.99 6.18
C THR U 39 13.34 -42.25 5.64
N THR U 40 14.12 -43.06 4.93
CA THR U 40 13.65 -44.33 4.40
C THR U 40 14.11 -45.51 5.23
N GLU U 41 15.30 -45.44 5.83
CA GLU U 41 15.79 -46.52 6.66
C GLU U 41 15.10 -46.58 8.02
N PHE U 42 14.69 -45.43 8.56
CA PHE U 42 14.21 -45.36 9.94
C PHE U 42 12.75 -44.96 10.05
N ASN U 43 11.96 -45.14 8.99
CA ASN U 43 10.51 -44.93 9.07
C ASN U 43 9.90 -46.27 9.45
N TRP U 44 9.51 -46.40 10.72
CA TRP U 44 9.01 -47.68 11.23
C TRP U 44 7.60 -48.00 10.77
N LEU U 45 6.87 -47.03 10.21
CA LEU U 45 5.51 -47.25 9.75
C LEU U 45 5.44 -47.75 8.31
N GLU U 46 6.20 -47.13 7.41
CA GLU U 46 6.20 -47.51 6.00
C GLU U 46 7.32 -48.45 5.63
N ASP U 47 8.06 -48.98 6.61
CA ASP U 47 9.16 -49.90 6.32
C ASP U 47 8.67 -51.19 5.70
N GLY U 48 7.39 -51.53 5.86
CA GLY U 48 6.87 -52.78 5.35
C GLY U 48 7.21 -54.00 6.17
N ILE U 49 7.77 -53.82 7.36
CA ILE U 49 8.21 -54.91 8.21
C ILE U 49 7.46 -54.80 9.53
N PRO U 50 6.76 -55.85 9.97
CA PRO U 50 6.51 -57.09 9.22
C PRO U 50 5.42 -56.95 8.18
N ALA U 51 5.50 -57.72 7.09
CA ALA U 51 4.52 -57.64 6.03
C ALA U 51 3.30 -58.50 6.35
N SER V 6 21.34 -12.96 47.97
CA SER V 6 20.38 -13.86 47.34
C SER V 6 19.40 -13.09 46.48
N MET V 7 19.77 -12.85 45.22
CA MET V 7 18.89 -12.10 44.31
C MET V 7 17.60 -12.85 44.04
N THR V 8 17.68 -14.18 43.89
CA THR V 8 16.46 -14.97 43.66
C THR V 8 15.54 -14.95 44.88
N GLY V 9 16.10 -14.78 46.08
CA GLY V 9 15.33 -14.72 47.29
C GLY V 9 15.27 -16.00 48.08
N LEU V 10 15.60 -17.14 47.47
CA LEU V 10 15.59 -18.41 48.19
C LEU V 10 16.60 -18.39 49.31
N THR V 11 16.25 -19.02 50.44
CA THR V 11 17.16 -19.07 51.57
C THR V 11 18.31 -20.04 51.28
N GLU V 12 19.24 -20.12 52.22
CA GLU V 12 20.40 -20.99 52.05
C GLU V 12 19.98 -22.45 51.95
N ASP V 13 19.05 -22.88 52.81
CA ASP V 13 18.58 -24.26 52.80
C ASP V 13 17.45 -24.49 51.81
N GLU V 14 16.66 -23.46 51.49
CA GLU V 14 15.58 -23.62 50.52
C GLU V 14 16.13 -23.92 49.14
N ALA V 15 17.17 -23.20 48.71
CA ALA V 15 17.77 -23.45 47.41
C ALA V 15 18.69 -24.66 47.40
N LYS V 16 19.22 -25.05 48.56
CA LYS V 16 20.11 -26.21 48.63
C LYS V 16 19.36 -27.52 48.47
N GLU V 17 18.07 -27.56 48.83
CA GLU V 17 17.28 -28.77 48.71
C GLU V 17 16.60 -28.90 47.35
N PHE V 18 16.55 -27.82 46.57
CA PHE V 18 16.11 -27.93 45.18
C PHE V 18 17.07 -28.78 44.38
N HIS V 19 18.38 -28.63 44.63
CA HIS V 19 19.40 -29.39 43.95
C HIS V 19 19.26 -30.90 44.18
N GLY V 20 18.96 -31.31 45.41
CA GLY V 20 18.86 -32.72 45.72
C GLY V 20 17.75 -33.44 45.00
N ILE V 21 16.60 -32.78 44.80
CA ILE V 21 15.52 -33.36 44.03
C ILE V 21 15.76 -33.21 42.53
N PHE V 22 16.36 -32.10 42.10
CA PHE V 22 16.66 -31.90 40.68
C PHE V 22 17.57 -33.00 40.15
N THR V 23 18.67 -33.26 40.84
CA THR V 23 19.58 -34.30 40.38
C THR V 23 18.96 -35.69 40.49
N GLN V 24 18.16 -35.92 41.54
CA GLN V 24 17.53 -37.23 41.73
C GLN V 24 16.51 -37.54 40.64
N SER V 25 15.87 -36.51 40.07
CA SER V 25 14.97 -36.72 38.95
C SER V 25 15.69 -36.80 37.60
N MET V 26 16.70 -35.95 37.40
CA MET V 26 17.48 -36.04 36.17
C MET V 26 18.15 -37.39 36.03
N THR V 27 18.57 -37.99 37.14
CA THR V 27 19.16 -39.33 37.10
C THR V 27 18.21 -40.34 36.49
N MET V 28 16.95 -40.38 36.96
CA MET V 28 16.02 -41.37 36.44
C MET V 28 15.61 -41.06 35.01
N PHE V 29 15.51 -39.79 34.64
CA PHE V 29 15.21 -39.46 33.25
C PHE V 29 16.29 -40.00 32.32
N PHE V 30 17.56 -39.73 32.64
CA PHE V 30 18.64 -40.30 31.85
C PHE V 30 18.65 -41.82 31.89
N GLY V 31 18.25 -42.40 33.03
CA GLY V 31 18.26 -43.84 33.15
C GLY V 31 17.27 -44.51 32.20
N ILE V 32 16.06 -43.96 32.09
CA ILE V 32 15.12 -44.55 31.14
C ILE V 32 15.50 -44.23 29.70
N VAL V 33 16.11 -43.06 29.44
CA VAL V 33 16.60 -42.79 28.09
C VAL V 33 17.66 -43.80 27.67
N ILE V 34 18.50 -44.23 28.60
CA ILE V 34 19.53 -45.23 28.29
C ILE V 34 18.89 -46.52 27.80
N ILE V 35 17.85 -46.98 28.50
CA ILE V 35 17.17 -48.21 28.11
C ILE V 35 16.53 -48.05 26.73
N ALA V 36 15.90 -46.90 26.50
CA ALA V 36 15.28 -46.66 25.20
C ALA V 36 16.30 -46.73 24.08
N HIS V 37 17.48 -46.13 24.27
CA HIS V 37 18.49 -46.16 23.22
C HIS V 37 19.12 -47.54 23.04
N ILE V 38 19.29 -48.31 24.13
CA ILE V 38 19.79 -49.67 23.96
C ILE V 38 18.81 -50.50 23.15
N LEU V 39 17.51 -50.36 23.45
CA LEU V 39 16.51 -51.08 22.67
C LEU V 39 16.53 -50.67 21.21
N ALA V 40 16.65 -49.36 20.95
CA ALA V 40 16.69 -48.88 19.57
C ALA V 40 17.90 -49.43 18.83
N TRP V 41 19.07 -49.46 19.47
CA TRP V 41 20.24 -50.02 18.82
C TRP V 41 20.06 -51.51 18.53
N LEU V 42 19.46 -52.24 19.47
CA LEU V 42 19.23 -53.67 19.23
C LEU V 42 18.28 -53.87 18.06
N TRP V 43 17.28 -53.00 17.91
CA TRP V 43 16.31 -53.15 16.82
C TRP V 43 16.95 -52.88 15.46
N ARG V 44 17.66 -51.75 15.32
CA ARG V 44 18.22 -51.36 14.03
C ARG V 44 19.37 -50.36 14.21
N PRO V 45 20.61 -50.81 14.23
CA PRO V 45 21.73 -49.88 14.48
C PRO V 45 21.92 -48.88 13.34
N TRP V 46 22.41 -47.69 13.70
CA TRP V 46 22.55 -46.59 12.75
C TRP V 46 23.99 -46.29 12.35
N LEU V 47 24.97 -46.69 13.13
CA LEU V 47 26.36 -46.47 12.78
C LEU V 47 27.06 -47.78 12.44
N FME W 1 45.89 -17.24 31.72
CN FME W 1 45.77 -17.96 32.83
O1 FME W 1 46.66 -18.09 33.68
CA FME W 1 47.06 -16.45 31.41
CB FME W 1 46.91 -15.76 30.05
CG FME W 1 45.62 -14.97 29.92
SD FME W 1 44.16 -16.02 30.04
CE FME W 1 44.37 -17.05 28.60
C FME W 1 47.36 -15.42 32.51
O FME W 1 48.52 -15.34 32.96
N SER W 2 46.34 -14.70 32.96
CA SER W 2 46.51 -13.68 33.98
C SER W 2 45.92 -14.13 35.30
N PRO W 3 46.71 -14.04 36.38
CA PRO W 3 46.20 -14.43 37.71
C PRO W 3 45.17 -13.47 38.28
N ASP W 4 44.75 -12.44 37.53
CA ASP W 4 43.81 -11.45 38.03
C ASP W 4 42.57 -11.35 37.14
N LEU W 5 42.31 -12.36 36.31
CA LEU W 5 41.18 -12.31 35.40
C LEU W 5 39.84 -12.38 36.12
N TRP W 6 39.82 -12.90 37.35
CA TRP W 6 38.57 -13.07 38.09
C TRP W 6 37.87 -11.74 38.37
N LYS W 7 38.50 -10.61 38.05
CA LYS W 7 37.81 -9.32 38.15
C LYS W 7 36.73 -9.15 37.09
N ILE W 8 36.68 -10.01 36.08
CA ILE W 8 35.72 -9.83 34.98
C ILE W 8 34.30 -9.86 35.51
N TRP W 9 34.06 -10.57 36.60
CA TRP W 9 32.71 -10.68 37.16
C TRP W 9 32.31 -9.46 37.98
N LEU W 10 33.22 -8.51 38.21
CA LEU W 10 32.86 -7.24 38.80
C LEU W 10 32.33 -6.25 37.79
N LEU W 11 32.32 -6.59 36.50
CA LEU W 11 31.85 -5.71 35.44
C LEU W 11 30.59 -6.21 34.75
N ILE W 12 30.59 -7.45 34.26
CA ILE W 12 29.46 -8.03 33.55
C ILE W 12 28.65 -8.90 34.51
N ASP W 13 27.34 -8.77 34.44
CA ASP W 13 26.45 -9.49 35.36
C ASP W 13 26.47 -10.98 35.07
N PRO W 14 26.85 -11.82 36.04
CA PRO W 14 26.92 -13.27 35.76
C PRO W 14 25.59 -13.90 35.37
N ARG W 15 24.48 -13.43 35.93
CA ARG W 15 23.18 -14.03 35.62
C ARG W 15 22.83 -13.87 34.16
N ARG W 16 23.23 -12.77 33.53
CA ARG W 16 22.98 -12.57 32.11
C ARG W 16 23.90 -13.42 31.25
N VAL W 17 25.18 -13.53 31.64
CA VAL W 17 26.13 -14.28 30.81
C VAL W 17 25.81 -15.76 30.84
N LEU W 18 25.29 -16.29 31.96
CA LEU W 18 24.92 -17.71 31.98
C LEU W 18 23.87 -18.01 30.92
N ILE W 19 22.84 -17.17 30.84
CA ILE W 19 21.78 -17.40 29.87
C ILE W 19 22.29 -17.19 28.45
N ALA W 20 23.05 -16.12 28.23
CA ALA W 20 23.58 -15.85 26.90
C ALA W 20 24.58 -16.91 26.43
N VAL W 21 25.14 -17.67 27.36
CA VAL W 21 26.05 -18.75 26.98
C VAL W 21 25.28 -20.04 26.72
N PHE W 22 24.33 -20.39 27.59
CA PHE W 22 23.56 -21.61 27.39
C PHE W 22 22.76 -21.57 26.09
N ALA W 23 22.07 -20.45 25.84
CA ALA W 23 21.29 -20.34 24.61
C ALA W 23 22.19 -20.39 23.38
N PHE W 24 23.31 -19.68 23.42
CA PHE W 24 24.21 -19.66 22.27
C PHE W 24 24.77 -21.05 21.98
N LEU W 25 25.18 -21.78 23.01
CA LEU W 25 25.70 -23.12 22.80
C LEU W 25 24.64 -24.05 22.23
N THR W 26 23.40 -23.97 22.72
CA THR W 26 22.35 -24.81 22.17
C THR W 26 22.12 -24.51 20.68
N ILE W 27 22.03 -23.22 20.34
CA ILE W 27 21.80 -22.85 18.95
C ILE W 27 22.96 -23.30 18.07
N LEU W 28 24.19 -23.18 18.57
CA LEU W 28 25.35 -23.60 17.80
C LEU W 28 25.35 -25.10 17.55
N GLY W 29 25.03 -25.90 18.57
CA GLY W 29 24.94 -27.33 18.37
C GLY W 29 23.90 -27.70 17.33
N LEU W 30 22.72 -27.08 17.42
CA LEU W 30 21.69 -27.34 16.41
C LEU W 30 22.18 -26.99 15.01
N ALA W 31 22.83 -25.83 14.86
CA ALA W 31 23.28 -25.40 13.55
C ALA W 31 24.33 -26.34 12.96
N ILE W 32 25.28 -26.78 13.79
CA ILE W 32 26.31 -27.67 13.28
C ILE W 32 25.72 -29.02 12.88
N HIS W 33 24.78 -29.54 13.68
CA HIS W 33 24.14 -30.79 13.28
C HIS W 33 23.37 -30.64 11.97
N MET W 34 22.67 -29.51 11.79
CA MET W 34 21.96 -29.30 10.53
C MET W 34 22.92 -29.22 9.34
N ILE W 35 24.05 -28.52 9.53
CA ILE W 35 25.05 -28.43 8.47
C ILE W 35 25.54 -29.81 8.08
N LEU W 36 25.82 -30.67 9.08
CA LEU W 36 26.26 -32.02 8.77
C LEU W 36 25.17 -32.82 8.05
N LEU W 37 23.91 -32.67 8.48
CA LEU W 37 22.83 -33.40 7.83
C LEU W 37 22.53 -32.91 6.42
N SER W 38 23.00 -31.73 6.04
CA SER W 38 22.75 -31.19 4.71
C SER W 38 23.76 -31.66 3.67
N THR W 39 24.66 -32.58 4.02
CA THR W 39 25.67 -33.07 3.10
C THR W 39 25.42 -34.54 2.78
N THR W 40 25.97 -34.98 1.65
CA THR W 40 25.87 -36.38 1.24
C THR W 40 26.95 -37.26 1.85
N GLU W 41 27.96 -36.66 2.48
CA GLU W 41 29.09 -37.41 3.00
C GLU W 41 28.99 -37.67 4.50
N PHE W 42 28.42 -36.74 5.28
CA PHE W 42 28.36 -36.87 6.73
C PHE W 42 26.94 -37.01 7.25
N ASN W 43 25.99 -37.39 6.39
CA ASN W 43 24.62 -37.66 6.83
C ASN W 43 24.57 -39.11 7.33
N TRP W 44 24.65 -39.28 8.64
CA TRP W 44 24.79 -40.62 9.24
C TRP W 44 23.51 -41.44 9.15
N LEU W 45 22.38 -40.83 8.82
CA LEU W 45 21.12 -41.57 8.71
C LEU W 45 20.88 -42.11 7.31
N GLU W 46 21.16 -41.32 6.28
CA GLU W 46 20.89 -41.70 4.89
C GLU W 46 22.14 -42.14 4.14
N ASP W 47 23.18 -42.56 4.86
CA ASP W 47 24.43 -42.97 4.24
C ASP W 47 24.41 -44.41 3.75
N GLY W 48 23.41 -45.20 4.14
CA GLY W 48 23.39 -46.60 3.78
C GLY W 48 24.39 -47.45 4.53
N ILE W 49 24.83 -47.01 5.71
CA ILE W 49 25.82 -47.74 6.51
C ILE W 49 25.33 -47.78 7.95
N PRO W 50 25.17 -48.97 8.55
CA PRO W 50 25.37 -50.26 7.91
C PRO W 50 24.10 -50.78 7.23
N ALA W 51 24.25 -51.32 6.02
CA ALA W 51 23.19 -52.03 5.31
C ALA W 51 21.95 -51.16 5.08
N ALA W 52 20.92 -51.77 4.50
CA ALA W 52 19.65 -51.07 4.29
C ALA W 52 18.56 -52.14 4.19
N LYS W 53 17.74 -52.24 5.24
CA LYS W 53 16.70 -53.26 5.30
C LYS W 53 15.44 -52.87 4.54
N VAL W 54 15.30 -51.60 4.18
CA VAL W 54 14.11 -51.10 3.49
C VAL W 54 14.47 -50.82 2.05
N GLN W 55 13.45 -50.78 1.19
CA GLN W 55 13.64 -50.61 -0.24
C GLN W 55 13.22 -49.22 -0.68
N GLN W 56 14.05 -48.60 -1.53
CA GLN W 56 13.72 -47.33 -2.13
C GLN W 56 14.40 -47.18 -3.49
N SER X 6 31.41 -4.06 42.36
CA SER X 6 31.25 -2.64 42.08
C SER X 6 29.94 -2.39 41.34
N MET X 7 29.98 -2.48 40.01
CA MET X 7 28.80 -2.28 39.18
C MET X 7 27.78 -3.38 39.42
N THR X 8 28.17 -4.62 39.17
CA THR X 8 27.27 -5.76 39.28
C THR X 8 26.78 -5.95 40.71
N GLY X 9 27.70 -5.97 41.67
CA GLY X 9 27.34 -6.17 43.05
C GLY X 9 28.17 -7.22 43.75
N LEU X 10 28.80 -8.10 42.96
CA LEU X 10 29.68 -9.13 43.52
C LEU X 10 30.81 -8.48 44.31
N THR X 11 30.83 -8.69 45.62
CA THR X 11 31.79 -8.02 46.50
C THR X 11 33.03 -8.88 46.64
N GLU X 12 33.97 -8.70 45.71
CA GLU X 12 35.30 -9.31 45.69
C GLU X 12 35.35 -10.77 46.18
N ASP X 13 34.92 -11.01 47.42
CA ASP X 13 34.94 -12.37 47.96
C ASP X 13 34.03 -13.30 47.17
N GLU X 14 32.85 -12.82 46.77
CA GLU X 14 31.94 -13.62 45.95
C GLU X 14 32.49 -13.79 44.54
N ALA X 15 33.23 -12.79 44.07
CA ALA X 15 33.70 -12.76 42.69
C ALA X 15 34.62 -13.92 42.34
N LYS X 16 35.55 -14.25 43.23
CA LYS X 16 36.51 -15.32 42.94
C LYS X 16 35.89 -16.70 42.94
N GLU X 17 34.90 -16.95 43.81
CA GLU X 17 34.25 -18.25 43.85
C GLU X 17 33.51 -18.53 42.55
N PHE X 18 32.81 -17.53 42.01
CA PHE X 18 32.12 -17.71 40.74
C PHE X 18 33.11 -18.06 39.64
N HIS X 19 34.26 -17.37 39.61
CA HIS X 19 35.27 -17.69 38.61
C HIS X 19 35.80 -19.11 38.76
N GLY X 20 36.05 -19.55 40.00
CA GLY X 20 36.55 -20.90 40.19
C GLY X 20 35.58 -21.96 39.75
N ILE X 21 34.31 -21.83 40.13
CA ILE X 21 33.30 -22.80 39.74
C ILE X 21 33.11 -22.77 38.22
N PHE X 22 33.07 -21.58 37.64
CA PHE X 22 32.96 -21.43 36.19
C PHE X 22 34.11 -22.13 35.48
N THR X 23 35.33 -21.95 35.95
CA THR X 23 36.49 -22.54 35.29
C THR X 23 36.45 -24.06 35.38
N GLN X 24 36.10 -24.61 36.55
CA GLN X 24 36.06 -26.06 36.66
C GLN X 24 34.97 -26.65 35.76
N SER X 25 33.79 -26.04 35.74
CA SER X 25 32.72 -26.54 34.88
C SER X 25 33.10 -26.45 33.40
N MET X 26 33.71 -25.34 33.00
CA MET X 26 34.13 -25.17 31.61
C MET X 26 35.18 -26.20 31.21
N THR X 27 36.12 -26.48 32.12
CA THR X 27 37.13 -27.49 31.83
C THR X 27 36.49 -28.85 31.63
N MET X 28 35.53 -29.21 32.50
CA MET X 28 34.84 -30.49 32.33
C MET X 28 34.12 -30.58 31.00
N PHE X 29 33.38 -29.52 30.64
CA PHE X 29 32.65 -29.52 29.37
C PHE X 29 33.59 -29.64 28.18
N PHE X 30 34.70 -28.91 28.20
CA PHE X 30 35.64 -28.98 27.09
C PHE X 30 36.29 -30.36 27.00
N GLY X 31 36.57 -31.00 28.13
CA GLY X 31 37.11 -32.35 28.08
C GLY X 31 36.14 -33.34 27.48
N ILE X 32 34.86 -33.26 27.85
CA ILE X 32 33.86 -34.14 27.25
C ILE X 32 33.77 -33.89 25.75
N VAL X 33 33.85 -32.62 25.33
CA VAL X 33 33.81 -32.28 23.92
C VAL X 33 34.99 -32.88 23.18
N ILE X 34 36.18 -32.82 23.78
CA ILE X 34 37.37 -33.38 23.14
C ILE X 34 37.23 -34.89 22.99
N ILE X 35 36.69 -35.56 24.01
CA ILE X 35 36.48 -37.00 23.91
C ILE X 35 35.54 -37.32 22.76
N ALA X 36 34.43 -36.59 22.66
CA ALA X 36 33.49 -36.82 21.57
C ALA X 36 34.14 -36.57 20.22
N HIS X 37 34.96 -35.52 20.11
CA HIS X 37 35.56 -35.17 18.82
C HIS X 37 36.57 -36.20 18.36
N ILE X 38 37.39 -36.72 19.28
CA ILE X 38 38.33 -37.76 18.86
C ILE X 38 37.60 -39.04 18.50
N LEU X 39 36.55 -39.38 19.26
CA LEU X 39 35.75 -40.55 18.89
C LEU X 39 35.10 -40.37 17.52
N ALA X 40 34.74 -39.14 17.15
CA ALA X 40 34.18 -38.88 15.84
C ALA X 40 35.23 -38.91 14.73
N TRP X 41 36.44 -38.44 15.02
CA TRP X 41 37.51 -38.55 14.02
C TRP X 41 37.86 -40.00 13.73
N LEU X 42 37.88 -40.84 14.77
CA LEU X 42 38.15 -42.26 14.54
C LEU X 42 37.07 -42.91 13.69
N TRP X 43 35.91 -42.27 13.55
CA TRP X 43 34.82 -42.81 12.75
C TRP X 43 34.99 -42.47 11.27
N ARG X 44 35.07 -41.17 10.95
CA ARG X 44 35.13 -40.73 9.56
C ARG X 44 35.83 -39.37 9.47
N PRO X 45 37.11 -39.34 9.13
CA PRO X 45 37.83 -38.06 9.08
C PRO X 45 37.34 -37.17 7.96
N TRP X 46 37.48 -35.86 8.17
CA TRP X 46 36.94 -34.87 7.25
C TRP X 46 37.98 -34.05 6.51
N LEU X 47 39.23 -34.01 6.98
CA LEU X 47 40.26 -33.22 6.32
C LEU X 47 41.14 -34.10 5.44
N FME Y 1 52.33 1.20 20.86
CN FME Y 1 53.26 0.79 20.01
O1 FME Y 1 53.82 1.51 19.16
CA FME Y 1 51.79 2.54 20.81
CB FME Y 1 50.25 2.51 20.82
CG FME Y 1 49.65 1.60 19.77
SD FME Y 1 50.12 2.07 18.09
CE FME Y 1 49.12 0.92 17.14
C FME Y 1 52.30 3.39 21.99
O FME Y 1 53.19 2.90 22.73
N SER Y 2 51.77 4.60 22.16
CA SER Y 2 52.18 5.50 23.22
C SER Y 2 52.01 4.88 24.61
N PRO Y 3 52.94 5.18 25.52
CA PRO Y 3 52.80 4.67 26.89
C PRO Y 3 51.54 5.18 27.58
N ASP Y 4 51.06 6.37 27.23
CA ASP Y 4 49.90 6.96 27.87
C ASP Y 4 48.59 6.57 27.20
N LEU Y 5 48.57 5.45 26.48
CA LEU Y 5 47.34 5.02 25.81
C LEU Y 5 46.27 4.58 26.80
N TRP Y 6 46.66 4.18 28.02
CA TRP Y 6 45.69 3.63 28.97
C TRP Y 6 44.63 4.64 29.37
N LYS Y 7 44.81 5.92 29.06
CA LYS Y 7 43.79 6.92 29.32
C LYS Y 7 42.55 6.73 28.46
N ILE Y 8 42.59 5.85 27.44
CA ILE Y 8 41.45 5.66 26.57
C ILE Y 8 40.20 5.27 27.35
N TRP Y 9 40.38 4.53 28.44
CA TRP Y 9 39.23 4.05 29.22
C TRP Y 9 38.61 5.13 30.09
N LEU Y 10 39.22 6.32 30.15
CA LEU Y 10 38.53 7.43 30.80
C LEU Y 10 37.42 8.00 29.93
N LEU Y 11 37.33 7.58 28.67
CA LEU Y 11 36.28 8.00 27.75
C LEU Y 11 35.28 6.91 27.44
N ILE Y 12 35.69 5.64 27.46
CA ILE Y 12 34.83 4.51 27.11
C ILE Y 12 34.82 3.55 28.28
N ASP Y 13 33.63 3.11 28.69
CA ASP Y 13 33.55 2.22 29.82
C ASP Y 13 33.83 0.78 29.40
N PRO Y 14 34.43 -0.01 30.29
CA PRO Y 14 34.79 -1.39 29.94
C PRO Y 14 33.61 -2.27 29.55
N ARG Y 15 32.44 -2.09 30.16
CA ARG Y 15 31.33 -3.02 29.92
C ARG Y 15 30.82 -2.92 28.49
N ARG Y 16 30.55 -1.71 28.01
CA ARG Y 16 29.95 -1.51 26.71
C ARG Y 16 30.92 -1.79 25.55
N VAL Y 17 32.22 -1.95 25.83
CA VAL Y 17 33.16 -2.29 24.78
C VAL Y 17 33.44 -3.78 24.83
N LEU Y 18 33.50 -4.35 26.04
CA LEU Y 18 33.67 -5.79 26.16
C LEU Y 18 32.49 -6.53 25.54
N ILE Y 19 31.26 -6.11 25.83
CA ILE Y 19 30.10 -6.76 25.25
C ILE Y 19 30.13 -6.64 23.73
N ALA Y 20 30.45 -5.45 23.22
CA ALA Y 20 30.46 -5.24 21.77
C ALA Y 20 31.49 -6.11 21.08
N VAL Y 21 32.71 -6.17 21.62
CA VAL Y 21 33.76 -6.96 20.99
C VAL Y 21 33.41 -8.45 21.04
N PHE Y 22 32.89 -8.93 22.17
CA PHE Y 22 32.54 -10.34 22.28
C PHE Y 22 31.37 -10.70 21.37
N ALA Y 23 30.45 -9.77 21.15
CA ALA Y 23 29.32 -10.00 20.25
C ALA Y 23 29.67 -9.73 18.80
N PHE Y 24 30.86 -9.19 18.54
CA PHE Y 24 31.31 -8.85 17.20
C PHE Y 24 32.21 -9.91 16.60
N LEU Y 25 33.17 -10.41 17.37
CA LEU Y 25 34.09 -11.42 16.86
C LEU Y 25 33.36 -12.72 16.53
N THR Y 26 32.36 -13.09 17.33
CA THR Y 26 31.57 -14.28 17.03
C THR Y 26 30.86 -14.16 15.70
N ILE Y 27 30.24 -13.00 15.44
CA ILE Y 27 29.54 -12.79 14.18
C ILE Y 27 30.53 -12.82 13.01
N LEU Y 28 31.70 -12.20 13.18
CA LEU Y 28 32.69 -12.20 12.10
C LEU Y 28 33.16 -13.62 11.80
N GLY Y 29 33.41 -14.43 12.84
CA GLY Y 29 33.83 -15.80 12.62
C GLY Y 29 32.77 -16.63 11.93
N LEU Y 30 31.51 -16.49 12.36
CA LEU Y 30 30.42 -17.19 11.69
C LEU Y 30 30.33 -16.81 10.21
N ALA Y 31 30.43 -15.50 9.92
CA ALA Y 31 30.32 -15.04 8.54
C ALA Y 31 31.46 -15.58 7.68
N ILE Y 32 32.69 -15.58 8.20
CA ILE Y 32 33.82 -16.09 7.42
C ILE Y 32 33.67 -17.58 7.17
N HIS Y 33 33.29 -18.34 8.21
CA HIS Y 33 33.11 -19.79 8.02
C HIS Y 33 32.03 -20.08 6.98
N MET Y 34 30.91 -19.34 7.01
CA MET Y 34 29.88 -19.52 5.99
C MET Y 34 30.35 -19.14 4.60
N ILE Y 35 31.09 -18.05 4.47
CA ILE Y 35 31.60 -17.66 3.15
C ILE Y 35 32.49 -18.75 2.58
N LEU Y 36 33.39 -19.30 3.40
CA LEU Y 36 34.24 -20.38 2.94
C LEU Y 36 33.42 -21.63 2.57
N LEU Y 37 32.40 -21.94 3.37
CA LEU Y 37 31.54 -23.07 3.04
C LEU Y 37 30.79 -22.87 1.73
N SER Y 38 30.56 -21.62 1.32
CA SER Y 38 29.79 -21.37 0.10
C SER Y 38 30.58 -21.68 -1.17
N THR Y 39 31.90 -21.56 -1.13
CA THR Y 39 32.70 -21.75 -2.33
C THR Y 39 33.01 -23.22 -2.57
N THR Y 40 33.31 -23.56 -3.82
CA THR Y 40 33.69 -24.92 -4.16
C THR Y 40 35.18 -25.19 -3.96
N GLU Y 41 35.98 -24.16 -3.74
CA GLU Y 41 37.42 -24.35 -3.56
C GLU Y 41 37.81 -24.54 -2.10
N PHE Y 42 37.05 -23.98 -1.16
CA PHE Y 42 37.42 -24.00 0.24
C PHE Y 42 36.33 -24.60 1.12
N ASN Y 43 35.57 -25.55 0.57
CA ASN Y 43 34.57 -26.29 1.33
C ASN Y 43 35.21 -27.61 1.75
N TRP Y 44 35.48 -27.76 3.05
CA TRP Y 44 36.23 -28.90 3.55
C TRP Y 44 35.37 -30.15 3.72
N LEU Y 45 34.04 -30.03 3.67
CA LEU Y 45 33.17 -31.18 3.87
C LEU Y 45 32.88 -31.92 2.57
N GLU Y 46 32.67 -31.19 1.47
CA GLU Y 46 32.30 -31.78 0.20
C GLU Y 46 33.44 -31.78 -0.80
N ASP Y 47 34.67 -31.57 -0.34
CA ASP Y 47 35.81 -31.50 -1.25
C ASP Y 47 36.18 -32.85 -1.84
N GLY Y 48 35.61 -33.94 -1.35
CA GLY Y 48 36.01 -35.26 -1.78
C GLY Y 48 37.26 -35.79 -1.13
N ILE Y 49 37.87 -35.05 -0.23
CA ILE Y 49 39.10 -35.44 0.47
C ILE Y 49 38.74 -35.75 1.91
N PRO Y 50 39.14 -36.91 2.46
CA PRO Y 50 39.87 -37.99 1.80
C PRO Y 50 38.96 -39.14 1.35
N ALA Y 51 38.90 -39.40 0.04
CA ALA Y 51 38.03 -40.42 -0.53
C ALA Y 51 36.57 -40.14 -0.19
N ALA Y 52 35.68 -41.04 -0.59
CA ALA Y 52 34.25 -40.87 -0.33
C ALA Y 52 33.70 -41.94 0.62
N LYS Y 53 33.87 -43.21 0.28
CA LYS Y 53 33.32 -44.36 1.02
C LYS Y 53 31.81 -44.22 1.24
N VAL Y 54 31.15 -43.35 0.47
CA VAL Y 54 29.70 -43.23 0.47
C VAL Y 54 29.26 -43.35 -0.98
N GLN Y 55 28.41 -44.34 -1.26
CA GLN Y 55 27.97 -44.58 -2.62
C GLN Y 55 26.98 -43.52 -3.05
N GLN Y 56 27.20 -42.95 -4.23
CA GLN Y 56 26.35 -41.88 -4.74
C GLN Y 56 26.03 -42.08 -6.22
N THR Y 58 21.04 -45.23 -8.96
CA THR Y 58 19.75 -44.58 -8.94
C THR Y 58 19.60 -43.59 -10.09
N PRO Y 59 18.43 -43.56 -10.71
CA PRO Y 59 18.15 -42.55 -11.73
C PRO Y 59 18.12 -41.16 -11.10
N VAL Y 60 18.49 -40.16 -11.89
CA VAL Y 60 18.60 -38.80 -11.38
C VAL Y 60 17.70 -37.88 -12.19
N VAL Y 61 17.48 -36.70 -11.63
CA VAL Y 61 16.74 -35.64 -12.32
C VAL Y 61 17.74 -34.57 -12.73
N PRO Y 62 18.09 -34.48 -14.02
CA PRO Y 62 19.10 -33.50 -14.44
C PRO Y 62 18.57 -32.10 -14.71
N GLN Y 63 17.32 -31.82 -14.33
CA GLN Y 63 16.81 -30.45 -14.45
C GLN Y 63 17.27 -29.55 -13.32
N ARG Y 64 17.44 -30.12 -12.12
CA ARG Y 64 17.71 -29.32 -10.94
C ARG Y 64 19.10 -28.68 -10.97
N MET Z 7 33.65 10.76 30.55
CA MET Z 7 33.98 10.31 31.89
C MET Z 7 33.27 8.99 32.21
N THR Z 8 34.06 7.97 32.54
CA THR Z 8 33.54 6.65 32.89
C THR Z 8 33.65 6.36 34.38
N GLY Z 9 34.05 7.34 35.19
CA GLY Z 9 34.19 7.13 36.61
C GLY Z 9 35.24 6.11 36.99
N LEU Z 10 36.41 6.18 36.35
CA LEU Z 10 37.50 5.26 36.60
C LEU Z 10 38.65 6.02 37.27
N THR Z 11 39.17 5.44 38.36
CA THR Z 11 40.29 6.03 39.06
C THR Z 11 41.59 5.80 38.29
N GLU Z 12 42.63 6.53 38.70
CA GLU Z 12 43.95 6.38 38.07
C GLU Z 12 44.50 4.97 38.26
N ASP Z 13 44.24 4.36 39.42
CA ASP Z 13 44.84 3.08 39.75
C ASP Z 13 44.06 1.89 39.19
N GLU Z 14 42.94 2.12 38.51
CA GLU Z 14 42.20 1.01 37.90
C GLU Z 14 42.20 1.05 36.37
N ALA Z 15 42.38 2.21 35.76
CA ALA Z 15 42.56 2.25 34.31
C ALA Z 15 43.82 1.50 33.91
N LYS Z 16 44.90 1.68 34.66
CA LYS Z 16 46.11 0.90 34.42
C LYS Z 16 45.86 -0.59 34.61
N GLU Z 17 45.11 -0.96 35.66
CA GLU Z 17 44.85 -2.38 35.90
C GLU Z 17 44.04 -2.99 34.77
N PHE Z 18 43.04 -2.26 34.26
CA PHE Z 18 42.24 -2.76 33.15
C PHE Z 18 43.10 -2.91 31.89
N HIS Z 19 43.89 -1.88 31.57
CA HIS Z 19 44.73 -1.92 30.39
C HIS Z 19 45.81 -2.99 30.48
N GLY Z 20 46.21 -3.36 31.69
CA GLY Z 20 47.23 -4.40 31.82
C GLY Z 20 46.76 -5.75 31.32
N ILE Z 21 45.53 -6.15 31.70
CA ILE Z 21 44.99 -7.43 31.26
C ILE Z 21 44.33 -7.35 29.89
N PHE Z 22 43.87 -6.17 29.47
CA PHE Z 22 43.30 -6.06 28.13
C PHE Z 22 44.32 -6.39 27.05
N THR Z 23 45.56 -5.91 27.20
CA THR Z 23 46.58 -6.22 26.21
C THR Z 23 47.05 -7.66 26.30
N GLN Z 24 47.10 -8.23 27.50
CA GLN Z 24 47.49 -9.63 27.63
C GLN Z 24 46.48 -10.57 26.97
N SER Z 25 45.18 -10.30 27.14
CA SER Z 25 44.18 -11.10 26.46
C SER Z 25 44.33 -11.02 24.95
N MET Z 26 44.57 -9.82 24.42
CA MET Z 26 44.79 -9.68 22.98
C MET Z 26 46.02 -10.43 22.53
N THR Z 27 47.10 -10.39 23.32
CA THR Z 27 48.32 -11.10 22.96
C THR Z 27 48.07 -12.60 22.86
N MET Z 28 47.39 -13.17 23.86
CA MET Z 28 47.10 -14.60 23.83
C MET Z 28 46.17 -14.96 22.68
N PHE Z 29 45.13 -14.14 22.45
CA PHE Z 29 44.17 -14.42 21.38
C PHE Z 29 44.86 -14.38 20.02
N PHE Z 30 45.69 -13.38 19.78
CA PHE Z 30 46.38 -13.29 18.50
C PHE Z 30 47.41 -14.40 18.36
N GLY Z 31 48.05 -14.81 19.45
CA GLY Z 31 48.96 -15.94 19.39
C GLY Z 31 48.25 -17.21 18.94
N ILE Z 32 47.02 -17.43 19.43
CA ILE Z 32 46.24 -18.57 18.97
C ILE Z 32 45.89 -18.42 17.49
N VAL Z 33 45.44 -17.23 17.10
CA VAL Z 33 44.97 -17.02 15.73
C VAL Z 33 46.10 -17.23 14.72
N ILE Z 34 47.32 -16.79 15.06
CA ILE Z 34 48.45 -16.96 14.15
C ILE Z 34 48.70 -18.43 13.86
N ILE Z 35 48.66 -19.26 14.91
CA ILE Z 35 48.86 -20.70 14.72
C ILE Z 35 47.76 -21.29 13.86
N ALA Z 36 46.51 -20.87 14.11
CA ALA Z 36 45.40 -21.38 13.31
C ALA Z 36 45.58 -21.04 11.84
N HIS Z 37 45.97 -19.81 11.54
CA HIS Z 37 46.18 -19.40 10.15
C HIS Z 37 47.38 -20.05 9.51
N ILE Z 38 48.45 -20.31 10.27
CA ILE Z 38 49.58 -21.04 9.72
C ILE Z 38 49.17 -22.46 9.34
N LEU Z 39 48.40 -23.13 10.22
CA LEU Z 39 47.92 -24.47 9.88
C LEU Z 39 47.03 -24.43 8.64
N ALA Z 40 46.14 -23.43 8.56
CA ALA Z 40 45.29 -23.30 7.37
C ALA Z 40 46.10 -23.09 6.10
N TRP Z 41 47.15 -22.27 6.17
CA TRP Z 41 48.00 -22.07 5.00
C TRP Z 41 48.74 -23.34 4.62
N LEU Z 42 49.18 -24.13 5.60
CA LEU Z 42 49.81 -25.41 5.30
C LEU Z 42 48.82 -26.43 4.76
N TRP Z 43 47.52 -26.22 4.96
CA TRP Z 43 46.51 -27.14 4.45
C TRP Z 43 46.14 -26.85 3.00
N ARG Z 44 45.83 -25.60 2.67
CA ARG Z 44 45.40 -25.22 1.33
C ARG Z 44 45.65 -23.74 1.09
N PRO Z 45 46.81 -23.36 0.55
CA PRO Z 45 47.13 -21.94 0.40
C PRO Z 45 46.15 -21.22 -0.52
N TRP Z 46 45.84 -19.98 -0.18
CA TRP Z 46 44.89 -19.17 -0.93
C TRP Z 46 45.55 -18.08 -1.78
N LEU Z 47 46.86 -17.93 -1.70
CA LEU Z 47 47.57 -16.96 -2.54
C LEU Z 47 48.84 -17.55 -3.11
N FME AA 1 47.13 24.58 16.09
CN FME AA 1 46.57 25.61 16.71
O1 FME AA 1 45.37 25.73 16.96
CA FME AA 1 46.38 23.43 15.61
CB FME AA 1 47.29 22.44 14.87
CG FME AA 1 46.63 21.11 14.60
SD FME AA 1 45.14 21.25 13.58
CE FME AA 1 45.84 21.87 12.06
C FME AA 1 45.65 22.71 16.76
O FME AA 1 44.47 22.37 16.59
N HIS AA 2 46.33 22.52 17.90
CA HIS AA 2 45.78 21.73 19.00
C HIS AA 2 44.57 22.38 19.68
N LYS AA 3 43.63 22.91 18.88
CA LYS AA 3 42.44 23.57 19.41
C LYS AA 3 41.16 23.05 18.79
N ILE AA 4 41.22 21.99 17.99
CA ILE AA 4 40.00 21.44 17.40
C ILE AA 4 39.09 20.88 18.48
N TRP AA 5 39.66 20.18 19.45
CA TRP AA 5 38.88 19.49 20.47
C TRP AA 5 38.16 20.44 21.41
N GLN AA 6 38.49 21.74 21.37
CA GLN AA 6 37.64 22.72 22.04
C GLN AA 6 36.33 22.90 21.28
N ILE AA 7 36.35 22.70 19.97
CA ILE AA 7 35.15 22.81 19.14
C ILE AA 7 34.41 21.48 19.02
N PHE AA 8 35.14 20.39 18.83
CA PHE AA 8 34.55 19.08 18.60
C PHE AA 8 34.76 18.18 19.81
N ASP AA 9 33.69 17.54 20.27
CA ASP AA 9 33.78 16.65 21.41
C ASP AA 9 34.57 15.39 21.05
N PRO AA 10 35.51 14.96 21.89
CA PRO AA 10 36.33 13.79 21.53
C PRO AA 10 35.60 12.47 21.71
N ARG AA 11 34.79 12.34 22.76
CA ARG AA 11 34.23 11.03 23.10
C ARG AA 11 33.35 10.48 21.99
N ARG AA 12 32.51 11.34 21.39
CA ARG AA 12 31.65 10.88 20.32
C ARG AA 12 32.41 10.68 19.02
N THR AA 13 33.43 11.51 18.75
CA THR AA 13 34.18 11.37 17.51
C THR AA 13 35.01 10.10 17.50
N LEU AA 14 35.48 9.63 18.66
CA LEU AA 14 36.18 8.35 18.69
C LEU AA 14 35.30 7.21 18.21
N VAL AA 15 34.10 7.08 18.77
CA VAL AA 15 33.23 5.98 18.40
C VAL AA 15 32.73 6.16 16.96
N ALA AA 16 32.49 7.40 16.52
CA ALA AA 16 32.07 7.61 15.15
C ALA AA 16 33.15 7.18 14.16
N LEU AA 17 34.40 7.56 14.41
CA LEU AA 17 35.49 7.15 13.53
C LEU AA 17 35.67 5.64 13.55
N PHE AA 18 35.58 5.03 14.73
CA PHE AA 18 35.74 3.57 14.82
C PHE AA 18 34.66 2.85 14.02
N GLY AA 19 33.41 3.30 14.12
CA GLY AA 19 32.35 2.68 13.32
C GLY AA 19 32.51 2.90 11.83
N PHE AA 20 32.88 4.13 11.45
CA PHE AA 20 33.02 4.46 10.03
C PHE AA 20 34.12 3.65 9.38
N LEU AA 21 35.25 3.48 10.06
CA LEU AA 21 36.35 2.71 9.48
C LEU AA 21 35.92 1.27 9.21
N PHE AA 22 35.21 0.65 10.16
CA PHE AA 22 34.82 -0.74 9.95
C PHE AA 22 33.78 -0.88 8.85
N VAL AA 23 32.83 0.06 8.78
CA VAL AA 23 31.86 0.00 7.69
C VAL AA 23 32.56 0.13 6.35
N LEU AA 24 33.52 1.05 6.25
CA LEU AA 24 34.23 1.22 4.98
C LEU AA 24 35.05 -0.02 4.63
N GLY AA 25 35.71 -0.63 5.62
CA GLY AA 25 36.47 -1.84 5.34
C GLY AA 25 35.62 -2.98 4.85
N LEU AA 26 34.48 -3.21 5.51
CA LEU AA 26 33.55 -4.24 5.05
C LEU AA 26 33.05 -3.96 3.64
N LEU AA 27 32.71 -2.70 3.36
CA LEU AA 27 32.23 -2.35 2.03
C LEU AA 27 33.28 -2.63 0.96
N ILE AA 28 34.52 -2.24 1.21
CA ILE AA 28 35.56 -2.44 0.22
C ILE AA 28 35.82 -3.92 0.00
N HIS AA 29 35.82 -4.71 1.07
CA HIS AA 29 36.03 -6.14 0.92
C HIS AA 29 34.90 -6.79 0.12
N PHE AA 30 33.65 -6.39 0.37
CA PHE AA 30 32.54 -6.95 -0.40
C PHE AA 30 32.64 -6.56 -1.87
N ILE AA 31 32.98 -5.30 -2.15
CA ILE AA 31 33.13 -4.85 -3.54
C ILE AA 31 34.22 -5.65 -4.24
N LEU AA 32 35.35 -5.86 -3.57
CA LEU AA 32 36.43 -6.64 -4.16
C LEU AA 32 36.01 -8.08 -4.40
N LEU AA 33 35.24 -8.66 -3.49
CA LEU AA 33 34.73 -10.01 -3.70
C LEU AA 33 33.76 -10.10 -4.87
N SER AA 34 33.03 -9.02 -5.18
CA SER AA 34 32.08 -9.05 -6.28
C SER AA 34 32.73 -8.90 -7.65
N SER AA 35 34.03 -8.64 -7.72
CA SER AA 35 34.70 -8.46 -9.01
C SER AA 35 35.51 -9.70 -9.35
N PRO AA 36 35.27 -10.34 -10.50
CA PRO AA 36 36.05 -11.53 -10.85
C PRO AA 36 37.54 -11.28 -11.01
N ALA AA 37 37.95 -10.05 -11.34
CA ALA AA 37 39.37 -9.76 -11.49
C ALA AA 37 40.11 -9.88 -10.16
N PHE AA 38 39.52 -9.41 -9.08
CA PHE AA 38 40.22 -9.31 -7.79
C PHE AA 38 39.76 -10.33 -6.76
N ASN AA 39 38.82 -11.21 -7.10
CA ASN AA 39 38.41 -12.25 -6.18
C ASN AA 39 39.59 -13.18 -5.88
N TRP AA 40 39.84 -13.42 -4.60
CA TRP AA 40 40.98 -14.23 -4.19
C TRP AA 40 40.58 -15.64 -3.77
N LEU AA 41 39.29 -15.98 -3.82
CA LEU AA 41 38.82 -17.29 -3.41
C LEU AA 41 38.57 -18.25 -4.56
N SER AA 42 38.07 -17.76 -5.69
CA SER AA 42 37.83 -18.59 -6.87
C SER AA 42 38.70 -18.22 -8.06
N GLY AA 43 39.34 -17.06 -8.03
CA GLY AA 43 40.16 -16.64 -9.17
C GLY AA 43 41.33 -17.58 -9.42
N SER AA 44 42.00 -17.99 -8.36
CA SER AA 44 43.16 -18.88 -8.49
C SER AA 44 42.77 -20.26 -8.98
N MET BA 6 33.74 25.64 24.41
CA MET BA 6 32.45 25.17 23.90
C MET BA 6 32.17 23.75 24.35
N THR BA 7 33.16 22.86 24.18
CA THR BA 7 33.01 21.47 24.57
C THR BA 7 33.27 21.24 26.04
N GLY BA 8 33.64 22.28 26.79
CA GLY BA 8 33.94 22.10 28.20
C GLY BA 8 35.14 21.23 28.47
N LEU BA 9 36.24 21.46 27.75
CA LEU BA 9 37.50 20.77 27.99
C LEU BA 9 38.59 21.77 28.33
N THR BA 10 39.47 21.39 29.24
CA THR BA 10 40.62 22.22 29.58
C THR BA 10 41.62 22.21 28.44
N GLU BA 11 42.63 23.06 28.55
CA GLU BA 11 43.65 23.12 27.50
C GLU BA 11 44.43 21.81 27.42
N GLN BA 12 44.86 21.26 28.56
CA GLN BA 12 45.62 20.02 28.54
C GLN BA 12 44.75 18.84 28.13
N GLU BA 13 43.46 18.88 28.46
CA GLU BA 13 42.54 17.85 28.00
C GLU BA 13 42.43 17.85 26.48
N ALA BA 14 42.84 18.93 25.83
CA ALA BA 14 42.93 18.93 24.37
C ALA BA 14 44.35 18.58 23.90
N GLN BA 15 45.38 19.05 24.61
CA GLN BA 15 46.76 18.79 24.21
C GLN BA 15 47.06 17.29 24.24
N GLU BA 16 46.76 16.64 25.36
CA GLU BA 16 47.06 15.21 25.46
C GLU BA 16 46.26 14.40 24.45
N PHE BA 17 44.98 14.75 24.26
CA PHE BA 17 44.17 14.06 23.27
C PHE BA 17 44.77 14.22 21.88
N HIS BA 18 45.20 15.43 21.53
CA HIS BA 18 45.79 15.65 20.22
C HIS BA 18 47.07 14.84 20.04
N GLY BA 19 47.93 14.80 21.06
CA GLY BA 19 49.18 14.07 20.92
C GLY BA 19 48.96 12.58 20.76
N ILE BA 20 48.12 12.00 21.60
CA ILE BA 20 47.87 10.57 21.48
C ILE BA 20 47.13 10.26 20.18
N PHE BA 21 46.24 11.15 19.75
CA PHE BA 21 45.55 10.97 18.48
C PHE BA 21 46.52 10.95 17.32
N VAL BA 22 47.48 11.89 17.31
CA VAL BA 22 48.46 11.94 16.23
C VAL BA 22 49.30 10.67 16.22
N GLN BA 23 49.77 10.22 17.38
CA GLN BA 23 50.58 9.00 17.41
C GLN BA 23 49.79 7.79 16.90
N SER BA 24 48.56 7.61 17.40
CA SER BA 24 47.76 6.46 17.00
C SER BA 24 47.44 6.49 15.52
N MET BA 25 47.06 7.66 15.00
CA MET BA 25 46.74 7.77 13.59
C MET BA 25 47.96 7.51 12.71
N THR BA 26 49.14 7.98 13.13
CA THR BA 26 50.35 7.71 12.38
C THR BA 26 50.64 6.22 12.32
N ALA BA 27 50.53 5.52 13.45
CA ALA BA 27 50.77 4.08 13.45
C ALA BA 27 49.75 3.34 12.57
N PHE BA 28 48.47 3.73 12.68
CA PHE BA 28 47.43 3.09 11.89
C PHE BA 28 47.66 3.29 10.40
N PHE BA 29 48.05 4.51 10.00
CA PHE BA 29 48.38 4.75 8.59
C PHE BA 29 49.59 3.96 8.13
N GLY BA 30 50.62 3.82 8.97
CA GLY BA 30 51.75 3.00 8.58
C GLY BA 30 51.36 1.57 8.29
N ILE BA 31 50.44 1.03 9.12
CA ILE BA 31 49.98 -0.35 8.90
C ILE BA 31 49.32 -0.49 7.53
N VAL BA 32 48.41 0.42 7.19
CA VAL BA 32 47.70 0.29 5.92
C VAL BA 32 48.63 0.56 4.74
N VAL BA 33 49.65 1.41 4.93
CA VAL BA 33 50.63 1.61 3.87
C VAL BA 33 51.38 0.32 3.58
N ILE BA 34 51.80 -0.37 4.64
CA ILE BA 34 52.49 -1.65 4.44
C ILE BA 34 51.58 -2.65 3.75
N ALA BA 35 50.31 -2.71 4.19
CA ALA BA 35 49.36 -3.64 3.58
C ALA BA 35 49.17 -3.36 2.10
N HIS BA 36 49.03 -2.08 1.72
CA HIS BA 36 48.85 -1.74 0.32
C HIS BA 36 50.11 -2.02 -0.49
N ILE BA 37 51.29 -1.84 0.08
CA ILE BA 37 52.52 -2.20 -0.63
C ILE BA 37 52.55 -3.68 -0.92
N LEU BA 38 52.20 -4.52 0.08
CA LEU BA 38 52.14 -5.95 -0.16
C LEU BA 38 51.11 -6.31 -1.23
N ALA BA 39 49.93 -5.67 -1.18
CA ALA BA 39 48.90 -5.98 -2.17
C ALA BA 39 49.36 -5.61 -3.57
N TRP BA 40 50.04 -4.47 -3.72
CA TRP BA 40 50.56 -4.10 -5.04
C TRP BA 40 51.64 -5.05 -5.50
N LEU BA 41 52.47 -5.55 -4.58
CA LEU BA 41 53.47 -6.55 -4.94
C LEU BA 41 52.85 -7.90 -5.28
N TRP BA 42 51.60 -8.14 -4.88
CA TRP BA 42 50.89 -9.35 -5.24
C TRP BA 42 50.22 -9.25 -6.61
N ARG BA 43 49.36 -8.26 -6.81
CA ARG BA 43 48.61 -8.10 -8.05
C ARG BA 43 48.33 -6.62 -8.30
N PRO BA 44 49.09 -5.96 -9.17
CA PRO BA 44 48.84 -4.54 -9.44
C PRO BA 44 47.45 -4.30 -9.98
N TRP BA 45 46.87 -3.16 -9.59
CA TRP BA 45 45.52 -2.81 -9.98
C TRP BA 45 45.45 -1.56 -10.86
N LEU BA 46 46.59 -1.11 -11.39
CA LEU BA 46 46.61 0.02 -12.29
C LEU BA 46 47.45 -0.26 -13.52
N PRO CA 3 40.32 39.28 -2.40
CA PRO CA 3 39.87 39.35 -1.00
C PRO CA 3 40.99 39.76 -0.04
N GLN CA 4 40.68 40.64 0.89
CA GLN CA 4 41.63 41.11 1.89
C GLN CA 4 41.16 40.86 3.31
N GLN CA 5 39.90 41.11 3.62
CA GLN CA 5 39.36 41.03 4.97
C GLN CA 5 38.35 39.89 5.09
N LEU CA 6 38.70 38.72 4.56
CA LEU CA 6 37.77 37.60 4.55
C LEU CA 6 37.51 37.03 5.95
N TYR CA 7 38.34 37.36 6.94
CA TYR CA 7 38.16 36.83 8.29
C TYR CA 7 36.84 37.28 8.92
N LYS CA 8 36.19 38.30 8.36
CA LYS CA 8 34.89 38.73 8.83
C LYS CA 8 33.78 37.76 8.46
N ILE CA 9 34.02 36.85 7.50
CA ILE CA 9 33.00 35.88 7.13
C ILE CA 9 32.71 34.92 8.29
N TRP CA 10 33.64 34.77 9.23
CA TRP CA 10 33.41 33.96 10.41
C TRP CA 10 32.71 34.73 11.52
N LEU CA 11 32.43 36.02 11.30
CA LEU CA 11 31.64 36.79 12.25
C LEU CA 11 30.15 36.61 12.06
N ALA CA 12 29.73 36.00 10.95
CA ALA CA 12 28.32 35.79 10.64
C ALA CA 12 27.92 34.33 10.66
N PHE CA 13 28.81 33.43 10.26
CA PHE CA 13 28.54 32.00 10.23
C PHE CA 13 29.32 31.32 11.36
N ASP CA 14 28.65 30.46 12.11
CA ASP CA 14 29.30 29.75 13.20
C ASP CA 14 30.28 28.71 12.64
N PRO CA 15 31.55 28.75 13.03
CA PRO CA 15 32.52 27.78 12.51
C PRO CA 15 32.20 26.33 12.87
N ARG CA 16 31.59 26.09 14.03
CA ARG CA 16 31.35 24.73 14.47
C ARG CA 16 30.39 24.00 13.54
N MET CA 17 29.36 24.68 13.05
CA MET CA 17 28.48 24.09 12.05
C MET CA 17 29.12 24.06 10.68
N ALA CA 18 29.95 25.06 10.39
CA ALA CA 18 30.54 25.16 9.05
C ALA CA 18 31.48 23.99 8.78
N LEU CA 19 32.28 23.59 9.77
CA LEU CA 19 33.17 22.46 9.57
C LEU CA 19 32.39 21.16 9.35
N ILE CA 20 31.32 20.95 10.10
CA ILE CA 20 30.48 19.76 9.90
C ILE CA 20 29.91 19.75 8.49
N GLY CA 21 29.33 20.87 8.07
CA GLY CA 21 28.75 20.94 6.74
C GLY CA 21 29.78 20.72 5.64
N LEU CA 22 30.95 21.33 5.78
CA LEU CA 22 31.99 21.19 4.77
C LEU CA 22 32.50 19.76 4.68
N GLY CA 23 32.75 19.11 5.82
CA GLY CA 23 33.18 17.73 5.79
C GLY CA 23 32.16 16.82 5.16
N ALA CA 24 30.88 16.97 5.54
CA ALA CA 24 29.84 16.13 4.96
C ALA CA 24 29.72 16.36 3.46
N PHE CA 25 29.73 17.62 3.02
CA PHE CA 25 29.61 17.92 1.60
C PHE CA 25 30.78 17.35 0.80
N LEU CA 26 32.00 17.50 1.33
CA LEU CA 26 33.17 16.99 0.63
C LEU CA 26 33.13 15.46 0.52
N PHE CA 27 32.73 14.78 1.60
CA PHE CA 27 32.62 13.32 1.52
C PHE CA 27 31.57 12.90 0.50
N ALA CA 28 30.41 13.59 0.49
CA ALA CA 28 29.37 13.25 -0.47
C ALA CA 28 29.86 13.48 -1.91
N LEU CA 29 30.57 14.58 -2.14
CA LEU CA 29 31.10 14.86 -3.47
C LEU CA 29 32.09 13.79 -3.92
N ALA CA 30 32.97 13.36 -3.00
CA ALA CA 30 33.94 12.32 -3.34
C ALA CA 30 33.24 11.01 -3.68
N LEU CA 31 32.24 10.62 -2.88
CA LEU CA 31 31.49 9.40 -3.19
C LEU CA 31 30.81 9.50 -4.54
N PHE CA 32 30.18 10.64 -4.83
CA PHE CA 32 29.48 10.79 -6.10
C PHE CA 32 30.44 10.71 -7.27
N ILE CA 33 31.60 11.34 -7.18
CA ILE CA 33 32.53 11.33 -8.31
C ILE CA 33 33.11 9.93 -8.50
N HIS CA 34 33.43 9.23 -7.42
CA HIS CA 34 33.91 7.85 -7.56
C HIS CA 34 32.85 6.97 -8.21
N TYR CA 35 31.60 7.12 -7.80
CA TYR CA 35 30.52 6.32 -8.40
C TYR CA 35 30.35 6.63 -9.88
N MET CA 36 30.42 7.92 -10.23
CA MET CA 36 30.32 8.31 -11.63
C MET CA 36 31.44 7.71 -12.47
N LEU CA 37 32.67 7.72 -11.95
CA LEU CA 37 33.76 7.05 -12.68
C LEU CA 37 33.52 5.55 -12.80
N LEU CA 38 33.04 4.92 -11.73
CA LEU CA 38 32.78 3.49 -11.77
C LEU CA 38 31.74 3.13 -12.83
N SER CA 39 30.75 4.00 -13.03
CA SER CA 39 29.77 3.73 -14.09
C SER CA 39 30.35 3.89 -15.49
N SER CA 40 31.27 4.84 -15.68
CA SER CA 40 31.75 5.15 -17.02
C SER CA 40 32.48 3.95 -17.62
N PRO CA 41 32.42 3.76 -18.94
CA PRO CA 41 33.08 2.61 -19.56
C PRO CA 41 34.57 2.80 -19.79
N GLY CA 42 35.11 4.00 -19.62
CA GLY CA 42 36.51 4.24 -19.85
C GLY CA 42 37.36 4.16 -18.59
N PHE CA 43 36.82 4.64 -17.47
CA PHE CA 43 37.56 4.73 -16.21
C PHE CA 43 36.92 3.79 -15.20
N ASP CA 44 37.22 2.51 -15.31
CA ASP CA 44 36.68 1.50 -14.40
C ASP CA 44 37.85 0.58 -14.05
N TRP CA 45 38.50 0.88 -12.91
CA TRP CA 45 39.67 0.14 -12.50
C TRP CA 45 39.33 -1.21 -11.87
N LEU CA 46 38.06 -1.44 -11.50
CA LEU CA 46 37.67 -2.73 -10.97
C LEU CA 46 37.73 -3.83 -12.02
N LEU CA 47 37.66 -3.47 -13.30
CA LEU CA 47 37.76 -4.47 -14.35
C LEU CA 47 39.16 -5.06 -14.46
N GLY CA 48 40.16 -4.42 -13.85
CA GLY CA 48 41.50 -4.92 -13.84
C GLY CA 48 42.35 -4.28 -14.91
N PRO CA 49 43.66 -4.20 -14.69
CA PRO CA 49 44.55 -3.66 -15.73
C PRO CA 49 44.54 -4.48 -17.00
N ASP CA 50 44.38 -5.79 -16.89
CA ASP CA 50 44.40 -6.68 -18.05
C ASP CA 50 42.98 -7.01 -18.54
N HIS CA 51 42.18 -5.97 -18.75
CA HIS CA 51 40.81 -6.16 -19.22
C HIS CA 51 40.83 -6.47 -20.71
N ALA CA 52 40.36 -7.66 -21.06
CA ALA CA 52 40.26 -8.10 -22.45
C ALA CA 52 38.85 -8.59 -22.72
N PRO CA 53 37.99 -7.74 -23.30
CA PRO CA 53 36.64 -8.21 -23.64
C PRO CA 53 36.67 -9.29 -24.71
N VAL CA 54 35.61 -10.10 -24.70
CA VAL CA 54 35.52 -11.22 -25.63
C VAL CA 54 35.29 -10.69 -27.04
N ALA CA 55 36.09 -11.16 -27.98
CA ALA CA 55 35.88 -10.86 -29.39
C ALA CA 55 34.92 -11.88 -30.00
N LEU CA 56 34.23 -11.44 -31.06
CA LEU CA 56 33.25 -12.27 -31.75
C LEU CA 56 33.90 -12.82 -33.01
N SER CA 57 34.06 -14.15 -33.07
CA SER CA 57 34.80 -14.76 -34.17
C SER CA 57 33.96 -14.83 -35.44
N ALA CA 58 32.67 -15.04 -35.32
CA ALA CA 58 31.81 -15.23 -36.48
C ALA CA 58 30.66 -14.22 -36.45
N GLY CA 59 29.62 -14.46 -37.23
CA GLY CA 59 28.49 -13.54 -37.26
C GLY CA 59 27.62 -13.64 -36.02
N MET CA 60 28.18 -13.30 -34.87
CA MET CA 60 27.46 -13.34 -33.61
C MET CA 60 27.37 -11.95 -33.00
N SER CA 61 26.31 -11.72 -32.24
CA SER CA 61 26.06 -10.43 -31.59
C SER CA 61 25.62 -10.66 -30.16
N ALA CA 62 26.21 -9.92 -29.23
CA ALA CA 62 25.87 -10.08 -27.82
C ALA CA 62 24.46 -9.60 -27.52
N LEU CA 63 23.97 -8.58 -28.22
CA LEU CA 63 22.65 -8.09 -27.91
C LEU CA 63 21.68 -8.38 -29.06
N PRO CA 64 20.43 -8.74 -28.75
CA PRO CA 64 19.43 -8.92 -29.80
C PRO CA 64 19.08 -7.60 -30.46
N ALA CA 65 18.58 -7.70 -31.69
CA ALA CA 65 18.20 -6.51 -32.44
C ALA CA 65 16.91 -5.91 -31.88
N GLY CA 66 16.80 -4.60 -32.00
CA GLY CA 66 15.60 -3.89 -31.59
C GLY CA 66 15.35 -2.70 -32.47
N ARG CA 67 14.06 -2.38 -32.65
CA ARG CA 67 13.65 -1.27 -33.50
C ARG CA 67 14.14 0.07 -32.95
N SER DA 5 29.99 39.81 15.20
CA SER DA 5 29.04 40.52 16.04
C SER DA 5 27.80 39.65 16.30
N MET DA 6 27.29 39.02 15.25
CA MET DA 6 26.11 38.17 15.40
C MET DA 6 26.43 36.90 16.17
N THR DA 7 27.53 36.23 15.81
CA THR DA 7 27.85 34.92 16.36
C THR DA 7 28.75 35.00 17.59
N GLY DA 8 29.04 36.20 18.08
CA GLY DA 8 29.80 36.35 19.32
C GLY DA 8 31.22 35.84 19.25
N LEU DA 9 31.91 36.08 18.14
CA LEU DA 9 33.32 35.74 17.99
C LEU DA 9 34.14 37.02 18.03
N THR DA 10 35.02 37.12 19.02
CA THR DA 10 35.84 38.32 19.17
C THR DA 10 36.79 38.44 17.98
N GLU DA 11 37.10 39.69 17.61
CA GLU DA 11 37.91 39.98 16.43
C GLU DA 11 39.27 39.30 16.46
N GLN DA 12 39.66 38.70 17.60
CA GLN DA 12 40.89 37.92 17.66
C GLN DA 12 40.64 36.45 17.39
N GLU DA 13 39.53 35.90 17.90
CA GLU DA 13 39.22 34.49 17.67
C GLU DA 13 39.03 34.21 16.18
N ALA DA 14 38.31 35.08 15.48
CA ALA DA 14 38.07 34.89 14.06
C ALA DA 14 39.37 34.96 13.26
N GLN DA 15 40.21 35.95 13.56
CA GLN DA 15 41.48 36.09 12.86
C GLN DA 15 42.44 34.95 13.18
N GLU DA 16 42.31 34.34 14.35
CA GLU DA 16 43.08 33.14 14.66
C GLU DA 16 42.57 31.93 13.88
N PHE DA 17 41.24 31.76 13.82
CA PHE DA 17 40.68 30.60 13.13
C PHE DA 17 40.90 30.66 11.63
N HIS DA 18 40.91 31.87 11.05
CA HIS DA 18 41.06 31.99 9.60
C HIS DA 18 42.43 31.48 9.14
N GLY DA 19 43.48 31.75 9.92
CA GLY DA 19 44.80 31.26 9.55
C GLY DA 19 44.88 29.74 9.52
N ILE DA 20 44.33 29.09 10.54
CA ILE DA 20 44.30 27.63 10.56
C ILE DA 20 43.52 27.09 9.37
N PHE DA 21 42.38 27.72 9.06
CA PHE DA 21 41.59 27.28 7.91
C PHE DA 21 42.39 27.43 6.61
N VAL DA 22 43.04 28.57 6.43
CA VAL DA 22 43.73 28.86 5.18
C VAL DA 22 45.06 28.13 5.05
N GLN DA 23 45.54 27.52 6.13
CA GLN DA 23 46.69 26.62 6.02
C GLN DA 23 46.29 25.17 5.81
N SER DA 24 45.25 24.70 6.53
CA SER DA 24 44.77 23.34 6.33
C SER DA 24 44.23 23.14 4.92
N MET DA 25 43.50 24.14 4.40
CA MET DA 25 43.05 24.05 3.02
C MET DA 25 44.22 23.99 2.05
N THR DA 26 45.29 24.73 2.33
CA THR DA 26 46.47 24.68 1.47
C THR DA 26 47.06 23.27 1.43
N ALA DA 27 47.20 22.64 2.59
CA ALA DA 27 47.71 21.27 2.61
C ALA DA 27 46.78 20.30 1.89
N PHE DA 28 45.46 20.44 2.10
CA PHE DA 28 44.49 19.58 1.43
C PHE DA 28 44.59 19.72 -0.08
N PHE DA 29 44.69 20.96 -0.58
CA PHE DA 29 44.78 21.17 -2.02
C PHE DA 29 46.09 20.68 -2.59
N GLY DA 30 47.19 20.75 -1.83
CA GLY DA 30 48.42 20.13 -2.29
C GLY DA 30 48.27 18.64 -2.48
N ILE DA 31 47.67 17.97 -1.50
CA ILE DA 31 47.41 16.53 -1.62
C ILE DA 31 46.56 16.24 -2.85
N VAL DA 32 45.51 17.05 -3.04
CA VAL DA 32 44.58 16.80 -4.16
C VAL DA 32 45.29 16.98 -5.50
N VAL DA 33 46.10 18.03 -5.63
CA VAL DA 33 46.77 18.26 -6.91
C VAL DA 33 47.79 17.17 -7.20
N ILE DA 34 48.46 16.66 -6.16
CA ILE DA 34 49.35 15.51 -6.38
C ILE DA 34 48.57 14.31 -6.89
N ALA DA 35 47.42 14.03 -6.27
CA ALA DA 35 46.60 12.92 -6.73
C ALA DA 35 46.16 13.09 -8.18
N HIS DA 36 45.79 14.31 -8.56
CA HIS DA 36 45.36 14.55 -9.93
C HIS DA 36 46.52 14.42 -10.92
N ILE DA 37 47.73 14.83 -10.54
CA ILE DA 37 48.88 14.64 -11.41
C ILE DA 37 49.11 13.15 -11.65
N LEU DA 38 49.07 12.35 -10.58
CA LEU DA 38 49.24 10.91 -10.75
C LEU DA 38 48.13 10.31 -11.62
N ALA DA 39 46.88 10.72 -11.40
CA ALA DA 39 45.78 10.18 -12.18
C ALA DA 39 45.90 10.54 -13.65
N TRP DA 40 46.32 11.77 -13.97
CA TRP DA 40 46.53 12.12 -15.36
C TRP DA 40 47.67 11.32 -15.97
N LEU DA 41 48.71 11.04 -15.18
CA LEU DA 41 49.78 10.19 -15.69
C LEU DA 41 49.27 8.79 -16.02
N TRP DA 42 48.35 8.26 -15.19
CA TRP DA 42 47.85 6.91 -15.41
C TRP DA 42 47.08 6.81 -16.73
N ARG DA 43 46.08 7.67 -16.93
CA ARG DA 43 45.22 7.57 -18.10
C ARG DA 43 44.54 8.91 -18.38
N PRO DA 44 45.09 9.73 -19.28
CA PRO DA 44 44.53 11.07 -19.49
C PRO DA 44 43.10 11.03 -19.98
N TRP DA 45 42.29 11.98 -19.50
CA TRP DA 45 40.87 12.06 -19.83
C TRP DA 45 40.57 13.10 -20.89
N LEU DA 46 41.60 13.70 -21.50
CA LEU DA 46 41.40 14.61 -22.61
C LEU DA 46 42.12 14.13 -23.84
N FME EA 1 26.04 53.36 -8.96
CN FME EA 1 25.44 54.27 -9.71
O1 FME EA 1 26.01 55.11 -10.40
CA FME EA 1 25.28 52.41 -8.17
CB FME EA 1 24.41 51.52 -9.08
CG FME EA 1 25.19 50.78 -10.15
SD FME EA 1 25.63 49.08 -9.65
CE FME EA 1 24.00 48.34 -9.56
C FME EA 1 26.21 51.54 -7.29
O FME EA 1 27.20 51.01 -7.81
N HIS EA 2 25.89 51.44 -6.00
CA HIS EA 2 26.62 50.57 -5.08
C HIS EA 2 25.86 50.48 -3.76
N LYS EA 3 24.79 51.25 -3.65
CA LYS EA 3 23.94 51.25 -2.47
C LYS EA 3 22.94 50.10 -2.45
N ILE EA 4 23.12 49.11 -3.34
CA ILE EA 4 22.19 48.00 -3.41
C ILE EA 4 22.16 47.21 -2.12
N TRP EA 5 23.25 47.26 -1.35
CA TRP EA 5 23.32 46.56 -0.07
C TRP EA 5 22.57 47.29 1.03
N GLN EA 6 22.12 48.53 0.77
CA GLN EA 6 21.21 49.21 1.68
C GLN EA 6 19.80 48.64 1.62
N ILE EA 7 19.42 48.03 0.50
CA ILE EA 7 18.08 47.49 0.34
C ILE EA 7 18.11 45.96 0.27
N PHE EA 8 19.24 45.33 0.62
CA PHE EA 8 19.35 43.89 0.64
C PHE EA 8 20.25 43.44 1.78
N ASP EA 9 19.89 42.32 2.39
CA ASP EA 9 20.68 41.75 3.48
C ASP EA 9 21.93 41.09 2.90
N PRO EA 10 23.13 41.54 3.26
CA PRO EA 10 24.33 40.96 2.65
C PRO EA 10 24.50 39.47 2.91
N ARG EA 11 24.15 39.00 4.11
CA ARG EA 11 24.34 37.59 4.43
C ARG EA 11 23.42 36.69 3.63
N ARG EA 12 22.12 37.02 3.61
CA ARG EA 12 21.16 36.20 2.89
C ARG EA 12 21.46 36.19 1.39
N THR EA 13 21.89 37.32 0.85
CA THR EA 13 22.21 37.39 -0.57
C THR EA 13 23.34 36.45 -0.92
N LEU EA 14 24.40 36.43 -0.10
CA LEU EA 14 25.51 35.50 -0.35
C LEU EA 14 25.05 34.05 -0.22
N VAL EA 15 24.24 33.75 0.80
CA VAL EA 15 23.81 32.37 1.01
C VAL EA 15 22.97 31.89 -0.16
N ALA EA 16 22.10 32.74 -0.70
CA ALA EA 16 21.28 32.35 -1.85
C ALA EA 16 22.10 32.27 -3.13
N LEU EA 17 23.01 33.23 -3.34
CA LEU EA 17 23.79 33.26 -4.57
C LEU EA 17 24.71 32.05 -4.68
N PHE EA 18 25.30 31.61 -3.56
CA PHE EA 18 26.18 30.46 -3.64
C PHE EA 18 25.44 29.19 -4.06
N GLY EA 19 24.26 28.96 -3.50
CA GLY EA 19 23.45 27.83 -3.94
C GLY EA 19 23.03 27.94 -5.40
N PHE EA 20 22.66 29.15 -5.83
CA PHE EA 20 22.30 29.34 -7.23
C PHE EA 20 23.46 28.99 -8.16
N LEU EA 21 24.66 29.48 -7.84
CA LEU EA 21 25.83 29.20 -8.68
C LEU EA 21 26.16 27.72 -8.68
N PHE EA 22 26.08 27.07 -7.53
CA PHE EA 22 26.36 25.63 -7.47
C PHE EA 22 25.40 24.85 -8.35
N VAL EA 23 24.11 25.17 -8.28
CA VAL EA 23 23.14 24.46 -9.10
C VAL EA 23 23.36 24.73 -10.58
N LEU EA 24 23.70 25.98 -10.94
CA LEU EA 24 23.93 26.30 -12.34
C LEU EA 24 25.13 25.52 -12.89
N GLY EA 25 26.22 25.46 -12.13
CA GLY EA 25 27.37 24.67 -12.56
C GLY EA 25 27.06 23.20 -12.68
N LEU EA 26 26.30 22.65 -11.73
CA LEU EA 26 25.90 21.25 -11.82
C LEU EA 26 25.09 20.99 -13.08
N LEU EA 27 24.15 21.89 -13.41
CA LEU EA 27 23.33 21.72 -14.61
C LEU EA 27 24.19 21.77 -15.88
N ILE EA 28 25.13 22.71 -15.95
CA ILE EA 28 25.94 22.83 -17.16
C ILE EA 28 26.81 21.58 -17.34
N HIS EA 29 27.41 21.08 -16.26
CA HIS EA 29 28.19 19.85 -16.37
C HIS EA 29 27.31 18.67 -16.79
N PHE EA 30 26.08 18.59 -16.26
CA PHE EA 30 25.17 17.52 -16.66
C PHE EA 30 24.84 17.59 -18.14
N ILE EA 31 24.60 18.79 -18.67
CA ILE EA 31 24.29 18.92 -20.09
C ILE EA 31 25.50 18.55 -20.94
N LEU EA 32 26.70 18.96 -20.52
CA LEU EA 32 27.89 18.63 -21.30
C LEU EA 32 28.16 17.12 -21.30
N LEU EA 33 27.90 16.45 -20.18
CA LEU EA 33 28.10 15.01 -20.13
C LEU EA 33 27.10 14.23 -20.98
N SER EA 34 25.96 14.84 -21.32
CA SER EA 34 24.92 14.14 -22.06
C SER EA 34 25.04 14.31 -23.57
N SER EA 35 26.06 15.00 -24.06
CA SER EA 35 26.29 15.15 -25.48
C SER EA 35 27.49 14.31 -25.87
N PRO EA 36 27.34 13.31 -26.75
CA PRO EA 36 28.46 12.42 -27.04
C PRO EA 36 29.66 13.11 -27.66
N ALA EA 37 29.48 14.31 -28.21
CA ALA EA 37 30.61 15.06 -28.76
C ALA EA 37 31.46 15.70 -27.67
N PHE EA 38 30.88 16.02 -26.52
CA PHE EA 38 31.61 16.67 -25.43
C PHE EA 38 31.74 15.82 -24.18
N ASN EA 39 31.35 14.55 -24.21
CA ASN EA 39 31.53 13.70 -23.06
C ASN EA 39 32.98 13.28 -22.94
N TRP EA 40 33.60 13.58 -21.80
CA TRP EA 40 35.01 13.34 -21.59
C TRP EA 40 35.30 12.06 -20.82
N LEU EA 41 34.27 11.28 -20.47
CA LEU EA 41 34.44 10.09 -19.66
C LEU EA 41 34.60 8.83 -20.50
N SER EA 42 35.13 8.94 -21.71
CA SER EA 42 35.43 7.81 -22.56
C SER EA 42 36.91 7.80 -22.91
N GLY EA 43 37.33 6.75 -23.60
CA GLY EA 43 38.71 6.63 -24.04
C GLY EA 43 39.73 6.56 -22.92
N LEU FA 9 21.74 52.17 4.48
CA LEU FA 9 22.73 51.85 5.50
C LEU FA 9 23.72 53.00 5.68
N THR FA 10 24.46 52.97 6.79
CA THR FA 10 25.37 54.06 7.12
C THR FA 10 26.49 54.13 6.09
N GLU FA 11 26.81 55.34 5.64
CA GLU FA 11 27.81 55.50 4.59
C GLU FA 11 29.18 55.04 5.06
N GLN FA 12 29.46 55.12 6.35
CA GLN FA 12 30.74 54.65 6.87
C GLN FA 12 30.93 53.17 6.65
N GLU FA 13 29.87 52.36 6.88
CA GLU FA 13 29.91 50.93 6.55
C GLU FA 13 28.65 50.60 5.74
N ALA FA 14 28.68 50.92 4.45
CA ALA FA 14 27.70 50.40 3.50
C ALA FA 14 28.31 49.95 2.18
N GLN FA 15 29.42 50.54 1.74
CA GLN FA 15 30.11 50.10 0.54
C GLN FA 15 31.49 49.53 0.84
N GLU FA 16 31.90 49.53 2.10
CA GLU FA 16 33.06 48.74 2.51
C GLU FA 16 32.85 47.27 2.20
N PHE FA 17 31.61 46.79 2.39
CA PHE FA 17 31.24 45.46 1.92
C PHE FA 17 31.34 45.36 0.41
N HIS FA 18 30.87 46.37 -0.31
CA HIS FA 18 30.99 46.40 -1.77
C HIS FA 18 32.44 46.41 -2.23
N GLY FA 19 33.34 47.01 -1.45
CA GLY FA 19 34.73 47.09 -1.85
C GLY FA 19 35.39 45.73 -2.01
N ILE FA 20 35.10 44.81 -1.09
CA ILE FA 20 35.63 43.46 -1.21
C ILE FA 20 34.72 42.54 -2.01
N PHE FA 21 33.42 42.85 -2.09
CA PHE FA 21 32.55 42.09 -2.98
C PHE FA 21 33.00 42.23 -4.43
N VAL FA 22 33.39 43.43 -4.85
CA VAL FA 22 33.85 43.64 -6.22
C VAL FA 22 35.13 42.84 -6.47
N GLN FA 23 36.06 42.85 -5.51
CA GLN FA 23 37.32 42.14 -5.70
C GLN FA 23 37.09 40.63 -5.77
N SER FA 24 36.21 40.11 -4.91
CA SER FA 24 35.87 38.69 -4.98
C SER FA 24 35.22 38.34 -6.32
N MET FA 25 34.33 39.21 -6.82
CA MET FA 25 33.72 38.97 -8.12
C MET FA 25 34.76 38.91 -9.22
N THR FA 26 35.70 39.85 -9.21
CA THR FA 26 36.74 39.85 -10.24
C THR FA 26 37.65 38.62 -10.14
N ALA FA 27 37.99 38.22 -8.93
CA ALA FA 27 38.81 37.02 -8.75
C ALA FA 27 38.08 35.79 -9.25
N PHE FA 28 36.77 35.70 -8.97
CA PHE FA 28 35.97 34.59 -9.47
C PHE FA 28 35.89 34.58 -11.00
N PHE FA 29 35.81 35.76 -11.62
CA PHE FA 29 35.71 35.81 -13.07
C PHE FA 29 37.03 35.55 -13.78
N GLY FA 30 38.17 35.91 -13.19
CA GLY FA 30 39.44 35.69 -13.86
C GLY FA 30 39.71 34.23 -14.16
N ILE FA 31 39.55 33.37 -13.15
CA ILE FA 31 39.72 31.93 -13.35
C ILE FA 31 38.67 31.34 -14.28
N VAL FA 32 37.44 31.84 -14.24
CA VAL FA 32 36.42 31.41 -15.19
C VAL FA 32 36.82 31.71 -16.63
N VAL FA 33 37.33 32.90 -16.90
CA VAL FA 33 37.80 33.24 -18.24
C VAL FA 33 38.99 32.38 -18.66
N ILE FA 34 39.92 32.14 -17.74
CA ILE FA 34 41.06 31.27 -18.07
C ILE FA 34 40.56 29.86 -18.41
N ALA FA 35 39.62 29.34 -17.62
CA ALA FA 35 39.08 28.01 -17.89
C ALA FA 35 38.37 27.95 -19.23
N HIS FA 36 37.62 28.99 -19.57
CA HIS FA 36 36.94 29.00 -20.87
C HIS FA 36 37.93 29.09 -22.03
N ILE FA 37 39.00 29.86 -21.87
CA ILE FA 37 40.01 29.91 -22.93
C ILE FA 37 40.63 28.53 -23.13
N LEU FA 38 40.98 27.85 -22.04
CA LEU FA 38 41.54 26.51 -22.17
C LEU FA 38 40.55 25.55 -22.82
N ALA FA 39 39.27 25.65 -22.44
CA ALA FA 39 38.26 24.78 -23.03
C ALA FA 39 38.11 25.03 -24.52
N TRP FA 40 38.15 26.30 -24.95
CA TRP FA 40 38.09 26.59 -26.38
C TRP FA 40 39.31 26.02 -27.09
N LEU FA 41 40.48 26.08 -26.46
CA LEU FA 41 41.68 25.47 -27.04
C LEU FA 41 41.50 23.97 -27.21
N TRP FA 42 40.87 23.31 -26.23
CA TRP FA 42 40.71 21.86 -26.28
C TRP FA 42 39.79 21.44 -27.42
N ARG FA 43 38.61 22.04 -27.51
CA ARG FA 43 37.62 21.60 -28.49
C ARG FA 43 36.64 22.72 -28.82
N PRO FA 44 36.88 23.49 -29.88
CA PRO FA 44 35.99 24.61 -30.19
C PRO FA 44 34.58 24.14 -30.52
N TRP FA 45 33.60 24.94 -30.12
CA TRP FA 45 32.21 24.58 -30.28
C TRP FA 45 31.44 25.48 -31.24
N LEU FA 46 32.03 26.57 -31.70
CA LEU FA 46 31.35 27.47 -32.64
C LEU FA 46 32.10 27.58 -33.95
N FME GA 1 4.90 58.45 -16.86
CN FME GA 1 4.06 59.49 -16.86
O1 FME GA 1 2.91 59.48 -16.42
CA FME GA 1 4.55 57.17 -16.29
CB FME GA 1 4.41 56.10 -17.38
CG FME GA 1 4.15 54.72 -16.83
SD FME GA 1 4.00 53.49 -18.15
CE FME GA 1 3.80 51.99 -17.19
C FME GA 1 5.60 56.73 -15.25
O FME GA 1 6.73 56.39 -15.67
N HIS GA 2 5.25 56.72 -13.97
CA HIS GA 2 6.18 56.36 -12.92
C HIS GA 2 5.48 56.25 -11.57
N LYS GA 3 4.21 56.66 -11.53
CA LYS GA 3 3.49 56.72 -10.26
C LYS GA 3 3.15 55.33 -9.76
N ILE GA 4 4.18 54.52 -9.51
CA ILE GA 4 3.97 53.16 -9.00
C ILE GA 4 4.82 52.92 -7.77
N TRP GA 5 5.98 53.56 -7.67
CA TRP GA 5 6.94 53.17 -6.65
C TRP GA 5 6.66 53.83 -5.31
N GLN GA 6 5.41 53.77 -4.84
CA GLN GA 6 5.04 54.33 -3.54
C GLN GA 6 4.59 53.24 -2.58
N ILE GA 7 3.57 52.46 -2.95
CA ILE GA 7 3.20 51.26 -2.21
C ILE GA 7 3.56 50.00 -2.98
N PHE GA 8 4.01 50.10 -4.22
CA PHE GA 8 4.54 48.99 -4.99
C PHE GA 8 6.04 48.90 -4.69
N ASP GA 9 6.43 47.93 -3.87
CA ASP GA 9 7.78 47.91 -3.32
C ASP GA 9 8.80 47.52 -4.40
N PRO GA 10 9.76 48.40 -4.72
CA PRO GA 10 10.81 48.01 -5.67
C PRO GA 10 11.65 46.83 -5.20
N ARG GA 11 11.92 46.77 -3.89
CA ARG GA 11 12.75 45.71 -3.35
C ARG GA 11 12.11 44.34 -3.58
N ARG GA 12 10.80 44.25 -3.41
CA ARG GA 12 10.09 42.99 -3.65
C ARG GA 12 9.95 42.72 -5.14
N THR GA 13 9.97 43.77 -5.97
CA THR GA 13 9.79 43.61 -7.40
C THR GA 13 11.05 43.05 -8.06
N LEU GA 14 12.23 43.45 -7.58
CA LEU GA 14 13.47 43.05 -8.24
C LEU GA 14 13.69 41.54 -8.19
N VAL GA 15 13.37 40.89 -7.07
CA VAL GA 15 13.55 39.45 -6.96
C VAL GA 15 12.68 38.71 -7.97
N ALA GA 16 11.41 39.10 -8.07
CA ALA GA 16 10.51 38.46 -9.02
C ALA GA 16 10.97 38.70 -10.46
N LEU GA 17 11.44 39.92 -10.76
CA LEU GA 17 11.91 40.20 -12.11
C LEU GA 17 13.12 39.35 -12.47
N PHE GA 18 14.07 39.21 -11.54
CA PHE GA 18 15.24 38.39 -11.81
C PHE GA 18 14.87 36.91 -11.98
N GLY GA 19 13.96 36.39 -11.15
CA GLY GA 19 13.52 35.02 -11.33
C GLY GA 19 12.85 34.80 -12.68
N PHE GA 20 11.98 35.74 -13.08
CA PHE GA 20 11.33 35.65 -14.37
C PHE GA 20 12.34 35.61 -15.52
N LEU GA 21 13.32 36.52 -15.49
CA LEU GA 21 14.31 36.56 -16.57
C LEU GA 21 15.14 35.28 -16.61
N PHE GA 22 15.54 34.76 -15.44
CA PHE GA 22 16.34 33.55 -15.42
C PHE GA 22 15.56 32.36 -16.01
N VAL GA 23 14.30 32.21 -15.61
CA VAL GA 23 13.49 31.10 -16.13
C VAL GA 23 13.31 31.23 -17.63
N LEU GA 24 13.05 32.45 -18.11
CA LEU GA 24 12.88 32.65 -19.55
C LEU GA 24 14.15 32.29 -20.32
N GLY GA 25 15.31 32.70 -19.81
CA GLY GA 25 16.55 32.36 -20.48
C GLY GA 25 16.81 30.87 -20.54
N LEU GA 26 16.56 30.16 -19.44
CA LEU GA 26 16.70 28.71 -19.47
C LEU GA 26 15.78 28.09 -20.50
N LEU GA 27 14.52 28.53 -20.54
CA LEU GA 27 13.57 27.95 -21.48
C LEU GA 27 14.02 28.15 -22.92
N ILE GA 28 14.47 29.37 -23.26
CA ILE GA 28 14.88 29.62 -24.64
C ILE GA 28 16.10 28.80 -25.02
N HIS GA 29 17.09 28.70 -24.11
CA HIS GA 29 18.26 27.89 -24.43
C HIS GA 29 17.89 26.42 -24.65
N PHE GA 30 17.01 25.87 -23.81
CA PHE GA 30 16.63 24.46 -24.01
C PHE GA 30 15.83 24.26 -25.29
N ILE GA 31 14.95 25.20 -25.65
CA ILE GA 31 14.22 25.08 -26.90
C ILE GA 31 15.18 25.11 -28.08
N LEU GA 32 16.20 25.97 -28.03
CA LEU GA 32 17.20 25.95 -29.09
C LEU GA 32 17.98 24.64 -29.12
N LEU GA 33 18.25 24.05 -27.96
CA LEU GA 33 18.94 22.76 -27.94
C LEU GA 33 18.07 21.61 -28.44
N SER GA 34 16.74 21.77 -28.45
CA SER GA 34 15.89 20.69 -28.95
C SER GA 34 15.88 20.58 -30.47
N SER GA 35 16.45 21.55 -31.19
CA SER GA 35 16.38 21.57 -32.64
C SER GA 35 17.72 21.19 -33.23
N PRO GA 36 17.78 20.22 -34.16
CA PRO GA 36 19.08 19.82 -34.71
C PRO GA 36 19.81 20.91 -35.48
N ALA GA 37 19.10 21.86 -36.08
CA ALA GA 37 19.74 22.88 -36.88
C ALA GA 37 20.31 24.04 -36.07
N PHE GA 38 20.05 24.08 -34.76
CA PHE GA 38 20.60 25.11 -33.90
C PHE GA 38 21.30 24.58 -32.67
N ASN GA 39 21.27 23.26 -32.43
CA ASN GA 39 22.02 22.65 -31.33
C ASN GA 39 23.50 22.84 -31.59
N TRP GA 40 24.13 23.76 -30.85
CA TRP GA 40 25.53 24.11 -31.07
C TRP GA 40 26.52 23.13 -30.44
N LEU GA 41 26.04 22.16 -29.67
CA LEU GA 41 26.92 21.17 -29.05
C LEU GA 41 27.07 19.93 -29.91
N SER GA 42 25.95 19.26 -30.22
CA SER GA 42 26.02 17.99 -30.94
C SER GA 42 26.52 18.18 -32.37
N GLY GA 43 26.10 19.26 -33.02
CA GLY GA 43 26.40 19.41 -34.43
C GLY GA 43 27.89 19.63 -34.69
N SER GA 44 28.25 19.48 -35.98
CA SER GA 44 29.62 19.68 -36.46
C SER GA 44 30.63 18.81 -35.73
N THR HA 10 9.48 57.05 0.27
CA THR HA 10 9.23 58.49 0.33
C THR HA 10 9.36 59.14 -1.04
N GLU HA 11 9.29 60.47 -1.06
CA GLU HA 11 9.40 61.22 -2.31
C GLU HA 11 10.77 61.06 -2.95
N GLN HA 12 11.78 60.67 -2.18
CA GLN HA 12 13.14 60.54 -2.67
C GLN HA 12 13.45 59.14 -3.21
N GLU HA 13 12.45 58.27 -3.26
CA GLU HA 13 12.62 56.97 -3.89
C GLU HA 13 11.59 56.79 -5.00
N ALA HA 14 10.33 57.15 -4.72
CA ALA HA 14 9.25 56.93 -5.67
C ALA HA 14 9.48 57.65 -6.99
N GLN HA 15 10.16 58.80 -6.97
CA GLN HA 15 10.34 59.61 -8.17
C GLN HA 15 11.79 59.70 -8.62
N GLU HA 16 12.75 59.28 -7.78
CA GLU HA 16 14.17 59.39 -8.10
C GLU HA 16 14.73 58.04 -8.54
N PHE HA 17 14.28 56.94 -7.94
CA PHE HA 17 14.84 55.62 -8.18
C PHE HA 17 14.53 55.16 -9.60
N HIS HA 18 13.65 55.88 -10.29
CA HIS HA 18 13.45 55.65 -11.72
C HIS HA 18 14.73 55.93 -12.50
N GLY HA 19 15.47 56.98 -12.09
CA GLY HA 19 16.63 57.40 -12.85
C GLY HA 19 17.70 56.35 -12.97
N ILE HA 20 17.77 55.42 -12.01
CA ILE HA 20 18.70 54.30 -12.11
C ILE HA 20 18.05 53.07 -12.74
N PHE HA 21 16.77 52.83 -12.47
CA PHE HA 21 16.09 51.66 -13.04
C PHE HA 21 16.05 51.72 -14.56
N VAL HA 22 15.69 52.87 -15.12
CA VAL HA 22 15.58 52.97 -16.57
C VAL HA 22 16.95 52.86 -17.22
N GLN HA 23 17.98 53.46 -16.60
CA GLN HA 23 19.33 53.34 -17.14
C GLN HA 23 19.82 51.90 -17.14
N SER HA 24 19.55 51.16 -16.06
CA SER HA 24 19.94 49.76 -16.02
C SER HA 24 19.20 48.95 -17.09
N MET HA 25 17.90 49.22 -17.27
CA MET HA 25 17.14 48.49 -18.28
C MET HA 25 17.69 48.76 -19.69
N THR HA 26 18.00 50.02 -19.99
CA THR HA 26 18.58 50.35 -21.29
C THR HA 26 19.93 49.68 -21.47
N ALA HA 27 20.75 49.67 -20.43
CA ALA HA 27 22.06 49.03 -20.53
C ALA HA 27 21.95 47.52 -20.74
N PHE HA 28 20.92 46.90 -20.18
CA PHE HA 28 20.69 45.47 -20.42
C PHE HA 28 20.21 45.21 -21.85
N PHE HA 29 19.32 46.07 -22.35
CA PHE HA 29 18.82 45.90 -23.72
C PHE HA 29 19.94 46.06 -24.74
N GLY HA 30 20.88 46.98 -24.48
CA GLY HA 30 22.00 47.12 -25.40
C GLY HA 30 22.83 45.85 -25.53
N ILE HA 31 23.13 45.21 -24.41
CA ILE HA 31 23.89 43.96 -24.45
C ILE HA 31 23.08 42.87 -25.14
N VAL HA 32 21.78 42.82 -24.89
CA VAL HA 32 20.93 41.85 -25.57
C VAL HA 32 21.00 42.03 -27.09
N VAL HA 33 20.96 43.29 -27.54
CA VAL HA 33 21.02 43.57 -28.97
C VAL HA 33 22.37 43.13 -29.55
N ILE HA 34 23.45 43.39 -28.83
CA ILE HA 34 24.76 42.97 -29.30
C ILE HA 34 24.81 41.46 -29.46
N ALA HA 35 24.30 40.73 -28.47
CA ALA HA 35 24.28 39.27 -28.54
C ALA HA 35 23.46 38.78 -29.72
N HIS HA 36 22.30 39.39 -29.96
CA HIS HA 36 21.47 38.96 -31.08
C HIS HA 36 22.12 39.25 -32.43
N ILE HA 37 22.80 40.38 -32.57
CA ILE HA 37 23.50 40.66 -33.81
C ILE HA 37 24.59 39.63 -34.06
N LEU HA 38 25.37 39.29 -33.02
CA LEU HA 38 26.39 38.27 -33.19
C LEU HA 38 25.77 36.91 -33.55
N ALA HA 39 24.66 36.55 -32.91
CA ALA HA 39 23.99 35.29 -33.22
C ALA HA 39 23.50 35.26 -34.66
N TRP HA 40 22.97 36.38 -35.17
CA TRP HA 40 22.55 36.42 -36.57
C TRP HA 40 23.74 36.30 -37.51
N LEU HA 41 24.84 36.97 -37.19
CA LEU HA 41 26.05 36.80 -38.00
C LEU HA 41 26.58 35.38 -37.94
N TRP HA 42 26.26 34.63 -36.89
CA TRP HA 42 26.62 33.22 -36.82
C TRP HA 42 25.74 32.35 -37.72
N ARG HA 43 24.41 32.48 -37.58
CA ARG HA 43 23.48 31.62 -38.31
C ARG HA 43 22.10 32.25 -38.41
N PRO HA 44 21.79 32.92 -39.52
CA PRO HA 44 20.45 33.53 -39.66
C PRO HA 44 19.35 32.48 -39.62
N TRP HA 45 18.22 32.86 -39.02
CA TRP HA 45 17.10 31.95 -38.84
C TRP HA 45 15.88 32.30 -39.68
N LEU HA 46 15.56 33.58 -39.83
CA LEU HA 46 14.47 33.97 -40.71
C LEU HA 46 14.98 34.07 -42.14
N FME IA 1 -16.98 54.19 -19.61
CN FME IA 1 -17.66 54.68 -18.57
O1 FME IA 1 -17.53 54.31 -17.40
CA FME IA 1 -15.96 53.17 -19.46
CB FME IA 1 -15.56 52.59 -20.82
CG FME IA 1 -16.51 51.53 -21.31
SD FME IA 1 -16.55 50.10 -20.20
CE FME IA 1 -14.80 49.71 -20.10
C FME IA 1 -14.71 53.71 -18.73
O FME IA 1 -13.64 53.76 -19.36
N HIS IA 2 -14.84 54.09 -17.47
CA HIS IA 2 -13.69 54.42 -16.64
C HIS IA 2 -14.04 54.13 -15.19
N LYS IA 3 -15.27 53.69 -14.97
CA LYS IA 3 -15.73 53.25 -13.67
C LYS IA 3 -15.57 51.75 -13.46
N ILE IA 4 -15.01 51.03 -14.45
CA ILE IA 4 -14.74 49.61 -14.29
C ILE IA 4 -13.78 49.35 -13.16
N TRP IA 5 -12.88 50.31 -12.89
CA TRP IA 5 -11.93 50.18 -11.79
C TRP IA 5 -12.56 50.44 -10.44
N GLN IA 6 -13.84 50.82 -10.40
CA GLN IA 6 -14.62 50.77 -9.17
C GLN IA 6 -15.32 49.43 -8.97
N ILE IA 7 -15.21 48.53 -9.95
CA ILE IA 7 -15.69 47.17 -9.81
C ILE IA 7 -14.54 46.18 -9.64
N PHE IA 8 -13.46 46.37 -10.40
CA PHE IA 8 -12.27 45.54 -10.33
C PHE IA 8 -11.12 46.35 -9.75
N ASP IA 9 -10.39 45.75 -8.81
CA ASP IA 9 -9.28 46.44 -8.16
C ASP IA 9 -7.99 46.24 -8.95
N PRO IA 10 -7.22 47.31 -9.17
CA PRO IA 10 -6.04 47.19 -10.05
C PRO IA 10 -5.02 46.16 -9.60
N ARG IA 11 -4.80 46.02 -8.29
CA ARG IA 11 -3.68 45.22 -7.80
C ARG IA 11 -3.80 43.76 -8.21
N ARG IA 12 -4.99 43.17 -8.11
CA ARG IA 12 -5.15 41.78 -8.49
C ARG IA 12 -5.41 41.65 -9.99
N THR IA 13 -6.17 42.59 -10.56
CA THR IA 13 -6.54 42.52 -11.97
C THR IA 13 -5.31 42.56 -12.86
N LEU IA 14 -4.37 43.46 -12.58
CA LEU IA 14 -3.18 43.58 -13.42
C LEU IA 14 -2.30 42.33 -13.35
N VAL IA 15 -2.16 41.75 -12.16
CA VAL IA 15 -1.40 40.51 -12.01
C VAL IA 15 -2.03 39.41 -12.87
N ALA IA 16 -3.34 39.22 -12.73
CA ALA IA 16 -4.01 38.18 -13.50
C ALA IA 16 -3.86 38.42 -15.00
N LEU IA 17 -4.05 39.67 -15.44
CA LEU IA 17 -4.00 39.98 -16.86
C LEU IA 17 -2.62 39.73 -17.44
N PHE IA 18 -1.56 40.15 -16.73
CA PHE IA 18 -0.21 39.92 -17.23
C PHE IA 18 0.11 38.44 -17.28
N GLY IA 19 -0.28 37.69 -16.25
CA GLY IA 19 -0.03 36.25 -16.28
C GLY IA 19 -0.73 35.57 -17.45
N PHE IA 20 -2.00 35.91 -17.68
CA PHE IA 20 -2.72 35.30 -18.79
C PHE IA 20 -2.14 35.69 -20.13
N LEU IA 21 -1.71 36.95 -20.29
CA LEU IA 21 -1.07 37.36 -21.55
C LEU IA 21 0.20 36.57 -21.80
N PHE IA 22 1.02 36.39 -20.76
CA PHE IA 22 2.26 35.65 -20.94
C PHE IA 22 2.00 34.20 -21.31
N VAL IA 23 1.03 33.55 -20.64
CA VAL IA 23 0.75 32.16 -20.95
C VAL IA 23 0.18 32.02 -22.37
N LEU IA 24 -0.63 33.00 -22.79
CA LEU IA 24 -1.16 32.96 -24.15
C LEU IA 24 -0.06 33.11 -25.20
N GLY IA 25 0.88 34.03 -24.96
CA GLY IA 25 1.99 34.19 -25.90
C GLY IA 25 2.83 32.92 -25.99
N LEU IA 26 3.12 32.31 -24.84
CA LEU IA 26 3.86 31.05 -24.86
C LEU IA 26 3.11 29.96 -25.61
N LEU IA 27 1.78 29.88 -25.40
CA LEU IA 27 1.00 28.85 -26.09
C LEU IA 27 1.03 29.04 -27.60
N ILE IA 28 0.90 30.28 -28.07
CA ILE IA 28 0.92 30.50 -29.51
C ILE IA 28 2.28 30.17 -30.10
N HIS IA 29 3.36 30.58 -29.42
CA HIS IA 29 4.69 30.23 -29.92
C HIS IA 29 4.89 28.72 -29.96
N PHE IA 30 4.46 28.01 -28.92
CA PHE IA 30 4.61 26.56 -28.88
C PHE IA 30 3.79 25.88 -29.97
N ILE IA 31 2.59 26.38 -30.24
CA ILE IA 31 1.78 25.82 -31.31
C ILE IA 31 2.47 26.01 -32.65
N LEU IA 32 3.05 27.18 -32.89
CA LEU IA 32 3.76 27.41 -34.14
C LEU IA 32 4.99 26.52 -34.26
N LEU IA 33 5.73 26.32 -33.17
CA LEU IA 33 6.91 25.47 -33.22
C LEU IA 33 6.59 24.01 -33.51
N SER IA 34 5.34 23.59 -33.30
CA SER IA 34 4.92 22.21 -33.53
C SER IA 34 4.32 21.99 -34.92
N SER IA 35 4.23 23.03 -35.73
CA SER IA 35 3.68 22.91 -37.08
C SER IA 35 4.81 23.04 -38.09
N PRO IA 36 5.12 22.00 -38.86
CA PRO IA 36 6.31 22.05 -39.73
C PRO IA 36 6.26 23.15 -40.78
N ALA IA 37 5.06 23.60 -41.17
CA ALA IA 37 4.96 24.64 -42.19
C ALA IA 37 5.37 26.01 -41.66
N PHE IA 38 5.34 26.23 -40.35
CA PHE IA 38 5.68 27.51 -39.77
C PHE IA 38 6.84 27.47 -38.79
N ASN IA 39 7.46 26.31 -38.60
CA ASN IA 39 8.62 26.21 -37.72
C ASN IA 39 9.78 26.99 -38.33
N TRP IA 40 10.26 28.00 -37.60
CA TRP IA 40 11.33 28.86 -38.08
C TRP IA 40 12.72 28.41 -37.65
N LEU IA 41 12.82 27.24 -37.02
CA LEU IA 41 14.09 26.71 -36.53
C LEU IA 41 14.49 25.44 -37.28
N SER IA 42 14.31 25.43 -38.60
CA SER IA 42 14.68 24.29 -39.42
C SER IA 42 15.70 24.64 -40.50
N GLY IA 43 16.12 25.89 -40.59
CA GLY IA 43 17.09 26.29 -41.60
C GLY IA 43 16.50 26.46 -42.98
N SER JA 5 -17.67 51.11 -5.60
CA SER JA 5 -16.91 51.51 -4.43
C SER JA 5 -16.38 50.31 -3.67
N MET JA 6 -16.38 49.15 -4.35
CA MET JA 6 -15.82 47.94 -3.77
C MET JA 6 -14.30 47.87 -3.89
N THR JA 7 -13.71 48.71 -4.74
CA THR JA 7 -12.27 48.70 -4.96
C THR JA 7 -11.54 49.81 -4.21
N GLY JA 8 -12.24 50.51 -3.33
CA GLY JA 8 -11.60 51.56 -2.54
C GLY JA 8 -11.03 52.70 -3.36
N LEU JA 9 -11.63 53.00 -4.50
CA LEU JA 9 -11.17 54.06 -5.37
C LEU JA 9 -12.34 54.97 -5.73
N THR JA 10 -12.09 56.27 -5.71
CA THR JA 10 -13.12 57.24 -6.07
C THR JA 10 -13.17 57.40 -7.59
N GLU JA 11 -13.91 58.40 -8.05
CA GLU JA 11 -14.00 58.66 -9.48
C GLU JA 11 -12.69 59.22 -10.03
N GLN JA 12 -12.08 60.18 -9.33
CA GLN JA 12 -10.88 60.83 -9.84
C GLN JA 12 -9.72 59.84 -9.96
N GLU JA 13 -9.51 59.02 -8.94
CA GLU JA 13 -8.44 58.03 -9.00
C GLU JA 13 -8.69 56.99 -10.07
N ALA JA 14 -9.95 56.57 -10.23
CA ALA JA 14 -10.28 55.63 -11.30
C ALA JA 14 -9.98 56.21 -12.67
N GLN JA 15 -10.34 57.48 -12.89
CA GLN JA 15 -10.05 58.12 -14.16
C GLN JA 15 -8.55 58.26 -14.40
N GLU JA 16 -7.80 58.64 -13.36
CA GLU JA 16 -6.36 58.79 -13.51
C GLU JA 16 -5.68 57.47 -13.82
N PHE JA 17 -6.12 56.39 -13.17
CA PHE JA 17 -5.60 55.07 -13.50
C PHE JA 17 -5.98 54.67 -14.92
N HIS JA 18 -7.21 54.96 -15.33
CA HIS JA 18 -7.69 54.52 -16.64
C HIS JA 18 -6.95 55.21 -17.77
N GLY JA 19 -6.59 56.49 -17.60
CA GLY JA 19 -5.84 57.18 -18.64
C GLY JA 19 -4.50 56.51 -18.94
N ILE JA 20 -3.72 56.22 -17.90
CA ILE JA 20 -2.45 55.56 -18.12
C ILE JA 20 -2.66 54.14 -18.62
N PHE JA 21 -3.68 53.44 -18.13
CA PHE JA 21 -3.95 52.09 -18.61
C PHE JA 21 -4.24 52.08 -20.10
N VAL JA 22 -5.09 52.99 -20.58
CA VAL JA 22 -5.46 52.99 -21.99
C VAL JA 22 -4.28 53.42 -22.85
N GLN JA 23 -3.48 54.38 -22.38
CA GLN JA 23 -2.31 54.78 -23.16
C GLN JA 23 -1.30 53.65 -23.29
N SER JA 24 -1.03 52.94 -22.20
CA SER JA 24 -0.12 51.81 -22.25
C SER JA 24 -0.66 50.70 -23.14
N MET JA 25 -1.96 50.43 -23.07
CA MET JA 25 -2.53 49.37 -23.89
C MET JA 25 -2.48 49.72 -25.37
N THR JA 26 -2.73 50.98 -25.73
CA THR JA 26 -2.59 51.39 -27.12
C THR JA 26 -1.16 51.23 -27.60
N ALA JA 27 -0.19 51.65 -26.79
CA ALA JA 27 1.21 51.47 -27.17
C ALA JA 27 1.56 49.99 -27.30
N PHE JA 28 0.90 49.12 -26.54
CA PHE JA 28 1.16 47.69 -26.64
C PHE JA 28 0.51 47.09 -27.89
N PHE JA 29 -0.63 47.62 -28.31
CA PHE JA 29 -1.30 47.11 -29.51
C PHE JA 29 -0.59 47.53 -30.79
N GLY JA 30 0.03 48.72 -30.79
CA GLY JA 30 0.76 49.15 -31.99
C GLY JA 30 1.88 48.19 -32.37
N ILE JA 31 2.65 47.74 -31.39
CA ILE JA 31 3.75 46.82 -31.65
C ILE JA 31 3.22 45.50 -32.20
N VAL JA 32 2.10 45.03 -31.66
CA VAL JA 32 1.49 43.79 -32.15
C VAL JA 32 1.08 43.93 -33.60
N VAL JA 33 0.46 45.06 -33.96
CA VAL JA 33 0.04 45.26 -35.34
C VAL JA 33 1.25 45.23 -36.27
N ILE JA 34 2.34 45.90 -35.88
CA ILE JA 34 3.54 45.90 -36.71
C ILE JA 34 4.11 44.49 -36.85
N ALA JA 35 4.18 43.75 -35.73
CA ALA JA 35 4.73 42.41 -35.77
C ALA JA 35 3.92 41.50 -36.67
N HIS JA 36 2.59 41.63 -36.64
CA HIS JA 36 1.75 40.82 -37.52
C HIS JA 36 1.89 41.22 -38.98
N ILE JA 37 2.05 42.51 -39.29
CA ILE JA 37 2.32 42.88 -40.68
C ILE JA 37 3.61 42.23 -41.16
N LEU JA 38 4.67 42.28 -40.35
CA LEU JA 38 5.92 41.63 -40.74
C LEU JA 38 5.78 40.12 -40.88
N ALA JA 39 5.06 39.47 -39.96
CA ALA JA 39 4.87 38.03 -40.06
C ALA JA 39 4.07 37.64 -41.30
N TRP JA 40 3.07 38.45 -41.68
CA TRP JA 40 2.36 38.20 -42.92
C TRP JA 40 3.26 38.37 -44.12
N LEU JA 41 4.15 39.37 -44.09
CA LEU JA 41 5.13 39.52 -45.15
C LEU JA 41 6.14 38.39 -45.18
N TRP JA 42 6.30 37.66 -44.06
CA TRP JA 42 7.25 36.55 -44.03
C TRP JA 42 6.66 35.30 -44.69
N ARG JA 43 5.49 34.87 -44.23
CA ARG JA 43 4.89 33.62 -44.71
C ARG JA 43 3.39 33.63 -44.47
N PRO JA 44 2.58 34.04 -45.45
CA PRO JA 44 1.14 34.19 -45.21
C PRO JA 44 0.48 32.87 -44.82
N TRP JA 45 -0.45 32.97 -43.87
CA TRP JA 45 -1.16 31.80 -43.36
C TRP JA 45 -2.57 31.67 -43.91
N LEU JA 46 -2.91 32.46 -44.92
CA LEU JA 46 -4.21 32.35 -45.57
C LEU JA 46 -4.05 32.38 -47.08
FE HEC KA . 32.91 -43.05 -38.04
CHA HEC KA . 31.02 -44.54 -40.36
CHB HEC KA . 35.78 -43.82 -39.88
CHC HEC KA . 34.97 -41.25 -35.81
CHD HEC KA . 30.28 -42.46 -36.03
NA HEC KA . 33.34 -44.00 -39.73
C1A HEC KA . 32.38 -44.53 -40.56
C2A HEC KA . 33.02 -45.13 -41.65
C3A HEC KA . 34.35 -44.93 -41.52
C4A HEC KA . 34.55 -44.21 -40.34
CMA HEC KA . 35.42 -45.39 -42.47
CAA HEC KA . 32.34 -45.86 -42.78
CBA HEC KA . 32.30 -47.34 -42.42
CGA HEC KA . 31.78 -48.12 -43.59
O1A HEC KA . 32.50 -48.99 -44.12
O2A HEC KA . 30.63 -47.90 -44.03
NB HEC KA . 34.97 -42.62 -37.89
C1B HEC KA . 35.92 -43.03 -38.74
C2B HEC KA . 37.19 -42.55 -38.33
C3B HEC KA . 37.00 -41.83 -37.20
C4B HEC KA . 35.55 -41.88 -36.92
CMB HEC KA . 38.50 -42.81 -39.04
CAB HEC KA . 38.03 -41.13 -36.42
CBB HEC KA . 38.61 -40.03 -36.89
NC HEC KA . 32.69 -42.06 -36.23
C1C HEC KA . 33.62 -41.37 -35.50
C2C HEC KA . 33.01 -40.87 -34.34
C3C HEC KA . 31.67 -41.22 -34.40
C4C HEC KA . 31.48 -41.94 -35.61
CMC HEC KA . 33.70 -40.09 -33.25
CAC HEC KA . 30.63 -40.89 -33.41
CBC HEC KA . 30.31 -39.64 -33.09
ND HEC KA . 31.08 -43.41 -38.17
C1D HEC KA . 30.14 -43.10 -37.27
C2D HEC KA . 28.83 -43.54 -37.76
C3D HEC KA . 29.04 -44.12 -38.96
C4D HEC KA . 30.47 -44.03 -39.20
CMD HEC KA . 27.50 -43.39 -37.07
CAD HEC KA . 28.00 -44.73 -39.86
CBD HEC KA . 27.43 -43.64 -40.79
CGD HEC KA . 26.43 -44.22 -41.75
O1D HEC KA . 26.31 -45.45 -41.90
O2D HEC KA . 25.69 -43.45 -42.41
FE HEC LA . 23.24 -36.41 -29.52
CHA HEC LA . 22.74 -38.81 -27.26
CHB HEC LA . 25.88 -38.20 -30.91
CHC HEC LA . 23.51 -34.14 -32.19
CHD HEC LA . 20.94 -34.39 -28.12
NA HEC LA . 24.16 -38.13 -29.16
C1A HEC LA . 23.78 -38.99 -28.15
C2A HEC LA . 24.68 -40.06 -28.12
C3A HEC LA . 25.56 -39.89 -29.14
C4A HEC LA . 25.22 -38.71 -29.82
CMA HEC LA . 26.70 -40.82 -29.50
CAA HEC LA . 24.69 -41.21 -27.14
CBA HEC LA . 25.62 -40.84 -25.99
CGA HEC LA . 25.55 -41.86 -24.88
O1A HEC LA . 24.99 -41.58 -23.80
O2A HEC LA . 26.07 -42.99 -25.04
NB HEC LA . 24.46 -36.21 -31.23
C1B HEC LA . 25.45 -37.05 -31.58
C2B HEC LA . 26.05 -36.61 -32.79
C3B HEC LA . 25.40 -35.47 -33.16
C4B HEC LA . 24.38 -35.23 -32.13
CMB HEC LA . 27.19 -37.27 -33.50
CAB HEC LA . 25.65 -34.63 -34.33
CBB HEC LA . 25.39 -35.06 -35.56
NC HEC LA . 22.42 -34.57 -30.06
C1C HEC LA . 22.62 -33.84 -31.19
C2C HEC LA . 21.79 -32.71 -31.15
C3C HEC LA . 21.05 -32.78 -30.00
C4C HEC LA . 21.45 -33.97 -29.32
CMC HEC LA . 21.73 -31.64 -32.21
CAC HEC LA . 20.04 -31.82 -29.53
CBC HEC LA . 18.89 -31.68 -30.17
ND HEC LA . 22.11 -36.57 -28.04
C1D HEC LA . 21.22 -35.66 -27.61
C2D HEC LA . 20.52 -36.17 -26.43
C3D HEC LA . 21.02 -37.39 -26.19
C4D HEC LA . 22.02 -37.63 -27.22
CMD HEC LA . 19.45 -35.46 -25.64
CAD HEC LA . 20.59 -38.31 -25.07
CBD HEC LA . 21.42 -38.11 -23.81
CGD HEC LA . 22.48 -39.18 -23.77
O1D HEC LA . 23.60 -38.92 -23.30
O2D HEC LA . 22.22 -40.32 -24.21
FE HEC MA . 4.04 -16.59 -23.81
CHA HEC MA . 1.36 -18.13 -25.03
CHB HEC MA . 2.24 -15.59 -21.01
CHC HEC MA . 6.95 -15.36 -22.24
CHD HEC MA . 5.85 -17.13 -26.60
NA HEC MA . 2.18 -16.77 -23.15
C1A HEC MA . 1.23 -17.50 -23.82
C2A HEC MA . 0.03 -17.43 -23.09
C3A HEC MA . 0.27 -16.71 -21.96
C4A HEC MA . 1.61 -16.33 -21.99
CMA HEC MA . -0.72 -16.40 -20.88
CAA HEC MA . -1.29 -18.03 -23.47
CBA HEC MA . -1.95 -17.06 -24.45
CGA HEC MA . -3.38 -17.43 -24.76
O1A HEC MA . -4.07 -18.04 -23.92
O2A HEC MA . -3.89 -17.12 -25.86
NB HEC MA . 4.50 -15.65 -21.97
C1B HEC MA . 3.62 -15.36 -21.01
C2B HEC MA . 4.26 -14.75 -19.91
C3B HEC MA . 5.58 -14.68 -20.22
C4B HEC MA . 5.72 -15.26 -21.57
CMB HEC MA . 3.62 -14.27 -18.63
CAB HEC MA . 6.68 -14.12 -19.39
CBB HEC MA . 7.02 -14.69 -18.25
NC HEC MA . 6.05 -16.26 -24.31
C1C HEC MA . 7.06 -15.77 -23.56
C2C HEC MA . 8.21 -15.66 -24.35
C3C HEC MA . 7.90 -16.17 -25.61
C4C HEC MA . 6.54 -16.58 -25.55
CMC HEC MA . 9.53 -15.10 -23.90
CAC HEC MA . 8.78 -16.27 -26.78
CBC HEC MA . 9.88 -17.00 -26.80
ND HEC MA . 3.69 -17.44 -25.42
C1D HEC MA . 4.54 -17.58 -26.47
C2D HEC MA . 3.86 -18.32 -27.55
C3D HEC MA . 2.63 -18.59 -27.11
C4D HEC MA . 2.53 -18.04 -25.76
CMD HEC MA . 4.45 -18.70 -28.88
CAD HEC MA . 1.57 -19.33 -27.86
CBD HEC MA . 1.69 -20.83 -27.58
CGD HEC MA . 0.71 -21.60 -28.39
O1D HEC MA . 0.85 -22.84 -28.53
O2D HEC MA . -0.26 -21.02 -28.94
FE HEC NA . 15.39 -22.01 -30.91
CHA HEC NA . 16.24 -19.29 -32.67
CHB HEC NA . 12.73 -20.24 -29.47
CHC HEC NA . 14.44 -24.77 -28.95
CHD HEC NA . 17.93 -23.83 -32.16
NA HEC NA . 14.65 -20.17 -31.00
C1A HEC NA . 15.13 -19.21 -31.86
C2A HEC NA . 14.32 -18.06 -31.76
C3A HEC NA . 13.35 -18.32 -30.88
C4A HEC NA . 13.53 -19.63 -30.41
CMA HEC NA . 12.24 -17.38 -30.46
CAA HEC NA . 14.53 -16.78 -32.53
CBA HEC NA . 15.45 -15.88 -31.72
CGA HEC NA . 15.77 -14.63 -32.49
O1A HEC NA . 15.75 -13.50 -31.94
O2A HEC NA . 16.07 -14.70 -33.71
NB HEC NA . 13.88 -22.42 -29.50
C1B HEC NA . 12.93 -21.57 -29.08
C2B HEC NA . 12.08 -22.18 -28.14
C3B HEC NA . 12.54 -23.45 -27.97
C4B HEC NA . 13.71 -23.59 -28.86
CMB HEC NA . 10.91 -21.55 -27.45
CAB HEC NA . 12.00 -24.50 -27.08
CBB HEC NA . 10.79 -24.99 -27.28
NC HEC NA . 16.08 -23.94 -30.57
C1C HEC NA . 15.53 -24.92 -29.79
C2C HEC NA . 16.25 -26.10 -29.97
C3C HEC NA . 17.25 -25.83 -30.90
C4C HEC NA . 17.12 -24.47 -31.27
CMC HEC NA . 15.96 -27.41 -29.28
CAC HEC NA . 18.27 -26.78 -31.39
CBC HEC NA . 17.93 -27.82 -32.14
ND HEC NA . 16.75 -21.64 -32.12
C1D HEC NA . 17.71 -22.49 -32.53
C2D HEC NA . 18.60 -21.82 -33.49
C3D HEC NA . 18.13 -20.57 -33.63
C4D HEC NA . 16.96 -20.47 -32.76
CMD HEC NA . 19.79 -22.42 -34.18
CAD HEC NA . 18.68 -19.48 -34.50
CBD HEC NA . 18.28 -19.66 -35.95
CGD HEC NA . 18.50 -18.37 -36.68
O1D HEC NA . 18.59 -17.31 -36.04
O2D HEC NA . 18.58 -18.36 -37.92
MG MG OA . -0.93 -22.95 -6.92
CA1 DGA PA . 20.63 -0.67 -3.13
CA2 DGA PA . 19.64 0.38 -2.70
CA3 DGA PA . 19.70 1.58 -3.63
CA4 DGA PA . 18.46 2.45 -3.45
CA5 DGA PA . 18.35 3.00 -2.03
CA6 DGA PA . 16.98 3.62 -1.78
CA7 DGA PA . 16.81 4.93 -2.55
CA8 DGA PA . 15.34 5.31 -2.66
OA1 DGA PA . 20.38 -1.85 -2.98
CB1 DGA PA . 25.09 0.70 -4.71
CB2 DGA PA . 26.12 1.41 -3.87
OB1 DGA PA . 24.24 1.33 -5.31
OG1 DGA PA . 21.90 -0.30 -3.74
CG1 DGA PA . 23.05 -1.12 -3.54
CG2 DGA PA . 23.78 -1.32 -4.85
OG2 DGA PA . 25.09 -0.76 -4.80
CG3 DGA PA . 23.91 -2.82 -5.09
C1 PLM QA . 22.08 -9.37 -4.38
O2 PLM QA . 21.48 -8.29 -4.54
C2 PLM QA . 21.96 -10.05 -3.02
C3 PLM QA . 22.15 -9.12 -1.87
C4 PLM QA . 22.09 -9.81 -0.53
C5 PLM QA . 20.74 -10.38 -0.18
C6 PLM QA . 20.68 -11.00 1.20
C7 PLM QA . 20.98 -10.03 2.31
C8 PLM QA . 19.85 -9.11 2.67
C9 PLM QA . 18.69 -9.80 3.36
CA PLM QA . 17.63 -8.86 3.87
CB PLM QA . 16.48 -9.55 4.57
P PGV RA . 27.80 -6.75 -10.18
C01 PGV RA . 28.06 -5.85 -5.53
C02 PGV RA . 27.94 -4.90 -6.70
C03 PGV RA . 28.54 -5.49 -7.98
C04 PGV RA . 27.01 -9.20 -10.86
C05 PGV RA . 26.10 -10.22 -10.19
C06 PGV RA . 26.14 -9.99 -8.69
O01 PGV RA . 28.64 -3.71 -6.35
O02 PGV RA . 26.61 -2.73 -6.75
O03 PGV RA . 28.17 -5.02 -4.37
O04 PGV RA . 28.43 -6.77 -2.88
O05 PGV RA . 26.54 -11.55 -10.48
O06 PGV RA . 25.30 -10.96 -8.04
O11 PGV RA . 27.55 -6.23 -8.68
O12 PGV RA . 26.73 -7.95 -10.25
O13 PGV RA . 29.18 -7.35 -10.26
O14 PGV RA . 27.42 -5.68 -11.17
C1 PGV RA . 27.74 -2.57 -6.35
C2 PGV RA . 28.19 -1.24 -5.83
C3 PGV RA . 29.54 -0.86 -6.44
C4 PGV RA . 29.96 0.53 -5.94
C5 PGV RA . 29.78 0.59 -4.43
C6 PGV RA . 29.71 2.02 -3.91
C7 PGV RA . 29.47 2.02 -2.41
C8 PGV RA . 29.32 3.44 -1.87
C19 PGV RA . 28.37 -5.57 -3.03
C20 PGV RA . 28.53 -4.63 -1.85
C21 PGV RA . 27.18 -4.03 -1.48
C22 PGV RA . 26.76 -2.96 -2.49
C23 PGV RA . 27.40 -1.62 -2.17
C24 PGV RA . 26.64 -0.89 -1.07
P PGV SA . 18.22 -5.60 -4.53
C01 PGV SA . 18.70 -4.33 -0.39
C02 PGV SA . 17.33 -4.85 -0.78
C03 PGV SA . 17.14 -4.74 -2.28
O01 PGV SA . 16.34 -4.05 -0.13
O02 PGV SA . 14.94 -5.87 -0.26
O03 PGV SA . 19.74 -5.18 -0.90
O04 PGV SA . 21.31 -3.49 -0.83
O11 PGV SA . 18.00 -5.68 -2.94
O12 PGV SA . 18.64 -4.06 -4.75
O13 PGV SA . 19.41 -6.45 -4.88
O14 PGV SA . 16.90 -5.83 -5.20
C1 PGV SA . 15.19 -4.83 0.31
C2 PGV SA . 14.33 -4.35 1.44
C3 PGV SA . 13.36 -5.45 1.84
C19 PGV SA . 21.10 -4.68 -0.91
C20 PGV SA . 22.25 -5.65 -1.01
MG BCL TA . 2.48 -2.90 -7.64
CHA BCL TA . 3.81 0.27 -7.74
CHB BCL TA . 0.73 -2.02 -4.90
CHC BCL TA . 0.61 -5.72 -8.03
CHD BCL TA . 3.97 -3.59 -10.73
NA BCL TA . 2.41 -1.29 -6.44
C1A BCL TA . 2.98 -0.13 -6.58
C2A BCL TA . 2.75 0.82 -5.44
C3A BCL TA . 2.12 -0.09 -4.42
C4A BCL TA . 1.72 -1.24 -5.29
CMA BCL TA . 3.12 -0.55 -3.37
CAA BCL TA . 1.79 1.94 -5.83
CBA BCL TA . 1.61 3.02 -4.77
CGA BCL TA . 2.62 4.13 -4.96
O1A BCL TA . 3.66 3.93 -5.57
O2A BCL TA . 2.40 5.48 -4.44
NB BCL TA . 0.89 -3.73 -6.64
C1B BCL TA . 0.30 -3.27 -5.53
C2B BCL TA . -0.83 -4.08 -4.97
C3B BCL TA . -0.86 -5.20 -5.93
C4B BCL TA . 0.24 -4.89 -6.88
CMB BCL TA . -1.64 -3.75 -3.75
CAB BCL TA . -1.74 -6.41 -5.97
OBB BCL TA . -1.44 -7.36 -6.68
CBB BCL TA . -3.00 -6.47 -5.15
NC BCL TA . 2.35 -4.37 -9.01
C1C BCL TA . 1.51 -5.43 -8.95
C2C BCL TA . 1.63 -6.36 -10.11
C3C BCL TA . 2.73 -5.72 -10.90
C4C BCL TA . 3.00 -4.48 -10.11
CMC BCL TA . 2.06 -7.75 -9.67
CAC BCL TA . 2.29 -5.34 -12.30
CBC BCL TA . 2.03 -6.54 -13.18
ND BCL TA . 3.63 -1.95 -9.03
C1D BCL TA . 4.20 -2.25 -10.21
C2D BCL TA . 4.99 -1.14 -10.80
C3D BCL TA . 4.79 -0.12 -9.76
C4D BCL TA . 4.04 -0.67 -8.80
CMD BCL TA . 5.81 -0.85 -12.04
CAD BCL TA . 5.14 1.26 -9.39
OBD BCL TA . 5.85 2.07 -10.10
CBD BCL TA . 4.50 1.58 -8.08
CGD BCL TA . 5.53 2.10 -7.14
O1D BCL TA . 6.05 1.42 -6.29
O2D BCL TA . 5.91 3.50 -7.29
CED BCL TA . 6.76 4.15 -6.34
C1 BCL TA . 3.05 6.59 -5.07
C2 BCL TA . 2.14 7.79 -5.12
C3 BCL TA . 2.29 8.77 -6.04
C4 BCL TA . 3.38 8.68 -7.08
C5 BCL TA . 1.36 9.96 -6.04
C6 BCL TA . 2.01 11.17 -6.68
C7 BCL TA . 1.03 12.34 -6.69
C8 BCL TA . 1.74 13.69 -6.60
C9 BCL TA . 1.49 14.35 -5.25
C10 BCL TA . 1.29 14.60 -7.74
C11 BCL TA . -0.01 15.36 -7.52
C12 BCL TA . -1.15 14.66 -8.26
C13 BCL TA . -2.02 15.57 -9.12
C14 BCL TA . -1.22 16.20 -10.26
C15 BCL TA . -2.69 16.63 -8.27
C16 BCL TA . -3.79 17.33 -9.07
C17 BCL TA . -4.89 16.37 -9.46
C18 BCL TA . -6.25 17.06 -9.59
C19 BCL TA . -6.19 18.20 -10.60
C20 BCL TA . -6.76 17.56 -8.25
O1D BPH UA . -3.24 19.83 -1.11
CGD BPH UA . -3.02 18.69 -0.80
O2D BPH UA . -3.96 17.84 -0.38
CED BPH UA . -5.31 18.34 -0.38
CBD BPH UA . -1.67 18.04 -0.87
CHA BPH UA . -1.71 16.69 -1.58
C4D BPH UA . -1.17 15.73 -0.66
C3D BPH UA . -0.85 16.29 0.58
CAD BPH UA . -1.16 17.72 0.55
OBD BPH UA . -1.04 18.54 1.43
C2D BPH UA . -0.34 15.24 1.36
CMD BPH UA . 0.15 15.33 2.78
C1D BPH UA . -0.36 14.08 0.59
ND BPH UA . -0.88 14.40 -0.65
CHD BPH UA . 0.02 12.78 0.91
C4C BPH UA . -0.10 11.64 0.08
C3C BPH UA . 0.18 10.23 0.52
CAC BPH UA . 1.45 10.07 1.37
CBC BPH UA . 2.70 10.57 0.68
C2C BPH UA . 0.21 9.46 -0.80
CMC BPH UA . -0.51 8.12 -0.79
C1C BPH UA . -0.41 10.45 -1.76
NC BPH UA . -0.52 11.70 -1.23
CHC BPH UA . -0.81 10.11 -3.06
C4B BPH UA . -1.54 10.88 -4.06
C3B BPH UA . -2.03 10.46 -5.34
CAB BPH UA . -1.93 9.12 -5.97
CBB BPH UA . -1.56 7.91 -5.17
OBB BPH UA . -2.15 8.98 -7.17
C2B BPH UA . -2.66 11.58 -5.92
CMB BPH UA . -3.34 11.67 -7.26
C1B BPH UA . -2.54 12.66 -5.02
NB BPH UA . -1.86 12.21 -3.91
CHB BPH UA . -3.03 13.94 -5.23
C4A BPH UA . -2.88 15.09 -4.46
C3A BPH UA . -3.49 16.44 -4.79
CMA BPH UA . -5.00 16.37 -4.65
C2A BPH UA . -2.76 17.37 -3.83
C1A BPH UA . -2.18 16.40 -2.83
NA BPH UA . -2.16 15.12 -3.28
CAA BPH UA . -1.66 18.22 -4.46
CBA BPH UA . -2.22 19.25 -5.44
CGA BPH UA . -1.14 19.95 -6.20
O1A BPH UA . 0.03 19.68 -6.15
O2A BPH UA . -1.63 20.94 -6.92
C1 BPH UA . -0.69 21.63 -7.77
C2 BPH UA . -0.84 21.18 -9.19
C3 BPH UA . -1.89 21.43 -9.96
C4 BPH UA . -3.15 22.05 -9.43
C5 BPH UA . -1.89 21.12 -11.42
C6 BPH UA . -0.66 20.43 -11.88
C7 BPH UA . -0.39 20.60 -13.38
C8 BPH UA . 0.14 19.38 -14.11
C9 BPH UA . 0.48 19.70 -15.55
C10 BPH UA . -0.84 18.22 -13.99
C11 BPH UA . -0.45 16.94 -14.67
C12 BPH UA . 0.86 16.35 -14.20
C13 BPH UA . 1.07 14.88 -14.53
C14 BPH UA . 2.53 14.48 -14.34
C15 BPH UA . 0.58 14.50 -15.93
C16 BPH UA . -0.67 13.65 -15.98
C17 BPH UA . -0.57 12.34 -15.22
C18 BPH UA . -1.47 11.21 -15.73
C19 BPH UA . -2.93 11.64 -15.80
C20 BPH UA . -1.32 9.95 -14.90
C26 UQ8 VA . 5.60 -5.21 9.34
C24 UQ8 VA . 4.55 -4.12 9.52
C25 UQ8 VA . 4.10 -3.33 8.33
C23 UQ8 VA . 4.06 -3.88 10.73
C22 UQ8 VA . 3.01 -2.81 10.94
C21 UQ8 VA . 2.00 -3.28 11.99
C19 UQ8 VA . 2.24 -2.55 13.30
C20 UQ8 VA . 3.51 -2.73 14.06
C18 UQ8 VA . 1.29 -1.73 13.79
C17 UQ8 VA . -0.02 -1.51 13.08
C16 UQ8 VA . -1.10 -2.37 13.72
C14 UQ8 VA . -2.22 -1.48 14.22
C15 UQ8 VA . -3.31 -1.06 13.28
C13 UQ8 VA . -2.20 -1.06 15.50
C12 UQ8 VA . -3.29 -0.17 16.07
C11 UQ8 VA . -3.21 -0.21 17.59
C9 UQ8 VA . -4.58 -0.07 18.21
C10 UQ8 VA . -5.02 -1.10 19.21
C8 UQ8 VA . -5.37 0.95 17.89
C7 UQ8 VA . -6.74 1.11 18.53
C6 UQ8 VA . -7.15 2.55 18.73
C1 UQ8 VA . -7.81 3.30 17.62
C1M UQ8 VA . -8.06 2.62 16.31
C2 UQ8 VA . -8.20 4.72 17.82
O2 UQ8 VA . -8.75 5.35 16.91
C3 UQ8 VA . -7.97 5.39 19.12
O3 UQ8 VA . -8.30 6.71 19.32
C3M UQ8 VA . -9.64 7.14 19.56
C4 UQ8 VA . -7.30 4.64 20.21
O4 UQ8 VA . -7.07 5.27 21.41
C4M UQ8 VA . -8.04 5.16 22.46
C5 UQ8 VA . -6.90 3.23 20.01
O5 UQ8 VA . -6.36 2.60 20.95
C45 UQ8 WA . 24.64 40.41 -5.74
C44 UQ8 WA . 23.58 40.12 -6.76
C46 UQ8 WA . 23.84 40.47 -8.19
C43 UQ8 WA . 22.43 39.55 -6.38
C42 UQ8 WA . 21.35 39.25 -7.40
C41 UQ8 WA . 20.72 37.90 -7.10
C39 UQ8 WA . 21.51 36.75 -7.66
C40 UQ8 WA . 22.72 36.99 -8.53
C38 UQ8 WA . 21.16 35.48 -7.41
C37 UQ8 WA . 19.96 35.15 -6.57
C36 UQ8 WA . 19.50 33.72 -6.86
C34 UQ8 WA . 18.59 33.56 -8.06
C35 UQ8 WA . 18.59 34.53 -9.22
C33 UQ8 WA . 17.75 32.52 -8.09
C32 UQ8 WA . 16.81 32.28 -9.26
C31 UQ8 WA . 16.75 30.78 -9.56
C29 UQ8 WA . 15.31 30.35 -9.70
C30 UQ8 WA . 14.98 28.92 -10.02
C28 UQ8 WA . 14.32 31.24 -9.54
C27 UQ8 WA . 12.87 30.82 -9.68
C26 UQ8 WA . 12.03 31.52 -8.63
C24 UQ8 WA . 11.06 30.55 -8.01
C25 UQ8 WA . 10.45 30.86 -6.67
C23 UQ8 WA . 10.74 29.40 -8.63
C22 UQ8 WA . 9.77 28.44 -8.00
C21 UQ8 WA . 9.20 27.52 -9.07
C19 UQ8 WA . 10.30 26.59 -9.55
C20 UQ8 WA . 10.84 25.55 -8.63
C18 UQ8 WA . 10.77 26.70 -10.79
C17 UQ8 WA . 11.85 25.78 -11.28
C16 UQ8 WA . 11.27 24.90 -12.37
C14 UQ8 WA . 11.73 23.47 -12.21
C15 UQ8 WA . 10.79 22.35 -12.50
C13 UQ8 WA . 12.99 23.20 -11.81
C12 UQ8 WA . 13.43 21.76 -11.67
C11 UQ8 WA . 14.55 21.48 -12.68
C9 UQ8 WA . 14.65 20.02 -13.00
C10 UQ8 WA . 13.67 19.03 -12.42
C8 UQ8 WA . 15.63 19.60 -13.80
C7 UQ8 WA . 15.83 18.16 -14.20
C6 UQ8 WA . 15.87 18.10 -15.72
C1 UQ8 WA . 17.11 18.47 -16.44
C1M UQ8 WA . 18.34 18.89 -15.70
C2 UQ8 WA . 17.14 18.44 -17.93
O2 UQ8 WA . 18.20 18.74 -18.51
C3 UQ8 WA . 15.93 18.02 -18.69
O3 UQ8 WA . 15.95 17.99 -20.07
C3M UQ8 WA . 16.86 17.17 -20.80
C4 UQ8 WA . 14.68 17.66 -17.97
O4 UQ8 WA . 13.60 17.28 -18.74
C4M UQ8 WA . 12.64 16.32 -18.34
C5 UQ8 WA . 14.65 17.70 -16.48
O5 UQ8 WA . 13.64 17.40 -15.80
P PGV XA . 23.95 -17.38 -6.80
C01 PGV XA . 25.98 -16.50 -3.73
C02 PGV XA . 24.68 -15.72 -3.46
C03 PGV XA . 23.75 -15.86 -4.66
C04 PGV XA . 23.68 -19.54 -8.29
C05 PGV XA . 23.90 -21.04 -8.16
C06 PGV XA . 22.56 -21.76 -8.14
O01 PGV XA . 24.98 -14.34 -3.25
O02 PGV XA . 25.21 -14.81 -1.00
O03 PGV XA . 25.91 -17.75 -3.02
O04 PGV XA . 26.78 -18.98 -4.77
O05 PGV XA . 24.62 -21.31 -6.95
O06 PGV XA . 21.79 -21.34 -7.01
O11 PGV XA . 23.86 -17.18 -5.21
O12 PGV XA . 23.66 -18.96 -6.99
O13 PGV XA . 25.37 -17.12 -7.24
O14 PGV XA . 22.82 -16.62 -7.46
C1 PGV XA . 24.91 -13.97 -1.84
C2 PGV XA . 24.49 -12.58 -1.44
C3 PGV XA . 24.78 -12.33 0.03
C4 PGV XA . 23.71 -12.90 0.96
C5 PGV XA . 23.89 -12.40 2.38
C6 PGV XA . 22.87 -13.04 3.31
C7 PGV XA . 22.78 -12.31 4.64
C8 PGV XA . 24.09 -12.41 5.42
C19 PGV XA . 26.58 -18.91 -3.58
C20 PGV XA . 27.06 -20.02 -2.67
C21 PGV XA . 25.94 -20.52 -1.76
C22 PGV XA . 25.79 -19.65 -0.51
P PGV YA . -14.29 15.14 -33.41
C01 PGV YA . -15.27 17.17 -29.41
C02 PGV YA . -15.25 15.68 -29.68
C03 PGV YA . -15.61 15.40 -31.13
C04 PGV YA . -12.15 14.70 -34.84
C05 PGV YA . -10.72 14.23 -34.66
C06 PGV YA . -9.99 14.25 -35.99
O01 PGV YA . -16.14 15.03 -28.79
O02 PGV YA . -14.70 13.23 -28.90
O03 PGV YA . -14.26 17.43 -28.44
O04 PGV YA . -15.14 19.42 -27.70
O05 PGV YA . -10.72 12.88 -34.16
O06 PGV YA . -8.64 13.82 -35.78
O11 PGV YA . -14.44 15.64 -31.89
O12 PGV YA . -12.69 15.07 -33.58
O13 PGV YA . -14.82 16.20 -34.33
O14 PGV YA . -14.80 13.73 -33.49
C1 PGV YA . -15.53 13.83 -28.24
C2 PGV YA . -15.94 13.33 -26.88
C3 PGV YA . -15.07 13.96 -25.80
C4 PGV YA . -15.86 15.01 -25.02
C5 PGV YA . -15.39 15.06 -23.57
C6 PGV YA . -15.70 13.73 -22.89
C19 PGV YA . -14.14 18.73 -27.83
C20 PGV YA . -12.80 19.22 -27.35
C21 PGV YA . -12.35 18.39 -26.15
C22 PGV YA . -11.58 19.26 -25.17
C23 PGV YA . -10.71 18.41 -24.26
C24 PGV YA . -11.53 17.31 -23.60
C25 PGV YA . -10.65 16.47 -22.69
C26 PGV YA . -10.17 17.26 -21.47
C27 PGV YA . -8.67 17.46 -21.48
C28 PGV YA . -7.97 16.60 -20.42
C29 PGV YA . -8.04 15.12 -20.79
C30 PGV YA . -7.43 14.24 -19.71
C31 PGV YA . -5.90 14.29 -19.74
C32 PGV YA . -5.30 13.18 -18.90
C33 PGV YA . -3.78 13.18 -19.00
C34 PGV YA . -3.35 13.18 -20.44
MG BCL ZA . -2.18 6.77 -11.37
CHA BCL ZA . -5.30 5.37 -11.23
CHB BCL ZA . -3.58 9.83 -11.39
CHC BCL ZA . 0.91 8.09 -10.97
CHD BCL ZA . -0.76 3.59 -10.92
NA BCL ZA . -4.05 7.49 -11.47
C1A BCL ZA . -5.16 6.83 -11.39
C2A BCL ZA . -6.39 7.69 -11.42
C3A BCL ZA . -5.81 9.02 -11.84
C4A BCL ZA . -4.36 8.79 -11.56
CMA BCL ZA . -6.07 9.29 -13.31
CAA BCL ZA . -7.04 7.79 -10.05
CBA BCL ZA . -6.01 7.84 -8.93
CGA BCL ZA . -6.63 8.19 -7.60
O1A BCL ZA . -7.83 8.38 -7.51
O2A BCL ZA . -5.79 8.33 -6.43
NB BCL ZA . -1.44 8.67 -11.18
C1B BCL ZA . -2.13 9.82 -11.22
C2B BCL ZA . -1.34 11.07 -11.08
C3B BCL ZA . 0.02 10.52 -10.96
C4B BCL ZA . -0.17 9.06 -11.04
CMB BCL ZA . -1.86 12.48 -11.07
CAB BCL ZA . 1.32 11.21 -10.77
OBB BCL ZA . 2.19 10.71 -10.09
CBB BCL ZA . 1.56 12.52 -11.49
NC BCL ZA . -0.32 6.05 -11.13
C1C BCL ZA . 0.80 6.78 -11.06
C2C BCL ZA . 2.06 5.98 -11.06
C3C BCL ZA . 1.52 4.60 -10.87
C4C BCL ZA . 0.05 4.81 -10.98
CMC BCL ZA . 2.77 6.12 -12.40
CAC BCL ZA . 1.89 4.03 -9.51
CBC BCL ZA . 1.33 4.86 -8.37
ND BCL ZA . -2.76 4.84 -11.08
C1D BCL ZA . -2.20 3.64 -10.96
C2D BCL ZA . -3.19 2.51 -10.83
C3D BCL ZA . -4.44 3.28 -10.94
C4D BCL ZA . -4.11 4.56 -11.11
CMD BCL ZA . -3.16 1.02 -10.65
CAD BCL ZA . -5.90 3.14 -10.96
OBD BCL ZA . -6.55 2.04 -10.83
CBD BCL ZA . -6.51 4.50 -11.13
CGD BCL ZA . -7.38 4.58 -12.34
O1D BCL ZA . -8.58 4.62 -12.23
O2D BCL ZA . -6.82 4.62 -13.68
CED BCL ZA . -7.66 4.35 -14.80
C1 BCL ZA . -6.34 8.70 -5.18
C2 BCL ZA . -6.25 10.20 -5.04
C3 BCL ZA . -7.36 10.89 -4.81
C4 BCL ZA . -8.67 10.17 -4.67
C5 BCL ZA . -7.29 12.39 -4.67
C6 BCL ZA . -8.15 13.03 -5.76
C7 BCL ZA . -7.34 13.23 -7.04
C8 BCL ZA . -8.10 12.80 -8.28
C9 BCL ZA . -9.04 11.63 -8.03
C10 BCL ZA . -7.10 12.44 -9.38
C11 BCL ZA . -7.33 13.27 -10.63
C12 BCL ZA . -6.27 12.94 -11.67
C13 BCL ZA . -6.33 13.90 -12.85
C14 BCL ZA . -7.60 13.67 -13.67
C15 BCL ZA . -5.09 13.71 -13.69
C16 BCL ZA . -5.17 14.47 -15.01
C17 BCL ZA . -4.29 15.71 -14.99
C18 BCL ZA . -5.08 16.98 -14.71
C19 BCL ZA . -6.51 16.90 -15.23
C20 BCL ZA . -4.37 18.19 -15.31
MG BCL AB . -2.71 -11.31 1.10
CHA BCL AB . 0.37 -9.89 1.35
CHB BCL AB . -2.55 -12.38 4.25
CHC BCL AB . -6.03 -12.06 0.90
CHD BCL AB . -2.98 -10.13 -2.21
NA BCL AB . -1.34 -11.20 2.55
C1A BCL AB . -0.21 -10.60 2.52
C2A BCL AB . 0.54 -10.65 3.83
C3A BCL AB . -0.27 -11.64 4.61
C4A BCL AB . -1.48 -11.76 3.76
CMA BCL AB . 0.44 -12.98 4.70
CAA BCL AB . 0.62 -9.31 4.54
CBA BCL AB . -0.73 -8.61 4.68
CGA BCL AB . -0.69 -7.76 5.92
O1A BCL AB . 0.07 -8.03 6.82
O2A BCL AB . -1.54 -6.58 6.06
NB BCL AB . -4.11 -12.07 2.39
C1B BCL AB . -3.87 -12.50 3.64
C2B BCL AB . -5.01 -13.05 4.39
C3B BCL AB . -6.08 -12.96 3.37
C4B BCL AB . -5.41 -12.36 2.19
CMB BCL AB . -5.01 -13.55 5.81
CAB BCL AB . -7.52 -13.36 3.50
OBB BCL AB . -8.39 -12.72 2.94
CBB BCL AB . -7.86 -14.58 4.30
NC BCL AB . -4.11 -11.37 -0.35
C1C BCL AB . -5.36 -11.84 -0.22
C2C BCL AB . -6.04 -12.09 -1.52
C3C BCL AB . -5.07 -11.48 -2.48
C4C BCL AB . -3.99 -10.98 -1.58
CMC BCL AB . -6.18 -13.58 -1.78
CAC BCL AB . -5.70 -10.36 -3.32
CBC BCL AB . -6.24 -9.23 -2.48
ND BCL AB . -1.65 -10.21 -0.24
C1D BCL AB . -1.74 -9.81 -1.52
C2D BCL AB . -0.54 -9.05 -2.00
C3D BCL AB . 0.28 -9.12 -0.79
C4D BCL AB . -0.40 -9.79 0.14
CMD BCL AB . -0.07 -8.36 -3.24
CAD BCL AB . 1.59 -8.71 -0.23
OBD BCL AB . 2.49 -8.03 -0.85
CBD BCL AB . 1.69 -9.20 1.18
CGD BCL AB . 2.84 -10.12 1.37
O1D BCL AB . 3.85 -9.74 1.94
O2D BCL AB . 2.80 -11.47 0.88
CED BCL AB . 4.03 -12.16 0.64
C1 BCL AB . -2.79 -6.64 6.76
C2 BCL AB . -2.62 -7.30 8.11
C3 BCL AB . -2.66 -6.62 9.26
C4 BCL AB . -2.85 -5.13 9.24
C5 BCL AB . -2.49 -7.33 10.58
C6 BCL AB . -2.62 -8.84 10.36
C7 BCL AB . -1.26 -9.54 10.37
C8 BCL AB . -1.10 -10.46 9.16
C9 BCL AB . -1.83 -11.78 9.36
C10 BCL AB . 0.40 -10.63 8.86
C11 BCL AB . 0.75 -12.02 8.34
C12 BCL AB . 1.52 -12.83 9.37
C13 BCL AB . 1.94 -14.19 8.83
C14 BCL AB . 3.00 -14.03 7.74
C15 BCL AB . 0.71 -14.94 8.32
C16 BCL AB . 0.86 -16.44 8.57
C17 BCL AB . 0.71 -16.76 10.05
C18 BCL AB . 1.10 -18.20 10.35
C19 BCL AB . 0.35 -18.75 11.56
C20 BCL AB . 2.62 -18.31 10.55
C1 CDL BB . 11.96 27.94 13.16
O1 CDL BB . 13.18 27.31 12.74
CA2 CDL BB . 10.98 26.86 13.60
OA2 CDL BB . 11.05 25.74 12.72
PA1 CDL BB . 10.63 24.27 13.23
OA3 CDL BB . 11.57 23.89 14.36
OA4 CDL BB . 9.14 24.22 13.44
OA5 CDL BB . 10.98 23.31 12.00
CA3 CDL BB . 10.44 22.00 11.94
CA4 CDL BB . 11.23 21.18 10.92
OA6 CDL BB . 12.00 22.05 10.09
CA5 CDL BB . 13.20 21.37 9.60
OA7 CDL BB . 13.48 20.28 10.06
C11 CDL BB . 14.05 22.02 8.54
CA6 CDL BB . 10.24 20.39 10.08
OA8 CDL BB . 10.28 19.03 10.49
CA7 CDL BB . 9.06 18.25 10.61
OA9 CDL BB . 7.98 18.80 10.52
C31 CDL BB . 9.18 16.77 10.85
C32 CDL BB . 7.81 16.13 11.03
C33 CDL BB . 7.99 14.72 11.56
C34 CDL BB . 6.92 13.76 11.07
C35 CDL BB . 7.36 12.33 11.36
C36 CDL BB . 6.42 11.32 10.70
C37 CDL BB . 7.06 9.94 10.63
C38 CDL BB . 8.23 9.95 9.65
C39 CDL BB . 8.44 8.59 9.00
C40 CDL BB . 9.03 8.75 7.60
C41 CDL BB . 9.21 7.41 6.91
C42 CDL BB . 10.32 6.60 7.54
C43 CDL BB . 10.58 5.32 6.75
C44 CDL BB . 11.75 4.54 7.33
C45 CDL BB . 11.60 3.06 7.02
C46 CDL BB . 12.47 2.21 7.93
C47 CDL BB . 12.05 2.36 9.38
CB2 CDL BB . 11.39 28.76 12.01
OB2 CDL BB . 12.45 29.36 11.27
PB2 CDL BB . 12.14 30.36 10.05
OB3 CDL BB . 12.58 31.75 10.47
OB4 CDL BB . 10.73 30.12 9.58
OB5 CDL BB . 13.13 29.83 8.91
CB3 CDL BB . 12.82 29.98 7.52
CB4 CDL BB . 12.81 28.58 6.91
OB6 CDL BB . 12.68 28.61 5.49
CB5 CDL BB . 13.76 27.87 4.86
OB7 CDL BB . 14.91 28.27 5.00
C51 CDL BB . 13.48 26.61 4.07
C52 CDL BB . 12.59 26.89 2.86
C53 CDL BB . 12.37 25.60 2.06
C54 CDL BB . 13.57 25.29 1.18
C55 CDL BB . 13.35 24.02 0.36
C56 CDL BB . 13.61 22.76 1.19
C57 CDL BB . 15.10 22.56 1.48
C58 CDL BB . 15.84 22.02 0.27
C59 CDL BB . 15.36 20.62 -0.09
C60 CDL BB . 15.91 19.60 0.90
C61 CDL BB . 14.88 18.52 1.21
C62 CDL BB . 13.76 19.05 2.11
C63 CDL BB . 12.86 17.93 2.59
C64 CDL BB . 12.00 17.39 1.46
C65 CDL BB . 12.34 15.94 1.12
C66 CDL BB . 11.55 14.97 1.98
C67 CDL BB . 11.67 13.55 1.44
CB6 CDL BB . 11.64 27.79 7.48
OB8 CDL BB . 11.56 26.54 6.81
CB7 CDL BB . 10.55 25.57 7.18
OB9 CDL BB . 9.75 25.84 8.04
C71 CDL BB . 10.53 24.24 6.47
C72 CDL BB . 9.38 23.39 7.00
C73 CDL BB . 9.39 22.01 6.37
C74 CDL BB . 9.49 22.08 4.86
C75 CDL BB . 9.08 20.76 4.23
C76 CDL BB . 9.44 20.72 2.75
C77 CDL BB . 8.83 21.91 2.01
C78 CDL BB . 8.93 21.72 0.50
C79 CDL BB . 10.38 21.62 0.05
C80 CDL BB . 10.69 20.26 -0.58
C81 CDL BB . 9.71 19.93 -1.68
C82 CDL BB . 10.33 18.97 -2.70
C83 CDL BB . 10.99 17.78 -2.01
C84 CDL BB . 10.93 16.55 -2.90
C85 CDL BB . 11.81 15.42 -2.38
C86 CDL BB . 13.28 15.76 -2.60
C87 CDL BB . 14.14 14.52 -2.41
P PGV CB . -13.26 37.86 -3.48
C01 PGV CB . -13.26 36.30 -6.94
C02 PGV CB . -14.75 36.28 -6.60
C03 PGV CB . -14.99 37.03 -5.29
C04 PGV CB . -15.19 38.73 -1.92
C05 PGV CB . -15.48 38.86 -0.43
C06 PGV CB . -14.17 38.94 0.34
O01 PGV CB . -15.17 34.93 -6.50
O02 PGV CB . -17.22 35.44 -7.41
O03 PGV CB . -12.99 37.38 -7.82
O04 PGV CB . -10.73 37.23 -7.48
O05 PGV CB . -16.21 37.71 0.01
O06 PGV CB . -13.60 37.64 0.48
O11 PGV CB . -13.89 36.74 -4.43
O12 PGV CB . -14.12 37.81 -2.14
O13 PGV CB . -11.86 37.43 -3.12
O14 PGV CB . -13.46 39.21 -4.14
C1 PGV CB . -16.27 34.68 -7.41
C2 PGV CB . -16.25 33.50 -8.34
C3 PGV CB . -17.33 33.68 -9.39
C4 PGV CB . -17.41 32.46 -10.30
C5 PGV CB . -16.04 32.08 -10.83
C6 PGV CB . -16.12 30.87 -11.77
C19 PGV CB . -11.62 37.68 -8.17
C20 PGV CB . -11.30 38.53 -9.39
C21 PGV CB . -9.79 38.56 -9.60
C22 PGV CB . -9.30 37.28 -10.26
C23 PGV CB . -7.91 36.91 -9.74
C24 PGV CB . -7.40 35.63 -10.40
C25 PGV CB . -6.03 35.28 -9.84
C26 PGV CB . -5.32 34.27 -10.72
C27 PGV CB . -3.95 33.93 -10.14
C28 PGV CB . -4.09 33.41 -8.71
C26 UQ8 DB . 6.55 45.54 -16.81
C24 UQ8 DB . 5.97 44.33 -16.10
C25 UQ8 DB . 5.08 43.38 -16.86
C23 UQ8 DB . 6.25 44.11 -14.81
C22 UQ8 DB . 5.67 42.92 -14.08
C21 UQ8 DB . 6.79 42.10 -13.45
C19 UQ8 DB . 6.97 40.80 -14.22
C20 UQ8 DB . 8.24 40.02 -14.06
C18 UQ8 DB . 6.00 40.36 -15.02
C17 UQ8 DB . 6.14 39.06 -15.80
C16 UQ8 DB . 4.77 38.38 -15.89
C14 UQ8 DB . 4.50 37.55 -14.65
C15 UQ8 DB . 3.22 37.76 -13.90
C13 UQ8 DB . 5.40 36.65 -14.23
C12 UQ8 DB . 5.12 35.82 -13.00
C11 UQ8 DB . 5.15 34.32 -13.32
C9 UQ8 DB . 4.57 34.03 -14.67
C10 UQ8 DB . 3.13 34.35 -14.98
C8 UQ8 DB . 5.32 33.48 -15.62
C7 UQ8 DB . 6.77 33.09 -15.40
C6 UQ8 DB . 7.02 31.82 -16.18
C1 UQ8 DB . 8.12 31.78 -17.19
C1M UQ8 DB . 8.99 32.98 -17.42
C2 UQ8 DB . 8.37 30.53 -17.98
O2 UQ8 DB . 9.30 30.50 -18.81
C3 UQ8 DB . 7.53 29.32 -17.74
O3 UQ8 DB . 7.75 28.18 -18.46
C3M UQ8 DB . 8.86 27.34 -18.14
C4 UQ8 DB . 6.44 29.38 -16.74
O4 UQ8 DB . 5.65 28.27 -16.54
C4M UQ8 DB . 4.29 28.32 -16.92
C5 UQ8 DB . 6.17 30.61 -15.96
O5 UQ8 DB . 5.25 30.62 -15.12
FE FE EB . -8.82 11.94 14.71
MG BCL FB . -5.03 -5.57 -7.74
CHA BCL FB . -7.57 -6.76 -5.83
CHB BCL FB . -4.61 -3.04 -5.61
CHC BCL FB . -2.54 -4.46 -9.72
CHD BCL FB . -4.81 -8.69 -9.36
NA BCL FB . -6.05 -4.86 -6.17
C1A BCL FB . -7.08 -5.39 -5.59
C2A BCL FB . -7.62 -4.57 -4.45
C3A BCL FB . -6.74 -3.34 -4.48
C4A BCL FB . -5.73 -3.74 -5.50
CMA BCL FB . -7.49 -2.07 -4.83
CAA BCL FB . -7.35 -5.22 -3.10
CBA BCL FB . -8.62 -5.30 -2.28
CGA BCL FB . -8.36 -4.84 -0.86
O1A BCL FB . -8.89 -3.82 -0.46
O2A BCL FB . -7.49 -5.59 0.03
NB BCL FB . -3.73 -3.99 -7.67
C1B BCL FB . -3.70 -3.02 -6.75
C2B BCL FB . -2.69 -1.96 -6.92
C3B BCL FB . -2.05 -2.38 -8.18
C4B BCL FB . -2.78 -3.63 -8.54
CMB BCL FB . -2.46 -0.80 -5.98
CAB BCL FB . -0.91 -1.77 -8.96
OBB BCL FB . -0.51 -2.30 -9.96
CBB BCL FB . -0.28 -0.50 -8.50
NC BCL FB . -3.93 -6.35 -9.23
C1C BCL FB . -3.00 -5.69 -9.93
C2C BCL FB . -2.42 -6.48 -11.06
C3C BCL FB . -3.00 -7.84 -10.80
C4C BCL FB . -3.97 -7.55 -9.70
CMC BCL FB . -2.97 -5.98 -12.39
CAC BCL FB . -1.97 -8.86 -10.32
CBC BCL FB . -1.02 -9.25 -11.42
ND BCL FB . -5.89 -7.41 -7.68
C1D BCL FB . -5.84 -8.58 -8.33
C2D BCL FB . -6.82 -9.60 -7.85
C3D BCL FB . -7.49 -8.80 -6.85
C4D BCL FB . -6.94 -7.59 -6.82
CMD BCL FB . -7.24 -11.02 -8.14
CAD BCL FB . -8.56 -8.87 -5.83
OBD BCL FB . -9.32 -9.88 -5.60
CBD BCL FB . -8.66 -7.55 -5.17
CGD BCL FB . -9.97 -6.98 -5.59
O1D BCL FB . -10.99 -7.27 -5.01
O2D BCL FB . -10.06 -6.09 -6.74
CED BCL FB . -11.12 -6.26 -7.68
C1 BCL FB . -8.00 -6.01 1.30
C2 BCL FB . -7.57 -7.43 1.56
C3 BCL FB . -8.18 -8.25 2.41
C4 BCL FB . -7.65 -9.63 2.58
C5 BCL FB . -9.41 -7.83 3.19
C6 BCL FB . -10.11 -9.04 3.79
C7 BCL FB . -10.00 -9.09 5.31
C8 BCL FB . -10.25 -10.48 5.89
C9 BCL FB . -11.51 -10.49 6.74
C10 BCL FB . -9.02 -10.93 6.66
C11 BCL FB . -9.30 -11.77 7.89
C12 BCL FB . -8.06 -12.56 8.30
C13 BCL FB . -8.36 -13.59 9.37
C14 BCL FB . -8.05 -13.03 10.76
C15 BCL FB . -7.55 -14.88 9.15
C16 BCL FB . -6.06 -14.69 9.42
C17 BCL FB . -5.34 -16.03 9.55
C18 BCL FB . -5.76 -17.06 8.51
C19 BCL FB . -5.58 -18.47 9.03
C20 BCL FB . -4.98 -16.90 7.21
O1D BPH GB . -10.69 -7.21 15.40
CGD BPH GB . -10.65 -6.49 14.44
O2D BPH GB . -9.92 -5.39 14.37
CED BPH GB . -9.13 -5.07 15.54
CBD BPH GB . -11.42 -6.74 13.18
CHA BPH GB . -10.51 -6.87 11.96
C4D BPH GB . -10.90 -5.85 11.04
C3D BPH GB . -11.94 -5.05 11.52
CAD BPH GB . -12.31 -5.54 12.85
OBD BPH GB . -13.18 -5.12 13.59
C2D BPH GB . -12.22 -4.11 10.53
CMD BPH GB . -13.26 -3.03 10.59
C1D BPH GB . -11.34 -4.34 9.48
ND BPH GB . -10.54 -5.40 9.80
CHD BPH GB . -11.21 -3.67 8.26
C4C BPH GB . -10.32 -3.97 7.23
C3C BPH GB . -10.13 -3.15 5.96
CAC BPH GB . -11.40 -2.76 5.22
CBC BPH GB . -12.18 -1.64 5.87
C2C BPH GB . -9.20 -4.02 5.12
CMC BPH GB . -8.03 -3.28 4.46
C1C BPH GB . -8.75 -5.08 6.10
NC BPH GB . -9.46 -5.05 7.26
CHC BPH GB . -7.75 -6.01 5.81
C4B BPH GB . -7.17 -7.06 6.62
C3B BPH GB . -6.16 -8.00 6.26
CAB BPH GB . -5.42 -8.10 4.97
CBB BPH GB . -5.21 -6.88 4.13
OBB BPH GB . -5.00 -9.17 4.58
C2B BPH GB . -5.94 -8.83 7.37
CMB BPH GB . -4.97 -9.96 7.49
C1B BPH GB . -6.83 -8.42 8.39
NB BPH GB . -7.55 -7.35 7.91
CHB BPH GB . -6.92 -8.99 9.64
C4A BPH GB . -7.80 -8.69 10.69
C3A BPH GB . -7.77 -9.35 12.04
CMA BPH GB . -6.48 -9.01 12.78
C2A BPH GB . -9.06 -8.87 12.68
C1A BPH GB . -9.49 -7.78 11.75
NA BPH GB . -8.79 -7.75 10.58
CAA BPH GB . -10.13 -9.95 12.76
CBA BPH GB . -9.60 -11.18 13.49
CGA BPH GB . -10.57 -12.31 13.45
O1A BPH GB . -11.70 -12.24 13.06
O2A BPH GB . -10.01 -13.42 13.89
C1 BPH GB . -10.87 -14.57 13.98
C2 BPH GB . -10.04 -15.80 14.18
C3 BPH GB . -9.20 -16.03 15.18
C4 BPH GB . -8.97 -15.08 16.31
C5 BPH GB . -8.44 -17.34 15.26
C6 BPH GB . -7.42 -17.39 16.34
C7 BPH GB . -7.07 -18.83 16.70
C8 BPH GB . -5.85 -19.03 17.59
C9 BPH GB . -5.65 -17.90 18.57
C10 BPH GB . -4.58 -19.32 16.79
C11 BPH GB . -3.42 -19.86 17.60
C12 BPH GB . -2.07 -19.94 16.90
C13 BPH GB . -1.31 -18.62 16.75
C14 BPH GB . -1.77 -17.83 15.54
C15 BPH GB . 0.21 -18.84 16.73
C16 BPH GB . 1.06 -17.58 16.80
C17 BPH GB . 1.15 -16.91 18.15
C18 BPH GB . -0.03 -16.03 18.56
C19 BPH GB . -0.15 -14.80 17.68
C20 BPH GB . 0.05 -15.64 20.03
C1 MQ8 HB . -8.37 17.43 8.76
O1 MQ8 HB . -7.63 16.65 9.39
C2 MQ8 HB . -8.36 17.43 7.27
C2M MQ8 HB . -7.45 16.48 6.55
C3 MQ8 HB . -9.25 18.35 6.53
C4 MQ8 HB . -10.14 19.27 7.27
O4 MQ8 HB . -10.88 20.06 6.65
C5 MQ8 HB . -10.14 19.28 8.76
C6 MQ8 HB . -10.97 20.13 9.47
C7 MQ8 HB . -10.96 20.11 10.85
C8 MQ8 HB . -10.13 19.24 11.55
C9 MQ8 HB . -9.28 18.37 10.88
C10 MQ8 HB . -9.27 18.36 9.50
C11 MQ8 HB . -9.28 18.38 5.00
C12 MQ8 HB . -10.03 17.19 4.45
C13 MQ8 HB . -11.13 17.29 3.68
C14 MQ8 HB . -11.70 18.64 3.35
C15 MQ8 HB . -11.80 16.04 3.18
C16 MQ8 HB . -11.82 16.03 1.65
C17 MQ8 HB . -10.42 16.04 1.10
C18 MQ8 HB . -10.02 15.18 0.16
C19 MQ8 HB . -10.97 14.17 -0.39
C20 MQ8 HB . -8.60 15.20 -0.36
C21 MQ8 HB . -8.37 16.39 -1.29
C22 MQ8 HB . -8.88 16.05 -2.67
C23 MQ8 HB . -9.12 16.97 -3.61
C24 MQ8 HB . -9.63 16.54 -4.95
C25 MQ8 HB . -8.87 18.45 -3.37
C26 MQ8 HB . -8.28 19.02 -4.65
C27 MQ8 HB . -8.51 20.51 -4.75
C28 MQ8 HB . -7.62 21.29 -5.41
C29 MQ8 HB . -6.41 20.68 -6.03
C30 MQ8 HB . -7.85 22.78 -5.50
C31 MQ8 HB . -7.70 23.20 -6.96
C32 MQ8 HB . -7.90 24.69 -7.07
C33 MQ8 HB . -7.12 25.46 -7.85
C34 MQ8 HB . -7.37 26.93 -7.91
C35 MQ8 HB . -6.02 24.85 -8.68
C36 MQ8 HB . -6.35 25.04 -10.15
C37 MQ8 HB . -5.36 24.30 -11.01
C38 MQ8 HB . -5.72 23.76 -12.19
C39 MQ8 HB . -4.69 23.02 -13.00
C40 MQ8 HB . -7.13 23.88 -12.71
C41 MQ8 HB . -7.38 22.86 -13.81
C42 MQ8 HB . -8.84 22.86 -14.21
C43 MQ8 HB . -9.22 23.21 -15.44
C44 MQ8 HB . -10.68 23.19 -15.83
C45 MQ8 HB . -8.18 23.62 -16.46
C46 MQ8 HB . -11.14 24.60 -16.19
C47 MQ8 HB . -12.56 24.54 -16.72
C48 MQ8 HB . -13.47 25.46 -16.36
C49 MQ8 HB . -13.11 26.57 -15.43
C50 MQ8 HB . -14.87 25.37 -16.90
C1M CRT IB . 3.26 -24.66 15.82
O1 CRT IB . 2.23 -24.38 14.87
C1 CRT IB . 1.41 -25.43 14.38
C2 CRT IB . 2.29 -26.48 13.70
C3 CRT IB . 0.64 -26.02 15.54
C4 CRT IB . 0.45 -24.86 13.36
C5 CRT IB . 1.15 -23.91 12.41
C6 CRT IB . 0.54 -23.60 11.28
C7 CRT IB . 1.10 -22.68 10.27
C8 CRT IB . 2.58 -22.40 10.20
C9 CRT IB . 0.24 -22.11 9.43
C10 CRT IB . 0.61 -21.16 8.38
C11 CRT IB . -0.41 -20.69 7.68
C12 CRT IB . -0.30 -19.73 6.57
C13 CRT IB . 1.02 -19.19 6.12
C14 CRT IB . -1.44 -19.34 5.99
C15 CRT IB . -1.58 -18.39 4.91
C16 CRT IB . -2.84 -18.07 4.63
C17 CRT IB . -3.28 -17.11 3.60
C18 CRT IB . -2.32 -16.10 3.04
C19 CRT IB . -4.57 -17.13 3.23
C20 CRT IB . -5.11 -16.20 2.25
C21 CRT IB . -6.29 -16.36 1.65
C22 CRT IB . -7.14 -17.53 1.81
C23 CRT IB . -8.45 -17.44 1.53
C24 CRT IB . -9.01 -16.12 1.07
C25 CRT IB . -9.36 -18.59 1.64
C26 CRT IB . -10.67 -18.44 1.80
C27 CRT IB . -11.52 -19.63 1.84
C28 CRT IB . -12.82 -19.62 2.13
C29 CRT IB . -13.55 -18.35 2.46
C30 CRT IB . -13.54 -20.90 2.08
C31 CRT IB . -14.69 -21.17 2.68
C32 CRT IB . -15.21 -22.50 2.41
C33 CRT IB . -16.31 -23.04 2.92
C34 CRT IB . -17.18 -22.30 3.88
C35 CRT IB . -16.66 -24.40 2.47
C36 CRT IB . -17.73 -25.07 2.88
C37 CRT IB . -17.97 -26.44 2.29
C38 CRT IB . -18.06 -27.52 3.36
C39 CRT IB . -18.72 -26.99 4.62
C40 CRT IB . -18.81 -28.72 2.81
O2 CRT IB . -16.74 -27.93 3.69
C2M CRT IB . -16.52 -28.94 4.67
C1 MQ8 JB . 13.31 -15.33 7.26
O1 MQ8 JB . 14.18 -14.48 7.55
C2 MQ8 JB . 12.50 -15.97 8.32
C2M MQ8 JB . 12.74 -15.59 9.75
C3 MQ8 JB . 11.47 -16.99 7.98
C4 MQ8 JB . 11.24 -17.35 6.55
O4 MQ8 JB . 10.38 -18.20 6.25
C5 MQ8 JB . 12.05 -16.72 5.48
C6 MQ8 JB . 11.87 -17.04 4.15
C7 MQ8 JB . 12.64 -16.44 3.17
C8 MQ8 JB . 13.60 -15.49 3.51
C9 MQ8 JB . 13.83 -15.12 4.83
C10 MQ8 JB . 13.09 -15.71 5.84
C11 MQ8 JB . 10.65 -17.60 9.10
C12 MQ8 JB . 10.46 -19.10 9.10
C13 MQ8 JB . 9.96 -19.66 10.20
C14 MQ8 JB . 9.64 -18.79 11.39
C15 MQ8 JB . 9.75 -21.16 10.27
C16 MQ8 JB . 8.27 -21.58 10.24
C17 MQ8 JB . 7.56 -21.30 11.55
C18 MQ8 JB . 7.14 -22.28 12.36
C19 MQ8 JB . 6.43 -21.94 13.63
C20 MQ8 JB . 7.41 -23.73 12.01
C21 MQ8 JB . 8.04 -24.49 13.15
C22 MQ8 JB . 9.43 -23.99 13.46
C23 MQ8 JB . 10.11 -24.53 14.49
C24 MQ8 JB . 9.48 -25.63 15.30
C25 MQ8 JB . 11.51 -24.04 14.82
C26 MQ8 JB . 11.52 -22.85 15.77
C27 MQ8 JB . 10.99 -23.22 17.15
C28 MQ8 JB . 11.80 -23.49 18.19
C29 MQ8 JB . 11.17 -23.85 19.51
C30 MQ8 JB . 13.31 -23.44 18.08
C31 MQ8 JB . 13.85 -24.78 17.57
C32 MQ8 JB . 14.40 -25.61 18.70
C33 MQ8 JB . 14.37 -26.95 18.66
C34 MQ8 JB . 14.93 -27.75 19.80
C35 MQ8 JB . 13.77 -27.69 17.48
C36 MQ8 JB . 14.82 -27.98 16.42
C37 MQ8 JB . 14.44 -27.23 15.17
C38 MQ8 JB . 15.22 -26.27 14.65
C39 MQ8 JB . 16.53 -25.93 15.32
C40 MQ8 JB . 14.79 -25.53 13.42
C41 MQ8 JB . 15.95 -24.75 12.83
C42 MQ8 JB . 15.44 -23.45 12.23
C43 MQ8 JB . 16.19 -22.33 12.25
C44 MQ8 JB . 15.66 -21.05 11.66
C45 MQ8 JB . 17.57 -22.36 12.86
C46 MQ8 JB . 16.74 -20.42 10.80
C47 MQ8 JB . 16.41 -18.96 10.55
C48 MQ8 JB . 17.33 -18.00 10.82
C49 MQ8 JB . 18.66 -18.39 11.38
C50 MQ8 JB . 17.01 -16.56 10.57
P PGV KB . -0.75 -12.29 33.78
C01 PGV KB . -2.75 -9.64 30.08
C02 PGV KB . -1.45 -10.14 30.72
C03 PGV KB . -1.66 -10.40 32.21
C04 PGV KB . 1.74 -13.14 33.59
C05 PGV KB . 3.07 -13.13 34.32
C06 PGV KB . 3.62 -11.71 34.34
O01 PGV KB . -0.41 -9.19 30.53
O02 PGV KB . 0.73 -11.02 29.68
O03 PGV KB . -2.45 -9.18 28.77
O04 PGV KB . -4.44 -9.92 27.89
O05 PGV KB . 3.99 -13.99 33.66
O06 PGV KB . 4.84 -11.67 35.11
O11 PGV KB . -0.53 -11.06 32.77
O12 PGV KB . 0.72 -12.56 34.40
O13 PGV KB . -1.65 -11.84 34.90
O14 PGV KB . -1.16 -13.49 32.96
C1 PGV KB . 0.75 -9.82 29.91
C2 PGV KB . 1.96 -8.99 29.58
C3 PGV KB . 2.74 -9.64 28.44
C4 PGV KB . 2.00 -9.51 27.12
C19 PGV KB . -3.46 -9.22 27.73
C20 PGV KB . -3.26 -8.41 26.46
C21 PGV KB . -1.95 -8.81 25.80
C22 PGV KB . -2.18 -9.33 24.40
C23 PGV KB . -2.51 -8.18 23.45
C24 PGV KB . -1.25 -7.42 23.07
C25 PGV KB . -1.59 -6.27 22.12
C26 PGV KB . -0.37 -5.77 21.37
C27 PGV KB . 0.56 -4.95 22.28
C28 PGV KB . 1.72 -4.37 21.49
C29 PGV KB . 1.26 -3.83 20.15
C30 PGV KB . 2.10 -2.63 19.69
C31 PGV KB . 1.55 -2.10 18.37
C32 PGV KB . 1.65 -0.57 18.32
C33 PGV KB . 3.10 -0.10 18.44
C34 PGV KB . 3.89 -0.39 17.20
C1 CDL LB . 12.54 14.48 22.36
O1 CDL LB . 12.01 15.65 22.99
CA2 CDL LB . 11.57 14.02 21.29
OA2 CDL LB . 11.62 14.95 20.23
PA1 CDL LB . 10.67 14.79 18.95
OA3 CDL LB . 10.18 13.38 18.87
OA4 CDL LB . 9.69 15.94 18.95
OA5 CDL LB . 11.72 15.08 17.78
CA3 CDL LB . 11.87 14.17 16.69
CA4 CDL LB . 13.14 14.58 15.93
OA6 CDL LB . 13.04 14.20 14.56
CA5 CDL LB . 12.58 12.84 14.31
OA7 CDL LB . 13.08 11.88 14.86
C11 CDL LB . 11.44 12.63 13.34
C12 CDL LB . 11.80 13.21 11.98
CA6 CDL LB . 14.40 14.03 16.61
OA8 CDL LB . 14.20 13.92 18.02
CA7 CDL LB . 15.23 14.35 18.95
OA9 CDL LB . 15.90 15.34 18.68
C31 CDL LB . 15.44 13.60 20.24
C32 CDL LB . 16.61 14.20 21.01
CB2 CDL LB . 12.73 13.39 23.40
OB2 CDL LB . 13.31 12.25 22.77
PB2 CDL LB . 14.20 11.23 23.63
OB3 CDL LB . 15.63 11.72 23.63
OB4 CDL LB . 13.49 10.96 24.93
OB5 CDL LB . 14.14 9.91 22.73
CB3 CDL LB . 15.00 8.81 23.02
CB4 CDL LB . 15.25 8.07 21.73
OB6 CDL LB . 16.46 7.33 21.86
CB5 CDL LB . 16.34 6.02 21.23
OB7 CDL LB . 15.35 5.76 20.57
C51 CDL LB . 17.45 5.01 21.41
C52 CDL LB . 17.20 3.80 20.52
C53 CDL LB . 18.25 2.72 20.78
C54 CDL LB . 17.93 1.44 20.01
C55 CDL LB . 18.09 1.64 18.52
CB6 CDL LB . 15.38 9.07 20.59
OB8 CDL LB . 15.54 8.38 19.36
P PGV MB . -28.94 -9.68 20.57
C01 PGV MB . -26.49 -11.53 17.77
C02 PGV MB . -26.69 -10.07 17.37
C03 PGV MB . -27.24 -9.30 18.58
O01 PGV MB . -27.59 -10.00 16.27
O02 PGV MB . -27.40 -7.76 15.73
O03 PGV MB . -26.31 -12.33 16.61
O04 PGV MB . -26.21 -14.27 17.86
O11 PGV MB . -28.42 -9.93 19.06
O12 PGV MB . -30.40 -10.33 20.54
O13 PGV MB . -29.08 -8.19 20.79
O14 PGV MB . -28.07 -10.48 21.52
C1 PGV MB . -27.29 -8.91 15.35
C2 PGV MB . -26.85 -9.21 13.94
C3 PGV MB . -27.88 -10.06 13.22
C4 PGV MB . -27.45 -10.31 11.78
C5 PGV MB . -28.54 -11.00 10.98
C6 PGV MB . -28.07 -11.29 9.56
C7 PGV MB . -27.61 -10.01 8.87
C19 PGV MB . -26.03 -13.74 16.77
C20 PGV MB . -25.54 -14.57 15.60
C21 PGV MB . -24.89 -15.85 16.13
C22 PGV MB . -24.34 -16.72 15.00
C23 PGV MB . -23.55 -17.90 15.57
C24 PGV MB . -23.54 -19.07 14.59
C25 PGV MB . -22.22 -19.17 13.83
C26 PGV MB . -21.16 -19.90 14.66
C27 PGV MB . -21.76 -21.17 15.27
C28 PGV MB . -20.89 -21.73 16.38
C29 PGV MB . -21.72 -22.58 17.34
C30 PGV MB . -22.70 -21.73 18.14
C1 CDL NB . -27.08 5.87 15.32
O1 CDL NB . -26.92 5.82 16.74
CA2 CDL NB . -27.41 4.48 14.80
OA2 CDL NB . -27.80 4.51 13.43
PA1 CDL NB . -28.86 3.44 12.88
OA3 CDL NB . -28.63 2.12 13.60
OA4 CDL NB . -30.23 4.07 12.87
OA5 CDL NB . -28.41 3.22 11.34
CA3 CDL NB . -29.09 2.27 10.53
CA4 CDL NB . -28.15 1.11 10.26
OA6 CDL NB . -27.82 1.03 8.87
CA5 CDL NB . -26.96 -0.11 8.61
OA7 CDL NB . -26.02 -0.32 9.36
C11 CDL NB . -27.22 -1.04 7.46
C12 CDL NB . -26.50 -2.36 7.72
C13 CDL NB . -25.12 -2.35 7.07
C14 CDL NB . -24.31 -3.57 7.52
C15 CDL NB . -23.57 -4.21 6.35
C16 CDL NB . -22.75 -3.18 5.56
C17 CDL NB . -21.52 -3.82 4.94
C18 CDL NB . -21.87 -5.14 4.26
C19 CDL NB . -22.15 -4.94 2.77
C20 CDL NB . -22.77 -6.20 2.18
C21 CDL NB . -22.52 -6.31 0.68
C22 CDL NB . -23.03 -5.08 -0.06
C23 CDL NB . -22.82 -5.22 -1.57
C24 CDL NB . -23.55 -4.12 -2.32
CA6 CDL NB . -28.85 -0.18 10.66
OA8 CDL NB . -28.79 -0.37 12.07
CA7 CDL NB . -29.40 -1.56 12.64
OA9 CDL NB . -30.09 -2.27 11.92
C31 CDL NB . -29.20 -1.93 14.09
C32 CDL NB . -27.72 -2.22 14.36
C33 CDL NB . -27.14 -3.16 13.30
C34 CDL NB . -27.89 -4.48 13.25
C35 CDL NB . -27.59 -5.23 11.95
C36 CDL NB . -26.13 -5.67 11.89
C37 CDL NB . -25.49 -5.29 10.55
C38 CDL NB . -25.90 -6.25 9.44
C39 CDL NB . -24.69 -7.01 8.91
C40 CDL NB . -24.49 -8.32 9.65
C41 CDL NB . -23.13 -8.93 9.32
C42 CDL NB . -23.12 -10.44 9.56
C43 CDL NB . -21.74 -11.06 9.34
C44 CDL NB . -21.08 -10.54 8.06
C45 CDL NB . -21.80 -10.97 6.79
C46 CDL NB . -21.14 -10.32 5.58
C47 CDL NB . -21.89 -10.64 4.30
CB2 CDL NB . -25.81 6.41 14.68
OB2 CDL NB . -26.07 6.72 13.32
PB2 CDL NB . -25.04 7.63 12.46
OB3 CDL NB . -23.64 7.18 12.78
OB4 CDL NB . -25.42 9.08 12.62
OB5 CDL NB . -25.42 7.16 10.98
CB3 CDL NB . -25.28 8.06 9.88
CB4 CDL NB . -25.74 7.35 8.61
OB6 CDL NB . -24.75 6.38 8.28
CB5 CDL NB . -25.32 5.07 8.02
OB7 CDL NB . -26.52 4.90 8.21
C51 CDL NB . -24.43 3.95 7.56
C52 CDL NB . -25.26 2.72 7.21
C53 CDL NB . -24.35 1.53 6.91
C54 CDL NB . -23.33 1.90 5.85
C55 CDL NB . -23.33 0.90 4.70
C56 CDL NB . -24.74 0.72 4.12
C57 CDL NB . -24.68 -0.02 2.79
C58 CDL NB . -23.89 0.81 1.78
C59 CDL NB . -23.59 0.02 0.52
C60 CDL NB . -22.62 0.80 -0.35
C61 CDL NB . -22.45 0.16 -1.72
C62 CDL NB . -23.75 0.24 -2.51
C63 CDL NB . -23.45 0.22 -4.00
C64 CDL NB . -24.68 0.62 -4.80
C65 CDL NB . -24.31 0.94 -6.25
C66 CDL NB . -23.59 -0.23 -6.90
C67 CDL NB . -24.55 -1.35 -7.23
CB6 CDL NB . -25.82 8.36 7.47
OB8 CDL NB . -26.38 7.76 6.31
CB7 CDL NB . -25.70 7.92 5.04
OB9 CDL NB . -24.48 8.02 5.04
C71 CDL NB . -26.47 7.99 3.75
C72 CDL NB . -25.52 8.35 2.62
C73 CDL NB . -25.52 7.27 1.55
C74 CDL NB . -25.88 7.84 0.19
C75 CDL NB . -27.29 8.40 0.20
C76 CDL NB . -27.74 8.86 -1.18
C77 CDL NB . -27.89 7.69 -2.14
C78 CDL NB . -28.27 8.20 -3.53
C79 CDL NB . -28.35 7.07 -4.54
C80 CDL NB . -29.52 6.14 -4.25
C81 CDL NB . -29.69 5.10 -5.34
C82 CDL NB . -28.61 4.03 -5.29
C83 CDL NB . -28.84 2.96 -6.36
C84 CDL NB . -28.82 3.59 -7.74
C85 CDL NB . -29.93 3.01 -8.62
P PGV OB . -20.01 3.49 -21.47
C01 PGV OB . -19.03 4.76 -18.01
C02 PGV OB . -18.01 3.78 -18.56
C03 PGV OB . -18.75 2.66 -19.29
C04 PGV OB . -18.60 5.08 -23.06
C05 PGV OB . -17.18 5.62 -23.09
C06 PGV OB . -17.04 6.66 -21.99
O01 PGV OB . -17.18 3.29 -17.51
O02 PGV OB . -15.58 2.49 -18.94
O03 PGV OB . -18.44 5.59 -17.01
O04 PGV OB . -18.61 7.60 -18.12
O05 PGV OB . -16.91 6.23 -24.36
O06 PGV OB . -17.53 6.12 -20.76
O11 PGV OB . -19.89 3.27 -19.89
O12 PGV OB . -18.89 4.60 -21.73
O13 PGV OB . -21.35 4.11 -21.76
O14 PGV OB . -19.58 2.23 -22.17
C1 PGV OB . -15.80 3.16 -17.95
C2 PGV OB . -14.67 3.86 -17.23
C3 PGV OB . -14.79 3.72 -15.71
C4 PGV OB . -13.67 4.54 -15.08
C5 PGV OB . -13.64 4.47 -13.57
C6 PGV OB . -12.91 5.70 -13.01
C7 PGV OB . -12.22 5.41 -11.68
C8 PGV OB . -11.66 6.70 -11.09
C9 PGV OB . -10.79 7.44 -12.09
C10 PGV OB . -10.88 8.94 -11.91
C19 PGV OB . -18.67 7.01 -17.05
C20 PGV OB . -19.02 7.77 -15.80
C21 PGV OB . -18.70 9.24 -16.00
C22 PGV OB . -17.19 9.47 -15.90
C23 PGV OB . -16.75 9.46 -14.44
C24 PGV OB . -17.39 10.61 -13.70
C25 PGV OB . -16.85 10.74 -12.29
C26 PGV OB . -15.93 11.94 -12.14
C27 PGV OB . -14.55 11.68 -12.76
C1 CDL PB . -19.95 29.87 -1.31
O1 CDL PB . -20.64 29.33 -2.44
CA2 CDL PB . -19.10 31.04 -1.77
OA2 CDL PB . -19.80 31.70 -2.83
PA1 CDL PB . -18.97 32.46 -3.97
OA3 CDL PB . -19.79 33.62 -4.48
OA4 CDL PB . -17.57 32.69 -3.46
OA5 CDL PB . -18.96 31.30 -5.09
CA3 CDL PB . -17.93 31.21 -6.07
CA4 CDL PB . -17.29 29.82 -5.97
OA6 CDL PB . -16.14 29.82 -5.12
CA5 CDL PB . -14.99 30.58 -5.57
OA7 CDL PB . -15.02 31.80 -5.56
C11 CDL PB . -13.74 29.88 -6.05
C12 CDL PB . -12.75 30.89 -6.62
C13 CDL PB . -11.58 30.17 -7.27
C14 CDL PB . -10.57 31.13 -7.90
C15 CDL PB . -9.57 30.36 -8.76
C16 CDL PB . -8.51 31.26 -9.38
C17 CDL PB . -7.42 31.66 -8.38
C18 CDL PB . -7.02 30.48 -7.50
C19 CDL PB . -5.55 30.55 -7.10
C20 CDL PB . -5.22 29.45 -6.10
C21 CDL PB . -3.71 29.42 -5.81
C22 CDL PB . -2.94 28.89 -7.01
CA6 CDL PB . -16.94 29.27 -7.35
OA8 CDL PB . -17.22 27.87 -7.37
CA7 CDL PB . -16.74 27.05 -8.47
OA9 CDL PB . -15.89 27.51 -9.22
C31 CDL PB . -17.26 25.64 -8.69
C32 CDL PB . -16.61 24.68 -7.71
C33 CDL PB . -17.17 23.27 -7.87
C34 CDL PB . -17.04 22.77 -9.31
CB2 CDL PB . -19.07 28.79 -0.70
OB2 CDL PB . -19.13 27.64 -1.53
PB2 CDL PB . -18.96 26.19 -0.85
OB3 CDL PB . -17.93 26.31 0.24
OB4 CDL PB . -20.34 25.68 -0.53
OB5 CDL PB . -18.36 25.28 -2.03
CB3 CDL PB . -17.89 23.96 -1.73
CB4 CDL PB . -17.38 23.27 -2.98
OB6 CDL PB . -16.39 22.33 -2.60
CB5 CDL PB . -16.57 21.02 -3.20
OB7 CDL PB . -17.52 20.81 -3.92
C51 CDL PB . -15.59 19.90 -2.92
C52 CDL PB . -16.17 18.58 -3.35
C53 CDL PB . -15.16 17.45 -3.17
C54 CDL PB . -15.66 16.17 -3.82
C55 CDL PB . -14.58 15.10 -3.91
C56 CDL PB . -15.17 13.79 -4.41
C57 CDL PB . -14.11 12.71 -4.61
C58 CDL PB . -13.16 12.62 -3.42
C59 CDL PB . -12.36 11.33 -3.46
C60 CDL PB . -13.11 10.20 -2.78
C61 CDL PB . -12.50 9.90 -1.41
C62 CDL PB . -13.41 8.99 -0.60
C63 CDL PB . -14.69 9.71 -0.21
C64 CDL PB . -15.53 8.86 0.73
CB6 CDL PB . -16.74 24.33 -3.87
OB8 CDL PB . -15.41 24.53 -3.44
CB7 CDL PB . -14.76 25.79 -3.73
OB9 CDL PB . -15.45 26.80 -3.76
C71 CDL PB . -13.29 25.86 -3.98
C72 CDL PB . -12.92 25.18 -5.30
C73 CDL PB . -12.94 23.67 -5.16
C74 CDL PB . -12.56 22.98 -6.46
C75 CDL PB . -12.90 21.49 -6.37
C76 CDL PB . -12.26 20.70 -7.51
C77 CDL PB . -12.79 19.27 -7.49
C78 CDL PB . -11.99 18.36 -8.42
C79 CDL PB . -12.43 16.92 -8.25
C80 CDL PB . -11.30 15.97 -8.65
C81 CDL PB . -11.70 14.51 -8.47
C82 CDL PB . -12.84 14.13 -9.41
C83 CDL PB . -12.81 12.64 -9.71
C84 CDL PB . -13.00 11.81 -8.44
C85 CDL PB . -12.83 10.32 -8.73
C86 CDL PB . -13.20 9.48 -7.53
C87 CDL PB . -13.18 8.00 -7.86
C1 CDL QB . -32.78 23.11 -0.80
O1 CDL QB . -32.89 22.70 0.57
CA2 CDL QB . -31.60 22.40 -1.43
OA2 CDL QB . -31.90 21.02 -1.54
PA1 CDL QB . -30.75 19.92 -1.80
OA3 CDL QB . -30.18 19.50 -0.47
OA4 CDL QB . -29.83 20.45 -2.87
OA5 CDL QB . -31.58 18.68 -2.40
CA3 CDL QB . -30.94 17.44 -2.65
CA4 CDL QB . -31.76 16.65 -3.64
CA6 CDL QB . -31.73 17.36 -4.99
OA8 CDL QB . -30.38 17.42 -5.46
CA7 CDL QB . -30.08 18.15 -6.68
OA9 CDL QB . -30.83 19.05 -7.04
C31 CDL QB . -28.85 17.82 -7.49
CB2 CDL QB . -32.57 24.61 -0.86
OB2 CDL QB . -32.08 24.93 -2.15
PB2 CDL QB . -32.96 25.81 -3.18
OB3 CDL QB . -32.46 27.22 -3.16
OB4 CDL QB . -34.41 25.50 -2.95
OB5 CDL QB . -32.49 25.11 -4.55
CB3 CDL QB . -33.01 25.48 -5.83
CB4 CDL QB . -32.55 24.39 -6.79
OB6 CDL QB . -31.13 24.29 -6.72
CB5 CDL QB . -30.68 22.95 -7.03
OB7 CDL QB . -31.46 22.01 -6.89
C51 CDL QB . -29.28 22.71 -7.52
C52 CDL QB . -29.26 21.49 -8.44
CB6 CDL QB . -32.99 24.73 -8.22
OB8 CDL QB . -33.27 23.50 -8.90
CB7 CDL QB . -34.11 23.47 -10.07
OB9 CDL QB . -34.22 24.48 -10.76
C71 CDL QB . -34.87 22.22 -10.42
C72 CDL QB . -33.87 21.17 -10.88
C73 CDL QB . -33.05 21.67 -12.06
P PGV RB . -22.44 3.25 -30.02
C01 PGV RB . -25.09 4.40 -26.48
C02 PGV RB . -25.01 5.18 -27.79
C03 PGV RB . -24.62 4.21 -28.91
C04 PGV RB . -19.83 3.17 -30.49
C05 PGV RB . -18.53 3.58 -29.78
C06 PGV RB . -17.37 2.78 -30.36
O01 PGV RB . -24.05 6.23 -27.68
O02 PGV RB . -25.03 7.22 -29.54
O03 PGV RB . -24.68 5.21 -25.38
O04 PGV RB . -25.48 3.72 -23.83
O05 PGV RB . -18.65 3.34 -28.37
O06 PGV RB . -16.20 3.02 -29.57
O11 PGV RB . -23.22 3.98 -28.82
O12 PGV RB . -20.92 3.73 -29.77
O13 PGV RB . -22.92 3.85 -31.32
O14 PGV RB . -22.49 1.76 -29.80
C1 PGV RB . -24.31 7.36 -28.56
C2 PGV RB . -23.68 8.70 -28.27
C3 PGV RB . -24.03 9.14 -26.87
C4 PGV RB . -22.92 8.79 -25.88
C5 PGV RB . -23.19 9.39 -24.51
C6 PGV RB . -22.01 9.20 -23.56
C7 PGV RB . -21.47 7.78 -23.60
C19 PGV RB . -24.81 4.71 -24.03
C20 PGV RB . -24.12 5.41 -22.88
C21 PGV RB . -24.44 4.72 -21.56
C22 PGV RB . -25.79 5.15 -20.98
C23 PGV RB . -26.07 4.43 -19.68
C24 PGV RB . -27.19 5.10 -18.89
C25 PGV RB . -28.49 4.32 -18.98
C26 PGV RB . -28.52 3.16 -18.00
C27 PGV RB . -28.30 3.63 -16.57
C28 PGV RB . -28.63 2.52 -15.59
C29 PGV RB . -28.20 2.86 -14.17
C30 PGV RB . -28.77 1.85 -13.17
C1B LMT SB . -26.05 -18.09 -20.90
C2B LMT SB . -25.60 -19.46 -21.39
C3B LMT SB . -25.47 -19.45 -22.91
C4B LMT SB . -24.45 -18.39 -23.32
C5B LMT SB . -24.72 -17.08 -22.61
C6B LMT SB . -24.69 -15.91 -23.60
O1B LMT SB . -25.23 -17.70 -19.80
O2B LMT SB . -24.33 -19.81 -20.82
O3B LMT SB . -26.73 -19.15 -23.50
O4' LMT SB . -23.14 -18.86 -22.97
O5B LMT SB . -25.99 -17.14 -21.96
O6B LMT SB . -25.59 -16.16 -24.69
C1' LMT SB . -26.11 -15.26 -16.47
C2' LMT SB . -27.09 -16.38 -16.80
C3' LMT SB . -26.51 -17.43 -17.75
C4' LMT SB . -25.86 -16.74 -18.95
C5' LMT SB . -24.83 -15.76 -18.42
C6' LMT SB . -24.04 -15.11 -19.56
O1' LMT SB . -26.86 -14.22 -15.86
O2' LMT SB . -27.51 -17.03 -15.59
O3' LMT SB . -27.55 -18.31 -18.16
O5' LMT SB . -25.49 -14.76 -17.65
O6' LMT SB . -24.95 -14.54 -20.50
C1 LMT SB . -26.07 -13.32 -15.08
C2 LMT SB . -26.99 -12.34 -14.36
C3 LMT SB . -27.56 -11.32 -15.34
C4 LMT SB . -28.84 -10.68 -14.84
C5 LMT SB . -28.59 -9.34 -14.14
C6 LMT SB . -29.91 -8.60 -13.94
C7 LMT SB . -29.70 -7.26 -13.27
C8 LMT SB . -29.09 -6.25 -14.25
C9 LMT SB . -28.83 -4.91 -13.56
C10 LMT SB . -27.80 -5.06 -12.45
C11 LMT SB . -27.47 -3.71 -11.82
C12 LMT SB . -26.51 -3.88 -10.66
MG BCL TB . -9.67 33.48 -34.24
CHA BCL TB . -12.39 34.96 -32.83
CHB BCL TB . -7.70 34.86 -31.90
CHC BCL TB . -7.00 32.07 -35.78
CHD BCL TB . -11.61 32.58 -37.03
NA BCL TB . -9.98 34.57 -32.58
C1A BCL TB . -11.10 35.01 -32.11
C2A BCL TB . -10.99 35.72 -30.79
C3A BCL TB . -9.50 35.84 -30.63
C4A BCL TB . -9.01 35.03 -31.78
CMA BCL TB . -9.05 37.28 -30.77
CAA BCL TB . -11.59 35.02 -29.58
CBA BCL TB . -11.94 36.10 -28.57
CGA BCL TB . -12.13 35.58 -27.17
O1A BCL TB . -11.79 34.45 -26.88
O2A BCL TB . -12.73 36.44 -26.16
NB BCL TB . -7.64 33.49 -33.91
C1B BCL TB . -6.99 34.06 -32.90
C2B BCL TB . -5.51 33.89 -32.87
C3B BCL TB . -5.31 33.04 -34.06
C4B BCL TB . -6.68 32.86 -34.60
CMB BCL TB . -4.54 34.46 -31.87
CAB BCL TB . -4.06 32.46 -34.65
OBB BCL TB . -4.03 32.19 -35.83
CBB BCL TB . -2.88 32.19 -33.77
NC BCL TB . -9.35 32.50 -35.96
C1C BCL TB . -8.17 32.05 -36.40
C2C BCL TB . -8.21 31.38 -37.72
C3C BCL TB . -9.68 31.32 -37.97
C4C BCL TB . -10.22 32.19 -36.88
CMC BCL TB . -7.52 32.23 -38.78
CAC BCL TB . -10.22 29.91 -37.81
CBC BCL TB . -11.23 29.58 -38.90
ND BCL TB . -11.58 33.69 -34.93
C1D BCL TB . -12.31 33.30 -35.99
C2D BCL TB . -13.74 33.74 -35.91
C3D BCL TB . -13.72 34.41 -34.61
C4D BCL TB . -12.48 34.31 -34.12
CMD BCL TB . -14.99 33.64 -36.74
CAD BCL TB . -14.57 35.13 -33.64
OBD BCL TB . -15.82 35.39 -33.79
CBD BCL TB . -13.74 35.51 -32.46
CGD BCL TB . -13.75 37.01 -32.35
O1D BCL TB . -13.64 37.70 -33.34
O2D BCL TB . -13.94 37.64 -31.07
CED BCL TB . -14.02 39.05 -31.01
C1 BCL TB . -13.01 35.95 -24.85
C2 BCL TB . -12.66 36.96 -23.78
C3 BCL TB . -13.57 37.87 -23.37
C4 BCL TB . -14.94 37.89 -23.98
C5 BCL TB . -13.21 38.86 -22.30
C6 BCL TB . -12.21 39.88 -22.85
C7 BCL TB . -12.92 41.04 -23.54
C8 BCL TB . -13.01 42.31 -22.68
C9 BCL TB . -12.06 42.26 -21.48
C10 BCL TB . -14.45 42.53 -22.22
C11 BCL TB . -15.00 43.84 -22.79
C12 BCL TB . -15.55 43.65 -24.19
C13 BCL TB . -15.12 44.79 -25.11
C14 BCL TB . -15.77 46.10 -24.69
C15 BCL TB . -15.48 44.45 -26.56
C16 BCL TB . -14.81 43.16 -27.03
C17 BCL TB . -13.28 43.22 -26.91
C18 BCL TB . -12.68 41.83 -27.10
C19 BCL TB . -11.21 41.80 -26.70
C20 BCL TB . -12.86 41.36 -28.54
C1B LMT UB . -7.39 32.54 -53.41
C2B LMT UB . -7.03 33.17 -54.75
C3B LMT UB . -6.86 32.10 -55.82
C4B LMT UB . -8.08 31.18 -55.88
C5B LMT UB . -8.47 30.70 -54.49
C6B LMT UB . -8.57 29.18 -54.47
O1B LMT UB . -8.62 33.11 -52.94
O2B LMT UB . -8.07 34.08 -55.14
O3B LMT UB . -5.69 31.32 -55.56
O4' LMT UB . -9.17 31.89 -56.48
O5B LMT UB . -7.51 31.12 -53.53
O6B LMT UB . -9.39 28.72 -55.54
C1' LMT UB . -9.86 35.26 -49.69
C2' LMT UB . -8.37 35.40 -49.97
C3' LMT UB . -8.01 34.81 -51.33
C4' LMT UB . -8.62 33.42 -51.55
C5' LMT UB . -10.06 33.34 -51.05
C6' LMT UB . -10.54 31.89 -51.05
O1' LMT UB . -10.11 35.77 -48.38
O2' LMT UB . -7.99 36.79 -49.93
O3' LMT UB . -6.59 34.76 -51.41
O5' LMT UB . -10.18 33.87 -49.74
O6' LMT UB . -9.75 31.13 -50.12
C1 LMT UB . -11.39 35.38 -47.88
C2 LMT UB . -11.47 35.82 -46.43
C3 LMT UB . -10.13 35.61 -45.74
C4 LMT UB . -10.15 36.14 -44.31
C5 LMT UB . -10.81 35.17 -43.35
C6 LMT UB . -10.48 35.57 -41.91
C7 LMT UB . -11.19 34.69 -40.90
C8 LMT UB . -10.86 35.15 -39.49
C9 LMT UB . -11.10 36.64 -39.33
C10 LMT UB . -10.58 37.17 -38.01
C11 LMT UB . -11.31 36.55 -36.83
C12 LMT UB . -10.97 37.26 -35.53
MG BCL VB . -18.57 30.30 -34.35
CHA BCL VB . -17.00 31.88 -31.77
CHB BCL VB . -21.55 31.14 -33.14
CHC BCL VB . -19.92 28.02 -36.46
CHD BCL VB . -15.45 29.19 -35.55
NA BCL VB . -19.20 31.33 -32.75
C1A BCL VB . -18.48 31.91 -31.85
C2A BCL VB . -19.29 32.53 -30.75
C3A BCL VB . -20.69 32.07 -31.07
C4A BCL VB . -20.49 31.47 -32.42
CMA BCL VB . -21.18 31.03 -30.07
CAA BCL VB . -19.22 34.05 -30.72
CBA BCL VB . -19.28 34.52 -29.26
CGA BCL VB . -20.66 35.04 -28.90
O1A BCL VB . -20.76 35.96 -28.12
O2A BCL VB . -21.86 34.45 -29.45
NB BCL VB . -20.47 29.64 -34.74
C1B BCL VB . -21.60 30.10 -34.17
C2B BCL VB . -22.87 29.48 -34.63
C3B BCL VB . -22.36 28.53 -35.64
C4B BCL VB . -20.90 28.73 -35.63
CMB BCL VB . -24.27 29.79 -34.15
CAB BCL VB . -23.11 27.58 -36.53
OBB BCL VB . -22.65 27.29 -37.62
CBB BCL VB . -24.41 26.99 -36.05
NC BCL VB . -17.92 29.18 -35.88
C1C BCL VB . -18.70 28.47 -36.71
C2C BCL VB . -18.02 28.09 -37.99
C3C BCL VB . -16.60 28.43 -37.66
C4C BCL VB . -16.71 28.99 -36.28
CMC BCL VB . -18.15 26.60 -38.24
CAC BCL VB . -16.00 29.45 -38.60
CBC BCL VB . -14.92 28.82 -39.45
ND BCL VB . -16.60 30.40 -33.85
C1D BCL VB . -15.42 30.00 -34.35
C2D BCL VB . -14.24 30.44 -33.54
C3D BCL VB . -14.94 31.20 -32.49
C4D BCL VB . -16.25 31.14 -32.76
CMD BCL VB . -12.76 30.28 -33.57
CAD BCL VB . -14.71 31.99 -31.27
OBD BCL VB . -13.56 32.25 -30.76
CBD BCL VB . -16.03 32.48 -30.77
CGD BCL VB . -16.24 32.17 -29.32
O1D BCL VB . -16.41 31.03 -28.92
O2D BCL VB . -16.21 33.27 -28.37
CED BCL VB . -16.62 33.09 -27.02
C1 BCL VB . -23.08 35.20 -29.43
C2 BCL VB . -23.21 35.88 -30.76
C3 BCL VB . -24.21 35.62 -31.61
C4 BCL VB . -25.27 34.62 -31.24
C5 BCL VB . -24.27 36.35 -32.93
C6 BCL VB . -24.18 35.36 -34.09
C7 BCL VB . -23.01 34.39 -33.96
C8 BCL VB . -22.28 34.18 -35.28
C9 BCL VB . -22.42 35.39 -36.19
C10 BCL VB . -22.73 32.88 -35.96
C11 BCL VB . -23.89 33.08 -36.92
C12 BCL VB . -23.52 32.74 -38.36
C13 BCL VB . -23.91 31.31 -38.73
C14 BCL VB . -22.74 30.37 -38.49
C15 BCL VB . -24.33 31.23 -40.19
C16 BCL VB . -24.71 29.80 -40.55
C17 BCL VB . -24.45 29.50 -42.02
C18 BCL VB . -25.62 29.96 -42.88
C19 BCL VB . -26.95 29.57 -42.26
C20 BCL VB . -25.49 29.40 -44.30
C1M CRT WB . -21.26 49.81 -10.38
O1 CRT WB . -20.66 50.29 -11.59
C1 CRT WB . -21.28 51.36 -12.28
C2 CRT WB . -22.75 51.04 -12.51
C3 CRT WB . -21.16 52.63 -11.44
C4 CRT WB . -20.58 51.58 -13.62
C5 CRT WB . -19.85 50.34 -14.09
C6 CRT WB . -20.02 49.93 -15.35
C7 CRT WB . -19.31 48.74 -15.86
C8 CRT WB . -18.07 48.24 -15.20
C9 CRT WB . -19.78 48.12 -16.95
C10 CRT WB . -19.12 46.95 -17.53
C11 CRT WB . -19.66 46.43 -18.63
C12 CRT WB . -19.10 45.26 -19.33
C13 CRT WB . -17.64 44.93 -19.25
C14 CRT WB . -19.93 44.51 -20.06
C15 CRT WB . -19.49 43.33 -20.80
C16 CRT WB . -20.40 42.71 -21.55
C17 CRT WB . -20.08 41.51 -22.34
C18 CRT WB . -18.70 41.31 -22.89
C19 CRT WB . -21.05 40.60 -22.55
C20 CRT WB . -20.82 39.38 -23.32
C21 CRT WB . -21.80 38.49 -23.41
C22 CRT WB . -21.59 37.26 -24.17
C23 CRT WB . -22.47 36.25 -24.11
C24 CRT WB . -23.70 36.37 -23.27
C25 CRT WB . -22.22 35.02 -24.87
C26 CRT WB . -22.74 33.85 -24.49
C27 CRT WB . -22.45 32.67 -25.30
C28 CRT WB . -22.89 31.45 -24.99
C29 CRT WB . -23.73 31.19 -23.79
C30 CRT WB . -22.52 30.35 -25.92
C31 CRT WB . -22.76 29.07 -25.71
C32 CRT WB . -22.28 28.21 -26.80
C33 CRT WB . -22.30 26.87 -26.79
C34 CRT WB . -22.83 26.09 -25.62
C35 CRT WB . -21.76 26.20 -27.99
C36 CRT WB . -21.45 24.91 -28.06
C37 CRT WB . -20.92 24.44 -29.39
C38 CRT WB . -19.69 23.56 -29.26
C39 CRT WB . -19.23 23.11 -30.64
C40 CRT WB . -18.57 24.30 -28.55
O2 CRT WB . -20.02 22.41 -28.48
C2M CRT WB . -19.12 21.31 -28.40
P PGV XB . -15.67 7.81 -28.77
C01 PGV XB . -16.71 9.72 -25.24
C02 PGV XB . -17.80 9.95 -26.26
C03 PGV XB . -17.31 9.60 -27.65
C04 PGV XB . -15.94 9.14 -31.03
C05 PGV XB . -15.30 10.26 -31.81
C06 PGV XB . -15.09 9.83 -33.26
O01 PGV XB . -18.18 11.34 -26.20
O02 PGV XB . -20.34 10.67 -26.65
O03 PGV XB . -17.31 9.74 -23.95
O04 PGV XB . -15.39 10.39 -22.85
O05 PGV XB . -14.03 10.60 -31.23
O06 PGV XB . -16.30 10.03 -34.01
O11 PGV XB . -16.45 8.46 -27.53
O12 PGV XB . -15.34 9.05 -29.73
O13 PGV XB . -14.35 7.29 -28.26
O14 PGV XB . -16.60 6.87 -29.49
C1 PGV XB . -19.61 11.55 -26.25
C2 PGV XB . -20.17 12.88 -25.82
C3 PGV XB . -19.72 13.17 -24.39
C4 PGV XB . -20.65 14.15 -23.71
C5 PGV XB . -20.26 14.34 -22.24
C6 PGV XB . -19.28 15.50 -22.07
C7 PGV XB . -20.02 16.82 -21.92
C8 PGV XB . -19.13 17.86 -21.23
C9 PGV XB . -19.66 19.27 -21.41
C10 PGV XB . -21.00 19.44 -20.71
C19 PGV XB . -16.57 10.12 -22.76
C20 PGV XB . -17.29 10.17 -21.43
C21 PGV XB . -16.60 11.16 -20.51
C22 PGV XB . -17.35 11.27 -19.19
C23 PGV XB . -17.07 12.61 -18.53
C24 PGV XB . -17.93 12.79 -17.28
C25 PGV XB . -18.16 14.27 -17.02
C26 PGV XB . -18.94 14.91 -18.16
C1 CDL YB . -23.05 34.67 -3.40
O1 CDL YB . -22.13 33.94 -4.22
CA2 CDL YB . -23.86 33.69 -2.57
OA2 CDL YB . -24.12 32.54 -3.36
PA1 CDL YB . -25.05 31.34 -2.87
OA3 CDL YB . -26.50 31.71 -3.09
OA4 CDL YB . -24.60 30.89 -1.51
OA5 CDL YB . -24.63 30.22 -3.93
CA3 CDL YB . -25.63 29.45 -4.61
CA4 CDL YB . -24.97 28.19 -5.16
OA6 CDL YB . -23.68 28.59 -5.63
CA5 CDL YB . -22.80 27.51 -6.06
OA7 CDL YB . -22.99 26.95 -7.13
C11 CDL YB . -21.65 27.08 -5.18
C12 CDL YB . -20.76 26.10 -5.92
C13 CDL YB . -21.26 24.67 -5.78
C14 CDL YB . -20.63 23.78 -6.84
C15 CDL YB . -21.36 22.45 -6.98
C16 CDL YB . -20.85 21.42 -5.97
C17 CDL YB . -19.50 20.88 -6.39
C18 CDL YB . -19.63 19.75 -7.40
CA6 CDL YB . -25.89 27.66 -6.25
OA8 CDL YB . -25.58 26.29 -6.52
CA7 CDL YB . -26.30 25.56 -7.55
OA9 CDL YB . -27.51 25.72 -7.66
C31 CDL YB . -25.56 24.61 -8.46
CB2 CDL YB . -24.00 35.43 -4.31
OB2 CDL YB . -23.52 35.42 -5.65
PB2 CDL YB . -24.48 35.94 -6.83
OB3 CDL YB . -24.46 37.45 -6.83
OB4 CDL YB . -25.79 35.22 -6.72
OB5 CDL YB . -23.71 35.42 -8.14
CB3 CDL YB . -24.46 35.25 -9.34
CB4 CDL YB . -23.59 34.71 -10.47
OB6 CDL YB . -24.37 33.81 -11.24
CB5 CDL YB . -24.09 33.86 -12.66
OB7 CDL YB . -23.54 34.84 -13.12
C51 CDL YB . -24.46 32.70 -13.55
C52 CDL YB . -23.74 31.45 -13.03
C53 CDL YB . -23.95 30.24 -13.93
C54 CDL YB . -23.39 30.51 -15.33
C55 CDL YB . -23.51 29.28 -16.21
C56 CDL YB . -23.15 29.62 -17.65
C57 CDL YB . -24.04 30.75 -18.16
C58 CDL YB . -23.25 31.71 -19.04
C59 CDL YB . -24.14 32.79 -19.63
C60 CDL YB . -25.10 33.36 -18.59
C61 CDL YB . -25.74 34.65 -19.08
CB6 CDL YB . -22.41 33.96 -9.89
OB8 CDL YB . -22.78 32.63 -9.59
CB7 CDL YB . -21.79 31.70 -9.09
OB9 CDL YB . -20.73 32.14 -8.68
C71 CDL YB . -22.04 30.21 -9.10
C72 CDL YB . -21.58 29.60 -10.41
C73 CDL YB . -21.68 28.08 -10.34
C74 CDL YB . -20.97 27.40 -11.50
C75 CDL YB . -21.28 25.90 -11.50
C76 CDL YB . -20.70 25.21 -12.73
MG BCL ZB . -25.50 25.10 -32.61
CHA BCL ZB . -28.17 26.11 -30.73
CHB BCL ZB . -23.63 27.50 -31.17
CHC BCL ZB . -22.91 24.09 -34.53
CHD BCL ZB . -27.65 23.23 -34.66
NA BCL ZB . -25.76 26.39 -31.10
C1A BCL ZB . -26.81 26.59 -30.39
C2A BCL ZB . -26.58 27.41 -29.17
C3A BCL ZB . -25.23 28.02 -29.45
C4A BCL ZB . -24.82 27.24 -30.66
CMA BCL ZB . -25.31 29.50 -29.80
CAA BCL ZB . -26.48 26.50 -27.96
CBA BCL ZB . -26.05 27.29 -26.74
CGA BCL ZB . -27.28 27.68 -25.96
O1A BCL ZB . -28.39 27.56 -26.47
O2A BCL ZB . -27.17 28.20 -24.62
NB BCL ZB . -23.56 25.72 -32.85
C1B BCL ZB . -22.91 26.69 -32.18
C2B BCL ZB . -21.49 26.90 -32.51
C3B BCL ZB . -21.28 25.86 -33.52
C4B BCL ZB . -22.61 25.21 -33.64
CMB BCL ZB . -20.55 27.93 -31.93
CAB BCL ZB . -20.07 25.51 -34.32
OBB BCL ZB . -20.19 25.12 -35.47
CBB BCL ZB . -18.73 25.60 -33.67
NC BCL ZB . -25.29 23.95 -34.24
C1C BCL ZB . -24.13 23.72 -34.89
C2C BCL ZB . -24.26 22.90 -36.13
C3C BCL ZB . -25.72 22.56 -36.10
C4C BCL ZB . -26.21 23.31 -34.90
CMC BCL ZB . -23.90 23.70 -37.37
CAC BCL ZB . -25.91 21.07 -35.91
CBC BCL ZB . -27.06 20.54 -36.73
ND BCL ZB . -27.49 24.70 -32.80
C1D BCL ZB . -28.29 23.95 -33.57
C2D BCL ZB . -29.73 24.03 -33.18
C3D BCL ZB . -29.63 24.92 -32.02
C4D BCL ZB . -28.34 25.22 -31.86
CMD BCL ZB . -31.05 23.47 -33.62
CAD BCL ZB . -30.43 25.58 -30.97
OBD BCL ZB . -31.70 25.48 -30.82
CBD BCL ZB . -29.50 26.36 -30.09
CGD BCL ZB . -29.96 27.79 -30.01
O1D BCL ZB . -29.92 28.54 -30.97
O2D BCL ZB . -30.52 28.27 -28.76
CED BCL ZB . -30.78 29.66 -28.59
C1 BCL ZB . -28.02 27.70 -23.59
C2 BCL ZB . -27.71 28.42 -22.30
C3 BCL ZB . -28.56 29.34 -21.83
C4 BCL ZB . -29.81 29.64 -22.57
C5 BCL ZB . -28.24 30.07 -20.55
C6 BCL ZB . -29.14 31.29 -20.45
C7 BCL ZB . -28.33 32.58 -20.58
C8 BCL ZB . -28.19 33.00 -22.04
C9 BCL ZB . -26.76 32.77 -22.52
C10 BCL ZB . -28.64 34.45 -22.18
C11 BCL ZB . -27.85 35.22 -23.23
C12 BCL ZB . -28.58 35.26 -24.57
C13 BCL ZB . -27.63 35.65 -25.70
C14 BCL ZB . -26.43 34.73 -25.75
C15 BCL ZB . -27.20 37.11 -25.51
C16 BCL ZB . -28.31 38.08 -25.90
C17 BCL ZB . -28.62 38.00 -27.39
C18 BCL ZB . -29.98 38.59 -27.71
C19 BCL ZB . -30.47 38.14 -29.09
C20 BCL ZB . -29.95 40.11 -27.62
CA CA AC . -19.71 20.54 -43.74
C1B LMT BC . -30.88 20.11 -49.46
C2B LMT BC . -29.98 18.88 -49.43
C3B LMT BC . -29.04 18.93 -50.62
C4B LMT BC . -29.83 19.09 -51.92
C5B LMT BC . -30.86 20.21 -51.83
C6B LMT BC . -31.77 20.22 -53.06
O1B LMT BC . -30.11 21.31 -49.47
O2B LMT BC . -29.23 18.83 -48.22
O3B LMT BC . -28.26 17.72 -50.66
O4' LMT BC . -28.92 19.38 -52.98
O5B LMT BC . -31.67 20.07 -50.65
O6B LMT BC . -32.78 19.22 -52.92
C1' LMT BC . -29.17 24.45 -46.93
C2' LMT BC . -28.14 23.39 -47.37
C3' LMT BC . -28.73 22.01 -47.65
C4' LMT BC . -30.14 21.99 -48.23
C5' LMT BC . -30.73 23.39 -48.39
C6' LMT BC . -32.22 23.35 -48.68
O1' LMT BC . -29.00 24.71 -45.53
O2' LMT BC . -27.45 23.86 -48.53
O3' LMT BC . -28.70 21.22 -46.46
O5' LMT BC . -30.52 24.06 -47.15
O6' LMT BC . -32.45 22.88 -50.01
C1 LMT BC . -29.99 25.61 -45.05
C2 LMT BC . -29.84 25.70 -43.54
C3 LMT BC . -28.37 25.54 -43.16
C4 LMT BC . -28.08 26.17 -41.81
C5 LMT BC . -28.62 25.33 -40.66
C6 LMT BC . -28.17 25.95 -39.34
C7 LMT BC . -28.81 25.28 -38.14
C8 LMT BC . -28.27 25.85 -36.84
C9 LMT BC . -28.67 27.31 -36.65
C10 LMT BC . -28.27 27.77 -35.25
C11 LMT BC . -28.73 29.20 -34.99
C12 LMT BC . -28.27 29.68 -33.63
MG BCL CC . -32.75 19.67 -30.20
CHA BCL CC . -31.16 21.94 -28.17
CHB BCL CC . -35.16 19.31 -27.88
CHC BCL CC . -34.12 17.24 -32.12
CHD BCL CC . -29.86 19.46 -32.19
NA BCL CC . -33.22 20.60 -28.48
C1A BCL CC . -32.55 21.51 -27.86
C2A BCL CC . -33.24 22.07 -26.65
C3A BCL CC . -34.43 21.15 -26.51
C4A BCL CC . -34.28 20.30 -27.72
CMA BCL CC . -34.34 20.31 -25.25
CAA BCL CC . -33.67 23.52 -26.81
CBA BCL CC . -33.98 24.13 -25.44
CGA BCL CC . -35.47 24.15 -25.20
O1A BCL CC . -36.14 25.09 -25.60
O2A BCL CC . -36.14 23.06 -24.53
NB BCL CC . -34.38 18.44 -30.01
C1B BCL CC . -35.29 18.40 -29.03
C2B BCL CC . -36.39 17.41 -29.16
C3B BCL CC . -36.05 16.81 -30.46
C4B BCL CC . -34.83 17.51 -30.87
CMB BCL CC . -37.53 17.14 -28.21
CAB BCL CC . -36.72 15.71 -31.24
OBB BCL CC . -36.04 14.96 -31.91
CBB BCL CC . -38.21 15.57 -31.19
NC BCL CC . -32.18 18.62 -31.82
C1C BCL CC . -32.91 17.68 -32.43
C2C BCL CC . -32.27 17.07 -33.63
C3C BCL CC . -30.94 17.76 -33.63
C4C BCL CC . -31.07 18.67 -32.45
CMC BCL CC . -32.12 15.57 -33.44
CAC BCL CC . -30.72 18.57 -34.90
CBC BCL CC . -29.68 17.92 -35.78
ND BCL CC . -30.87 20.45 -30.26
C1D BCL CC . -29.80 20.36 -31.05
C2D BCL CC . -28.66 21.22 -30.61
C3D BCL CC . -29.26 21.84 -29.44
C4D BCL CC . -30.51 21.37 -29.32
CMD BCL CC . -27.25 21.52 -31.06
CAD BCL CC . -28.99 22.81 -28.33
OBD BCL CC . -27.90 23.46 -28.16
CBD BCL CC . -30.23 22.91 -27.50
CGD BCL CC . -29.94 22.73 -26.04
O1D BCL CC . -29.44 21.70 -25.61
O2D BCL CC . -30.24 23.81 -25.13
CED BCL CC . -30.26 23.57 -23.73
C1 BCL CC . -37.56 22.96 -24.63
C2 BCL CC . -37.90 22.17 -25.87
C3 BCL CC . -38.69 22.67 -26.82
C4 BCL CC . -39.27 24.04 -26.66
C5 BCL CC . -39.01 21.85 -28.05
C6 BCL CC . -37.94 22.14 -29.11
C7 BCL CC . -37.52 20.89 -29.86
C8 BCL CC . -37.87 20.94 -31.34
C9 BCL CC . -38.21 22.35 -31.81
C10 BCL CC . -39.04 20.00 -31.62
C11 BCL CC . -38.67 18.98 -32.69
C12 BCL CC . -39.77 18.89 -33.74
C13 BCL CC . -39.83 17.50 -34.38
C14 BCL CC . -38.49 17.14 -35.00
C15 BCL CC . -40.95 17.48 -35.41
C16 BCL CC . -40.82 16.31 -36.39
C17 BCL CC . -41.95 16.36 -37.41
C18 BCL CC . -41.45 16.11 -38.83
C19 BCL CC . -42.00 17.15 -39.80
C20 BCL CC . -41.79 14.71 -39.30
C1M CRT DC . -35.18 42.67 -8.52
O1 CRT DC . -35.98 42.25 -9.61
C1 CRT DC . -37.28 41.71 -9.37
C2 CRT DC . -37.14 40.41 -8.61
C3 CRT DC . -38.08 42.73 -8.56
C4 CRT DC . -37.95 41.48 -10.72
C5 CRT DC . -36.93 41.03 -11.73
C6 CRT DC . -37.11 39.86 -12.34
C7 CRT DC . -36.14 39.37 -13.34
C8 CRT DC . -34.98 40.21 -13.76
C9 CRT DC . -36.33 38.14 -13.86
C10 CRT DC . -35.44 37.56 -14.85
C11 CRT DC . -35.90 36.46 -15.45
C12 CRT DC . -35.16 35.70 -16.47
C13 CRT DC . -33.96 36.27 -17.16
C14 CRT DC . -35.64 34.48 -16.76
C15 CRT DC . -35.06 33.56 -17.73
C16 CRT DC . -35.72 32.41 -17.88
C17 CRT DC . -35.30 31.34 -18.79
C18 CRT DC . -34.32 31.60 -19.90
C19 CRT DC . -35.81 30.11 -18.59
C20 CRT DC . -35.44 28.96 -19.42
C21 CRT DC . -35.80 27.75 -18.98
C22 CRT DC . -35.46 26.55 -19.74
C23 CRT DC . -35.75 25.34 -19.27
C24 CRT DC . -36.44 25.18 -17.95
C25 CRT DC . -35.37 24.14 -20.05
C26 CRT DC . -35.56 22.91 -19.59
C27 CRT DC . -35.15 21.81 -20.45
C28 CRT DC . -35.15 20.52 -20.07
C29 CRT DC . -35.62 20.11 -18.70
C30 CRT DC . -34.69 19.53 -21.06
C31 CRT DC . -34.45 18.25 -20.83
C32 CRT DC . -33.99 17.50 -21.99
C33 CRT DC . -33.56 16.24 -21.96
C34 CRT DC . -33.54 15.43 -20.70
C35 CRT DC . -33.12 15.65 -23.24
C36 CRT DC . -32.57 14.45 -23.36
C37 CRT DC . -32.19 14.03 -24.75
C38 CRT DC . -30.78 13.44 -24.79
C39 CRT DC . -30.69 12.34 -25.84
C40 CRT DC . -29.76 14.53 -25.10
O2 CRT DC . -30.51 12.91 -23.51
C2M CRT DC . -29.41 12.01 -23.34
MG BCL EC . -37.47 13.29 -26.83
CHA BCL EC . -39.56 13.45 -24.16
CHB BCL EC . -35.65 15.84 -25.61
CHC BCL EC . -35.18 12.71 -29.29
CHD BCL EC . -39.19 10.44 -28.00
NA BCL EC . -37.62 14.50 -25.25
C1A BCL EC . -38.48 14.44 -24.30
C2A BCL EC . -38.27 15.48 -23.24
C3A BCL EC . -37.26 16.39 -23.89
C4A BCL EC . -36.80 15.54 -25.01
CMA BCL EC . -37.89 17.68 -24.39
CAA BCL EC . -37.67 14.84 -22.01
CBA BCL EC . -37.27 15.92 -21.01
CGA BCL EC . -37.78 15.52 -19.65
O1A BCL EC . -37.98 14.35 -19.39
O2A BCL EC . -38.03 16.52 -18.64
NB BCL EC . -35.66 14.12 -27.37
C1B BCL EC . -35.06 15.17 -26.79
C2B BCL EC . -33.77 15.63 -27.38
C3B BCL EC . -33.63 14.66 -28.49
C4B BCL EC . -34.85 13.82 -28.39
CMB BCL EC . -32.91 16.76 -26.90
CAB BCL EC . -32.55 14.53 -29.52
OBB BCL EC . -32.80 13.97 -30.57
CBB BCL EC . -31.19 15.09 -29.25
NC BCL EC . -37.29 12.03 -28.39
C1C BCL EC . -36.30 12.00 -29.29
C2C BCL EC . -36.48 11.01 -30.39
C3C BCL EC . -37.87 10.53 -30.11
C4C BCL EC . -38.10 11.09 -28.74
CMC BCL EC . -36.40 11.68 -31.76
CAC BCL EC . -37.98 9.02 -30.09
CBC BCL EC . -36.87 8.36 -29.30
ND BCL EC . -39.01 12.08 -26.29
C1D BCL EC . -39.68 11.02 -26.76
C2D BCL EC . -40.83 10.59 -25.90
C3D BCL EC . -40.73 11.61 -24.86
C4D BCL EC . -39.71 12.41 -25.16
CMD BCL EC . -41.89 9.51 -25.88
CAD BCL EC . -41.36 12.07 -23.60
OBD BCL EC . -42.37 11.53 -23.03
CBD BCL EC . -40.62 13.27 -23.12
CGD BCL EC . -41.60 14.40 -23.07
O1D BCL EC . -42.20 14.75 -24.07
O2D BCL EC . -41.89 15.07 -21.83
CED BCL EC . -42.95 16.03 -21.79
C1 BCL EC . -38.52 16.13 -17.37
C2 BCL EC . -37.83 16.94 -16.29
C3 BCL EC . -38.47 17.96 -15.73
C4 BCL EC . -37.78 18.77 -14.66
C5 BCL EC . -39.87 18.32 -16.15
C6 BCL EC . -40.60 19.00 -15.00
C7 BCL EC . -41.75 19.85 -15.51
C8 BCL EC . -41.92 21.08 -14.64
C9 BCL EC . -43.19 20.99 -13.80
C10 BCL EC . -41.94 22.32 -15.52
C11 BCL EC . -40.69 23.18 -15.33
C12 BCL EC . -39.89 23.26 -16.62
C13 BCL EC . -39.09 21.99 -16.82
C14 BCL EC . -37.73 22.09 -16.14
C15 BCL EC . -38.93 21.70 -18.32
C16 BCL EC . -40.31 21.51 -18.95
C17 BCL EC . -40.22 20.81 -20.30
C18 BCL EC . -41.45 19.96 -20.51
C19 BCL EC . -41.52 18.86 -19.45
C20 BCL EC . -41.52 19.38 -21.92
CA CA FC . -32.80 8.79 -38.56
C1B LMT GC . -43.86 3.64 -41.66
C2B LMT GC . -42.68 2.77 -42.07
C3B LMT GC . -42.38 2.93 -43.55
C4B LMT GC . -43.64 2.80 -44.40
C5B LMT GC . -44.77 3.65 -43.84
C6B LMT GC . -46.07 3.47 -44.63
O1B LMT GC . -43.55 5.02 -41.84
O2B LMT GC . -41.53 3.12 -41.29
O3B LMT GC . -41.42 1.94 -43.95
O4' LMT GC . -43.36 3.22 -45.74
O5B LMT GC . -44.99 3.31 -42.47
O6B LMT GC . -46.43 2.08 -44.63
C1' LMT GC . -43.25 8.30 -39.74
C2' LMT GC . -42.63 6.93 -39.47
C3' LMT GC . -43.68 5.83 -39.59
C4' LMT GC . -44.32 5.84 -40.96
C5' LMT GC . -44.48 7.25 -41.48
C6' LMT GC . -45.75 7.41 -42.32
O1' LMT GC . -43.41 9.00 -38.50
O2' LMT GC . -41.56 6.69 -40.40
O3' LMT GC . -44.70 6.03 -38.61
O5' LMT GC . -44.53 8.15 -40.37
O6' LMT GC . -45.56 6.74 -43.57
C1 LMT GC . -44.39 10.02 -38.58
C2 LMT GC . -44.34 10.87 -37.31
C3 LMT GC . -42.99 11.58 -37.21
C4 LMT GC . -42.85 12.35 -35.91
C5 LMT GC . -42.59 11.42 -34.74
C6 LMT GC . -42.15 12.22 -33.51
C7 LMT GC . -41.81 11.30 -32.35
C8 LMT GC . -41.00 12.03 -31.29
C9 LMT GC . -41.86 12.88 -30.36
C10 LMT GC . -40.99 13.63 -29.37
C11 LMT GC . -41.81 14.59 -28.52
C12 LMT GC . -40.91 15.38 -27.58
MG BCL HC . -42.01 6.01 -22.14
CHA BCL HC . -40.87 8.86 -20.63
CHB BCL HC . -43.64 5.19 -19.33
CHC BCL HC . -42.99 3.15 -23.66
CHD BCL HC . -39.62 6.41 -24.67
NA BCL HC . -42.39 6.94 -20.41
C1A BCL HC . -41.97 8.10 -20.01
C2A BCL HC . -42.54 8.55 -18.69
C3A BCL HC . -43.23 7.30 -18.22
C4A BCL HC . -43.11 6.41 -19.40
CMA BCL HC . -42.51 6.69 -17.02
CAA BCL HC . -43.50 9.72 -18.81
CBA BCL HC . -43.68 10.42 -17.45
CGA BCL HC . -44.93 9.90 -16.78
O1A BCL HC . -44.88 9.33 -15.71
O2A BCL HC . -46.22 10.10 -17.42
NB BCL HC . -43.13 4.39 -21.58
C1B BCL HC . -43.76 4.19 -20.40
C2B BCL HC . -44.52 2.93 -20.25
C3B BCL HC . -44.32 2.33 -21.59
C4B BCL HC . -43.46 3.31 -22.29
CMB BCL HC . -45.29 2.45 -19.05
CAB BCL HC . -44.80 1.02 -22.14
OBB BCL HC . -44.10 0.40 -22.90
CBB BCL HC . -46.17 0.53 -21.76
NC BCL HC . -41.46 4.99 -23.78
C1C BCL HC . -42.02 3.85 -24.22
C2C BCL HC . -41.44 3.33 -25.49
C3C BCL HC . -40.24 4.22 -25.64
C4C BCL HC . -40.49 5.25 -24.60
CMC BCL HC . -41.02 1.88 -25.31
CAC BCL HC . -40.19 4.92 -27.00
CBC BCL HC . -40.09 3.93 -28.13
ND BCL HC . -40.50 7.27 -22.64
C1D BCL HC . -39.62 7.42 -23.63
C2D BCL HC . -38.74 8.63 -23.49
C3D BCL HC . -39.29 9.17 -22.25
C4D BCL HC . -40.28 8.38 -21.85
CMD BCL HC . -37.61 9.27 -24.23
CAD BCL HC . -39.13 10.30 -21.30
OBD BCL HC . -38.29 11.26 -21.39
CBD BCL HC . -40.18 10.14 -20.22
CGD BCL HC . -39.57 10.26 -18.87
O1D BCL HC . -39.06 9.31 -18.28
O2D BCL HC . -39.57 11.57 -18.24
CED BCL HC . -39.49 11.70 -16.83
C1 BCL HC . -47.32 9.24 -17.17
C2 BCL HC . -47.84 8.81 -18.52
C3 BCL HC . -47.57 7.58 -18.99
C4 BCL HC . -46.76 6.64 -18.14
C5 BCL HC . -48.07 7.16 -20.34
C6 BCL HC . -46.98 6.42 -21.12
C7 BCL HC . -47.25 4.93 -21.24
C8 BCL HC . -48.06 4.61 -22.49
C9 BCL HC . -49.45 4.11 -22.13
C10 BCL HC . -47.31 3.58 -23.33
C11 BCL HC . -48.13 3.16 -24.55
C12 BCL HC . -48.41 1.66 -24.57
C13 BCL HC . -49.13 1.27 -25.87
C14 BCL HC . -50.17 2.31 -26.25
C15 BCL HC . -49.73 -0.13 -25.71
C16 BCL HC . -50.90 -0.38 -26.66
C17 BCL HC . -50.43 -0.67 -28.08
C18 BCL HC . -51.60 -0.84 -29.04
C19 BCL HC . -52.29 0.50 -29.30
C20 BCL HC . -52.61 -1.87 -28.54
C1M CRT IC . -48.19 29.32 -0.06
O1 CRT IC . -48.87 28.64 -1.11
C1 CRT IC . -48.17 27.68 -1.90
C2 CRT IC . -47.01 28.40 -2.58
C3 CRT IC . -47.65 26.58 -0.98
C4 CRT IC . -49.14 27.11 -2.93
C5 CRT IC . -48.53 27.10 -4.32
C6 CRT IC . -48.23 25.92 -4.85
C7 CRT IC . -47.63 25.72 -6.18
C8 CRT IC . -47.39 26.87 -7.11
C9 CRT IC . -47.32 24.46 -6.52
C10 CRT IC . -46.74 24.05 -7.79
C11 CRT IC . -46.67 22.73 -7.96
C12 CRT IC . -46.14 22.04 -9.14
C13 CRT IC . -45.49 22.79 -10.27
C14 CRT IC . -46.24 20.70 -9.15
C15 CRT IC . -45.77 19.84 -10.23
C16 CRT IC . -45.90 18.53 -10.04
C17 CRT IC . -45.48 17.53 -11.05
C18 CRT IC . -45.26 17.94 -12.47
C19 CRT IC . -45.31 16.26 -10.64
C20 CRT IC . -44.89 15.18 -11.54
C21 CRT IC . -44.75 13.96 -11.03
C22 CRT IC . -44.32 12.83 -11.84
C23 CRT IC . -43.99 11.66 -11.28
C24 CRT IC . -44.02 11.51 -9.78
C25 CRT IC . -43.54 10.52 -12.11
C26 CRT IC . -43.20 9.35 -11.59
C27 CRT IC . -42.76 8.29 -12.51
C28 CRT IC . -42.26 7.11 -12.12
C29 CRT IC . -42.12 6.74 -10.66
C30 CRT IC . -41.85 6.17 -13.17
C31 CRT IC . -41.02 5.15 -12.97
C32 CRT IC . -40.71 4.33 -14.14
C33 CRT IC . -39.75 3.40 -14.17
C34 CRT IC . -38.92 3.11 -12.96
C35 CRT IC . -39.53 2.68 -15.44
C36 CRT IC . -38.59 1.76 -15.61
C37 CRT IC . -38.50 1.13 -16.99
C38 CRT IC . -37.05 0.93 -17.40
C39 CRT IC . -36.90 -0.26 -18.32
C40 CRT IC . -36.54 2.19 -18.10
O2 CRT IC . -36.27 0.74 -16.23
C2M CRT IC . -35.00 0.12 -16.29
C1 CDL JC . -33.53 15.17 9.31
O1 CDL JC . -33.30 15.09 10.71
CA2 CDL JC . -34.39 13.98 8.86
OA2 CDL JC . -35.02 14.32 7.63
PA1 CDL JC . -34.69 13.50 6.28
OA3 CDL JC . -33.34 13.93 5.78
OA4 CDL JC . -34.96 12.04 6.53
OA5 CDL JC . -35.80 14.09 5.28
CA3 CDL JC . -35.45 15.17 4.42
CA4 CDL JC . -35.76 14.79 2.98
OA6 CDL JC . -37.12 14.39 2.84
CA5 CDL JC . -37.79 15.19 1.81
OA7 CDL JC . -38.25 16.28 2.13
C11 CDL JC . -37.87 14.70 0.39
C12 CDL JC . -38.97 13.66 0.25
C13 CDL JC . -38.85 12.93 -1.08
C14 CDL JC . -39.99 11.93 -1.25
C15 CDL JC . -39.53 10.72 -2.05
C16 CDL JC . -38.42 9.97 -1.33
CA6 CDL JC . -34.86 13.62 2.62
OA8 CDL JC . -35.41 12.86 1.55
CA7 CDL JC . -34.93 11.51 1.34
OA9 CDL JC . -34.38 10.93 2.25
C31 CDL JC . -35.12 10.84 -0.01
C32 CDL JC . -34.61 11.76 -1.11
C33 CDL JC . -33.86 10.97 -2.18
C34 CDL JC . -34.68 9.78 -2.68
CB2 CDL JC . -32.21 15.12 8.55
OB2 CDL JC . -31.77 13.77 8.45
PB2 CDL JC . -30.33 13.39 7.85
OB3 CDL JC . -29.27 14.06 8.68
OB4 CDL JC . -30.37 13.62 6.35
OB5 CDL JC . -30.24 11.81 8.10
CB3 CDL JC . -29.02 11.12 7.89
CB4 CDL JC . -29.35 9.82 7.18
OB6 CDL JC . -30.41 10.07 6.26
CB5 CDL JC . -29.94 10.08 4.88
OB7 CDL JC . -28.76 10.25 4.66
C51 CDL JC . -30.92 9.88 3.75
C52 CDL JC . -30.15 9.81 2.44
C53 CDL JC . -31.09 9.68 1.25
C54 CDL JC . -31.76 8.32 1.21
C55 CDL JC . -32.63 8.17 -0.04
C56 CDL JC . -33.03 6.72 -0.25
CB6 CDL JC . -29.78 8.76 8.19
OB8 CDL JC . -30.08 7.54 7.52
CB7 CDL JC . -30.32 6.33 8.29
OB9 CDL JC . -30.26 6.39 9.52
C71 CDL JC . -30.62 5.02 7.60
C72 CDL JC . -29.64 4.80 6.46
C73 CDL JC . -29.93 3.47 5.77
MG BCL KC . -43.62 -1.07 -17.49
CHA BCL KC . -45.00 -1.21 -14.38
CHB BCL KC . -42.57 2.05 -16.93
CHC BCL KC . -41.80 -1.30 -20.35
CHD BCL KC . -44.50 -4.44 -18.02
NA BCL KC . -43.83 0.23 -15.99
C1A BCL KC . -44.38 0.05 -14.84
C2A BCL KC . -44.37 1.27 -13.97
C3A BCL KC . -43.90 2.33 -14.92
C4A BCL KC . -43.40 1.50 -16.04
CMA BCL KC . -45.05 3.21 -15.38
CAA BCL KC . -43.41 1.15 -12.79
CBA BCL KC . -43.94 1.97 -11.62
CGA BCL KC . -42.98 1.96 -10.45
O1A BCL KC . -41.83 1.59 -10.59
O2A BCL KC . -43.45 2.41 -9.14
NB BCL KC . -42.35 0.17 -18.49
C1B BCL KC . -42.03 1.44 -18.15
C2B BCL KC . -41.10 2.16 -19.05
C3B BCL KC . -40.86 1.14 -20.08
C4B BCL KC . -41.69 -0.02 -19.65
CMB BCL KC . -40.57 3.56 -18.88
CAB BCL KC . -40.03 1.21 -21.32
OBB BCL KC . -40.35 0.54 -22.30
CBB BCL KC . -38.81 2.08 -21.37
NC BCL KC . -43.41 -2.41 -18.98
C1C BCL KC . -42.69 -2.25 -20.09
C2C BCL KC . -42.92 -3.31 -21.13
C3C BCL KC . -43.96 -4.13 -20.46
C4C BCL KC . -43.95 -3.58 -19.07
CMC BCL KC . -43.45 -2.69 -22.42
CAC BCL KC . -43.61 -5.62 -20.47
CBC BCL KC . -42.18 -5.88 -20.05
ND BCL KC . -44.52 -2.61 -16.50
C1D BCL KC . -44.87 -3.89 -16.73
C2D BCL KC . -45.59 -4.53 -15.58
C3D BCL KC . -45.61 -3.40 -14.66
C4D BCL KC . -45.02 -2.36 -15.25
CMD BCL KC . -46.19 -5.87 -15.22
CAD BCL KC . -46.06 -3.00 -13.30
OBD BCL KC . -46.67 -3.75 -12.47
CBD BCL KC . -45.67 -1.58 -13.08
CGD BCL KC . -46.87 -0.76 -12.76
O1D BCL KC . -47.87 -0.78 -13.45
O2D BCL KC . -46.86 0.05 -11.55
CED BCL KC . -48.00 0.81 -11.19
C1 BCL KC . -42.53 2.85 -8.14
C2 BCL KC . -42.82 4.28 -7.77
C3 BCL KC . -43.34 4.63 -6.59
C4 BCL KC . -43.63 3.58 -5.56
C5 BCL KC . -43.61 6.09 -6.29
C6 BCL KC . -43.97 6.31 -4.83
C7 BCL KC . -45.47 6.45 -4.58
C8 BCL KC . -46.20 7.14 -5.73
C9 BCL KC . -46.35 8.62 -5.47
C10 BCL KC . -47.56 6.47 -5.92
C11 BCL KC . -47.70 5.86 -7.31
C12 BCL KC . -46.63 4.81 -7.60
C13 BCL KC . -46.27 4.80 -9.08
C14 BCL KC . -45.77 6.17 -9.52
C15 BCL KC . -47.50 4.35 -9.88
C16 BCL KC . -47.39 4.71 -11.36
C17 BCL KC . -48.62 4.25 -12.13
C18 BCL KC . -49.04 5.25 -13.20
C19 BCL KC . -50.46 4.98 -13.68
C20 BCL KC . -48.06 5.26 -14.37
C1B LMT LC . -52.03 -6.58 -32.51
C2B LMT LC . -53.34 -6.61 -33.27
C3B LMT LC . -53.23 -7.44 -34.55
C4B LMT LC . -52.75 -8.86 -34.25
C5B LMT LC . -51.68 -8.86 -33.16
C6B LMT LC . -50.58 -9.86 -33.52
O1B LMT LC . -52.32 -6.82 -31.13
O2B LMT LC . -54.36 -7.17 -32.43
O3B LMT LC . -52.31 -6.80 -35.45
O4' LMT LC . -53.86 -9.66 -33.84
O5B LMT LC . -51.12 -7.57 -33.03
O6B LMT LC . -50.15 -9.64 -34.87
C1' LMT LC . -50.79 -5.93 -27.50
C2' LMT LC . -50.10 -5.16 -28.63
C3' LMT LC . -50.90 -5.29 -29.91
C4' LMT LC . -51.21 -6.75 -30.24
C5' LMT LC . -51.62 -7.56 -29.00
C6' LMT LC . -51.66 -9.05 -29.32
O1' LMT LC . -50.10 -5.70 -26.29
O2' LMT LC . -49.97 -3.79 -28.26
O3' LMT LC . -50.13 -4.68 -30.96
O5' LMT LC . -50.79 -7.31 -27.87
O6' LMT LC . -52.41 -9.75 -28.31
C1 LMT LC . -50.94 -5.81 -25.15
C2 LMT LC . -50.34 -4.95 -24.03
C3 LMT LC . -48.85 -5.21 -23.90
C4 LMT LC . -48.23 -4.34 -22.80
C5 LMT LC . -48.63 -4.85 -21.42
C6 LMT LC . -48.16 -3.90 -20.33
C7 LMT LC . -48.88 -2.56 -20.44
C8 LMT LC . -48.91 -1.84 -19.11
C9 LMT LC . -47.51 -1.59 -18.56
C10 LMT LC . -47.57 -0.78 -17.29
C11 LMT LC . -48.35 0.52 -17.50
C12 LMT LC . -48.55 1.24 -16.19
MG BCL MC . -44.56 -8.69 -11.45
CHA BCL MC . -43.85 -5.51 -10.42
CHB BCL MC . -45.08 -9.59 -8.27
CHC BCL MC . -45.15 -11.84 -12.56
CHD BCL MC . -43.14 -7.98 -14.58
NA BCL MC . -44.70 -7.71 -9.70
C1A BCL MC . -44.50 -6.46 -9.48
C2A BCL MC . -44.84 -6.02 -8.09
C3A BCL MC . -45.10 -7.34 -7.40
C4A BCL MC . -44.97 -8.29 -8.53
CMA BCL MC . -44.05 -7.65 -6.35
CAA BCL MC . -46.06 -5.10 -8.03
CBA BCL MC . -46.19 -4.44 -6.66
CGA BCL MC . -47.20 -5.20 -5.85
O1A BCL MC . -47.24 -5.10 -4.63
O2A BCL MC . -48.14 -6.06 -6.54
NB BCL MC . -45.02 -10.47 -10.55
C1B BCL MC . -45.24 -10.69 -9.24
C2B BCL MC . -45.59 -12.08 -8.85
C3B BCL MC . -45.59 -12.74 -10.16
C4B BCL MC . -45.25 -11.65 -11.11
CMB BCL MC . -45.85 -12.61 -7.46
CAB BCL MC . -45.88 -14.16 -10.52
OBB BCL MC . -46.44 -14.40 -11.58
CBB BCL MC . -45.47 -15.25 -9.58
NC BCL MC . -44.29 -9.68 -13.18
C1C BCL MC . -44.66 -10.96 -13.42
C2C BCL MC . -44.46 -11.42 -14.82
C3C BCL MC . -43.68 -10.27 -15.38
C4C BCL MC . -43.74 -9.27 -14.27
CMC BCL MC . -43.63 -12.70 -14.82
CAC BCL MC . -44.30 -9.71 -16.64
CBC BCL MC . -44.21 -10.70 -17.79
ND BCL MC . -43.64 -7.15 -12.41
C1D BCL MC . -43.13 -6.89 -13.62
C2D BCL MC . -42.61 -5.50 -13.78
C3D BCL MC . -42.93 -4.97 -12.44
C4D BCL MC . -43.52 -5.96 -11.75
CMD BCL MC . -41.94 -4.69 -14.84
CAD BCL MC . -42.82 -3.76 -11.60
OBD BCL MC . -42.32 -2.64 -11.95
CBD BCL MC . -43.45 -4.06 -10.27
CGD BCL MC . -42.54 -3.72 -9.13
O1D BCL MC . -41.64 -4.47 -8.77
O2D BCL MC . -42.72 -2.44 -8.46
CED BCL MC . -42.29 -2.27 -7.11
C1 BCL MC . -49.22 -6.74 -5.87
C2 BCL MC . -50.08 -7.31 -6.97
C3 BCL MC . -49.71 -8.44 -7.58
C4 BCL MC . -48.43 -9.13 -7.17
C5 BCL MC . -50.55 -9.03 -8.70
C6 BCL MC . -50.07 -10.45 -8.98
C7 BCL MC . -49.94 -10.71 -10.47
C8 BCL MC . -50.12 -12.20 -10.76
C9 BCL MC . -49.02 -13.00 -10.09
C10 BCL MC . -50.16 -12.43 -12.27
C11 BCL MC . -50.12 -13.91 -12.64
C12 BCL MC . -51.36 -14.63 -12.14
C13 BCL MC . -51.29 -16.13 -12.41
C14 BCL MC . -49.93 -16.71 -12.06
C15 BCL MC . -51.65 -16.40 -13.86
C16 BCL MC . -52.62 -17.57 -13.97
C17 BCL MC . -53.54 -17.43 -15.18
C18 BCL MC . -54.73 -16.51 -14.86
C19 BCL MC . -56.06 -17.22 -15.14
C20 BCL MC . -54.63 -15.22 -15.65
C1M CRT NC . -50.91 13.34 11.21
O1 CRT NC . -51.53 12.58 10.18
C1 CRT NC . -51.93 13.22 8.97
C2 CRT NC . -50.86 13.78 8.03
C3 CRT NC . -53.39 13.15 8.53
C4 CRT NC . -51.72 11.83 8.36
C5 CRT NC . -52.02 11.68 6.89
C6 CRT NC . -51.22 10.87 6.21
C7 CRT NC . -51.31 10.55 4.77
C8 CRT NC . -52.07 11.44 3.83
C9 CRT NC . -50.66 9.46 4.36
C10 CRT NC . -50.61 8.98 2.98
C11 CRT NC . -50.03 7.80 2.81
C12 CRT NC . -49.84 7.12 1.52
C13 CRT NC . -50.07 7.83 0.22
C14 CRT NC . -49.44 5.84 1.55
C15 CRT NC . -49.18 5.03 0.37
C16 CRT NC . -48.82 3.76 0.59
C17 CRT NC . -48.50 2.80 -0.47
C18 CRT NC . -48.58 3.19 -1.92
C19 CRT NC . -48.10 1.57 -0.11
C20 CRT NC . -47.71 0.53 -1.06
C21 CRT NC . -47.02 -0.50 -0.57
C22 CRT NC . -46.52 -1.58 -1.41
C23 CRT NC . -45.82 -2.58 -0.88
C24 CRT NC . -45.55 -2.62 0.59
C25 CRT NC . -45.30 -3.65 -1.75
C26 CRT NC . -44.38 -4.53 -1.33
C27 CRT NC . -43.90 -5.52 -2.28
C28 CRT NC . -42.91 -6.38 -2.02
C29 CRT NC . -42.20 -6.38 -0.69
C30 CRT NC . -42.49 -7.31 -3.09
C31 CRT NC . -41.44 -8.12 -2.99
C32 CRT NC . -41.15 -8.96 -4.15
C33 CRT NC . -40.01 -9.65 -4.31
C34 CRT NC . -38.94 -9.61 -3.27
C35 CRT NC . -39.85 -10.44 -5.54
C36 CRT NC . -38.69 -10.92 -5.96
C37 CRT NC . -38.68 -11.70 -7.26
C38 CRT NC . -37.34 -11.58 -7.99
C39 CRT NC . -37.34 -12.52 -9.20
C40 CRT NC . -37.08 -10.16 -8.45
O2 CRT NC . -36.30 -11.95 -7.10
C2M CRT NC . -34.97 -12.13 -7.57
C1B LMT OC . -53.19 -25.79 -18.85
C2B LMT OC . -54.55 -25.16 -19.14
C3B LMT OC . -55.65 -26.20 -19.32
C4B LMT OC . -55.65 -27.24 -18.20
C5B LMT OC . -54.24 -27.63 -17.79
C6B LMT OC . -54.10 -29.12 -17.55
O1B LMT OC . -52.72 -25.33 -17.59
O2B LMT OC . -54.90 -24.30 -18.05
O3B LMT OC . -55.50 -26.86 -20.59
O4' LMT OC . -56.36 -26.73 -17.07
O5B LMT OC . -53.32 -27.22 -18.80
O6B LMT OC . -52.84 -29.39 -16.90
C1' LMT OC . -51.22 -23.89 -15.16
C2' LMT OC . -51.04 -23.22 -16.52
C3' LMT OC . -50.57 -24.23 -17.57
C4' LMT OC . -51.32 -25.55 -17.40
C5' LMT OC . -51.09 -26.12 -16.00
C6' LMT OC . -50.16 -27.33 -16.06
O1' LMT OC . -50.72 -23.02 -14.14
O2' LMT OC . -52.27 -22.65 -16.95
O3' LMT OC . -49.16 -24.44 -17.43
O5' LMT OC . -50.54 -25.14 -15.13
O6' LMT OC . -50.22 -28.04 -14.82
C1 LMT OC . -51.34 -23.26 -12.88
C2 LMT OC . -50.94 -22.17 -11.92
C3 LMT OC . -49.44 -22.20 -11.67
C4 LMT OC . -48.97 -21.05 -10.78
C5 LMT OC . -47.50 -21.22 -10.44
C6 LMT OC . -46.93 -20.00 -9.71
C7 LMT OC . -47.64 -19.73 -8.39
C8 LMT OC . -46.82 -18.76 -7.55
C9 LMT OC . -47.72 -17.74 -6.88
C10 LMT OC . -46.89 -16.71 -6.10
C11 LMT OC . -47.80 -15.68 -5.45
C12 LMT OC . -47.00 -14.68 -4.65
N1 LDA PC . -27.17 -27.60 -13.14
O1 LDA PC . -27.78 -27.23 -14.15
CM1 LDA PC . -26.30 -28.73 -13.50
CM2 LDA PC . -28.13 -28.05 -12.11
C1 LDA PC . -26.36 -26.50 -12.61
C2 LDA PC . -27.27 -25.35 -12.18
C3 LDA PC . -26.89 -24.83 -10.80
C4 LDA PC . -25.46 -24.28 -10.79
C5 LDA PC . -25.08 -23.87 -9.37
C6 LDA PC . -26.02 -22.79 -8.83
C7 LDA PC . -25.53 -21.40 -9.20
C8 LDA PC . -26.31 -20.33 -8.44
C9 LDA PC . -26.26 -20.59 -6.94
C10 LDA PC . -26.95 -19.47 -6.19
C11 LDA PC . -25.99 -18.31 -5.92
C12 LDA PC . -25.12 -18.59 -4.72
C1B LMT QC . -24.06 -21.69 -14.08
C2B LMT QC . -23.27 -22.97 -13.76
C3B LMT QC . -23.07 -23.80 -15.02
C4B LMT QC . -22.35 -23.00 -16.08
C5B LMT QC . -22.97 -21.60 -16.20
C6B LMT QC . -23.19 -21.18 -17.65
O1B LMT QC . -23.37 -20.55 -13.57
O2B LMT QC . -22.00 -22.66 -13.20
O3B LMT QC . -24.34 -24.24 -15.51
O4' LMT QC . -20.97 -22.88 -15.74
O5B LMT QC . -24.21 -21.56 -15.50
O6B LMT QC . -24.25 -21.96 -18.22
C1' LMT QC . -24.46 -16.80 -12.24
C2' LMT QC . -25.46 -17.89 -11.90
C3' LMT QC . -24.90 -19.28 -12.19
C4' LMT QC . -24.17 -19.37 -13.52
C5' LMT QC . -23.25 -18.16 -13.71
C6' LMT QC . -22.58 -18.18 -15.08
O1' LMT QC . -25.07 -15.52 -12.09
O2' LMT QC . -25.80 -17.80 -10.51
O3' LMT QC . -26.00 -20.20 -12.20
O5' LMT QC . -24.01 -16.97 -13.59
O6' LMT QC . -21.45 -19.07 -15.05
C1 LMT QC . -24.12 -14.48 -12.30
C2 LMT QC . -24.62 -13.16 -11.73
C3 LMT QC . -23.45 -12.19 -11.55
C4 LMT QC . -23.90 -10.85 -11.04
C5 LMT QC . -22.83 -10.20 -10.17
C6 LMT QC . -23.36 -8.95 -9.50
C7 LMT QC . -22.38 -8.43 -8.45
C8 LMT QC . -22.93 -7.18 -7.78
C9 LMT QC . -24.34 -7.42 -7.27
C10 LMT QC . -24.35 -8.34 -6.05
C11 LMT QC . -23.75 -7.64 -4.85
C12 LMT QC . -23.94 -8.46 -3.59
MG BCL RC . -42.90 -15.62 -6.55
CHA BCL RC . -43.49 -15.88 -3.20
CHB BCL RC . -42.68 -12.30 -6.30
CHC BCL RC . -41.84 -15.58 -9.77
CHD BCL RC . -43.01 -19.13 -6.82
NA BCL RC . -43.10 -14.30 -5.07
C1A BCL RC . -43.29 -14.55 -3.81
C2A BCL RC . -43.19 -13.34 -2.95
C3A BCL RC . -43.31 -12.23 -3.96
C4A BCL RC . -43.02 -12.97 -5.21
CMA BCL RC . -44.72 -11.64 -4.00
CAA BCL RC . -41.80 -13.38 -2.35
CBA BCL RC . -41.41 -12.08 -1.68
CGA BCL RC . -41.76 -12.14 -0.22
O1A BCL RC . -42.87 -12.47 0.14
O2A BCL RC . -40.77 -11.78 0.78
NB BCL RC . -42.32 -14.16 -7.85
C1B BCL RC . -42.30 -12.84 -7.62
C2B BCL RC . -41.85 -11.97 -8.73
C3B BCL RC . -41.60 -12.98 -9.77
C4B BCL RC . -41.94 -14.26 -9.13
CMB BCL RC . -41.73 -10.46 -8.72
CAB BCL RC . -41.14 -12.79 -11.18
OBB BCL RC . -41.51 -13.58 -12.04
CBB BCL RC . -40.21 -11.66 -11.51
NC BCL RC . -42.71 -16.97 -8.02
C1C BCL RC . -42.32 -16.71 -9.28
C2C BCL RC . -42.44 -17.88 -10.21
C3C BCL RC . -43.13 -18.87 -9.33
C4C BCL RC . -42.95 -18.24 -7.98
CMC BCL RC . -43.28 -17.52 -11.43
CAC BCL RC . -42.46 -20.23 -9.38
CBC BCL RC . -40.96 -20.14 -9.39
ND BCL RC . -43.15 -17.27 -5.36
C1D BCL RC . -43.22 -18.60 -5.48
C2D BCL RC . -43.48 -19.31 -4.18
C3D BCL RC . -43.58 -18.14 -3.29
C4D BCL RC . -43.39 -17.06 -4.03
CMD BCL RC . -43.64 -20.71 -3.68
CAD BCL RC . -43.80 -17.76 -1.88
OBD BCL RC . -44.01 -18.55 -0.90
CBD BCL RC . -43.75 -16.28 -1.78
CGD BCL RC . -45.05 -15.77 -1.25
O1D BCL RC . -46.10 -16.25 -1.60
O2D BCL RC . -45.07 -14.69 -0.28
CED BCL RC . -46.27 -13.92 -0.13
C1 BCL RC . -40.86 -10.51 1.40
C2 BCL RC . -41.94 -10.53 2.46
C3 BCL RC . -41.84 -9.76 3.55
C4 BCL RC . -40.64 -8.87 3.74
C5 BCL RC . -42.94 -9.80 4.58
C6 BCL RC . -44.12 -8.96 4.09
C7 BCL RC . -45.17 -9.82 3.41
C8 BCL RC . -45.72 -9.16 2.14
C9 BCL RC . -44.60 -8.55 1.31
C10 BCL RC . -46.81 -8.15 2.49
C11 BCL RC . -46.89 -7.01 1.47
C12 BCL RC . -48.17 -6.19 1.64
C13 BCL RC . -49.42 -7.03 1.41
C14 BCL RC . -49.56 -7.39 -0.07
C15 BCL RC . -50.63 -6.27 1.92
C16 BCL RC . -51.50 -7.18 2.79
C17 BCL RC . -52.50 -7.97 1.95
C18 BCL RC . -52.22 -9.47 2.02
C19 BCL RC . -52.82 -10.19 0.82
C20 BCL RC . -52.73 -10.07 3.33
MG BCL SC . -40.41 -22.67 -0.73
CHA BCL SC . -40.46 -19.31 -0.11
CHB BCL SC . -40.71 -23.31 2.52
CHC BCL SC . -39.66 -25.90 -1.42
CHD BCL SC . -39.82 -22.03 -4.14
NA BCL SC . -40.58 -21.55 0.92
C1A BCL SC . -40.63 -20.26 1.01
C2A BCL SC . -40.69 -19.76 2.43
C3A BCL SC . -40.45 -21.01 3.22
C4A BCL SC . -40.58 -22.04 2.16
CMA BCL SC . -39.06 -21.04 3.85
CAA BCL SC . -42.02 -19.16 2.83
CBA BCL SC . -41.85 -18.47 4.18
CGA BCL SC . -42.64 -19.17 5.26
O1A BCL SC . -43.53 -18.58 5.84
O2A BCL SC . -42.37 -20.55 5.63
NB BCL SC . -40.18 -24.37 0.39
C1B BCL SC . -40.36 -24.48 1.72
C2B BCL SC . -40.17 -25.83 2.31
C3B BCL SC . -39.85 -26.62 1.10
C4B BCL SC . -39.91 -25.62 0.00
CMB BCL SC . -40.29 -26.21 3.76
CAB BCL SC . -39.54 -28.08 0.95
OBB BCL SC . -39.69 -28.62 -0.13
CBB BCL SC . -39.08 -28.88 2.13
NC BCL SC . -40.15 -23.77 -2.38
C1C BCL SC . -40.00 -25.10 -2.41
C2C BCL SC . -40.19 -25.69 -3.77
C3C BCL SC . -40.21 -24.46 -4.63
C4C BCL SC . -40.08 -23.37 -3.62
CMC BCL SC . -39.00 -26.57 -4.13
CAC BCL SC . -41.51 -24.33 -5.41
CBC BCL SC . -41.25 -23.81 -6.81
ND BCL SC . -40.13 -21.08 -1.97
C1D BCL SC . -39.95 -20.86 -3.28
C2D BCL SC . -39.86 -19.40 -3.63
C3D BCL SC . -40.08 -18.82 -2.31
C4D BCL SC . -40.24 -19.82 -1.45
CMD BCL SC . -39.65 -18.55 -4.86
CAD BCL SC . -40.18 -17.53 -1.60
OBD BCL SC . -40.07 -16.37 -2.14
CBD BCL SC . -40.44 -17.81 -0.15
CGD BCL SC . -39.43 -17.13 0.72
O1D BCL SC . -38.24 -17.23 0.49
O2D BCL SC . -39.87 -16.33 1.85
CED BCL SC . -38.91 -15.79 2.75
C1 BCL SC . -43.12 -21.18 6.66
C2 BCL SC . -44.22 -22.01 6.05
C3 BCL SC . -44.23 -23.35 6.19
C4 BCL SC . -43.14 -24.03 6.96
C5 BCL SC . -45.35 -24.17 5.57
C6 BCL SC . -45.44 -23.90 4.08
C7 BCL SC . -45.97 -25.11 3.31
C8 BCL SC . -44.86 -25.92 2.65
C9 BCL SC . -43.55 -25.15 2.64
C10 BCL SC . -45.23 -26.27 1.22
C11 BCL SC . -44.38 -27.42 0.67
C12 BCL SC . -44.54 -28.67 1.53
C13 BCL SC . -43.61 -29.78 1.06
C14 BCL SC . -43.99 -30.27 -0.34
C15 BCL SC . -43.62 -30.92 2.08
C16 BCL SC . -45.01 -31.31 2.53
C17 BCL SC . -45.45 -32.65 1.96
C18 BCL SC . -46.46 -33.35 2.87
C19 BCL SC . -46.38 -34.86 2.72
C20 BCL SC . -47.87 -32.84 2.61
C1M CRT TC . -45.95 -2.48 21.03
O1 CRT TC . -46.85 -2.21 19.97
C1 CRT TC . -48.21 -2.65 20.07
C2 CRT TC . -48.24 -4.12 20.42
C3 CRT TC . -48.91 -1.84 21.16
C4 CRT TC . -48.90 -2.41 18.73
C5 CRT TC . -48.07 -2.98 17.60
C6 CRT TC . -48.51 -4.01 16.88
C7 CRT TC . -47.69 -4.55 15.78
C8 CRT TC . -46.69 -3.65 15.11
C9 CRT TC . -47.84 -5.82 15.37
C10 CRT TC . -47.03 -6.37 14.28
C11 CRT TC . -47.22 -7.63 13.91
C12 CRT TC . -46.43 -8.24 12.82
C13 CRT TC . -45.68 -7.37 11.86
C14 CRT TC . -46.40 -9.57 12.70
C15 CRT TC . -45.64 -10.26 11.65
C16 CRT TC . -45.40 -11.57 11.78
C17 CRT TC . -44.63 -12.32 10.76
C18 CRT TC . -44.64 -11.87 9.33
C19 CRT TC . -43.93 -13.40 11.14
C20 CRT TC . -43.15 -14.18 10.18
C21 CRT TC . -42.39 -15.17 10.62
C22 CRT TC . -41.60 -15.96 9.68
C23 CRT TC . -40.64 -16.81 10.09
C24 CRT TC . -40.34 -16.98 11.55
C25 CRT TC . -39.88 -17.58 9.08
C26 CRT TC . -38.83 -18.32 9.38
C27 CRT TC . -38.17 -19.04 8.28
C28 CRT TC . -37.07 -19.79 8.42
C29 CRT TC . -36.42 -19.99 9.75
C30 CRT TC . -36.54 -20.44 7.21
C31 CRT TC . -35.35 -21.04 7.11
C32 CRT TC . -35.06 -21.60 5.80
C33 CRT TC . -33.96 -22.30 5.48
C34 CRT TC . -32.90 -22.59 6.50
C35 CRT TC . -33.86 -22.78 4.09
C36 CRT TC . -32.82 -23.44 3.59
C37 CRT TC . -32.94 -23.86 2.13
C38 CRT TC . -31.75 -23.40 1.30
C39 CRT TC . -31.76 -24.12 -0.04
C40 CRT TC . -31.81 -21.89 1.09
O2 CRT TC . -30.54 -23.69 1.99
C2M CRT TC . -29.28 -23.49 1.36
C1B LMT UC . -43.37 -39.36 -7.06
C2B LMT UC . -43.89 -40.30 -8.15
C3B LMT UC . -42.88 -40.41 -9.29
C4B LMT UC . -41.53 -40.89 -8.78
C5B LMT UC . -41.21 -40.29 -7.41
C6B LMT UC . -39.72 -39.95 -7.30
O1B LMT UC . -43.65 -39.90 -5.78
O2B LMT UC . -44.10 -41.60 -7.59
O3B LMT UC . -42.75 -39.14 -9.94
O4' LMT UC . -41.54 -42.32 -8.68
O5B LMT UC . -41.97 -39.11 -7.22
O6B LMT UC . -38.94 -41.11 -7.63
C1' LMT UC . -44.20 -38.14 -2.04
C2' LMT UC . -44.75 -37.37 -3.22
C3' LMT UC . -44.89 -38.30 -4.42
C4' LMT UC . -43.54 -38.95 -4.71
C5' LMT UC . -43.03 -39.65 -3.46
C6' LMT UC . -41.67 -40.29 -3.71
O1' LMT UC . -44.03 -37.25 -0.94
O2' LMT UC . -46.01 -36.79 -2.90
O3' LMT UC . -45.38 -37.56 -5.55
O5' LMT UC . -42.93 -38.72 -2.38
O6' LMT UC . -41.85 -41.58 -4.32
C1 LMT UC . -43.51 -37.91 0.21
C2 LMT UC . -42.94 -36.85 1.16
C3 LMT UC . -42.02 -35.91 0.40
C4 LMT UC . -41.55 -34.75 1.27
C5 LMT UC . -40.19 -35.05 1.88
C6 LMT UC . -39.54 -33.77 2.41
C7 LMT UC . -40.34 -33.20 3.57
C8 LMT UC . -39.65 -31.95 4.11
C9 LMT UC . -40.44 -31.33 5.26
C10 LMT UC . -39.89 -29.95 5.58
C11 LMT UC . -40.47 -29.40 6.89
C12 LMT UC . -41.98 -29.29 6.81
N1 LDA VC . -24.35 -30.35 -10.51
O1 LDA VC . -25.56 -30.45 -10.80
CM1 LDA VC . -24.00 -31.39 -9.53
CM2 LDA VC . -23.54 -30.56 -11.72
C1 LDA VC . -24.07 -29.01 -9.96
C2 LDA VC . -24.93 -28.76 -8.73
C3 LDA VC . -24.38 -27.61 -7.91
C4 LDA VC . -25.33 -27.20 -6.79
C5 LDA VC . -24.58 -26.41 -5.72
C6 LDA VC . -25.52 -25.76 -4.71
C7 LDA VC . -26.37 -24.69 -5.37
C8 LDA VC . -27.18 -23.91 -4.34
C9 LDA VC . -26.31 -22.95 -3.55
C10 LDA VC . -27.18 -22.02 -2.71
C11 LDA VC . -26.36 -20.92 -2.04
C12 LDA VC . -25.68 -21.41 -0.78
MG BCL WC . -35.94 -28.44 4.16
CHA BCL WC . -36.19 -28.75 7.56
CHB BCL WC . -36.93 -25.24 4.42
CHC BCL WC . -35.65 -28.19 0.82
CHD BCL WC . -35.87 -31.93 3.85
NA BCL WC . -36.24 -27.16 5.68
C1A BCL WC . -36.19 -27.41 6.95
C2A BCL WC . -36.24 -26.18 7.81
C3A BCL WC . -36.67 -25.13 6.83
C4A BCL WC . -36.60 -25.88 5.53
CMA BCL WC . -38.10 -24.68 7.07
CAA BCL WC . -34.89 -25.84 8.42
CBA BCL WC . -34.98 -24.47 9.08
CGA BCL WC . -33.89 -24.30 10.10
O1A BCL WC . -32.72 -24.42 9.79
O2A BCL WC . -34.24 -23.98 11.47
NB BCL WC . -36.28 -26.94 2.80
C1B BCL WC . -36.65 -25.67 3.04
C2B BCL WC . -36.77 -24.78 1.86
C3B BCL WC . -36.38 -25.70 0.78
C4B BCL WC . -36.10 -26.97 1.48
CMB BCL WC . -37.20 -23.34 1.85
CAB BCL WC . -36.29 -25.45 -0.70
OBB BCL WC . -36.45 -26.39 -1.46
CBB BCL WC . -35.98 -24.09 -1.22
NC BCL WC . -35.80 -29.75 2.65
C1C BCL WC . -35.73 -29.41 1.35
C2C BCL WC . -35.69 -30.57 0.41
C3C BCL WC . -35.66 -31.72 1.38
C4C BCL WC . -35.78 -31.03 2.69
CMC BCL WC . -36.94 -30.63 -0.45
CAC BCL WC . -34.33 -32.45 1.29
CBC BCL WC . -34.53 -33.95 1.26
ND BCL WC . -36.04 -30.09 5.34
C1D BCL WC . -35.97 -31.43 5.21
C2D BCL WC . -36.05 -32.17 6.51
C3D BCL WC . -36.13 -31.03 7.43
C4D BCL WC . -36.10 -29.91 6.71
CMD BCL WC . -36.05 -33.59 7.02
CAD BCL WC . -36.23 -30.68 8.87
OBD BCL WC . -36.28 -31.52 9.83
CBD BCL WC . -36.27 -29.19 8.99
CGD BCL WC . -37.50 -28.76 9.72
O1D BCL WC . -38.58 -29.27 9.49
O2D BCL WC . -37.42 -27.73 10.73
CED BCL WC . -38.61 -27.17 11.28
C1 BCL WC . -33.32 -23.30 12.34
C2 BCL WC . -33.96 -22.03 12.82
C3 BCL WC . -34.78 -22.02 13.88
C4 BCL WC . -35.09 -23.31 14.61
C5 BCL WC . -35.41 -20.74 14.36
C6 BCL WC . -36.89 -21.00 14.65
C7 BCL WC . -37.73 -19.73 14.47
C8 BCL WC . -39.15 -19.89 14.99
C9 BCL WC . -39.25 -20.90 16.13
C10 BCL WC . -40.08 -20.23 13.83
C11 BCL WC . -41.29 -21.06 14.25
C12 BCL WC . -42.55 -20.59 13.52
C13 BCL WC . -43.76 -21.42 13.90
C14 BCL WC . -44.07 -21.33 15.40
C15 BCL WC . -43.54 -22.87 13.48
C16 BCL WC . -44.78 -23.71 13.75
C17 BCL WC . -45.93 -23.27 12.84
C18 BCL WC . -46.00 -24.16 11.61
C19 BCL WC . -46.32 -23.33 10.36
C20 BCL WC . -47.00 -25.28 11.79
MG BCL XC . -31.29 -34.73 9.42
CHA BCL XC . -31.93 -31.44 10.12
CHB BCL XC . -30.79 -35.36 12.66
CHC BCL XC . -29.91 -37.70 8.52
CHD BCL XC . -31.40 -34.00 5.99
NA BCL XC . -31.39 -33.64 11.10
C1A BCL XC . -31.70 -32.40 11.23
C2A BCL XC . -31.67 -31.90 12.64
C3A BCL XC . -31.10 -33.09 13.38
C4A BCL XC . -31.09 -34.12 12.31
CMA BCL XC . -29.70 -32.84 13.91
CAA BCL XC . -33.03 -31.49 13.18
CBA BCL XC . -32.86 -30.45 14.28
CGA BCL XC . -32.74 -31.13 15.63
O1A BCL XC . -32.46 -30.51 16.63
O2A BCL XC . -32.94 -32.57 15.72
NB BCL XC . -30.44 -36.29 10.44
C1B BCL XC . -30.32 -36.43 11.76
C2B BCL XC . -29.70 -37.69 12.27
C3B BCL XC . -29.43 -38.38 11.00
C4B BCL XC . -29.95 -37.46 9.97
CMB BCL XC . -29.43 -38.07 13.70
CAB BCL XC . -28.83 -39.73 10.76
OBB BCL XC . -29.18 -40.38 9.79
CBB BCL XC . -27.80 -40.26 11.71
NC BCL XC . -31.05 -35.76 7.71
C1C BCL XC . -30.61 -37.01 7.62
C2C BCL XC . -30.89 -37.65 6.30
C3C BCL XC . -31.40 -36.47 5.51
C4C BCL XC . -31.29 -35.36 6.51
CMC BCL XC . -29.60 -38.17 5.70
CAC BCL XC . -32.83 -36.66 5.06
CBC BCL XC . -32.98 -36.33 3.60
ND BCL XC . -31.55 -33.13 8.19
C1D BCL XC . -31.63 -32.88 6.87
C2D BCL XC . -31.91 -31.45 6.54
C3D BCL XC . -32.02 -30.91 7.90
C4D BCL XC . -31.83 -31.91 8.76
CMD BCL XC . -32.08 -30.59 5.33
CAD BCL XC . -32.27 -29.66 8.65
OBD BCL XC . -32.51 -28.51 8.13
CBD BCL XC . -32.24 -29.97 10.12
CGD BCL XC . -31.31 -29.08 10.89
O1D BCL XC . -30.17 -29.42 11.16
O2D BCL XC . -31.80 -27.79 11.35
CED BCL XC . -31.26 -27.22 12.53
C1 BCL XC . -33.42 -33.19 16.91
C2 BCL XC . -34.02 -34.51 16.48
C3 BCL XC . -33.22 -35.53 16.16
C4 BCL XC . -31.72 -35.38 16.23
C5 BCL XC . -33.80 -36.86 15.73
C6 BCL XC . -32.80 -37.47 14.75
C7 BCL XC . -33.46 -37.82 13.42
C8 BCL XC . -32.96 -39.18 12.94
C9 BCL XC . -32.83 -39.23 11.43
C10 BCL XC . -33.88 -40.28 13.44
C11 BCL XC . -35.29 -39.79 13.74
C12 BCL XC . -36.21 -39.99 12.54
C13 BCL XC . -37.29 -41.02 12.79
C14 BCL XC . -36.92 -42.04 13.87
C15 BCL XC . -37.61 -41.74 11.48
C16 BCL XC . -36.36 -42.29 10.81
C17 BCL XC . -36.70 -42.97 9.49
C18 BCL XC . -37.17 -44.40 9.73
C19 BCL XC . -36.33 -45.40 8.94
C20 BCL XC . -38.65 -44.57 9.41
C1M CRT YC . -38.08 -16.31 32.66
O1 CRT YC . -39.07 -16.39 31.63
C1 CRT YC . -39.99 -15.31 31.48
C2 CRT YC . -39.86 -14.37 30.27
C3 CRT YC . -41.20 -15.19 32.39
C4 CRT YC . -40.84 -16.28 30.66
C5 CRT YC . -40.25 -16.67 29.31
C6 CRT YC . -40.28 -17.92 28.85
C7 CRT YC . -39.70 -18.20 27.52
C8 CRT YC . -39.36 -17.05 26.61
C9 CRT YC . -39.49 -19.46 27.11
C10 CRT YC . -38.92 -19.72 25.80
C11 CRT YC . -38.71 -20.98 25.42
C12 CRT YC . -38.13 -21.31 24.10
C13 CRT YC . -38.25 -20.35 22.95
C14 CRT YC . -37.52 -22.49 23.95
C15 CRT YC . -36.91 -22.92 22.68
C16 CRT YC . -36.40 -24.16 22.64
C17 CRT YC . -35.76 -24.72 21.43
C18 CRT YC . -36.11 -24.22 20.07
C19 CRT YC . -34.83 -25.68 21.60
C20 CRT YC . -34.10 -26.31 20.51
C21 CRT YC . -33.05 -27.07 20.81
C22 CRT YC . -32.27 -27.72 19.77
C23 CRT YC . -31.08 -28.29 20.05
C24 CRT YC . -30.53 -28.28 21.45
C25 CRT YC . -30.31 -28.93 18.96
C26 CRT YC . -29.04 -29.31 19.11
C27 CRT YC . -28.42 -29.92 17.94
C28 CRT YC . -27.12 -30.27 17.86
C29 CRT YC . -26.17 -30.06 18.99
C30 CRT YC . -26.69 -30.88 16.58
C31 CRT YC . -25.44 -31.18 16.25
C32 CRT YC . -25.31 -31.76 14.92
C33 CRT YC . -24.17 -32.02 14.27
C34 CRT YC . -22.82 -31.74 14.86
C35 CRT YC . -24.31 -32.60 12.93
C36 CRT YC . -23.29 -32.86 12.12
C37 CRT YC . -23.66 -33.45 10.78
C38 CRT YC . -22.82 -32.87 9.66
C39 CRT YC . -22.62 -33.92 8.59
C40 CRT YC . -23.50 -31.65 9.08
O2 CRT YC . -21.57 -32.47 10.20
C2M CRT YC . -20.48 -32.17 9.33
C1B LMT ZC . -27.37 -52.80 4.53
C2B LMT ZC . -27.94 -52.78 3.11
C3B LMT ZC . -28.61 -54.12 2.86
C4B LMT ZC . -27.59 -55.23 3.02
C5B LMT ZC . -26.89 -55.14 4.37
C6B LMT ZC . -25.72 -56.12 4.43
O1B LMT ZC . -28.40 -53.05 5.48
O2B LMT ZC . -28.88 -51.72 2.97
O3B LMT ZC . -29.16 -54.15 1.53
O4' LMT ZC . -28.24 -56.50 2.91
O5B LMT ZC . -26.37 -53.83 4.61
O6B LMT ZC . -24.81 -55.83 3.36
C1' LMT ZC . -29.79 -50.75 8.71
C2' LMT ZC . -29.79 -50.09 7.33
C3' LMT ZC . -29.59 -51.09 6.19
C4' LMT ZC . -28.45 -52.04 6.50
C5' LMT ZC . -28.71 -52.69 7.86
C6' LMT ZC . -27.66 -53.73 8.19
O1' LMT ZC . -29.68 -49.71 9.67
O2' LMT ZC . -31.03 -49.40 7.12
O3' LMT ZC . -29.30 -50.36 5.00
O5' LMT ZC . -28.69 -51.64 8.83
O6' LMT ZC . -27.97 -54.30 9.47
C1 LMT ZC . -29.04 -50.12 10.88
C2 LMT ZC . -28.81 -48.88 11.74
C3 LMT ZC . -28.37 -47.71 10.87
C4 LMT ZC . -28.13 -46.44 11.70
C5 LMT ZC . -26.74 -46.44 12.34
C6 LMT ZC . -26.07 -45.10 12.14
C7 LMT ZC . -26.74 -44.01 12.95
C8 LMT ZC . -26.56 -44.26 14.44
C9 LMT ZC . -27.21 -43.16 15.27
C10 LMT ZC . -26.59 -41.80 14.96
C11 LMT ZC . -26.99 -40.77 16.01
C12 LMT ZC . -28.49 -40.70 16.16
MG BCL AD . -24.67 -38.81 13.04
CHA BCL AD . -23.68 -38.72 16.29
CHB BCL AD . -26.01 -35.74 13.36
CHC BCL AD . -25.21 -38.78 9.69
CHD BCL AD . -23.04 -41.90 12.63
NA BCL AD . -24.92 -37.51 14.54
C1A BCL AD . -24.48 -37.61 15.75
C2A BCL AD . -24.89 -36.46 16.63
C3A BCL AD . -25.85 -35.71 15.78
C4A BCL AD . -25.60 -36.36 14.45
CMA BCL AD . -27.29 -35.93 16.22
CAA BCL AD . -23.69 -35.59 16.96
CBA BCL AD . -24.13 -34.41 17.82
CGA BCL AD . -22.91 -33.75 18.39
O1A BCL AD . -22.10 -33.19 17.67
O2A BCL AD . -22.70 -33.76 19.82
NB BCL AD . -25.46 -37.46 11.70
C1B BCL AD . -25.99 -36.26 11.99
C2B BCL AD . -26.52 -35.47 10.85
C3B BCL AD . -26.27 -36.40 9.74
C4B BCL AD . -25.65 -37.57 10.39
CMB BCL AD . -27.15 -34.10 10.91
CAB BCL AD . -26.57 -36.27 8.28
OBB BCL AD . -26.72 -37.27 7.59
CBB BCL AD . -26.67 -34.91 7.66
NC BCL AD . -24.36 -40.08 11.52
C1C BCL AD . -24.71 -39.88 10.24
C2C BCL AD . -24.49 -41.04 9.34
C3C BCL AD . -23.85 -42.02 10.27
C4C BCL AD . -23.79 -41.24 11.55
CMC BCL AD . -25.79 -41.57 8.78
CAC BCL AD . -22.43 -42.33 9.81
CBC BCL AD . -22.10 -43.80 9.94
ND BCL AD . -23.54 -40.11 14.12
C1D BCL AD . -22.96 -41.32 13.96
C2D BCL AD . -22.28 -41.83 15.20
C3D BCL AD . -22.62 -40.73 16.12
C4D BCL AD . -23.33 -39.83 15.45
CMD BCL AD . -21.47 -43.02 15.65
CAD BCL AD . -22.44 -40.27 17.51
OBD BCL AD . -21.79 -40.89 18.43
CBD BCL AD . -23.12 -38.94 17.67
CGD BCL AD . -24.17 -39.00 18.72
O1D BCL AD . -25.17 -39.70 18.60
O2D BCL AD . -24.02 -38.21 19.93
CED BCL AD . -25.15 -37.95 20.76
C1 BCL AD . -21.54 -33.12 20.37
C2 BCL AD . -21.87 -31.71 20.77
C3 BCL AD . -22.50 -31.45 21.92
C4 BCL AD . -22.80 -30.03 22.29
C5 BCL AD . -22.89 -32.58 22.84
C6 BCL AD . -23.34 -32.02 24.19
C7 BCL AD . -24.78 -32.39 24.52
C8 BCL AD . -25.66 -32.52 23.28
C9 BCL AD . -26.24 -31.17 22.86
C10 BCL AD . -26.77 -33.51 23.59
C11 BCL AD . -26.66 -34.79 22.77
C12 BCL AD . -27.17 -34.63 21.35
C13 BCL AD . -28.69 -34.73 21.21
C14 BCL AD . -29.34 -33.35 21.17
C15 BCL AD . -29.28 -35.60 22.32
C16 BCL AD . -30.80 -35.60 22.35
C17 BCL AD . -31.37 -36.91 21.80
C18 BCL AD . -32.46 -37.46 22.71
C19 BCL AD . -32.54 -38.97 22.60
C20 BCL AD . -33.80 -36.81 22.43
C1M CRT BD . -5.56 -27.35 44.74
O1 CRT BD . -6.46 -28.44 44.50
C1 CRT BD . -7.44 -28.77 45.48
C2 CRT BD . -6.77 -28.95 46.83
C3 CRT BD . -8.45 -27.63 45.54
C4 CRT BD . -8.15 -30.05 45.06
C5 CRT BD . -8.11 -30.25 43.57
C6 CRT BD . -7.72 -31.40 43.04
C7 CRT BD . -7.70 -31.58 41.58
C8 CRT BD . -8.30 -30.56 40.68
C9 CRT BD . -7.14 -32.66 41.04
C10 CRT BD . -7.12 -32.85 39.59
C11 CRT BD . -6.38 -33.82 39.08
C12 CRT BD . -6.29 -34.12 37.64
C13 CRT BD . -7.42 -33.78 36.72
C14 CRT BD . -5.17 -34.70 37.19
C15 CRT BD . -4.94 -35.06 35.80
C16 CRT BD . -3.74 -35.53 35.50
C17 CRT BD . -3.37 -35.96 34.15
C18 CRT BD . -4.42 -36.30 33.13
C19 CRT BD . -2.06 -36.05 33.84
C20 CRT BD . -1.62 -36.48 32.51
C21 CRT BD . -0.32 -36.37 32.20
C22 CRT BD . 0.15 -36.80 30.89
C23 CRT BD . 1.35 -36.40 30.44
C24 CRT BD . 2.21 -35.49 31.26
C25 CRT BD . 1.82 -36.86 29.12
C26 CRT BD . 2.94 -36.41 28.56
C27 CRT BD . 3.30 -36.96 27.26
C28 CRT BD . 4.31 -36.49 26.52
C29 CRT BD . 5.16 -35.33 26.98
C30 CRT BD . 4.56 -37.14 25.22
C31 CRT BD . 5.43 -36.69 24.32
C32 CRT BD . 5.52 -37.48 23.10
C33 CRT BD . 6.19 -37.12 22.00
C34 CRT BD . 6.94 -35.83 21.93
C35 CRT BD . 6.15 -38.05 20.87
C36 CRT BD . 6.54 -37.75 19.64
C37 CRT BD . 6.42 -38.86 18.63
C38 CRT BD . 5.63 -38.39 17.41
C39 CRT BD . 5.62 -39.47 16.36
C40 CRT BD . 4.21 -38.01 17.81
O2 CRT BD . 6.27 -37.23 16.90
C2M CRT BD . 5.91 -36.70 15.62
MG BCL CD . -16.73 -42.67 16.92
CHA BCL CD . -18.24 -39.72 17.83
CHB BCL CD . -15.00 -42.67 19.80
CHC BCL CD . -14.90 -45.26 15.72
CHD BCL CD . -18.08 -42.34 13.70
NA BCL CD . -16.71 -41.50 18.56
C1A BCL CD . -17.40 -40.44 18.81
C2A BCL CD . -17.16 -39.82 20.15
C3A BCL CD . -15.90 -40.56 20.57
C4A BCL CD . -15.85 -41.67 19.59
CMA BCL CD . -14.68 -39.67 20.42
CAA BCL CD . -18.28 -40.01 21.14
CBA BCL CD . -18.48 -38.78 22.03
CGA BCL CD . -17.33 -38.62 23.00
O1A BCL CD . -16.66 -37.62 23.01
O2A BCL CD . -17.03 -39.70 23.93
NB BCL CD . -15.16 -43.79 17.64
C1B BCL CD . -14.57 -43.68 18.84
C2B BCL CD . -13.46 -44.65 19.12
C3B BCL CD . -13.44 -45.42 17.85
C4B BCL CD . -14.53 -44.81 17.06
CMB BCL CD . -12.61 -44.75 20.36
CAB BCL CD . -12.57 -46.57 17.44
OBB BCL CD . -13.02 -47.41 16.67
CBB BCL CD . -11.17 -46.65 17.95
NC BCL CD . -16.65 -43.71 15.21
C1C BCL CD . -15.89 -44.80 14.98
C2C BCL CD . -16.18 -45.50 13.71
C3C BCL CD . -17.16 -44.57 13.08
C4C BCL CD . -17.29 -43.50 14.11
CMC BCL CD . -14.93 -45.58 12.86
CAC BCL CD . -18.50 -45.22 12.81
CBC BCL CD . -18.92 -45.00 11.37
ND BCL CD . -17.87 -41.36 15.86
C1D BCL CD . -18.40 -41.29 14.64
C2D BCL CD . -19.25 -40.07 14.42
C3D BCL CD . -19.16 -39.47 15.75
C4D BCL CD . -18.38 -40.26 16.49
CMD BCL CD . -20.04 -39.47 13.30
CAD BCL CD . -19.60 -38.31 16.53
OBD BCL CD . -20.35 -37.36 16.12
CBD BCL CD . -19.05 -38.44 17.92
CGD BCL CD . -18.38 -37.18 18.35
O1D BCL CD . -17.40 -36.73 17.77
O2D BCL CD . -18.95 -36.45 19.47
CED BCL CD . -18.43 -35.19 19.84
C1 BCL CD . -15.67 -40.10 24.17
C2 BCL CD . -15.61 -41.21 25.17
C3 BCL CD . -16.08 -42.44 24.89
C4 BCL CD . -16.01 -43.54 25.90
C5 BCL CD . -16.70 -42.70 23.53
C6 BCL CD . -16.72 -44.19 23.18
C7 BCL CD . -17.24 -44.36 21.75
C8 BCL CD . -17.57 -45.79 21.39
C9 BCL CD . -17.92 -46.62 22.62
C10 BCL CD . -16.41 -46.38 20.59
C11 BCL CD . -16.38 -47.90 20.64
C12 BCL CD . -15.47 -48.45 19.55
C13 BCL CD . -15.69 -49.95 19.38
C14 BCL CD . -14.75 -50.53 18.32
C15 BCL CD . -17.15 -50.22 19.01
C16 BCL CD . -17.55 -51.65 19.33
C17 BCL CD . -18.89 -52.02 18.71
C18 BCL CD . -19.15 -53.51 18.83
C19 BCL CD . -18.02 -54.33 18.21
C20 BCL CD . -20.50 -53.91 18.23
C1M CRT DD . -26.39 -22.98 40.23
O1 CRT DD . -26.45 -24.39 39.95
C1 CRT DD . -25.48 -25.26 40.50
C2 CRT DD . -24.12 -24.94 39.88
C3 CRT DD . -25.41 -25.06 42.01
C4 CRT DD . -25.88 -26.70 40.19
C5 CRT DD . -26.20 -26.90 38.73
C6 CRT DD . -25.46 -27.74 38.02
C7 CRT DD . -25.68 -28.02 36.59
C8 CRT DD . -26.93 -27.54 35.92
C9 CRT DD . -24.76 -28.72 35.93
C10 CRT DD . -24.85 -29.08 34.51
C11 CRT DD . -23.95 -29.97 34.08
C12 CRT DD . -23.86 -30.46 32.69
C13 CRT DD . -24.85 -30.06 31.65
C14 CRT DD . -22.84 -31.28 32.42
C15 CRT DD . -22.56 -31.88 31.11
C16 CRT DD . -21.49 -32.68 31.06
C17 CRT DD . -21.01 -33.37 29.84
C18 CRT DD . -21.92 -33.58 28.66
C19 CRT DD . -19.74 -33.79 29.81
C20 CRT DD . -19.18 -34.46 28.64
C21 CRT DD . -17.92 -34.86 28.66
C22 CRT DD . -17.34 -35.50 27.49
C23 CRT DD . -16.06 -35.89 27.45
C24 CRT DD . -15.16 -35.72 28.64
C25 CRT DD . -15.53 -36.50 26.22
C26 CRT DD . -14.26 -36.31 25.85
C27 CRT DD . -13.80 -36.92 24.60
C28 CRT DD . -12.61 -36.64 24.06
C29 CRT DD . -11.67 -35.66 24.71
C30 CRT DD . -12.25 -37.30 22.80
C31 CRT DD . -11.21 -36.91 22.06
C32 CRT DD . -11.00 -37.66 20.84
C33 CRT DD . -10.05 -37.41 19.94
C34 CRT DD . -9.08 -36.28 20.14
C35 CRT DD . -9.99 -38.27 18.75
C36 CRT DD . -9.28 -38.00 17.67
C37 CRT DD . -9.37 -39.01 16.55
C38 CRT DD . -9.54 -38.31 15.21
C39 CRT DD . -9.52 -39.34 14.08
C40 CRT DD . -10.84 -37.53 15.17
O2 CRT DD . -8.46 -37.40 15.05
C2M CRT DD . -8.20 -36.79 13.78
C1 CDL ED . -8.75 -17.84 33.67
O1 CDL ED . -8.49 -17.56 32.29
CA2 CDL ED . -10.09 -18.57 33.83
OA2 CDL ED . -10.22 -19.53 32.78
PA1 CDL ED . -10.87 -20.99 33.05
OA3 CDL ED . -9.80 -21.88 33.64
OA4 CDL ED . -12.17 -20.81 33.77
OA5 CDL ED . -11.17 -21.51 31.56
CA3 CDL ED . -10.09 -21.97 30.76
CA4 CDL ED . -10.52 -23.17 29.94
OA6 CDL ED . -10.57 -24.30 30.82
CA5 CDL ED . -10.84 -25.59 30.21
OA7 CDL ED . -11.38 -25.66 29.12
C11 CDL ED . -10.43 -26.85 30.93
C12 CDL ED . -11.08 -28.06 30.26
C13 CDL ED . -10.79 -29.32 31.07
C14 CDL ED . -11.68 -30.49 30.65
C15 CDL ED . -11.79 -31.48 31.80
C16 CDL ED . -12.30 -30.79 33.06
C17 CDL ED . -12.33 -31.74 34.25
C18 CDL ED . -13.33 -32.87 34.04
C19 CDL ED . -14.72 -32.33 33.72
CA6 CDL ED . -9.46 -23.36 28.86
OA8 CDL ED . -9.87 -22.67 27.68
CA7 CDL ED . -8.91 -22.42 26.61
OA9 CDL ED . -7.98 -21.67 26.81
C31 CDL ED . -9.12 -23.08 25.27
C32 CDL ED . -7.81 -23.05 24.48
C33 CDL ED . -7.88 -24.04 23.32
C34 CDL ED . -6.69 -23.92 22.39
C35 CDL ED . -6.33 -25.27 21.81
C36 CDL ED . -7.55 -25.91 21.13
C37 CDL ED . -7.47 -27.43 21.16
C38 CDL ED . -8.58 -28.00 22.02
C39 CDL ED . -8.39 -27.68 23.49
C40 CDL ED . -9.73 -27.46 24.20
C41 CDL ED . -9.61 -27.67 25.71
C42 CDL ED . -9.56 -29.16 26.03
C43 CDL ED . -10.87 -29.85 25.68
CB2 CDL ED . -8.76 -16.56 34.49
OB2 CDL ED . -7.70 -15.73 34.01
PB2 CDL ED . -6.68 -14.98 35.00
OB3 CDL ED . -7.41 -13.85 35.68
OB4 CDL ED . -5.96 -16.02 35.83
OB5 CDL ED . -5.64 -14.38 33.96
CB3 CDL ED . -4.24 -14.65 34.09
CB4 CDL ED . -3.82 -15.39 32.83
OB6 CDL ED . -4.15 -14.58 31.71
CB5 CDL ED . -3.23 -14.77 30.61
OB7 CDL ED . -2.15 -15.32 30.80
C51 CDL ED . -3.60 -14.29 29.22
C52 CDL ED . -2.39 -14.38 28.30
C53 CDL ED . -2.78 -13.99 26.87
C54 CDL ED . -1.55 -13.75 26.01
CB6 CDL ED . -4.63 -16.69 32.78
OB8 CDL ED . -4.27 -17.49 31.65
CB7 CDL ED . -5.08 -18.64 31.30
OB9 CDL ED . -6.18 -18.78 31.82
C71 CDL ED . -4.58 -19.66 30.30
C72 CDL ED . -3.27 -20.24 30.79
C73 CDL ED . -2.56 -21.04 29.72
C74 CDL ED . -1.32 -20.33 29.20
C75 CDL ED . -1.65 -18.99 28.56
C76 CDL ED . -0.64 -18.64 27.48
C77 CDL ED . -0.98 -17.30 26.83
MG BCL FD . -8.11 -43.84 18.59
CHA BCL FD . -6.62 -43.39 21.64
CHB BCL FD . -10.52 -41.66 19.46
CHC BCL FD . -9.62 -44.45 15.61
CHD BCL FD . -6.03 -46.61 18.00
NA BCL FD . -8.44 -42.63 20.16
C1A BCL FD . -7.71 -42.48 21.21
C2A BCL FD . -8.09 -41.33 22.07
C3A BCL FD . -9.48 -41.05 21.57
C4A BCL FD . -9.50 -41.83 20.30
CMA BCL FD . -10.54 -41.60 22.52
CAA BCL FD . -7.15 -40.16 21.82
CBA BCL FD . -7.63 -38.84 22.40
CGA BCL FD . -7.28 -38.71 23.87
O1A BCL FD . -6.96 -39.70 24.52
O2A BCL FD . -7.30 -37.42 24.53
NB BCL FD . -9.83 -43.19 17.69
C1B BCL FD . -10.70 -42.27 18.15
C2B BCL FD . -11.85 -41.95 17.26
C3B BCL FD . -11.56 -42.80 16.10
C4B BCL FD . -10.31 -43.50 16.47
CMB BCL FD . -12.99 -41.00 17.52
CAB BCL FD . -12.33 -42.98 14.83
OBB BCL FD . -12.43 -44.08 14.33
CBB BCL FD . -12.92 -41.77 14.18
NC BCL FD . -7.86 -45.15 17.09
C1C BCL FD . -8.60 -45.21 15.97
C2C BCL FD . -8.18 -46.27 15.01
C3C BCL FD . -6.96 -46.82 15.69
C4C BCL FD . -6.99 -46.10 17.00
CMC BCL FD . -9.26 -47.35 14.89
CAC BCL FD . -5.72 -46.46 14.90
CBC BCL FD . -4.72 -47.59 14.92
ND BCL FD . -6.64 -44.90 19.53
C1D BCL FD . -5.84 -45.93 19.27
C2D BCL FD . -4.87 -46.23 20.38
C3D BCL FD . -5.23 -45.16 21.31
C4D BCL FD . -6.22 -44.45 20.75
CMD BCL FD . -3.78 -47.22 20.69
CAD BCL FD . -4.90 -44.60 22.64
OBD BCL FD . -4.00 -45.04 23.43
CBD BCL FD . -5.79 -43.42 22.89
CGD BCL FD . -6.56 -43.61 24.15
O1D BCL FD . -7.13 -44.66 24.40
O2D BCL FD . -6.61 -42.54 25.13
CED BCL FD . -7.42 -42.68 26.29
C1 BCL FD . -7.64 -37.37 25.92
C2 BCL FD . -6.67 -36.52 26.71
C3 BCL FD . -7.12 -35.55 27.53
C4 BCL FD . -6.16 -34.71 28.31
C5 BCL FD . -8.61 -35.28 27.65
C6 BCL FD . -8.99 -35.13 29.11
C7 BCL FD . -10.45 -34.70 29.23
C8 BCL FD . -11.03 -34.89 30.63
C9 BCL FD . -9.96 -35.13 31.69
C10 BCL FD . -12.03 -36.05 30.59
C11 BCL FD . -12.57 -36.39 31.97
C12 BCL FD . -13.71 -37.41 31.88
C13 BCL FD . -13.16 -38.83 31.77
C14 BCL FD . -13.27 -39.36 30.34
C15 BCL FD . -13.90 -39.74 32.76
C16 BCL FD . -13.56 -41.19 32.52
C17 BCL FD . -14.36 -42.11 33.44
C18 BCL FD . -13.50 -42.72 34.54
C19 BCL FD . -12.12 -43.08 34.05
C20 BCL FD . -14.19 -43.94 35.15
CA CA GD . -10.81 -51.04 7.76
C1M CRT HD . 11.88 -24.54 45.63
O1 CRT HD . 11.32 -25.85 45.54
C1 CRT HD . 11.58 -26.79 46.58
C2 CRT HD . 13.07 -26.88 46.81
C3 CRT HD . 10.89 -26.29 47.85
C4 CRT HD . 11.03 -28.15 46.20
C5 CRT HD . 10.86 -28.32 44.71
C6 CRT HD . 11.39 -29.38 44.11
C7 CRT HD . 11.26 -29.59 42.66
C8 CRT HD . 10.34 -28.71 41.86
C9 CRT HD . 11.93 -30.56 42.06
C10 CRT HD . 11.80 -30.79 40.62
C11 CRT HD . 12.70 -31.54 40.00
C12 CRT HD . 12.61 -31.81 38.56
C13 CRT HD . 11.28 -31.72 37.84
C14 CRT HD . 13.73 -32.15 37.90
C15 CRT HD . 13.74 -32.45 36.47
C16 CRT HD . 14.94 -32.68 35.91
C17 CRT HD . 15.08 -33.02 34.48
C18 CRT HD . 14.05 -33.82 33.78
C19 CRT HD . 16.18 -32.59 33.84
C20 CRT HD . 16.42 -32.89 32.43
C21 CRT HD . 17.45 -32.32 31.81
C22 CRT HD . 17.75 -32.58 30.41
C23 CRT HD . 18.62 -31.82 29.74
C24 CRT HD . 19.29 -30.65 30.40
C25 CRT HD . 18.91 -32.14 28.32
C26 CRT HD . 19.53 -31.29 27.49
C27 CRT HD . 19.74 -31.78 26.14
C28 CRT HD . 20.25 -31.06 25.12
C29 CRT HD . 20.69 -29.63 25.30
C30 CRT HD . 20.38 -31.73 23.82
C31 CRT HD . 20.68 -31.12 22.69
C32 CRT HD . 20.75 -31.97 21.51
C33 CRT HD . 20.97 -31.50 20.27
C34 CRT HD . 21.18 -30.04 20.02
C35 CRT HD . 21.01 -32.48 19.17
C36 CRT HD . 20.84 -32.17 17.90
C37 CRT HD . 20.91 -33.28 16.89
C38 CRT HD . 19.67 -33.31 16.01
C39 CRT HD . 18.36 -32.67 16.50
C40 CRT HD . 19.82 -33.74 14.54
O2 CRT HD . 20.07 -31.98 15.64
C2M CRT HD . 19.50 -31.17 14.61
C1B LMT ID . -5.42 -60.77 11.16
C2B LMT ID . -6.02 -61.25 9.84
C3B LMT ID . -5.09 -62.24 9.16
C4B LMT ID . -4.71 -63.36 10.11
C5B LMT ID . -4.19 -62.80 11.43
C6B LMT ID . -2.80 -63.33 11.74
O1B LMT ID . -6.32 -61.06 12.23
O2B LMT ID . -7.29 -61.85 10.10
O3B LMT ID . -3.91 -61.56 8.71
O4' LMT ID . -5.84 -64.21 10.34
O5B LMT ID . -4.14 -61.37 11.39
O6B LMT ID . -2.79 -64.76 11.68
C1' LMT ID . -8.06 -58.58 15.12
C2' LMT ID . -8.18 -58.15 13.66
C3' LMT ID . -7.91 -59.30 12.71
C4' LMT ID . -6.56 -59.94 13.05
C5' LMT ID . -6.59 -60.37 14.51
C6' LMT ID . -5.28 -61.06 14.90
O1' LMT ID . -8.14 -57.41 15.93
O2' LMT ID . -9.51 -57.65 13.42
O3' LMT ID . -7.90 -58.81 11.36
O5' LMT ID . -6.80 -59.23 15.34
O6' LMT ID . -5.45 -61.71 16.18
C1 LMT ID . -8.32 -57.71 17.31
C2 LMT ID . -8.37 -56.41 18.09
C3 LMT ID . -9.13 -55.33 17.33
C4 LMT ID . -9.59 -54.24 18.29
C5 LMT ID . -9.28 -52.83 17.80
C6 LMT ID . -7.84 -52.44 18.11
C7 LMT ID . -7.70 -50.92 18.22
C8 LMT ID . -8.58 -50.37 19.33
C9 LMT ID . -8.25 -48.92 19.66
C10 LMT ID . -9.04 -48.47 20.87
C11 LMT ID . -8.74 -47.01 21.22
C12 LMT ID . -9.52 -46.59 22.45
MG BCL JD . 0.94 -44.61 20.67
CHA BCL JD . -1.20 -42.16 21.81
CHB BCL JD . 3.23 -43.62 22.92
CHC BCL JD . 3.17 -46.73 19.21
CHD BCL JD . -1.14 -45.07 17.89
NA BCL JD . 0.95 -43.33 22.22
C1A BCL JD . 0.02 -42.48 22.59
C2A BCL JD . 0.37 -41.68 23.81
C3A BCL JD . 1.75 -42.19 24.15
C4A BCL JD . 2.00 -43.13 23.03
CMA BCL JD . 2.76 -41.05 24.12
CAA BCL JD . -0.64 -41.78 24.96
CBA BCL JD . -0.03 -42.24 26.27
CGA BCL JD . 0.66 -41.16 27.06
O1A BCL JD . 0.63 -39.99 26.73
O2A BCL JD . 1.37 -41.56 28.26
NB BCL JD . 2.92 -45.09 20.99
C1B BCL JD . 3.71 -44.62 21.96
C2B BCL JD . 5.10 -45.13 22.00
C3B BCL JD . 5.07 -46.08 20.86
C4B BCL JD . 3.69 -45.96 20.34
CMB BCL JD . 6.20 -44.75 22.95
CAB BCL JD . 6.16 -46.96 20.30
OBB BCL JD . 6.12 -47.26 19.13
CBB BCL JD . 7.25 -47.45 21.18
NC BCL JD . 1.00 -45.72 18.99
C1C BCL JD . 1.99 -46.54 18.62
C2C BCL JD . 1.72 -47.31 17.37
C3C BCL JD . 0.46 -46.65 16.90
C4C BCL JD . 0.13 -45.77 18.04
CMC BCL JD . 2.84 -47.10 16.36
CAC BCL JD . -0.67 -47.64 16.68
CBC BCL JD . -0.45 -48.48 15.45
ND BCL JD . -0.78 -43.84 19.88
C1D BCL JD . -1.57 -44.07 18.82
C2D BCL JD . -2.77 -43.19 18.77
C3D BCL JD . -2.58 -42.44 20.01
C4D BCL JD . -1.46 -42.87 20.58
CMD BCL JD . -3.95 -42.98 17.86
CAD BCL JD . -3.19 -41.37 20.84
OBD BCL JD . -4.28 -40.75 20.58
CBD BCL JD . -2.32 -41.18 22.05
CGD BCL JD . -1.98 -39.75 22.30
O1D BCL JD . -1.23 -39.12 21.59
O2D BCL JD . -2.59 -39.11 23.45
CED BCL JD . -2.05 -37.89 23.96
C1 BCL JD . 2.74 -41.98 28.20
C2 BCL JD . 2.76 -43.48 27.99
C3 BCL JD . 3.87 -44.13 27.61
C4 BCL JD . 5.16 -43.39 27.42
C5 BCL JD . 3.84 -45.63 27.41
C6 BCL JD . 2.83 -46.00 26.32
C7 BCL JD . 3.52 -46.64 25.12
C8 BCL JD . 3.12 -48.09 24.92
C9 BCL JD . 3.67 -48.98 26.02
C10 BCL JD . 3.51 -48.54 23.51
C11 BCL JD . 4.18 -49.91 23.46
C12 BCL JD . 5.68 -49.76 23.23
C13 BCL JD . 6.36 -51.06 22.78
C14 BCL JD . 7.87 -50.89 22.72
C15 BCL JD . 5.82 -51.50 21.43
C16 BCL JD . 5.97 -53.01 21.26
C17 BCL JD . 7.04 -53.37 20.23
C18 BCL JD . 7.41 -54.85 20.32
C19 BCL JD . 7.89 -55.22 21.71
C20 BCL JD . 8.44 -55.22 19.26
MG BCL KD . 9.54 -43.11 20.86
CHA BCL KD . 11.41 -41.58 23.29
CHB BCL KD . 6.90 -41.24 21.76
CHC BCL KD . 7.84 -44.42 18.25
CHD BCL KD . 12.44 -44.66 19.63
NA BCL KD . 9.14 -41.82 22.34
C1A BCL KD . 9.96 -41.32 23.21
C2A BCL KD . 9.32 -40.36 24.16
C3A BCL KD . 7.86 -40.63 23.92
C4A BCL KD . 7.94 -41.29 22.58
CMA BCL KD . 7.29 -41.59 24.95
CAA BCL KD . 9.68 -38.95 23.70
CBA BCL KD . 8.80 -37.89 24.36
CGA BCL KD . 9.52 -37.33 25.55
O1A BCL KD . 10.45 -37.94 26.06
O2A BCL KD . 9.09 -36.08 26.14
NB BCL KD . 7.66 -42.85 20.09
C1B BCL KD . 6.67 -42.08 20.58
C2B BCL KD . 5.38 -42.09 19.85
C3B BCL KD . 5.68 -43.06 18.77
C4B BCL KD . 7.08 -43.46 19.05
CMB BCL KD . 4.14 -41.30 20.16
CAB BCL KD . 4.83 -43.58 17.65
OBB BCL KD . 5.16 -44.59 17.06
CBB BCL KD . 3.57 -42.86 17.24
NC BCL KD . 9.98 -44.29 19.31
C1C BCL KD . 9.11 -44.75 18.40
C2C BCL KD . 9.67 -45.71 17.41
C3C BCL KD . 11.13 -45.60 17.71
C4C BCL KD . 11.14 -44.78 18.97
CMC BCL KD . 9.16 -47.12 17.66
CAC BCL KD . 11.85 -44.85 16.60
CBC BCL KD . 13.20 -45.43 16.32
ND BCL KD . 11.54 -43.17 21.25
C1D BCL KD . 12.63 -43.80 20.78
C2D BCL KD . 13.89 -43.47 21.54
C3D BCL KD . 13.33 -42.56 22.54
C4D BCL KD . 12.02 -42.47 22.33
CMD BCL KD . 15.36 -43.80 21.52
CAD BCL KD . 13.70 -41.73 23.71
OBD BCL KD . 14.88 -41.59 24.20
CBD BCL KD . 12.46 -41.06 24.22
CGD BCL KD . 12.26 -41.43 25.66
O1D BCL KD . 12.21 -42.59 26.02
O2D BCL KD . 12.15 -40.39 26.66
CED BCL KD . 11.74 -40.71 27.98
C1 BCL KD . 10.07 -35.18 26.66
C2 BCL KD . 9.39 -34.16 27.52
C3 BCL KD . 9.54 -34.20 28.85
C4 BCL KD . 10.42 -35.25 29.46
C5 BCL KD . 8.85 -33.18 29.72
C6 BCL KD . 8.86 -33.65 31.17
C7 BCL KD . 7.61 -34.46 31.51
C8 BCL KD . 7.62 -34.93 32.96
C9 BCL KD . 8.54 -34.08 33.83
C10 BCL KD . 8.00 -36.41 32.99
C11 BCL KD . 8.31 -36.89 34.41
C12 BCL KD . 7.04 -36.98 35.26
C13 BCL KD . 6.20 -38.18 34.87
C14 BCL KD . 4.74 -37.77 34.75
C15 BCL KD . 6.40 -39.30 35.89
C16 BCL KD . 6.27 -40.68 35.27
C17 BCL KD . 4.86 -41.25 35.39
C18 BCL KD . 4.63 -41.89 36.75
C19 BCL KD . 5.79 -42.77 37.16
C20 BCL KD . 3.32 -42.69 36.75
CA CA LD . 7.40 -51.52 10.72
C1B LMT MD . 16.33 -59.60 13.67
C2B LMT MD . 16.07 -59.03 12.28
C3B LMT MD . 16.03 -60.14 11.23
C4B LMT MD . 15.38 -61.41 11.75
C5B LMT MD . 16.10 -61.91 13.00
C6B LMT MD . 16.97 -63.12 12.65
O1B LMT MD . 15.11 -59.65 14.41
O2B LMT MD . 14.82 -58.35 12.29
O3B LMT MD . 17.37 -60.43 10.80
O4' LMT MD . 14.01 -61.18 12.05
O5B LMT MD . 16.93 -60.90 13.58
O6B LMT MD . 17.50 -63.73 13.84
C1' LMT MD . 13.71 -56.96 16.58
C2' LMT MD . 14.91 -56.84 15.66
C3' LMT MD . 15.91 -57.95 15.94
C4' LMT MD . 15.27 -59.31 15.79
C5' LMT MD . 13.91 -59.34 16.50
C6' LMT MD . 13.77 -60.61 17.34
O1' LMT MD . 13.68 -55.84 17.47
O2' LMT MD . 14.47 -56.91 14.30
O3' LMT MD . 16.40 -57.82 17.28
O5' LMT MD . 13.77 -58.19 17.33
O6' LMT MD . 14.15 -61.74 16.56
C1 LMT MD . 12.49 -55.82 18.26
C2 LMT MD . 11.99 -54.39 18.43
C3 LMT MD . 12.64 -53.66 19.61
C4 LMT MD . 12.08 -52.25 19.71
C5 LMT MD . 12.35 -51.64 21.07
C6 LMT MD . 11.59 -50.33 21.25
C7 LMT MD . 12.43 -49.13 20.85
C8 LMT MD . 11.66 -47.83 21.07
C9 LMT MD . 11.25 -47.67 22.53
C10 LMT MD . 10.69 -46.28 22.80
C11 LMT MD . 10.43 -46.07 24.28
C12 LMT MD . 9.77 -44.73 24.52
MG BCL ND . 18.84 -40.08 20.54
CHA BCL ND . 16.25 -38.59 22.22
CHB BCL ND . 21.04 -38.23 22.29
CHC BCL ND . 21.31 -41.22 18.52
CHD BCL ND . 16.53 -41.51 18.30
NA BCL ND . 18.71 -38.78 22.06
C1A BCL ND . 17.64 -38.35 22.66
C2A BCL ND . 17.91 -37.42 23.81
C3A BCL ND . 19.37 -37.10 23.60
C4A BCL ND . 19.75 -38.12 22.59
CMA BCL ND . 19.59 -35.69 23.07
CAA BCL ND . 17.69 -38.05 25.17
CBA BCL ND . 17.28 -36.95 26.16
CGA BCL ND . 18.41 -36.57 27.08
O1A BCL ND . 18.19 -36.08 28.17
O2A BCL ND . 19.80 -36.75 26.68
NB BCL ND . 20.86 -39.75 20.40
C1B BCL ND . 21.63 -38.99 21.19
C2B BCL ND . 23.08 -38.95 20.90
C3B BCL ND . 23.15 -39.87 19.75
C4B BCL ND . 21.73 -40.29 19.55
CMB BCL ND . 24.15 -38.16 21.61
CAB BCL ND . 24.31 -40.31 18.91
OBB BCL ND . 24.13 -40.66 17.76
CBB BCL ND . 25.67 -40.37 19.53
NC BCL ND . 18.94 -41.22 18.90
C1C BCL ND . 20.07 -41.63 18.30
C2C BCL ND . 19.88 -42.63 17.22
C3C BCL ND . 18.40 -42.58 17.05
C4C BCL ND . 17.98 -41.70 18.18
CMC BCL ND . 20.60 -42.16 15.96
CAC BCL ND . 17.76 -43.95 17.17
CBC BCL ND . 17.03 -44.30 15.90
ND BCL ND . 16.83 -40.10 20.19
C1D BCL ND . 15.97 -40.68 19.35
C2D BCL ND . 14.53 -40.35 19.62
C3D BCL ND . 14.70 -39.50 20.79
C4D BCL ND . 16.01 -39.43 21.06
CMD BCL ND . 13.18 -40.66 19.04
CAD BCL ND . 13.95 -38.70 21.78
OBD BCL ND . 12.68 -38.57 21.83
CBD BCL ND . 14.93 -38.11 22.75
CGD BCL ND . 14.73 -36.63 22.92
O1D BCL ND . 14.93 -35.85 22.01
O2D BCL ND . 14.29 -36.15 24.21
CED BCL ND . 14.38 -34.78 24.56
C1 BCL ND . 20.82 -36.58 27.66
C2 BCL ND . 21.83 -37.70 27.55
C3 BCL ND . 23.03 -37.47 27.00
C4 BCL ND . 23.36 -36.11 26.48
C5 BCL ND . 24.03 -38.58 26.88
C6 BCL ND . 23.34 -39.88 26.49
C7 BCL ND . 22.89 -39.86 25.03
C8 BCL ND . 21.83 -40.91 24.71
C9 BCL ND . 21.62 -41.88 25.87
C10 BCL ND . 22.17 -41.68 23.44
C11 BCL ND . 23.62 -41.56 23.01
C12 BCL ND . 24.46 -42.75 23.48
C13 BCL ND . 24.50 -43.90 22.48
C14 BCL ND . 24.35 -43.42 21.05
C15 BCL ND . 23.43 -44.93 22.82
C16 BCL ND . 23.74 -45.61 24.14
C17 BCL ND . 23.64 -47.13 24.05
C18 BCL ND . 24.28 -47.65 22.76
C19 BCL ND . 23.81 -49.08 22.47
C20 BCL ND . 25.80 -47.61 22.84
MG BCL OD . 26.00 -35.27 18.30
CHA BCL OD . 27.80 -33.35 20.50
CHB BCL OD . 23.21 -34.78 20.09
CHC BCL OD . 24.42 -37.54 16.31
CHD BCL OD . 28.97 -36.02 16.58
NA BCL OD . 25.55 -34.25 19.96
C1A BCL OD . 26.34 -33.51 20.68
C2A BCL OD . 25.66 -32.86 21.85
C3A BCL OD . 24.33 -33.56 21.87
C4A BCL OD . 24.34 -34.25 20.55
CMA BCL OD . 24.23 -34.59 22.98
CAA BCL OD . 25.46 -31.36 21.68
CBA BCL OD . 24.77 -30.84 22.92
CGA BCL OD . 24.55 -29.35 22.84
O1A BCL OD . 23.89 -28.87 21.93
O2A BCL OD . 25.08 -28.48 23.87
NB BCL OD . 24.11 -36.08 18.21
C1B BCL OD . 23.06 -35.76 19.01
C2B BCL OD . 21.78 -36.45 18.72
C3B BCL OD . 22.17 -37.27 17.57
C4B BCL OD . 23.60 -36.96 17.36
CMB BCL OD . 20.47 -36.29 19.45
CAB BCL OD . 21.36 -38.24 16.75
OBB BCL OD . 21.91 -39.18 16.21
CBB BCL OD . 19.90 -38.01 16.58
NC BCL OD . 26.50 -36.41 16.73
C1C BCL OD . 25.69 -37.24 16.06
C2C BCL OD . 26.31 -37.93 14.89
C3C BCL OD . 27.68 -37.34 14.90
C4C BCL OD . 27.67 -36.53 16.15
CMC BCL OD . 26.36 -39.43 15.13
CAC BCL OD . 27.92 -36.45 13.70
CBC BCL OD . 29.32 -36.62 13.16
ND BCL OD . 28.00 -34.88 18.41
C1D BCL OD . 29.11 -35.15 17.72
C2D BCL OD . 30.35 -34.51 18.27
C3D BCL OD . 29.75 -33.79 19.40
C4D BCL OD . 28.44 -34.04 19.39
CMD BCL OD . 31.83 -34.45 17.97
CAD BCL OD . 30.08 -32.89 20.53
OBD BCL OD . 31.25 -32.46 20.83
CBD BCL OD . 28.83 -32.58 21.28
CGD BCL OD . 29.02 -33.09 22.67
O1D BCL OD . 29.64 -34.12 22.88
O2D BCL OD . 28.51 -32.35 23.81
CED BCL OD . 28.58 -32.95 25.10
C1 BCL OD . 24.61 -27.14 23.96
C2 BCL OD . 24.03 -26.88 25.33
C3 BCL OD . 24.84 -26.63 26.36
C4 BCL OD . 26.32 -26.62 26.16
C5 BCL OD . 24.26 -26.36 27.74
C6 BCL OD . 25.37 -26.40 28.79
C7 BCL OD . 25.45 -27.77 29.45
C8 BCL OD . 25.91 -27.71 30.90
C9 BCL OD . 26.00 -26.28 31.43
C10 BCL OD . 27.25 -28.43 31.03
C11 BCL OD . 27.05 -29.94 31.12
C12 BCL OD . 26.05 -30.32 32.21
C13 BCL OD . 25.04 -31.34 31.66
C14 BCL OD . 23.80 -30.63 31.13
C15 BCL OD . 24.65 -32.35 32.72
C16 BCL OD . 25.82 -33.20 33.22
C17 BCL OD . 26.70 -33.70 32.08
C18 BCL OD . 28.11 -33.99 32.60
C19 BCL OD . 29.16 -33.20 31.83
C20 BCL OD . 28.39 -35.48 32.57
CA CA PD . 24.81 -44.66 8.93
C1B LMT QD . 37.48 -48.06 9.89
C2B LMT QD . 36.87 -47.87 8.50
C3B LMT QD . 37.56 -48.77 7.48
C4B LMT QD . 37.65 -50.22 7.96
C5B LMT QD . 38.10 -50.28 9.41
C6B LMT QD . 39.20 -51.31 9.60
O1B LMT QD . 36.51 -48.56 10.81
O2B LMT QD . 35.47 -48.18 8.54
O3B LMT QD . 38.88 -48.27 7.21
O4' LMT QD . 36.38 -50.85 7.81
O5B LMT QD . 38.56 -48.99 9.82
O6B LMT QD . 40.33 -50.99 8.79
C1' LMT QD . 34.31 -47.37 14.08
C2' LMT QD . 33.76 -47.42 12.66
C3' LMT QD . 34.78 -47.06 11.58
C4' LMT QD . 36.20 -47.60 11.82
C5' LMT QD . 36.33 -48.21 13.20
C6' LMT QD . 37.80 -48.40 13.57
O1' LMT QD . 33.77 -46.23 14.76
O2' LMT QD . 33.23 -48.72 12.40
O3' LMT QD . 34.84 -45.64 11.41
O5' LMT QD . 35.74 -47.31 14.12
O6' LMT QD . 38.37 -49.45 12.76
C1 LMT QD . 34.09 -46.23 16.15
C2 LMT QD . 33.35 -45.10 16.85
C3 LMT QD . 31.84 -45.23 16.64
C4 LMT QD . 31.08 -44.14 17.41
C5 LMT QD . 31.41 -42.75 16.88
C6 LMT QD . 30.46 -41.71 17.46
C7 LMT QD . 31.02 -40.31 17.27
C8 LMT QD . 30.04 -39.24 17.76
C9 LMT QD . 29.81 -39.35 19.26
C10 LMT QD . 29.01 -38.17 19.78
C11 LMT QD . 28.75 -38.31 21.28
C12 LMT QD . 27.87 -37.20 21.79
MG BCL RD . 33.12 -29.72 15.94
CHA BCL RD . 30.64 -29.10 18.25
CHB BCL RD . 34.66 -26.91 16.95
CHC BCL RD . 35.40 -30.21 13.49
CHD BCL RD . 30.99 -31.95 14.28
NA BCL RD . 32.89 -28.45 17.47
C1A BCL RD . 31.94 -28.40 18.35
C2A BCL RD . 32.17 -27.40 19.45
C3A BCL RD . 33.45 -26.75 19.02
C4A BCL RD . 33.71 -27.42 17.73
CMA BCL RD . 33.29 -25.25 18.80
CAA BCL RD . 32.27 -28.04 20.81
CBA BCL RD . 31.64 -27.15 21.87
CGA BCL RD . 32.63 -26.08 22.30
O1A BCL RD . 32.27 -25.09 22.89
O2A BCL RD . 34.03 -26.26 21.98
NB BCL RD . 34.78 -28.70 15.30
C1B BCL RD . 35.31 -27.58 15.82
C2B BCL RD . 36.53 -27.05 15.17
C3B BCL RD . 36.75 -28.07 14.12
C4B BCL RD . 35.62 -29.01 14.31
CMB BCL RD . 37.30 -25.81 15.53
CAB BCL RD . 37.81 -28.15 13.07
OBB BCL RD . 37.54 -28.61 11.98
CBB BCL RD . 39.20 -27.70 13.40
NC BCL RD . 33.24 -30.88 14.31
C1C BCL RD . 34.29 -30.92 13.45
C2C BCL RD . 34.13 -31.91 12.34
C3C BCL RD . 32.77 -32.47 12.64
C4C BCL RD . 32.36 -31.70 13.83
CMC BCL RD . 34.14 -31.20 11.01
CAC BCL RD . 32.82 -33.95 12.99
CBC BCL RD . 32.71 -34.80 11.75
ND BCL RD . 31.22 -30.43 16.10
C1D BCL RD . 30.44 -31.31 15.46
C2D BCL RD . 29.08 -31.47 16.08
C3D BCL RD . 29.22 -30.55 17.21
C4D BCL RD . 30.45 -30.03 17.16
CMD BCL RD . 27.82 -32.25 15.83
CAD BCL RD . 28.48 -30.00 18.36
OBD BCL RD . 27.29 -30.31 18.71
CBD BCL RD . 29.40 -29.07 19.10
CGD BCL RD . 28.77 -27.74 19.39
O1D BCL RD . 28.62 -26.89 18.54
O2D BCL RD . 28.30 -27.49 20.74
CED BCL RD . 28.11 -26.17 21.22
C1 BCL RD . 35.08 -25.74 22.77
C2 BCL RD . 36.36 -26.29 22.22
C3 BCL RD . 36.98 -25.62 21.24
C4 BCL RD . 36.38 -24.35 20.71
C5 BCL RD . 38.28 -26.13 20.65
C6 BCL RD . 38.15 -27.63 20.38
C7 BCL RD . 37.29 -27.90 19.14
C8 BCL RD . 37.54 -29.29 18.57
C9 BCL RD . 37.85 -30.30 19.66
C10 BCL RD . 38.68 -29.22 17.56
C11 BCL RD . 38.53 -30.26 16.47
C12 BCL RD . 39.84 -30.99 16.21
C13 BCL RD . 40.03 -32.16 17.18
C14 BCL RD . 40.92 -31.80 18.36
C15 BCL RD . 40.60 -33.36 16.44
C16 BCL RD . 40.71 -34.55 17.38
C17 BCL RD . 41.48 -35.70 16.74
C18 BCL RD . 42.81 -35.22 16.18
C19 BCL RD . 43.30 -36.14 15.08
C20 BCL RD . 43.85 -35.09 17.29
C1M CRT SD . 26.08 -16.24 44.03
O1 CRT SD . 26.58 -17.55 43.77
C1 CRT SD . 27.98 -17.75 43.67
C2 CRT SD . 28.55 -16.77 42.65
C3 CRT SD . 28.61 -17.51 45.04
C4 CRT SD . 28.25 -19.19 43.24
C5 CRT SD . 27.69 -19.46 41.86
C6 CRT SD . 28.36 -20.28 41.05
C7 CRT SD . 27.86 -20.59 39.70
C8 CRT SD . 26.54 -20.06 39.22
C9 CRT SD . 28.61 -21.35 38.89
C10 CRT SD . 28.19 -21.70 37.55
C11 CRT SD . 29.11 -22.22 36.73
C12 CRT SD . 28.80 -22.63 35.35
C13 CRT SD . 27.41 -22.98 34.94
C14 CRT SD . 29.81 -22.66 34.46
C15 CRT SD . 29.62 -23.04 33.07
C16 CRT SD . 30.64 -22.89 32.24
C17 CRT SD . 30.55 -23.23 30.80
C18 CRT SD . 29.70 -24.39 30.36
C19 CRT SD . 31.24 -22.51 29.92
C20 CRT SD . 31.19 -22.79 28.49
C21 CRT SD . 31.80 -21.96 27.65
C22 CRT SD . 31.78 -22.21 26.21
C23 CRT SD . 32.36 -21.35 25.37
C24 CRT SD . 33.04 -20.11 25.87
C25 CRT SD . 32.32 -21.64 23.92
C26 CRT SD . 32.54 -20.70 23.00
C27 CRT SD . 32.47 -21.11 21.60
C28 CRT SD . 32.51 -20.27 20.57
C29 CRT SD . 32.65 -18.79 20.78
C30 CRT SD . 32.42 -20.85 19.23
C31 CRT SD . 32.21 -20.18 18.10
C32 CRT SD . 32.16 -21.01 16.91
C33 CRT SD . 31.96 -20.58 15.66
C34 CRT SD . 31.76 -19.13 15.35
C35 CRT SD . 31.95 -21.61 14.61
C36 CRT SD . 31.61 -21.40 13.35
C37 CRT SD . 31.67 -22.60 12.43
C38 CRT SD . 30.36 -22.77 11.69
C39 CRT SD . 30.57 -23.60 10.43
C40 CRT SD . 29.32 -23.43 12.59
O2 CRT SD . 29.87 -21.48 11.34
C2M CRT SD . 28.91 -21.32 10.31
MG BCL TD . 37.61 -23.00 12.33
CHA BCL TD . 38.85 -20.23 13.89
CHB BCL TD . 35.18 -23.22 14.62
CHC BCL TD . 36.28 -25.55 10.52
CHD BCL TD . 39.89 -22.50 9.69
NA BCL TD . 37.17 -22.04 14.02
C1A BCL TD . 37.73 -20.98 14.51
C2A BCL TD . 37.09 -20.49 15.76
C3A BCL TD . 36.25 -21.68 16.17
C4A BCL TD . 36.19 -22.39 14.86
CMA BCL TD . 36.92 -22.55 17.21
CAA BCL TD . 36.18 -19.32 15.41
CBA BCL TD . 36.52 -18.04 16.16
CGA BCL TD . 35.61 -17.90 17.36
O1A BCL TD . 35.03 -18.87 17.80
O2A BCL TD . 35.42 -16.61 18.00
NB BCL TD . 35.96 -24.19 12.51
C1B BCL TD . 35.07 -24.19 13.53
C2B BCL TD . 33.96 -25.18 13.44
C3B BCL TD . 34.31 -25.87 12.19
C4B BCL TD . 35.55 -25.21 11.73
CMB BCL TD . 32.83 -25.37 14.41
CAB BCL TD . 33.62 -27.02 11.50
OBB BCL TD . 34.28 -27.79 10.83
CBB BCL TD . 32.14 -27.18 11.62
NC BCL TD . 38.08 -23.95 10.62
C1C BCL TD . 37.43 -25.00 10.10
C2C BCL TD . 38.08 -25.59 8.89
C3C BCL TD . 39.35 -24.80 8.84
C4C BCL TD . 39.05 -23.71 9.81
CMC BCL TD . 38.36 -27.07 9.09
CAC BCL TD . 39.63 -24.25 7.45
CBC BCL TD . 38.43 -23.57 6.82
ND BCL TD . 39.07 -21.69 11.76
C1D BCL TD . 39.96 -21.53 10.76
C2D BCL TD . 40.86 -20.34 10.93
C3D BCL TD . 40.35 -19.85 12.22
C4D BCL TD . 39.38 -20.66 12.62
CMD BCL TD . 41.98 -19.64 10.20
CAD BCL TD . 40.55 -18.79 13.22
OBD BCL TD . 41.42 -17.84 13.13
CBD BCL TD . 39.57 -18.99 14.33
CGD BCL TD . 40.31 -19.16 15.62
O1D BCL TD . 41.19 -20.01 15.76
O2D BCL TD . 40.03 -18.29 16.74
CED BCL TD . 40.61 -18.57 18.01
C1 BCL TD . 35.42 -16.53 19.42
C2 BCL TD . 35.77 -15.14 19.87
C3 BCL TD . 35.00 -14.51 20.78
C4 BCL TD . 33.79 -15.19 21.34
C5 BCL TD . 35.33 -13.11 21.23
C6 BCL TD . 36.62 -13.11 22.05
C7 BCL TD . 36.38 -13.56 23.48
C8 BCL TD . 36.83 -14.99 23.71
C9 BCL TD . 35.73 -15.81 24.38
C10 BCL TD . 38.09 -14.99 24.56
C11 BCL TD . 39.33 -15.05 23.68
C12 BCL TD . 40.60 -14.92 24.51
C13 BCL TD . 41.12 -16.27 24.98
C14 BCL TD . 42.56 -16.12 25.47
C15 BCL TD . 41.02 -17.29 23.86
C16 BCL TD . 42.07 -18.41 23.95
C17 BCL TD . 41.54 -19.61 24.71
C18 BCL TD . 41.91 -20.91 24.00
C19 BCL TD . 41.12 -22.09 24.56
C20 BCL TD . 43.41 -21.19 24.05
CA CA UD . 37.64 -32.70 3.26
C1B LMT VD . 47.25 -34.87 2.96
C2B LMT VD . 48.40 -35.85 2.77
C3B LMT VD . 49.26 -35.50 1.56
C4B LMT VD . 49.39 -33.98 1.39
C5B LMT VD . 48.02 -33.33 1.27
C6B LMT VD . 47.75 -32.94 -0.18
O1B LMT VD . 47.63 -33.92 3.96
O2B LMT VD . 49.22 -35.83 3.95
O3B LMT VD . 48.69 -36.05 0.37
O4' LMT VD . 50.09 -33.44 2.53
O5B LMT VD . 46.97 -34.19 1.73
O6B LMT VD . 48.80 -32.09 -0.66
C1' LMT VD . 46.67 -32.94 7.77
C2' LMT VD . 46.26 -34.36 7.42
C3' LMT VD . 46.89 -34.77 6.09
C4' LMT VD . 46.68 -33.71 5.00
C5' LMT VD . 46.96 -32.31 5.52
C6' LMT VD . 46.60 -31.25 4.48
O1' LMT VD . 46.09 -32.53 9.00
O2' LMT VD . 46.67 -35.26 8.44
O3' LMT VD . 46.34 -36.03 5.71
O5' LMT VD . 46.26 -32.07 6.73
O6' LMT VD . 47.67 -31.09 3.55
C1 LMT VD . 46.78 -31.40 9.52
C2 LMT VD . 45.78 -30.34 9.99
C3 LMT VD . 44.92 -29.89 8.82
C4 LMT VD . 44.91 -28.37 8.71
C5 LMT VD . 43.88 -27.74 9.63
C6 LMT VD . 43.73 -26.27 9.30
C7 LMT VD . 42.60 -25.62 10.09
C8 LMT VD . 42.97 -25.43 11.56
C9 LMT VD . 41.86 -24.68 12.27
C10 LMT VD . 42.14 -24.57 13.77
C11 LMT VD . 40.96 -23.95 14.49
C12 LMT VD . 41.17 -23.98 15.99
MG BCL WD . 41.41 -15.18 8.35
CHA BCL WD . 39.44 -15.31 11.16
CHB BCL WD . 42.62 -12.21 9.31
CHC BCL WD . 42.68 -14.80 5.22
CHD BCL WD . 39.92 -18.15 7.20
NA BCL WD . 41.14 -13.99 9.95
C1A BCL WD . 40.39 -14.18 10.98
C2A BCL WD . 40.42 -13.08 11.99
C3A BCL WD . 41.23 -12.03 11.28
C4A BCL WD . 41.70 -12.78 10.09
CMA BCL WD . 40.36 -10.85 10.88
CAA BCL WD . 41.06 -13.51 13.30
CBA BCL WD . 40.36 -12.83 14.46
CGA BCL WD . 41.25 -11.75 15.02
O1A BCL WD . 41.22 -11.45 16.19
O2A BCL WD . 42.18 -11.04 14.16
NB BCL WD . 42.47 -13.71 7.39
C1B BCL WD . 42.92 -12.55 7.92
C2B BCL WD . 43.69 -11.67 7.02
C3B BCL WD . 43.70 -12.47 5.77
C4B BCL WD . 42.95 -13.69 6.14
CMB BCL WD . 44.29 -10.33 7.36
CAB BCL WD . 44.33 -12.19 4.45
OBB BCL WD . 44.69 -13.10 3.75
CBB BCL WD . 44.50 -10.76 4.00
NC BCL WD . 41.51 -16.30 6.69
C1C BCL WD . 42.18 -15.98 5.57
C2C BCL WD . 42.30 -17.10 4.59
C3C BCL WD . 41.36 -18.10 5.18
C4C BCL WD . 40.94 -17.43 6.45
CMC BCL WD . 41.82 -16.64 3.23
CAC BCL WD . 42.03 -19.43 5.47
CBC BCL WD . 41.78 -20.40 4.34
ND BCL WD . 39.97 -16.51 8.93
C1D BCL WD . 39.45 -17.65 8.48
C2D BCL WD . 38.41 -18.24 9.39
C3D BCL WD . 38.46 -17.24 10.47
C4D BCL WD . 39.36 -16.33 10.14
CMD BCL WD . 37.51 -19.42 9.42
CAD BCL WD . 37.85 -16.91 11.78
OBD BCL WD . 36.95 -17.58 12.39
CBD BCL WD . 38.50 -15.65 12.28
CGD BCL WD . 37.50 -14.60 12.66
O1D BCL WD . 36.86 -13.99 11.84
O2D BCL WD . 37.31 -14.32 14.07
CED BCL WD . 36.68 -13.10 14.48
C1 BCL WD . 43.20 -10.23 14.74
C2 BCL WD . 44.55 -10.64 14.18
C3 BCL WD . 45.07 -9.95 13.17
C4 BCL WD . 44.33 -8.80 12.58
C5 BCL WD . 46.41 -10.36 12.60
C6 BCL WD . 46.40 -11.84 12.26
C7 BCL WD . 45.74 -12.08 10.91
C8 BCL WD . 46.16 -13.40 10.28
C9 BCL WD . 46.54 -14.43 11.33
C10 BCL WD . 47.32 -13.16 9.31
C11 BCL WD . 47.05 -13.77 7.94
C12 BCL WD . 48.09 -13.28 6.93
C13 BCL WD . 48.17 -14.20 5.72
C14 BCL WD . 48.46 -15.63 6.17
C15 BCL WD . 49.24 -13.69 4.77
C16 BCL WD . 49.31 -14.50 3.48
C17 BCL WD . 50.57 -15.35 3.38
C18 BCL WD . 51.70 -14.64 2.64
C19 BCL WD . 52.45 -15.60 1.74
C20 BCL WD . 52.65 -13.97 3.62
P PGV XD . 32.16 -16.06 -5.68
C01 PGV XD . 28.97 -12.54 -3.98
C02 PGV XD . 30.35 -13.17 -4.08
C03 PGV XD . 30.41 -14.12 -5.28
C04 PGV XD . 34.47 -16.86 -4.67
O01 PGV XD . 30.68 -13.84 -2.87
O02 PGV XD . 28.99 -15.45 -2.90
O03 PGV XD . 29.07 -11.27 -3.34
O04 PGV XD . 30.04 -11.50 -1.26
O11 PGV XD . 31.01 -15.32 -4.84
O12 PGV XD . 33.09 -16.59 -4.48
O13 PGV XD . 32.91 -14.98 -6.42
O14 PGV XD . 31.57 -17.21 -6.44
C1 PGV XD . 29.64 -14.66 -2.23
C2 PGV XD . 29.40 -14.56 -0.75
C3 PGV XD . 28.51 -15.73 -0.31
C4 PGV XD . 28.17 -15.67 1.18
C5 PGV XD . 27.58 -17.00 1.64
C6 PGV XD . 26.37 -16.79 2.55
C7 PGV XD . 26.78 -16.36 3.95
C8 PGV XD . 25.60 -15.74 4.70
C19 PGV XD . 29.05 -11.18 -1.89
C20 PGV XD . 27.79 -10.73 -1.18
C21 PGV XD . 27.22 -9.48 -1.83
C22 PGV XD . 25.99 -8.98 -1.08
C23 PGV XD . 26.34 -8.58 0.35
C24 PGV XD . 25.12 -8.02 1.06
C1M CRT YD . 37.19 -2.67 36.37
O1 CRT YD . 37.97 -3.85 36.28
C1 CRT YD . 39.30 -3.84 36.82
C2 CRT YD . 40.10 -2.70 36.24
C3 CRT YD . 39.19 -3.69 38.33
C4 CRT YD . 39.96 -5.17 36.48
C5 CRT YD . 39.23 -5.87 35.35
C6 CRT YD . 39.88 -6.21 34.24
C7 CRT YD . 39.19 -6.90 33.14
C8 CRT YD . 37.73 -7.21 33.24
C9 CRT YD . 39.88 -7.25 32.05
C10 CRT YD . 39.26 -7.94 30.92
C11 CRT YD . 40.00 -8.09 29.82
C12 CRT YD . 39.51 -8.77 28.60
C13 CRT YD . 38.42 -9.80 28.67
C14 CRT YD . 40.08 -8.45 27.43
C15 CRT YD . 39.70 -9.06 26.16
C16 CRT YD . 40.18 -8.49 25.05
C17 CRT YD . 39.90 -9.01 23.70
C18 CRT YD . 39.51 -10.44 23.49
C19 CRT YD . 40.01 -8.17 22.66
C20 CRT YD . 39.75 -8.61 21.28
C21 CRT YD . 39.96 -7.77 20.28
C22 CRT YD . 39.72 -8.18 18.90
C23 CRT YD . 39.93 -7.33 17.89
C24 CRT YD . 40.43 -5.93 18.17
C25 CRT YD . 39.70 -7.77 16.51
C26 CRT YD . 39.46 -6.91 15.52
C27 CRT YD . 39.25 -7.46 14.19
C28 CRT YD . 38.92 -6.69 13.13
C29 CRT YD . 38.78 -5.20 13.31
C30 CRT YD . 38.75 -7.34 11.83
C31 CRT YD . 38.16 -6.77 10.79
C32 CRT YD . 38.09 -7.54 9.55
C33 CRT YD . 37.37 -7.17 8.48
C34 CRT YD . 36.61 -5.89 8.48
C35 CRT YD . 37.39 -8.01 7.27
C36 CRT YD . 36.37 -8.07 6.43
C37 CRT YD . 36.50 -8.92 5.20
C38 CRT YD . 35.43 -9.99 5.02
C39 CRT YD . 34.77 -10.35 6.35
C40 CRT YD . 34.38 -9.54 4.02
O2 CRT YD . 36.10 -11.14 4.52
C2M CRT YD . 35.40 -12.20 3.86
MG BCL ZD . 42.03 -7.55 3.98
CHA BCL ZD . 42.95 -4.59 5.42
CHB BCL ZD . 40.94 -8.66 6.95
CHC BCL ZD . 41.26 -10.49 2.48
CHD BCL ZD . 43.81 -6.66 1.07
NA BCL ZD . 41.80 -6.74 5.80
C1A BCL ZD . 42.12 -5.55 6.19
C2A BCL ZD . 41.71 -5.22 7.59
C3A BCL ZD . 41.36 -6.58 8.13
C4A BCL ZD . 41.35 -7.39 6.88
CMA BCL ZD . 42.42 -7.10 9.08
CAA BCL ZD . 40.54 -4.26 7.68
CBA BCL ZD . 40.67 -3.47 8.98
CGA BCL ZD . 39.42 -2.69 9.28
O1A BCL ZD . 38.32 -3.12 8.96
O2A BCL ZD . 39.51 -1.41 9.97
NB BCL ZD . 41.25 -9.32 4.62
C1B BCL ZD . 40.81 -9.62 5.85
C2B BCL ZD . 40.24 -10.99 6.06
C3B BCL ZD . 40.35 -11.53 4.69
C4B BCL ZD . 40.97 -10.42 3.91
CMB BCL ZD . 39.72 -11.60 7.33
CAB BCL ZD . 39.96 -12.88 4.17
OBB BCL ZD . 40.62 -13.38 3.26
CBB BCL ZD . 38.77 -13.56 4.72
NC BCL ZD . 42.49 -8.43 2.24
C1C BCL ZD . 42.08 -9.66 1.85
C2C BCL ZD . 42.63 -10.11 0.53
C3C BCL ZD . 43.65 -9.04 0.29
C4C BCL ZD . 43.26 -8.01 1.30
CMC BCL ZD . 43.28 -11.48 0.64
CAC BCL ZD . 43.55 -8.48 -1.13
CBC BCL ZD . 42.11 -8.22 -1.54
ND BCL ZD . 43.20 -6.01 3.28
C1D BCL ZD . 43.85 -5.69 2.15
C2D BCL ZD . 44.53 -4.35 2.23
C3D BCL ZD . 44.12 -3.95 3.58
C4D BCL ZD . 43.38 -4.93 4.09
CMD BCL ZD . 45.38 -3.45 1.37
CAD BCL ZD . 44.25 -2.86 4.57
OBD BCL ZD . 44.91 -1.78 4.40
CBD BCL ZD . 43.50 -3.25 5.80
CGD BCL ZD . 44.42 -3.27 6.99
O1D BCL ZD . 45.41 -3.97 7.00
O2D BCL ZD . 44.13 -2.44 8.13
CED BCL ZD . 44.88 -2.59 9.33
C1 BCL ZD . 38.81 -1.19 11.18
C2 BCL ZD . 39.81 -0.91 12.29
C3 BCL ZD . 39.55 -0.04 13.28
C4 BCL ZD . 38.25 0.70 13.32
C5 BCL ZD . 40.58 0.19 14.36
C6 BCL ZD . 41.87 0.71 13.73
C7 BCL ZD . 43.08 0.44 14.61
C8 BCL ZD . 43.03 1.25 15.91
C9 BCL ZD . 44.29 2.13 16.03
C10 BCL ZD . 42.90 0.34 17.13
C11 BCL ZD . 43.32 -1.09 16.86
C12 BCL ZD . 44.77 -1.33 17.28
C13 BCL ZD . 44.87 -2.41 18.34
C14 BCL ZD . 44.39 -3.75 17.81
C15 BCL ZD . 44.08 -1.99 19.57
C16 BCL ZD . 44.67 -0.72 20.17
C17 BCL ZD . 43.69 -0.01 21.11
C18 BCL ZD . 43.08 -0.97 22.12
C19 BCL ZD . 41.89 -0.32 22.81
C20 BCL ZD . 44.12 -1.44 23.13
C1B LMT AE . 55.71 -13.90 -8.73
C2B LMT AE . 55.87 -15.28 -9.38
C3B LMT AE . 57.28 -15.47 -9.94
C4B LMT AE . 58.33 -14.87 -9.01
C5B LMT AE . 58.05 -13.39 -8.76
C6B LMT AE . 59.08 -12.54 -9.51
O1B LMT AE . 55.72 -14.02 -7.30
O2B LMT AE . 55.60 -16.30 -8.41
O3B LMT AE . 57.38 -14.84 -11.22
O4' LMT AE . 58.34 -15.58 -7.77
O5B LMT AE . 56.74 -13.02 -9.19
O6B LMT AE . 60.40 -12.95 -9.14
C1' LMT AE . 53.35 -12.55 -4.22
C2' LMT AE . 52.61 -12.91 -5.50
C3' LMT AE . 53.47 -13.76 -6.41
C4' LMT AE . 54.84 -13.10 -6.65
C5' LMT AE . 55.45 -12.68 -5.32
C6' LMT AE . 56.75 -11.91 -5.53
O1' LMT AE . 52.53 -11.74 -3.39
O2' LMT AE . 51.40 -13.62 -5.16
O3' LMT AE . 52.78 -13.97 -7.65
O5' LMT AE . 54.55 -11.86 -4.56
O6' LMT AE . 57.45 -11.82 -4.28
C1 LMT AE . 53.13 -11.52 -2.11
C2 LMT AE . 52.10 -10.93 -1.15
C3 LMT AE . 50.78 -11.70 -1.22
C4 LMT AE . 49.95 -11.50 0.04
C5 LMT AE . 49.36 -10.10 0.16
C6 LMT AE . 48.53 -10.03 1.43
C7 LMT AE . 48.00 -8.63 1.72
C8 LMT AE . 47.46 -8.57 3.15
C9 LMT AE . 46.96 -7.18 3.50
C10 LMT AE . 46.32 -7.15 4.88
C11 LMT AE . 47.38 -7.30 5.98
C12 LMT AE . 46.75 -7.14 7.34
MG BCL BE . 42.60 0.59 -0.49
CHA BCL BE . 41.38 0.04 2.67
CHB BCL BE . 43.15 3.80 0.26
CHC BCL BE . 43.01 1.17 -3.80
CHD BCL BE . 41.75 -2.70 -1.38
NA BCL BE . 42.36 1.72 1.15
C1A BCL BE . 41.93 1.37 2.32
C2A BCL BE . 41.89 2.48 3.33
C3A BCL BE . 42.10 3.69 2.44
C4A BCL BE . 42.57 3.04 1.18
CMA BCL BE . 40.82 4.49 2.23
CAA BCL BE . 42.96 2.34 4.39
CBA BCL BE . 42.60 3.10 5.66
CGA BCL BE . 42.93 4.56 5.51
O1A BCL BE . 42.37 5.42 6.19
O2A BCL BE . 43.95 4.98 4.55
NB BCL BE . 42.99 2.24 -1.62
C1B BCL BE . 43.23 3.50 -1.17
C2B BCL BE . 43.52 4.53 -2.19
C3B BCL BE . 43.47 3.71 -3.42
C4B BCL BE . 43.17 2.34 -2.94
CMB BCL BE . 43.78 5.99 -1.97
CAB BCL BE . 43.70 4.11 -4.86
OBB BCL BE . 44.10 3.26 -5.65
CBB BCL BE . 43.43 5.51 -5.29
NC BCL BE . 42.66 -0.53 -2.15
C1C BCL BE . 42.97 -0.08 -3.38
C2C BCL BE . 43.20 -1.16 -4.39
C3C BCL BE . 42.83 -2.38 -3.60
C4C BCL BE . 42.43 -1.79 -2.29
CMC BCL BE . 42.25 -0.96 -5.55
CAC BCL BE . 43.99 -3.34 -3.42
CBC BCL BE . 43.93 -4.45 -4.44
ND BCL BE . 41.72 -1.06 0.35
C1D BCL BE . 41.44 -2.31 -0.02
C2D BCL BE . 40.81 -3.12 1.07
C3D BCL BE . 40.81 -2.13 2.15
C4D BCL BE . 41.36 -1.01 1.66
CMD BCL BE . 40.29 -4.52 1.24
CAD BCL BE . 40.43 -1.91 3.56
OBD BCL BE . 39.90 -2.78 4.33
CBD BCL BE . 40.81 -0.50 3.95
CGD BCL BE . 39.68 0.26 4.55
O1D BCL BE . 38.63 0.41 3.97
O2D BCL BE . 39.83 0.81 5.88
CED BCL BE . 38.88 1.74 6.39
C1 BCL BE . 44.47 6.30 4.51
C2 BCL BE . 45.77 6.23 3.76
C3 BCL BE . 45.80 6.54 2.45
C4 BCL BE . 44.55 6.97 1.75
C5 BCL BE . 47.11 6.47 1.70
C6 BCL BE . 46.91 5.85 0.32
C7 BCL BE . 46.59 4.36 0.42
C8 BCL BE . 47.48 3.55 -0.50
C9 BCL BE . 48.95 3.86 -0.23
C10 BCL BE . 47.09 3.81 -1.96
C11 BCL BE . 48.30 3.94 -2.87
C12 BCL BE . 47.91 3.89 -4.34
C13 BCL BE . 49.15 4.02 -5.22
C14 BCL BE . 49.85 5.34 -4.97
C15 BCL BE . 48.76 3.87 -6.70
C16 BCL BE . 49.94 4.18 -7.61
C17 BCL BE . 50.77 2.94 -7.92
C18 BCL BE . 52.16 2.99 -7.28
C19 BCL BE . 53.22 2.50 -8.25
C20 BCL BE . 52.20 2.18 -5.99
C1M CRT CE . 39.81 12.37 27.99
O1 CRT CE . 40.99 11.65 27.63
C1 CRT CE . 42.21 12.38 27.46
C2 CRT CE . 41.95 13.52 26.48
C3 CRT CE . 42.62 12.94 28.81
C4 CRT CE . 43.31 11.46 26.94
C5 CRT CE . 42.80 10.50 25.88
C6 CRT CE . 43.51 10.30 24.77
C7 CRT CE . 43.03 9.35 23.74
C8 CRT CE . 41.93 8.40 24.06
C9 CRT CE . 43.59 9.34 22.52
C10 CRT CE . 43.14 8.41 21.48
C11 CRT CE . 43.64 8.50 20.25
C12 CRT CE . 43.24 7.60 19.16
C13 CRT CE . 42.75 6.22 19.45
C14 CRT CE . 43.34 8.05 17.89
C15 CRT CE . 42.97 7.25 16.73
C16 CRT CE . 43.08 7.83 15.53
C17 CRT CE . 42.74 7.17 14.26
C18 CRT CE . 42.58 5.68 14.17
C19 CRT CE . 42.57 7.93 13.17
C20 CRT CE . 42.22 7.37 11.87
C21 CRT CE . 41.73 8.17 10.93
C22 CRT CE . 41.37 7.66 9.62
C23 CRT CE . 40.64 8.40 8.77
C24 CRT CE . 40.20 9.78 9.15
C25 CRT CE . 40.28 7.86 7.44
C26 CRT CE . 39.45 8.47 6.61
C27 CRT CE . 39.17 7.82 5.33
C28 CRT CE . 38.27 8.25 4.43
C29 CRT CE . 37.46 9.50 4.66
C30 CRT CE . 38.11 7.46 3.20
C31 CRT CE . 37.22 7.76 2.25
C32 CRT CE . 37.20 6.87 1.10
C33 CRT CE . 36.47 7.12 -0.01
C34 CRT CE . 35.65 8.37 -0.12
C35 CRT CE . 36.54 6.15 -1.11
C36 CRT CE . 35.61 6.10 -2.06
C37 CRT CE . 35.76 5.06 -3.14
C38 CRT CE . 34.49 4.22 -3.33
C39 CRT CE . 34.63 2.73 -3.60
C40 CRT CE . 33.13 4.81 -2.96
O2 CRT CE . 34.67 3.92 -1.93
C2M CRT CE . 33.80 3.11 -1.12
MG BCL DE . 40.35 7.79 -5.02
CHA BCL DE . 40.70 11.00 -3.90
CHB BCL DE . 40.33 6.76 -1.86
CHC BCL DE . 39.78 4.73 -6.19
CHD BCL DE . 41.63 8.71 -8.14
NA BCL DE . 40.18 8.70 -3.24
C1A BCL DE . 40.19 9.95 -2.98
C2A BCL DE . 39.76 10.29 -1.58
C3A BCL DE . 39.74 8.92 -0.92
C4A BCL DE . 40.09 8.04 -2.07
CMA BCL DE . 40.81 8.81 0.14
CAA BCL DE . 38.41 10.97 -1.48
CBA BCL DE . 38.53 12.18 -0.57
CGA BCL DE . 37.32 12.32 0.32
O1A BCL DE . 36.54 11.40 0.48
O2A BCL DE . 37.08 13.57 1.02
NB BCL DE . 40.11 5.96 -4.13
C1B BCL DE . 40.10 5.68 -2.82
C2B BCL DE . 39.88 4.25 -2.46
C3B BCL DE . 39.71 3.64 -3.80
C4B BCL DE . 39.87 4.79 -4.73
CMB BCL DE . 39.83 3.64 -1.09
CAB BCL DE . 39.47 2.22 -4.18
OBB BCL DE . 39.93 1.80 -5.23
CBB BCL DE . 38.63 1.35 -3.30
NC BCL DE . 40.73 6.85 -6.74
C1C BCL DE . 40.44 5.57 -6.99
C2C BCL DE . 40.91 5.09 -8.32
C3C BCL DE . 41.72 6.28 -8.78
C4C BCL DE . 41.31 7.32 -7.79
CMC BCL DE . 41.77 3.84 -8.19
CAC BCL DE . 41.32 6.69 -10.18
CBC BCL DE . 39.81 6.78 -10.35
ND BCL DE . 41.08 9.45 -5.94
C1D BCL DE . 41.53 9.79 -7.16
C2D BCL DE . 41.89 11.24 -7.27
C3D BCL DE . 41.53 11.68 -5.92
C4D BCL DE . 41.07 10.63 -5.25
CMD BCL DE . 42.44 12.20 -8.30
CAD BCL DE . 41.49 12.87 -5.04
OBD BCL DE . 41.87 14.06 -5.36
CBD BCL DE . 40.95 12.47 -3.71
CGD BCL DE . 41.97 12.79 -2.66
O1D BCL DE . 43.12 12.37 -2.75
O2D BCL DE . 41.62 13.64 -1.55
CED BCL DE . 42.61 13.96 -0.58
C1 BCL DE . 36.21 13.59 2.15
C2 BCL DE . 37.06 13.61 3.39
C3 BCL DE . 37.56 14.75 3.87
C4 BCL DE . 37.29 16.04 3.16
C5 BCL DE . 38.41 14.74 5.12
C6 BCL DE . 39.65 13.88 4.87
C7 BCL DE . 40.67 14.62 4.01
C8 BCL DE . 42.00 13.87 3.93
C9 BCL DE . 42.95 14.52 2.94
C10 BCL DE . 41.79 12.40 3.60
C11 BCL DE . 42.49 11.52 4.63
C12 BCL DE . 43.25 10.38 3.99
C13 BCL DE . 44.65 10.80 3.55
C14 BCL DE . 44.74 10.93 2.03
C15 BCL DE . 45.66 9.78 4.07
C16 BCL DE . 47.07 10.05 3.54
C17 BCL DE . 48.04 8.98 4.03
C18 BCL DE . 48.82 9.42 5.26
C19 BCL DE . 49.35 10.85 5.12
C20 BCL DE . 49.94 8.45 5.59
C1B LMT EE . 50.27 0.54 -16.79
C2B LMT EE . 50.91 -0.81 -17.15
C3B LMT EE . 49.93 -1.71 -17.91
C4B LMT EE . 49.22 -1.01 -19.05
C5B LMT EE . 49.51 0.49 -19.08
C6B LMT EE . 48.58 1.22 -20.05
O1B LMT EE . 51.29 1.53 -16.59
O2B LMT EE . 52.13 -0.63 -17.90
O3B LMT EE . 48.97 -2.23 -16.99
O4' LMT EE . 49.60 -1.60 -20.30
O5B LMT EE . 49.31 1.00 -17.75
O6B LMT EE . 48.78 2.63 -19.94
C1' LMT EE . 51.34 4.21 -13.31
C2' LMT EE . 51.50 2.72 -13.04
C3' LMT EE . 51.90 1.92 -14.27
C4' LMT EE . 50.99 2.29 -15.42
C5' LMT EE . 51.19 3.78 -15.67
C6' LMT EE . 50.52 4.23 -16.95
O1' LMT EE . 50.60 4.77 -12.23
O2' LMT EE . 52.49 2.54 -12.00
O3' LMT EE . 51.82 0.51 -14.00
O5' LMT EE . 50.63 4.46 -14.54
O6' LMT EE . 51.19 3.62 -18.06
C1 LMT EE . 50.36 6.17 -12.38
C2 LMT EE . 49.74 6.71 -11.09
C3 LMT EE . 48.26 6.36 -10.98
C4 LMT EE . 47.62 7.01 -9.74
C5 LMT EE . 46.11 7.00 -9.84
C6 LMT EE . 45.47 7.31 -8.49
C7 LMT EE . 45.87 8.70 -8.00
C8 LMT EE . 46.33 8.66 -6.56
C9 LMT EE . 45.18 8.85 -5.59
C10 LMT EE . 45.72 8.99 -4.16
C11 LMT EE . 44.64 9.41 -3.18
C12 LMT EE . 45.24 9.97 -1.92
MG BCL FE . 38.77 15.87 -10.08
CHA BCL FE . 38.01 15.48 -6.76
CHB BCL FE . 38.21 19.17 -9.80
CHC BCL FE . 39.19 16.15 -13.44
CHD BCL FE . 38.61 12.39 -10.50
NA BCL FE . 38.38 17.12 -8.56
C1A BCL FE . 38.20 16.83 -7.31
C2A BCL FE . 37.99 18.03 -6.42
C3A BCL FE . 37.86 19.14 -7.42
C4A BCL FE . 38.18 18.44 -8.69
CMA BCL FE . 36.45 19.70 -7.44
CAA BCL FE . 39.13 18.28 -5.44
CBA BCL FE . 38.52 18.48 -4.05
CGA BCL FE . 38.26 19.93 -3.74
O1A BCL FE . 38.30 20.31 -2.58
O2A BCL FE . 37.92 20.88 -4.78
NB BCL FE . 38.68 17.42 -11.43
C1B BCL FE . 38.48 18.72 -11.16
C2B BCL FE . 38.49 19.66 -12.31
C3B BCL FE . 38.79 18.73 -13.42
C4B BCL FE . 38.91 17.41 -12.74
CMB BCL FE . 38.26 21.15 -12.26
CAB BCL FE . 38.97 18.99 -14.88
OBB BCL FE . 39.49 18.14 -15.60
CBB BCL FE . 38.53 20.29 -15.48
NC BCL FE . 38.94 14.60 -11.62
C1C BCL FE . 39.12 14.94 -12.91
C2C BCL FE . 39.27 13.78 -13.84
C3C BCL FE . 39.07 12.63 -12.91
C4C BCL FE . 38.88 13.30 -11.60
CMC BCL FE . 38.17 13.82 -14.90
CAC BCL FE . 40.29 11.73 -12.85
CBC BCL FE . 40.25 10.66 -13.91
ND BCL FE . 38.38 14.20 -8.97
C1D BCL FE . 38.35 12.87 -9.15
C2D BCL FE . 38.03 12.09 -7.91
C3D BCL FE . 37.91 13.21 -6.96
C4D BCL FE . 38.13 14.35 -7.64
CMD BCL FE . 37.85 10.67 -7.49
CAD BCL FE . 37.62 13.52 -5.54
OBD BCL FE . 37.37 12.66 -4.62
CBD BCL FE . 37.71 15.00 -5.37
CGD BCL FE . 36.48 15.55 -4.70
O1D BCL FE . 35.40 15.58 -5.25
O2D BCL FE . 36.60 16.03 -3.33
CED BCL FE . 35.54 16.75 -2.73
C1 BCL FE . 38.71 22.06 -4.94
C2 BCL FE . 39.03 22.24 -6.41
C3 BCL FE . 40.26 22.56 -6.82
C4 BCL FE . 41.36 22.75 -5.80
C5 BCL FE . 40.51 22.73 -8.30
C6 BCL FE . 42.00 22.82 -8.64
C7 BCL FE . 42.71 21.47 -8.74
C8 BCL FE . 41.93 20.41 -9.52
C9 BCL FE . 41.44 19.33 -8.57
C10 BCL FE . 42.83 19.78 -10.57
C11 BCL FE . 42.27 19.88 -11.99
C12 BCL FE . 43.07 18.96 -12.90
C13 BCL FE . 43.67 19.67 -14.11
C14 BCL FE . 44.09 21.10 -13.77
C15 BCL FE . 42.67 19.64 -15.26
C16 BCL FE . 43.26 20.32 -16.50
C17 BCL FE . 43.87 19.30 -17.44
C18 BCL FE . 45.39 19.44 -17.53
C19 BCL FE . 45.82 20.89 -17.71
C20 BCL FE . 45.95 18.58 -18.64
C1M CRT GE . 39.90 29.69 18.54
O1 CRT GE . 40.63 28.69 17.84
C1 CRT GE . 39.96 27.60 17.21
C2 CRT GE . 39.31 26.77 18.29
C3 CRT GE . 38.91 28.14 16.25
C4 CRT GE . 41.00 26.77 16.46
C5 CRT GE . 40.33 25.74 15.58
C6 CRT GE . 40.72 25.64 14.32
C7 CRT GE . 40.10 24.66 13.40
C8 CRT GE . 39.17 23.61 13.93
C9 CRT GE . 40.39 24.74 12.10
C10 CRT GE . 39.85 23.85 11.08
C11 CRT GE . 40.31 24.00 9.83
C12 CRT GE . 39.82 23.16 8.72
C13 CRT GE . 38.95 21.97 9.00
C14 CRT GE . 40.15 23.49 7.47
C15 CRT GE . 39.71 22.74 6.29
C16 CRT GE . 39.72 23.36 5.11
C17 CRT GE . 39.28 22.69 3.87
C18 CRT GE . 39.32 21.19 3.76
C19 CRT GE . 38.86 23.44 2.84
C20 CRT GE . 38.40 22.82 1.59
C21 CRT GE . 37.69 23.52 0.71
C22 CRT GE . 37.24 22.89 -0.54
C23 CRT GE . 36.26 23.44 -1.27
C24 CRT GE . 35.60 24.71 -0.84
C25 CRT GE . 35.83 22.77 -2.52
C26 CRT GE . 34.71 23.12 -3.15
C27 CRT GE . 34.38 22.39 -4.37
C28 CRT GE . 33.27 22.61 -5.10
C29 CRT GE . 32.28 23.67 -4.74
C30 CRT GE . 33.08 21.77 -6.29
C31 CRT GE . 32.02 21.81 -7.10
C32 CRT GE . 32.08 20.86 -8.21
C33 CRT GE . 31.18 20.75 -9.19
C34 CRT GE . 29.97 21.63 -9.27
C35 CRT GE . 31.46 19.73 -10.21
C36 CRT GE . 30.65 19.42 -11.21
C37 CRT GE . 31.14 18.34 -12.14
C38 CRT GE . 30.22 17.14 -12.04
C39 CRT GE . 30.24 16.34 -13.33
C40 CRT GE . 30.68 16.27 -10.87
O2 CRT GE . 28.90 17.59 -11.76
C2M CRT GE . 27.79 16.69 -11.85
C1B LMT HE . 45.83 14.23 -27.63
C2B LMT HE . 46.58 13.05 -27.01
C3B LMT HE . 48.09 13.23 -27.15
C4B LMT HE . 48.43 13.49 -28.62
C5B LMT HE . 47.63 14.67 -29.14
C6B LMT HE . 47.96 14.97 -30.59
O1B LMT HE . 46.05 15.43 -26.89
O2B LMT HE . 46.24 12.95 -25.62
O3B LMT HE . 48.77 12.06 -26.70
O4' LMT HE . 49.82 13.75 -28.76
O5B LMT HE . 46.23 14.41 -28.99
O6B LMT HE . 47.49 16.27 -30.95
C1' LMT HE . 45.02 18.32 -25.01
C2' LMT HE . 44.42 16.94 -24.82
C3' LMT HE . 43.94 16.36 -26.16
C4' LMT HE . 45.07 16.42 -27.19
C5' LMT HE . 45.68 17.81 -27.23
C6' LMT HE . 45.66 18.35 -28.65
O1' LMT HE . 44.30 19.26 -24.21
O2' LMT HE . 45.39 16.05 -24.26
O3' LMT HE . 42.82 17.11 -26.64
O5' LMT HE . 44.95 18.69 -26.39
O6' LMT HE . 45.94 19.76 -28.63
C1 LMT HE . 44.95 20.52 -24.14
C2 LMT HE . 43.97 21.55 -23.59
C3 LMT HE . 43.35 21.09 -22.27
C4 LMT HE . 42.17 21.99 -21.92
C5 LMT HE . 41.70 21.76 -20.48
C6 LMT HE . 40.55 22.70 -20.16
C7 LMT HE . 40.19 22.69 -18.67
C8 LMT HE . 39.08 23.69 -18.41
C9 LMT HE . 38.46 23.50 -17.02
C10 LMT HE . 39.27 24.18 -15.93
C11 LMT HE . 38.45 24.24 -14.64
C12 LMT HE . 39.17 25.03 -13.56
P PGV IE . 24.87 9.06 -23.06
C01 PGV IE . 25.49 9.03 -18.14
C02 PGV IE . 24.61 9.67 -19.21
C03 PGV IE . 25.34 9.76 -20.55
C04 PGV IE . 23.55 7.91 -25.03
C05 PGV IE . 22.33 7.05 -25.28
C06 PGV IE . 22.29 5.89 -24.28
O01 PGV IE . 24.16 10.97 -18.81
O02 PGV IE . 26.16 12.00 -18.32
O03 PGV IE . 24.66 8.64 -17.06
O04 PGV IE . 26.03 9.39 -15.36
O05 PGV IE . 22.42 6.52 -26.61
O06 PGV IE . 21.08 5.15 -24.44
O11 PGV IE . 24.42 9.29 -21.53
O12 PGV IE . 23.56 8.36 -23.67
O13 PGV IE . 25.98 8.04 -23.07
O14 PGV IE . 25.07 10.40 -23.72
C1 PGV IE . 25.06 11.68 -17.92
C2 PGV IE . 24.62 12.04 -16.52
C3 PGV IE . 25.75 12.72 -15.77
C4 PGV IE . 25.62 12.52 -14.26
C5 PGV IE . 24.21 12.85 -13.77
C6 PGV IE . 24.22 13.23 -12.30
C7 PGV IE . 22.82 13.53 -11.79
C8 PGV IE . 22.30 14.86 -12.35
C9 PGV IE . 20.87 15.10 -11.89
C10 PGV IE . 20.45 16.54 -12.14
C11 PGV IE . 21.40 17.47 -11.42
C12 PGV IE . 21.49 18.75 -11.76
C13 PGV IE . 20.64 19.30 -12.89
C19 PGV IE . 25.19 8.57 -15.71
C20 PGV IE . 24.72 7.50 -14.76
C21 PGV IE . 25.74 7.40 -13.63
C22 PGV IE . 25.04 7.46 -12.27
C23 PGV IE . 24.47 8.84 -12.00
C24 PGV IE . 23.88 8.86 -10.60
C25 PGV IE . 23.40 10.25 -10.18
C26 PGV IE . 22.83 10.20 -8.77
C27 PGV IE . 21.47 9.50 -8.73
C28 PGV IE . 20.46 10.27 -9.58
C29 PGV IE . 20.20 11.65 -9.00
C30 PGV IE . 19.33 12.48 -9.95
C31 PGV IE . 18.14 13.10 -9.23
C32 PGV IE . 18.58 14.00 -8.09
MG BCL JE . 34.63 21.76 -14.65
CHA BCL JE . 34.23 25.07 -13.93
CHB BCL JE . 34.68 21.04 -11.38
CHC BCL JE . 35.03 18.50 -15.48
CHD BCL JE . 35.31 22.59 -18.00
NA BCL JE . 34.33 22.81 -12.97
C1A BCL JE . 34.08 24.06 -12.86
C2A BCL JE . 33.72 24.50 -11.47
C3A BCL JE . 34.15 23.30 -10.67
C4A BCL JE . 34.40 22.29 -11.73
CMA BCL JE . 35.44 23.57 -9.92
CAA BCL JE . 32.22 24.77 -11.33
CBA BCL JE . 31.86 24.89 -9.85
CGA BCL JE . 31.49 26.32 -9.53
O1A BCL JE . 31.29 27.13 -10.42
O2A BCL JE . 31.37 26.73 -8.14
NB BCL JE . 34.86 20.02 -13.60
C1B BCL JE . 34.83 19.89 -12.26
C2B BCL JE . 34.99 18.50 -11.73
C3B BCL JE . 35.10 17.73 -12.98
C4B BCL JE . 34.99 18.76 -14.05
CMB BCL JE . 35.02 18.10 -10.27
CAB BCL JE . 35.28 16.26 -13.19
OBB BCL JE . 35.65 15.85 -14.28
CBB BCL JE . 34.98 15.29 -12.09
NC BCL JE . 35.11 20.75 -16.32
C1C BCL JE . 35.21 19.41 -16.42
C2C BCL JE . 35.57 18.93 -17.78
C3C BCL JE . 35.98 20.22 -18.43
C4C BCL JE . 35.42 21.22 -17.48
CMC BCL JE . 36.73 17.95 -17.71
CAC BCL JE . 35.38 20.39 -19.82
CBC BCL JE . 33.91 20.03 -19.87
ND BCL JE . 34.81 23.41 -15.83
C1D BCL JE . 35.04 23.71 -17.12
C2D BCL JE . 34.99 25.18 -17.42
C3D BCL JE . 34.65 25.68 -16.08
C4D BCL JE . 34.55 24.63 -15.27
CMD BCL JE . 35.17 26.11 -18.59
CAD BCL JE . 34.40 26.92 -15.32
OBD BCL JE . 34.42 28.11 -15.81
CBD BCL JE . 34.11 26.56 -13.90
CGD BCL JE . 35.07 27.22 -12.96
O1D BCL JE . 36.27 27.02 -13.05
O2D BCL JE . 34.58 28.12 -11.94
CED BCL JE . 35.32 28.32 -10.73
C1 BCL JE . 30.37 27.64 -7.69
C2 BCL JE . 30.15 27.38 -6.21
C3 BCL JE . 30.66 28.20 -5.29
C4 BCL JE . 31.44 29.41 -5.70
C5 BCL JE . 30.42 27.88 -3.82
C6 BCL JE . 31.50 28.54 -2.95
C7 BCL JE . 32.76 27.68 -2.84
C8 BCL JE . 33.69 28.18 -1.73
C9 BCL JE . 32.93 28.70 -0.53
C10 BCL JE . 34.62 29.25 -2.29
C11 BCL JE . 36.03 28.73 -2.59
C12 BCL JE . 36.87 28.63 -1.32
C13 BCL JE . 38.32 29.09 -1.54
C14 BCL JE . 38.41 30.60 -1.68
C15 BCL JE . 38.93 28.40 -2.76
C16 BCL JE . 40.45 28.52 -2.73
C17 BCL JE . 41.03 28.86 -4.10
C18 BCL JE . 41.17 27.65 -5.00
C19 BCL JE . 42.58 27.57 -5.59
C20 BCL JE . 40.14 27.66 -6.12
MG BCL KE . 30.34 28.37 -19.90
CHA BCL KE . 30.23 28.01 -16.48
CHB BCL KE . 29.15 31.49 -19.61
CHC BCL KE . 29.85 28.40 -23.26
CHD BCL KE . 31.09 24.96 -20.23
NA BCL KE . 29.86 29.57 -18.36
C1A BCL KE . 29.95 29.34 -17.09
C2A BCL KE . 29.55 30.48 -16.21
C3A BCL KE . 28.91 31.41 -17.19
C4A BCL KE . 29.33 30.80 -18.49
CMA BCL KE . 27.40 31.43 -17.09
CAA BCL KE . 30.73 31.13 -15.52
CBA BCL KE . 30.26 32.12 -14.45
CGA BCL KE . 30.37 33.53 -14.97
O1A BCL KE . 29.43 34.30 -14.88
O2A BCL KE . 31.60 33.96 -15.59
NB BCL KE . 29.58 29.73 -21.24
C1B BCL KE . 29.15 30.97 -20.97
C2B BCL KE . 28.68 31.78 -22.13
C3B BCL KE . 28.89 30.83 -23.22
C4B BCL KE . 29.46 29.63 -22.57
CMB BCL KE . 28.13 33.19 -22.08
CAB BCL KE . 28.63 31.01 -24.69
OBB BCL KE . 29.31 30.42 -25.50
CBB BCL KE . 27.51 31.90 -25.13
NC BCL KE . 30.67 27.11 -21.41
C1C BCL KE . 30.53 27.40 -22.72
C2C BCL KE . 31.17 26.41 -23.62
C3C BCL KE . 31.50 25.31 -22.66
C4C BCL KE . 31.07 25.88 -21.36
CMC BCL KE . 30.18 25.88 -24.66
CAC BCL KE . 32.99 24.99 -22.63
CBC BCL KE . 33.24 23.57 -23.12
ND BCL KE . 30.60 26.73 -18.71
C1D BCL KE . 30.92 25.44 -18.86
C2D BCL KE . 31.02 24.70 -17.57
C3D BCL KE . 30.75 25.79 -16.63
C4D BCL KE . 30.53 26.90 -17.35
CMD BCL KE . 31.31 23.30 -17.11
CAD BCL KE . 30.60 26.09 -15.19
OBD BCL KE . 30.75 25.25 -14.24
CBD BCL KE . 30.30 27.55 -15.05
CGD BCL KE . 29.08 27.76 -14.20
O1D BCL KE . 27.99 27.32 -14.52
O2D BCL KE . 29.22 28.48 -12.96
CED BCL KE . 28.07 28.82 -12.19
C1 BCL KE . 31.63 35.04 -16.53
C2 BCL KE . 32.13 34.46 -17.84
C3 BCL KE . 31.28 34.36 -18.87
C4 BCL KE . 29.86 34.82 -18.73
C5 BCL KE . 31.77 33.77 -20.19
C6 BCL KE . 32.76 34.71 -20.84
C7 BCL KE . 32.64 34.71 -22.36
C8 BCL KE . 32.50 33.31 -22.96
C9 BCL KE . 33.84 32.59 -22.96
C10 BCL KE . 31.91 33.44 -24.37
C11 BCL KE . 32.62 32.57 -25.40
C12 BCL KE . 31.81 32.45 -26.69
C13 BCL KE . 32.60 32.88 -27.94
C14 BCL KE . 34.09 32.63 -27.77
C15 BCL KE . 32.32 34.34 -28.27
C16 BCL KE . 33.21 34.80 -29.43
C17 BCL KE . 33.19 36.33 -29.58
C18 BCL KE . 34.53 36.97 -29.25
C19 BCL KE . 35.71 36.08 -29.63
C20 BCL KE . 34.60 37.38 -27.79
C1M CRT LE . 31.29 41.72 9.39
O1 CRT LE . 31.75 41.69 8.04
C1 CRT LE . 30.82 41.67 6.95
C2 CRT LE . 30.18 40.28 6.87
C3 CRT LE . 29.76 42.73 7.16
C4 CRT LE . 31.61 41.97 5.68
C5 CRT LE . 32.07 40.70 4.99
C6 CRT LE . 31.94 40.64 3.67
C7 CRT LE . 32.33 39.46 2.87
C8 CRT LE . 33.13 38.35 3.48
C9 CRT LE . 31.95 39.42 1.59
C10 CRT LE . 32.24 38.32 0.69
C11 CRT LE . 31.94 38.53 -0.59
C12 CRT LE . 32.13 37.52 -1.65
C13 CRT LE . 32.87 36.25 -1.40
C14 CRT LE . 31.59 37.79 -2.84
C15 CRT LE . 31.66 36.90 -3.99
C16 CRT LE . 30.84 37.19 -4.99
C17 CRT LE . 30.72 36.39 -6.22
C18 CRT LE . 31.69 35.29 -6.52
C19 CRT LE . 29.71 36.67 -7.04
C20 CRT LE . 29.46 35.93 -8.27
C21 CRT LE . 28.40 36.26 -8.99
C22 CRT LE . 28.08 35.54 -10.22
C23 CRT LE . 26.90 35.76 -10.83
C24 CRT LE . 25.92 36.74 -10.26
C25 CRT LE . 26.58 35.01 -12.06
C26 CRT LE . 25.33 34.92 -12.50
C27 CRT LE . 25.11 34.14 -13.70
C28 CRT LE . 23.91 33.97 -14.28
C29 CRT LE . 22.67 34.60 -13.72
C30 CRT LE . 23.86 33.13 -15.48
C31 CRT LE . 22.73 32.67 -16.00
C32 CRT LE . 22.91 31.83 -17.18
C33 CRT LE . 21.91 31.23 -17.82
C34 CRT LE . 20.48 31.38 -17.37
C35 CRT LE . 22.28 30.42 -18.99
C36 CRT LE . 21.58 29.38 -19.43
C37 CRT LE . 22.13 28.67 -20.65
C38 CRT LE . 22.29 27.19 -20.38
C39 CRT LE . 22.18 26.39 -21.67
C40 CRT LE . 23.64 26.91 -19.73
O2 CRT LE . 21.28 26.77 -19.47
C2M CRT LE . 21.19 25.40 -19.11
MG BCL ME . 23.63 32.09 -24.28
CHA BCL ME . 22.28 35.14 -23.55
CHB BCL ME . 24.68 31.78 -21.10
CHC BCL ME . 25.07 29.13 -25.13
CHD BCL ME . 23.09 32.68 -27.71
NA BCL ME . 23.41 33.16 -22.60
C1A BCL ME . 22.79 34.29 -22.45
C2A BCL ME . 22.74 34.78 -21.03
C3A BCL ME . 23.71 33.86 -20.35
C4A BCL ME . 23.96 32.85 -21.41
CMA BCL ME . 25.00 34.56 -20.00
CAA BCL ME . 21.38 34.69 -20.38
CBA BCL ME . 21.49 35.33 -19.00
CGA BCL ME . 20.14 35.82 -18.51
O1A BCL ME . 19.12 35.47 -19.05
O2A BCL ME . 20.07 36.73 -17.38
NB BCL ME . 24.74 30.67 -23.28
C1B BCL ME . 25.06 30.66 -21.97
C2B BCL ME . 25.85 29.49 -21.48
C3B BCL ME . 25.95 28.71 -22.72
C4B BCL ME . 25.24 29.52 -23.73
CMB BCL ME . 26.35 29.25 -20.09
CAB BCL ME . 26.61 27.38 -22.97
OBB BCL ME . 27.10 27.15 -24.06
CBB BCL ME . 26.63 26.37 -21.87
NC BCL ME . 24.05 31.13 -26.00
C1C BCL ME . 24.72 29.97 -26.10
C2C BCL ME . 25.03 29.54 -27.50
C3C BCL ME . 24.25 30.55 -28.28
C4C BCL ME . 23.78 31.48 -27.21
CMC BCL ME . 26.53 29.65 -27.77
CAC BCL ME . 23.06 29.89 -28.94
CBC BCL ME . 22.83 30.44 -30.34
ND BCL ME . 22.90 33.54 -25.50
C1D BCL ME . 22.66 33.73 -26.81
C2D BCL ME . 22.01 35.05 -27.12
C3D BCL ME . 21.89 35.58 -25.75
C4D BCL ME . 22.37 34.67 -24.92
CMD BCL ME . 21.53 35.84 -28.30
CAD BCL ME . 21.39 36.73 -25.00
OBD BCL ME . 20.85 37.78 -25.49
CBD BCL ME . 21.63 36.49 -23.54
CGD BCL ME . 22.47 37.60 -23.01
O1D BCL ME . 23.48 37.94 -23.59
O2D BCL ME . 22.07 38.32 -21.83
CED BCL ME . 22.76 39.52 -21.48
C1 BCL ME . 18.82 37.05 -16.78
C2 BCL ME . 19.00 37.44 -15.33
C3 BCL ME . 19.29 38.71 -15.00
C4 BCL ME . 19.44 39.75 -16.08
C5 BCL ME . 19.46 39.12 -13.56
C6 BCL ME . 20.79 38.62 -13.02
C7 BCL ME . 21.92 39.56 -13.40
C8 BCL ME . 23.27 38.88 -13.28
C9 BCL ME . 23.96 39.31 -12.00
C10 BCL ME . 24.13 39.17 -14.50
C11 BCL ME . 24.05 38.01 -15.51
C12 BCL ME . 24.75 38.33 -16.83
C13 BCL ME . 24.22 39.61 -17.47
C14 BCL ME . 22.75 39.47 -17.84
C15 BCL ME . 25.06 39.94 -18.69
C1M CRT NE . -1.58 55.34 -8.24
O1 CRT NE . -0.83 55.32 -9.44
C1 CRT NE . -1.43 55.73 -10.66
C2 CRT NE . -2.68 54.89 -10.89
C3 CRT NE . -1.81 57.20 -10.55
C4 CRT NE . -0.44 55.53 -11.80
C5 CRT NE . -0.26 54.07 -12.14
C6 CRT NE . -0.49 53.68 -13.39
C7 CRT NE . -0.34 52.29 -13.83
C8 CRT NE . -0.04 51.20 -12.84
C9 CRT NE . -0.48 52.02 -15.13
C10 CRT NE . -0.35 50.67 -15.68
C11 CRT NE . -0.58 50.51 -16.98
C12 CRT NE . -0.45 49.21 -17.65
C13 CRT NE . 0.64 48.27 -17.23
C14 CRT NE . -1.31 48.88 -18.63
C15 CRT NE . -1.25 47.62 -19.35
C16 CRT NE . -2.18 47.42 -20.29
C17 CRT NE . -2.22 46.19 -21.10
C18 CRT NE . -0.96 45.43 -21.39
C19 CRT NE . -3.41 45.77 -21.57
C20 CRT NE . -3.53 44.57 -22.39
C21 CRT NE . -4.73 44.13 -22.75
C22 CRT NE . -4.83 42.93 -23.57
C23 CRT NE . -5.99 42.27 -23.73
C24 CRT NE . -7.25 42.76 -23.06
C25 CRT NE . -6.01 41.06 -24.57
C26 CRT NE . -7.03 40.20 -24.60
C27 CRT NE . -6.86 39.05 -25.49
C28 CRT NE . -7.70 38.01 -25.56
C29 CRT NE . -8.93 37.91 -24.72
C30 CRT NE . -7.34 36.96 -26.54
C31 CRT NE . -7.89 35.75 -26.58
C32 CRT NE . -7.36 34.88 -27.62
C33 CRT NE . -7.63 33.57 -27.75
C34 CRT NE . -8.56 32.88 -26.81
C35 CRT NE . -6.98 32.88 -28.88
C36 CRT NE . -7.05 31.58 -29.12
C37 CRT NE . -6.30 31.07 -30.33
C38 CRT NE . -5.59 29.76 -30.03
C39 CRT NE . -5.22 29.06 -31.33
C40 CRT NE . -4.35 29.98 -29.18
O2 CRT NE . -6.48 28.92 -29.28
C2M CRT NE . -6.13 27.56 -29.04
C1B LMT OE . 32.66 29.74 -41.98
C2B LMT OE . 34.06 29.12 -41.98
C3B LMT OE . 35.06 29.92 -42.80
C4B LMT OE . 34.49 30.22 -44.18
C5B LMT OE . 33.15 30.92 -44.02
C6B LMT OE . 32.57 31.30 -45.37
O1B LMT OE . 32.64 30.91 -41.16
O2B LMT OE . 34.54 29.00 -40.63
O3B LMT OE . 36.28 29.19 -42.93
O4' LMT OE . 35.40 31.05 -44.90
O5B LMT OE . 32.24 30.05 -43.32
O6B LMT OE . 32.41 30.13 -46.19
C1' LMT OE . 32.04 32.44 -38.01
C2' LMT OE . 32.40 30.97 -38.17
C3' LMT OE . 31.46 30.27 -39.15
C4' LMT OE . 31.40 31.05 -40.47
C5' LMT OE . 31.10 32.52 -40.22
C6' LMT OE . 29.83 32.95 -40.96
O1' LMT OE . 31.71 32.72 -36.65
O2' LMT OE . 33.75 30.86 -38.66
O3' LMT OE . 30.15 30.21 -38.57
O5' LMT OE . 30.91 32.77 -38.82
O6' LMT OE . 29.53 34.30 -40.65
C1 LMT OE . 31.75 34.12 -36.40
C2 LMT OE . 30.54 34.54 -35.56
C3 LMT OE . 30.46 33.81 -34.23
C4 LMT OE . 29.21 34.28 -33.50
C5 LMT OE . 28.98 33.60 -32.16
C6 LMT OE . 27.69 34.14 -31.56
C7 LMT OE . 27.53 33.78 -30.08
C8 LMT OE . 26.49 34.67 -29.42
C9 LMT OE . 26.38 34.38 -27.93
C10 LMT OE . 26.20 35.66 -27.13
C11 LMT OE . 26.24 35.38 -25.64
C12 LMT OE . 26.23 36.66 -24.84
MG BCL PE . 16.07 35.99 -28.68
CHA BCL PE . 16.86 36.06 -25.34
CHB BCL PE . 13.90 38.50 -28.26
CHC BCL PE . 14.93 35.40 -31.84
CHD BCL PE . 18.06 33.11 -29.07
NA BCL PE . 15.50 37.11 -27.12
C1A BCL PE . 15.93 37.07 -25.91
C2A BCL PE . 15.29 38.07 -24.99
C3A BCL PE . 14.20 38.64 -25.86
C4A BCL PE . 14.54 38.05 -27.18
CMA BCL PE . 12.82 38.19 -25.40
CAA BCL PE . 16.27 39.14 -24.54
CBA BCL PE . 15.91 39.68 -23.17
CGA BCL PE . 15.23 41.02 -23.28
O1A BCL PE . 15.76 42.02 -22.83
O2A BCL PE . 13.94 41.14 -23.93
NB BCL PE . 14.61 36.80 -29.87
C1B BCL PE . 13.81 37.84 -29.57
C2B BCL PE . 12.85 38.27 -30.63
C3B BCL PE . 13.17 37.31 -31.70
C4B BCL PE . 14.26 36.49 -31.13
CMB BCL PE . 11.83 39.37 -30.57
CAB BCL PE . 12.59 37.18 -33.07
OBB BCL PE . 13.31 36.96 -34.03
CBB BCL PE . 11.10 37.32 -33.24
NC BCL PE . 16.56 34.75 -30.19
C1C BCL PE . 16.03 34.79 -31.42
C2C BCL PE . 16.79 33.98 -32.42
C3C BCL PE . 17.74 33.24 -31.54
C4C BCL PE . 17.40 33.78 -30.19
CMC BCL PE . 15.85 33.01 -33.14
CAC BCL PE . 19.20 33.52 -31.90
CBC BCL PE . 19.91 32.26 -32.30
ND BCL PE . 17.22 34.74 -27.55
C1D BCL PE . 18.00 33.67 -27.73
C2D BCL PE . 18.68 33.20 -26.48
C3D BCL PE . 18.19 34.22 -25.54
C4D BCL PE . 17.40 35.04 -26.22
CMD BCL PE . 19.61 32.09 -26.05
CAD BCL PE . 18.25 34.62 -24.12
OBD BCL PE . 18.93 34.04 -23.19
CBD BCL PE . 17.41 35.85 -23.95
CGD BCL PE . 16.46 35.71 -22.81
O1D BCL PE . 15.66 34.79 -22.74
O2D BCL PE . 16.49 36.69 -21.74
CED BCL PE . 15.63 36.57 -20.62
C1 BCL PE . 13.39 42.44 -24.14
C2 BCL PE . 14.06 43.05 -25.35
C3 BCL PE . 13.42 43.18 -26.51
C4 BCL PE . 11.99 42.73 -26.66
C5 BCL PE . 14.15 43.79 -27.69
C6 BCL PE . 13.73 43.08 -28.96
C7 BCL PE . 14.94 42.87 -29.89
C8 BCL PE . 15.32 41.40 -29.96
C9 BCL PE . 16.36 41.08 -28.90
C10 BCL PE . 15.85 41.10 -31.36
C11 BCL PE . 14.72 40.68 -32.28
C12 BCL PE . 14.98 41.11 -33.72
C13 BCL PE . 15.00 39.89 -34.65
C14 BCL PE . 15.89 38.81 -34.05
C15 BCL PE . 15.48 40.29 -36.04
C16 BCL PE . 16.70 41.20 -35.97
C17 BCL PE . 17.98 40.50 -36.42
C18 BCL PE . 19.09 41.53 -36.61
C19 BCL PE . 20.10 41.05 -37.66
C20 BCL PE . 19.77 41.86 -35.30
C1M CRT QE . 21.08 54.77 -4.31
O1 CRT QE . 20.10 53.96 -4.96
C1 CRT QE . 19.09 53.30 -4.22
C2 CRT QE . 19.70 52.13 -3.46
C3 CRT QE . 18.44 54.29 -3.26
C4 CRT QE . 18.06 52.80 -5.23
C5 CRT QE . 18.67 51.73 -6.10
C6 CRT QE . 17.89 51.03 -6.90
C7 CRT QE . 18.43 49.96 -7.77
C8 CRT QE . 19.65 49.21 -7.37
C9 CRT QE . 17.78 49.68 -8.91
C10 CRT QE . 18.22 48.62 -9.82
C11 CRT QE . 17.44 48.38 -10.86
C12 CRT QE . 17.71 47.33 -11.86
C13 CRT QE . 18.95 46.50 -11.81
C14 CRT QE . 16.78 47.14 -12.80
C15 CRT QE . 16.84 46.13 -13.84
C16 CRT QE . 15.75 45.99 -14.59
C17 CRT QE . 15.62 45.00 -15.67
C18 CRT QE . 16.71 43.99 -15.89
C19 CRT QE . 14.51 44.99 -16.41
C20 CRT QE . 14.31 44.01 -17.47
C21 CRT QE . 13.08 43.86 -17.99
C22 CRT QE . 12.84 42.86 -19.03
C23 CRT QE . 11.59 42.58 -19.44
C24 CRT QE . 10.42 43.30 -18.84
C25 CRT QE . 11.41 41.54 -20.47
C26 CRT QE . 10.21 40.99 -20.71
C27 CRT QE . 10.16 39.95 -21.74
C28 CRT QE . 9.07 39.23 -22.04
C29 CRT QE . 7.76 39.44 -21.34
C30 CRT QE . 9.22 38.21 -23.08
C31 CRT QE . 8.29 37.32 -23.40
C32 CRT QE . 8.68 36.41 -24.46
C33 CRT QE . 8.02 35.28 -24.78
C34 CRT QE . 6.78 34.87 -24.04
C35 CRT QE . 8.58 34.48 -25.88
C36 CRT QE . 8.25 33.22 -26.09
C37 CRT QE . 8.91 32.50 -27.24
C38 CRT QE . 9.21 31.06 -26.86
C39 CRT QE . 10.07 30.38 -27.92
C40 CRT QE . 9.90 31.01 -25.50
O2 CRT QE . 7.97 30.38 -26.76
C2M CRT QE . 7.92 28.95 -26.70
MG BCL RE . 7.66 36.29 -31.14
CHA BCL RE . 5.32 38.59 -30.19
CHB BCL RE . 9.47 37.00 -28.41
CHC BCL RE . 9.91 33.98 -32.15
CHD BCL RE . 6.26 36.21 -34.36
NA BCL RE . 7.36 37.40 -29.50
C1A BCL RE . 6.36 38.15 -29.22
C2A BCL RE . 6.37 38.72 -27.84
C3A BCL RE . 7.76 38.35 -27.37
C4A BCL RE . 8.24 37.51 -28.50
CMA BCL RE . 8.65 39.58 -27.23
CAA BCL RE . 5.31 38.15 -26.91
CBA BCL RE . 5.33 38.93 -25.61
CGA BCL RE . 4.33 38.41 -24.62
O1A BCL RE . 4.53 37.39 -23.99
O2A BCL RE . 3.08 39.12 -24.38
NB BCL RE . 9.45 35.61 -30.41
C1B BCL RE . 10.07 35.96 -29.27
C2B BCL RE . 11.35 35.28 -28.96
C3B BCL RE . 11.46 34.36 -30.10
C4B BCL RE . 10.25 34.65 -30.90
CMB BCL RE . 12.25 35.50 -27.76
CAB BCL RE . 12.52 33.37 -30.44
OBB BCL RE . 12.79 33.15 -31.61
CBB BCL RE . 13.21 32.63 -29.34
NC BCL RE . 8.05 35.31 -32.86
C1C BCL RE . 9.05 34.42 -33.05
C2C BCL RE . 9.14 33.87 -34.42
C3C BCL RE . 7.99 34.56 -35.09
C4C BCL RE . 7.42 35.39 -33.98
CMC BCL RE . 10.45 34.25 -35.09
CAC BCL RE . 6.95 33.55 -35.56
CBC BCL RE . 6.51 33.88 -36.96
ND BCL RE . 6.16 37.17 -32.20
C1D BCL RE . 5.61 37.10 -33.42
C2D BCL RE . 4.43 38.01 -33.60
C3D BCL RE . 4.36 38.58 -32.26
C4D BCL RE . 5.34 38.04 -31.54
CMD BCL RE . 3.45 38.38 -34.67
CAD BCL RE . 3.59 39.54 -31.43
OBD BCL RE . 2.58 40.21 -31.81
CBD BCL RE . 4.20 39.56 -30.07
CGD BCL RE . 4.60 40.96 -29.73
O1D BCL RE . 5.29 41.63 -30.48
O2D BCL RE . 4.12 41.58 -28.50
CED BCL RE . 4.46 42.92 -28.20
C1 BCL RE . 2.56 39.17 -23.06
C2 BCL RE . 2.61 40.59 -22.57
C3 BCL RE . 2.73 40.88 -21.27
C4 BCL RE . 2.83 39.77 -20.26
C5 BCL RE . 2.78 42.32 -20.82
C6 BCL RE . 4.22 42.69 -20.44
C7 BCL RE . 5.22 42.40 -21.57
C8 BCL RE . 5.52 43.63 -22.42
C9 BCL RE . 4.49 43.84 -23.52
C10 BCL RE . 6.92 43.50 -23.03
C11 BCL RE . 7.76 44.71 -22.65
C12 BCL RE . 9.19 44.57 -23.13
C13 BCL RE . 9.96 45.86 -22.83
C14 BCL RE . 10.01 46.11 -21.32
C15 BCL RE . 9.30 47.01 -23.57
C16 BCL RE . 9.86 48.36 -23.14
C17 BCL RE . 11.20 48.64 -23.80
C18 BCL RE . 11.11 48.48 -25.32
C19 BCL RE . 12.30 47.69 -25.85
C20 BCL RE . 11.01 49.85 -25.99
C1B LMT SE . 11.55 35.06 -48.95
C2B LMT SE . 12.69 34.36 -49.67
C3B LMT SE . 12.37 34.14 -51.15
C4B LMT SE . 11.89 35.41 -51.83
C5B LMT SE . 10.99 36.22 -50.92
C6B LMT SE . 9.81 36.84 -51.67
O1B LMT SE . 12.04 36.26 -48.34
O2B LMT SE . 13.89 35.15 -49.55
O3B LMT SE . 11.39 33.11 -51.28
O4' LMT SE . 13.02 36.21 -52.23
O5B LMT SE . 10.50 35.39 -49.86
O6B LMT SE . 10.29 37.87 -52.53
C1' LMT SE . 11.77 38.01 -44.78
C2' LMT SE . 12.06 36.52 -44.99
C3' LMT SE . 11.23 35.89 -46.10
C4' LMT SE . 11.12 36.74 -47.36
C5' LMT SE . 11.36 38.22 -47.09
C6' LMT SE . 10.62 39.08 -48.11
O1' LMT SE . 11.20 38.25 -43.49
O2' LMT SE . 13.45 36.37 -45.32
O3' LMT SE . 9.90 35.60 -45.62
O5' LMT SE . 10.89 38.53 -45.77
O6' LMT SE . 9.30 38.56 -48.30
C1 LMT SE . 11.28 39.62 -43.13
C2 LMT SE . 10.35 39.94 -41.97
C3 LMT SE . 10.57 39.00 -40.79
C4 LMT SE . 9.73 39.45 -39.60
C5 LMT SE . 9.36 38.27 -38.70
C6 LMT SE . 8.54 38.74 -37.50
C7 LMT SE . 9.31 39.82 -36.75
C8 LMT SE . 8.51 40.37 -35.56
C9 LMT SE . 8.33 39.32 -34.48
C10 LMT SE . 7.84 39.96 -33.19
C11 LMT SE . 8.82 41.02 -32.72
C12 LMT SE . 8.44 41.53 -31.35
MG BCL TE . -1.41 36.38 -33.71
CHA BCL TE . -0.14 37.08 -30.59
CHB BCL TE . -4.32 37.81 -32.84
CHC BCL TE . -2.80 35.07 -36.52
CHD BCL TE . 1.45 34.47 -34.40
NA BCL TE . -2.08 37.36 -32.09
C1A BCL TE . -1.46 37.61 -30.98
C2A BCL TE . -2.23 38.43 -30.01
C3A BCL TE . -3.61 38.44 -30.63
C4A BCL TE . -3.33 37.83 -31.95
CMA BCL TE . -4.58 37.59 -29.85
CAA BCL TE . -1.64 39.81 -29.84
CBA BCL TE . -2.69 40.90 -29.77
CGA BCL TE . -3.35 41.01 -28.42
O1A BCL TE . -3.21 40.16 -27.56
O2A BCL TE . -4.14 42.19 -28.16
NB BCL TE . -3.28 36.41 -34.55
C1B BCL TE . -4.37 37.05 -34.09
C2B BCL TE . -5.61 36.95 -34.89
C3B BCL TE . -5.14 36.10 -36.02
C4B BCL TE . -3.71 35.87 -35.69
CMB BCL TE . -6.96 37.56 -34.58
CAB BCL TE . -5.87 35.61 -37.22
OBB BCL TE . -5.26 35.33 -38.24
CBB BCL TE . -7.36 35.44 -37.16
NC BCL TE . -0.79 35.20 -35.21
C1C BCL TE . -1.52 34.85 -36.30
C2C BCL TE . -0.75 34.11 -37.33
C3C BCL TE . 0.52 33.81 -36.59
C4C BCL TE . 0.33 34.57 -35.33
CMC BCL TE . -1.48 32.81 -37.67
CAC BCL TE . 1.74 34.32 -37.34
CBC BCL TE . 2.19 33.30 -38.37
ND BCL TE . 0.31 35.80 -32.78
C1D BCL TE . 1.41 35.09 -33.09
C2D BCL TE . 2.42 35.02 -32.00
C3D BCL TE . 1.75 35.86 -30.99
C4D BCL TE . 0.59 36.26 -31.53
CMD BCL TE . 3.76 34.40 -31.76
CAD BCL TE . 1.88 36.40 -29.62
OBD BCL TE . 2.88 36.23 -28.84
CBD BCL TE . 0.68 37.24 -29.33
CGD BCL TE . 0.02 36.89 -28.03
O1D BCL TE . -0.46 35.81 -27.81
O2D BCL TE . -0.01 37.91 -26.99
CED BCL TE . -0.91 37.79 -25.88
C1 BCL TE . -5.47 42.29 -28.68
C2 BCL TE . -5.37 43.07 -29.96
C3 BCL TE . -5.68 42.50 -31.13
C4 BCL TE . -6.17 41.09 -31.18
C5 BCL TE . -5.56 43.32 -32.40
C6 BCL TE . -5.27 42.43 -33.60
C7 BCL TE . -3.83 41.93 -33.61
C8 BCL TE . -3.33 41.71 -35.03
C9 BCL TE . -3.53 42.96 -35.88
C10 BCL TE . -4.02 40.48 -35.62
C11 BCL TE . -4.53 40.73 -37.03
C12 BCL TE . -4.72 39.42 -37.79
C13 BCL TE . -5.37 39.68 -39.14
C14 BCL TE . -6.76 40.30 -38.95
C15 BCL TE . -5.45 38.38 -39.93
C16 BCL TE . -6.18 38.58 -41.25
C17 BCL TE . -5.23 39.04 -42.35
C18 BCL TE . -5.96 39.19 -43.68
C19 BCL TE . -7.04 38.13 -43.86
C20 BCL TE . -5.00 39.19 -44.86
#